data_4V10
#
_entry.id   4V10
#
_cell.length_a   1.000
_cell.length_b   1.000
_cell.length_c   1.000
_cell.angle_alpha   90.00
_cell.angle_beta   90.00
_cell.angle_gamma   90.00
#
_symmetry.space_group_name_H-M   'P 1'
#
_entity_poly.entity_id   1
_entity_poly.type   'polypeptide(L)'
_entity_poly.pdbx_seq_one_letter_code
;GSHMEEEMKRLLALSQEHKFPTVPTKSELAVEILEKGQVRFWMQAEKLSSNAKVSYIFNEKEIFEGPKYKMHIDRNTGII
EMFMEKLQDEDEGTYTFQIQDGKATGHSTLVLIGDVYKKLQKEAEFQRQEWIRKQGPHFAEYLSWEVTGESNVLLKCKVA
NIKKETHIVWYKDEREISVDEKHDFKDGICTLLITEFSKKDAGFYEVILKDDRGKDKSRLKLVDEAFQDLM
;
_entity_poly.pdbx_strand_id   A
#
# COMPACT_ATOMS: atom_id res chain seq x y z
N GLY A 1 42.67 1.03 -3.55
CA GLY A 1 43.59 0.35 -4.47
C GLY A 1 43.28 0.64 -5.91
N SER A 2 44.17 0.24 -6.81
CA SER A 2 44.01 0.49 -8.24
C SER A 2 42.78 -0.22 -8.81
N HIS A 3 42.38 -1.31 -8.15
CA HIS A 3 41.23 -2.09 -8.59
C HIS A 3 39.93 -1.28 -8.50
N MET A 4 39.82 -0.45 -7.43
CA MET A 4 38.60 0.39 -7.18
C MET A 4 37.30 -0.43 -7.29
N GLU A 5 37.43 -1.74 -7.13
CA GLU A 5 36.35 -2.67 -7.30
C GLU A 5 35.26 -2.42 -6.24
N GLU A 6 35.67 -2.34 -5.01
CA GLU A 6 34.76 -2.11 -3.91
C GLU A 6 33.98 -0.83 -4.08
N GLU A 7 34.65 0.24 -4.41
CA GLU A 7 34.01 1.48 -4.70
C GLU A 7 32.85 1.33 -5.69
N MET A 8 33.04 0.52 -6.72
CA MET A 8 31.98 0.34 -7.71
C MET A 8 30.92 -0.58 -7.14
N LYS A 9 31.40 -1.45 -6.29
CA LYS A 9 30.54 -2.33 -5.56
C LYS A 9 29.48 -1.52 -4.79
N ARG A 10 29.86 -0.31 -4.35
CA ARG A 10 28.94 0.58 -3.70
C ARG A 10 28.02 1.25 -4.71
N LEU A 11 28.61 1.80 -5.77
CA LEU A 11 27.85 2.46 -6.82
C LEU A 11 26.78 1.55 -7.43
N LEU A 12 27.15 0.31 -7.74
CA LEU A 12 26.19 -0.65 -8.28
C LEU A 12 25.15 -0.99 -7.24
N ALA A 13 25.57 -0.98 -5.99
CA ALA A 13 24.68 -1.24 -4.89
C ALA A 13 23.64 -0.12 -4.78
N LEU A 14 24.01 1.07 -5.28
CA LEU A 14 23.18 2.24 -5.23
C LEU A 14 22.14 2.19 -6.31
N SER A 15 22.50 1.59 -7.41
CA SER A 15 21.61 1.47 -8.55
C SER A 15 20.43 0.58 -8.20
N GLN A 16 20.67 -0.37 -7.26
CA GLN A 16 19.65 -1.28 -6.78
C GLN A 16 19.06 -2.09 -7.92
N GLU A 17 19.89 -2.34 -8.92
CA GLU A 17 19.49 -3.08 -10.08
C GLU A 17 19.21 -4.54 -9.76
N HIS A 18 17.94 -4.89 -9.80
CA HIS A 18 17.51 -6.25 -9.55
C HIS A 18 17.05 -6.89 -10.86
N LYS A 19 16.22 -7.91 -10.75
CA LYS A 19 15.69 -8.64 -11.91
C LYS A 19 16.74 -9.46 -12.56
N PHE A 20 16.93 -10.61 -11.98
CA PHE A 20 17.98 -11.53 -12.36
C PHE A 20 17.52 -13.03 -12.34
N PRO A 21 16.81 -13.49 -11.24
CA PRO A 21 16.31 -14.92 -11.08
C PRO A 21 15.49 -15.50 -12.22
N THR A 22 16.03 -15.59 -13.34
CA THR A 22 15.36 -16.15 -14.46
C THR A 22 15.81 -17.59 -14.70
N VAL A 23 15.46 -18.10 -15.86
CA VAL A 23 15.63 -19.47 -16.28
C VAL A 23 15.47 -19.47 -17.81
N PRO A 24 15.53 -20.64 -18.54
CA PRO A 24 15.27 -20.67 -20.01
C PRO A 24 14.02 -19.86 -20.40
N THR A 25 13.07 -19.76 -19.46
CA THR A 25 11.89 -18.93 -19.65
C THR A 25 12.27 -17.46 -19.37
N LYS A 26 11.54 -16.83 -18.46
CA LYS A 26 11.78 -15.48 -18.08
C LYS A 26 11.28 -15.26 -16.65
N SER A 27 11.67 -16.10 -15.74
CA SER A 27 11.20 -15.99 -14.41
C SER A 27 11.83 -14.82 -13.70
N GLU A 28 11.03 -14.15 -12.96
CA GLU A 28 11.47 -13.14 -12.05
C GLU A 28 10.86 -13.50 -10.72
N LEU A 29 10.56 -14.80 -10.63
CA LEU A 29 9.87 -15.42 -9.52
C LEU A 29 10.61 -15.23 -8.28
N ALA A 30 10.24 -14.27 -7.52
CA ALA A 30 10.83 -14.05 -6.27
C ALA A 30 9.71 -13.91 -5.23
N VAL A 31 9.98 -13.24 -4.10
CA VAL A 31 9.05 -13.21 -2.97
C VAL A 31 8.81 -11.76 -2.62
N GLU A 32 7.66 -11.27 -2.97
CA GLU A 32 7.34 -9.88 -2.75
C GLU A 32 6.21 -9.77 -1.77
N ILE A 33 6.51 -9.37 -0.56
CA ILE A 33 5.46 -9.13 0.35
C ILE A 33 4.85 -7.77 0.02
N LEU A 34 3.67 -7.84 -0.53
CA LEU A 34 2.96 -6.68 -1.04
C LEU A 34 2.74 -5.60 0.01
N GLU A 35 2.32 -4.42 -0.47
CA GLU A 35 1.96 -3.30 0.34
C GLU A 35 0.91 -3.68 1.36
N LYS A 36 0.07 -4.61 0.98
CA LYS A 36 -0.99 -5.09 1.84
C LYS A 36 -0.41 -6.07 2.86
N GLY A 37 0.87 -6.37 2.66
CA GLY A 37 1.62 -7.24 3.55
C GLY A 37 1.25 -8.70 3.37
N GLN A 38 1.16 -9.13 2.11
CA GLN A 38 0.83 -10.51 1.77
C GLN A 38 1.97 -11.12 0.96
N VAL A 39 1.86 -12.38 0.65
CA VAL A 39 2.89 -13.10 -0.09
C VAL A 39 2.63 -12.99 -1.61
N ARG A 40 3.68 -12.87 -2.44
CA ARG A 40 3.50 -12.78 -3.92
C ARG A 40 4.52 -13.65 -4.68
N PHE A 41 4.03 -14.60 -5.48
CA PHE A 41 4.91 -15.39 -6.39
C PHE A 41 4.74 -14.84 -7.79
N TRP A 42 5.81 -14.48 -8.44
CA TRP A 42 5.68 -13.96 -9.81
C TRP A 42 6.88 -14.21 -10.67
N MET A 43 6.67 -15.03 -11.70
CA MET A 43 7.65 -15.33 -12.75
C MET A 43 7.04 -14.75 -14.00
N GLN A 44 7.65 -14.86 -15.17
CA GLN A 44 7.00 -14.23 -16.25
C GLN A 44 6.29 -15.26 -17.08
N ALA A 45 7.02 -15.88 -17.97
CA ALA A 45 6.57 -16.98 -18.82
C ALA A 45 6.00 -16.39 -20.07
N GLU A 46 6.83 -16.39 -21.04
CA GLU A 46 6.55 -15.77 -22.32
C GLU A 46 5.97 -16.72 -23.30
N LYS A 47 5.69 -17.89 -22.86
CA LYS A 47 5.18 -18.87 -23.78
C LYS A 47 4.32 -19.91 -23.13
N LEU A 48 3.09 -19.88 -23.53
CA LEU A 48 2.10 -20.84 -23.18
C LEU A 48 1.48 -21.38 -24.46
N SER A 49 2.05 -22.46 -24.95
CA SER A 49 1.62 -23.06 -26.19
C SER A 49 0.82 -24.36 -25.98
N SER A 50 1.52 -25.49 -25.95
CA SER A 50 0.89 -26.79 -25.79
C SER A 50 1.31 -27.42 -24.47
N ASN A 51 2.48 -28.09 -24.48
CA ASN A 51 3.06 -28.64 -23.24
C ASN A 51 2.98 -27.59 -22.14
N ALA A 52 3.63 -26.43 -22.42
CA ALA A 52 3.62 -25.21 -21.56
C ALA A 52 2.91 -25.42 -20.24
N LYS A 53 3.71 -25.81 -19.32
CA LYS A 53 3.27 -26.16 -18.00
C LYS A 53 4.07 -25.49 -16.92
N VAL A 54 3.39 -25.16 -15.85
CA VAL A 54 3.96 -24.57 -14.69
C VAL A 54 3.59 -25.45 -13.53
N SER A 55 4.52 -25.75 -12.72
CA SER A 55 4.28 -26.67 -11.65
C SER A 55 4.46 -25.98 -10.32
N TYR A 56 3.37 -25.88 -9.58
CA TYR A 56 3.40 -25.31 -8.26
C TYR A 56 3.83 -26.36 -7.28
N ILE A 57 4.94 -26.15 -6.64
CA ILE A 57 5.48 -27.11 -5.73
C ILE A 57 5.63 -26.46 -4.38
N PHE A 58 5.27 -27.14 -3.33
CA PHE A 58 5.37 -26.62 -2.00
C PHE A 58 5.89 -27.74 -1.13
N ASN A 59 6.95 -27.47 -0.39
CA ASN A 59 7.56 -28.46 0.53
C ASN A 59 7.94 -29.81 -0.15
N GLU A 60 8.21 -29.77 -1.48
CA GLU A 60 8.70 -30.95 -2.25
C GLU A 60 7.51 -31.74 -2.79
N LYS A 61 6.38 -31.09 -2.80
CA LYS A 61 5.18 -31.66 -3.28
C LYS A 61 4.55 -30.71 -4.28
N GLU A 62 3.85 -31.23 -5.26
CA GLU A 62 3.18 -30.41 -6.25
C GLU A 62 1.79 -30.07 -5.74
N ILE A 63 1.51 -28.79 -5.52
CA ILE A 63 0.22 -28.38 -4.99
C ILE A 63 -0.67 -27.87 -6.09
N PHE A 64 -1.82 -27.32 -5.74
CA PHE A 64 -2.76 -26.85 -6.72
C PHE A 64 -3.41 -25.57 -6.22
N GLU A 65 -3.86 -24.78 -7.15
CA GLU A 65 -4.56 -23.55 -6.83
C GLU A 65 -5.84 -23.86 -6.08
N GLY A 66 -6.24 -23.01 -5.17
CA GLY A 66 -7.40 -23.26 -4.38
C GLY A 66 -7.60 -22.15 -3.39
N PRO A 67 -7.85 -22.46 -2.11
CA PRO A 67 -8.04 -21.45 -1.09
C PRO A 67 -6.72 -20.97 -0.42
N LYS A 68 -5.83 -21.92 -0.08
CA LYS A 68 -4.58 -21.58 0.63
C LYS A 68 -3.52 -20.96 -0.29
N TYR A 69 -3.53 -21.35 -1.55
CA TYR A 69 -2.60 -20.81 -2.55
C TYR A 69 -3.40 -20.46 -3.75
N LYS A 70 -3.50 -19.21 -4.06
CA LYS A 70 -4.31 -18.78 -5.17
C LYS A 70 -3.45 -18.33 -6.33
N MET A 71 -3.75 -18.86 -7.48
CA MET A 71 -2.98 -18.58 -8.70
C MET A 71 -3.85 -17.93 -9.74
N HIS A 72 -3.28 -17.00 -10.48
CA HIS A 72 -3.98 -16.37 -11.54
C HIS A 72 -3.03 -16.07 -12.69
N ILE A 73 -3.26 -16.73 -13.81
CA ILE A 73 -2.43 -16.56 -14.98
C ILE A 73 -3.35 -16.08 -16.06
N ASP A 74 -2.97 -15.07 -16.80
CA ASP A 74 -3.90 -14.47 -17.79
C ASP A 74 -3.38 -14.71 -19.17
N ARG A 75 -2.82 -15.89 -19.34
CA ARG A 75 -2.02 -16.34 -20.50
C ARG A 75 -1.63 -15.28 -21.58
N ASN A 76 -1.44 -14.00 -21.21
CA ASN A 76 -0.83 -13.05 -22.10
C ASN A 76 0.60 -13.30 -22.06
N THR A 77 0.95 -14.28 -22.82
CA THR A 77 2.27 -14.82 -22.99
C THR A 77 2.49 -15.81 -21.88
N GLY A 78 1.74 -15.62 -20.82
CA GLY A 78 1.77 -16.51 -19.71
C GLY A 78 2.30 -15.92 -18.47
N ILE A 79 1.90 -14.70 -18.18
CA ILE A 79 2.28 -14.08 -16.93
C ILE A 79 1.66 -14.84 -15.76
N ILE A 80 2.51 -15.25 -14.86
CA ILE A 80 2.09 -16.01 -13.71
C ILE A 80 2.01 -15.17 -12.48
N GLU A 81 0.79 -14.90 -12.06
CA GLU A 81 0.57 -14.24 -10.81
C GLU A 81 0.02 -15.24 -9.82
N MET A 82 0.49 -15.15 -8.60
CA MET A 82 0.08 -16.06 -7.58
C MET A 82 0.24 -15.39 -6.23
N PHE A 83 -0.72 -15.64 -5.38
CA PHE A 83 -0.79 -14.95 -4.10
C PHE A 83 -0.90 -15.90 -2.95
N MET A 84 -0.49 -15.41 -1.81
CA MET A 84 -0.67 -16.08 -0.55
C MET A 84 -0.93 -14.97 0.44
N GLU A 85 -1.84 -15.17 1.29
CA GLU A 85 -2.33 -14.10 2.14
C GLU A 85 -1.76 -14.12 3.54
N LYS A 86 -0.91 -15.10 3.82
CA LYS A 86 -0.36 -15.25 5.15
C LYS A 86 0.57 -16.45 5.19
N LEU A 87 0.71 -17.02 6.35
CA LEU A 87 1.49 -18.24 6.51
C LEU A 87 0.54 -19.39 6.75
N GLN A 88 -0.03 -19.40 7.95
CA GLN A 88 -1.01 -20.38 8.48
C GLN A 88 -1.07 -21.77 7.79
N ASP A 89 0.05 -22.26 7.27
CA ASP A 89 0.08 -23.62 6.74
C ASP A 89 0.36 -24.52 7.94
N GLU A 90 1.27 -25.45 7.84
CA GLU A 90 1.72 -26.18 8.99
C GLU A 90 3.04 -25.53 9.44
N ASP A 91 3.01 -24.20 9.36
CA ASP A 91 4.17 -23.30 9.61
C ASP A 91 5.27 -23.43 8.51
N GLU A 92 5.21 -24.48 7.69
CA GLU A 92 6.20 -24.71 6.62
C GLU A 92 6.03 -23.70 5.48
N GLY A 93 7.09 -23.51 4.68
CA GLY A 93 6.98 -22.58 3.58
C GLY A 93 8.11 -22.66 2.54
N THR A 94 7.92 -23.41 1.48
CA THR A 94 8.94 -23.54 0.43
C THR A 94 8.27 -23.88 -0.90
N TYR A 95 8.39 -23.00 -1.90
CA TYR A 95 7.70 -23.26 -3.16
C TYR A 95 8.65 -23.25 -4.33
N THR A 96 8.61 -24.29 -5.15
CA THR A 96 9.46 -24.37 -6.34
C THR A 96 8.61 -24.34 -7.59
N PHE A 97 8.70 -23.30 -8.38
CA PHE A 97 8.02 -23.28 -9.66
C PHE A 97 8.93 -23.76 -10.72
N GLN A 98 8.62 -24.88 -11.25
CA GLN A 98 9.32 -25.36 -12.40
C GLN A 98 8.41 -25.17 -13.62
N ILE A 99 8.83 -24.38 -14.62
CA ILE A 99 8.01 -24.10 -15.77
C ILE A 99 8.72 -24.54 -17.00
N GLN A 100 7.97 -24.98 -17.95
CA GLN A 100 8.53 -25.34 -19.19
C GLN A 100 7.54 -25.07 -20.28
N ASP A 101 8.02 -24.55 -21.37
CA ASP A 101 7.20 -24.27 -22.50
C ASP A 101 7.78 -25.00 -23.69
N GLY A 102 6.98 -25.80 -24.33
CA GLY A 102 7.44 -26.55 -25.46
C GLY A 102 8.49 -27.59 -25.06
N LYS A 103 9.76 -27.24 -25.26
CA LYS A 103 10.86 -28.16 -24.99
C LYS A 103 11.86 -27.59 -23.95
N ALA A 104 11.63 -26.36 -23.49
CA ALA A 104 12.54 -25.71 -22.55
C ALA A 104 12.03 -25.91 -21.16
N THR A 105 12.89 -25.86 -20.15
CA THR A 105 12.47 -26.10 -18.76
C THR A 105 13.28 -25.21 -17.79
N GLY A 106 12.64 -24.69 -16.74
CA GLY A 106 13.31 -23.81 -15.81
C GLY A 106 12.82 -24.01 -14.38
N HIS A 107 13.71 -23.85 -13.41
CA HIS A 107 13.35 -24.03 -12.00
C HIS A 107 13.51 -22.73 -11.22
N SER A 108 12.71 -22.58 -10.18
CA SER A 108 12.70 -21.37 -9.38
C SER A 108 12.05 -21.63 -8.03
N THR A 109 12.81 -21.47 -6.97
CA THR A 109 12.30 -21.78 -5.65
C THR A 109 12.30 -20.58 -4.69
N LEU A 110 11.29 -20.55 -3.86
CA LEU A 110 11.10 -19.51 -2.87
C LEU A 110 10.94 -20.15 -1.54
N VAL A 111 11.36 -19.51 -0.50
CA VAL A 111 11.24 -20.07 0.82
C VAL A 111 10.77 -19.03 1.84
N LEU A 112 9.73 -19.40 2.56
CA LEU A 112 9.20 -18.61 3.64
C LEU A 112 8.54 -19.45 4.66
N ILE A 113 9.37 -19.92 5.48
CA ILE A 113 8.99 -20.69 6.58
C ILE A 113 9.13 -19.82 7.78
N GLY A 114 8.51 -20.20 8.87
CA GLY A 114 8.56 -19.38 10.10
C GLY A 114 9.90 -18.70 10.34
N ASP A 115 10.95 -19.48 10.48
CA ASP A 115 12.29 -18.93 10.71
C ASP A 115 12.71 -17.98 9.58
N VAL A 116 12.35 -18.32 8.37
CA VAL A 116 12.73 -17.56 7.19
C VAL A 116 11.84 -16.31 6.96
N TYR A 117 10.53 -16.50 6.86
CA TYR A 117 9.59 -15.41 6.60
C TYR A 117 9.83 -14.22 7.46
N LYS A 118 10.17 -14.46 8.71
CA LYS A 118 10.42 -13.36 9.63
C LYS A 118 11.53 -12.48 9.10
N LYS A 119 12.39 -13.09 8.34
CA LYS A 119 13.47 -12.43 7.71
C LYS A 119 12.94 -11.52 6.61
N LEU A 120 12.17 -12.10 5.66
CA LEU A 120 11.58 -11.30 4.58
C LEU A 120 10.61 -10.28 5.13
N GLN A 121 10.01 -10.57 6.28
CA GLN A 121 9.04 -9.65 6.87
C GLN A 121 9.70 -8.29 7.20
N LYS A 122 10.93 -8.29 7.77
CA LYS A 122 11.69 -7.05 7.92
C LYS A 122 11.69 -6.25 6.61
N GLU A 123 12.09 -6.89 5.56
CA GLU A 123 12.02 -6.25 4.25
C GLU A 123 10.56 -5.83 3.95
N ALA A 124 9.63 -6.72 4.27
CA ALA A 124 8.22 -6.43 4.13
C ALA A 124 7.86 -5.17 4.89
N GLU A 125 8.34 -4.99 6.15
CA GLU A 125 8.24 -3.70 6.89
C GLU A 125 8.00 -2.52 5.97
N PHE A 126 8.97 -2.26 5.08
CA PHE A 126 8.77 -1.21 4.02
C PHE A 126 7.35 -1.21 3.43
N GLN A 127 6.83 -2.39 3.22
CA GLN A 127 5.46 -2.57 2.64
C GLN A 127 4.41 -2.71 3.77
N ARG A 128 4.85 -3.31 4.88
CA ARG A 128 4.08 -3.56 6.13
C ARG A 128 3.39 -2.33 6.68
N GLN A 129 3.75 -1.18 6.13
CA GLN A 129 3.16 0.16 6.45
C GLN A 129 1.59 0.22 6.53
N GLU A 130 0.96 -0.86 6.93
CA GLU A 130 -0.49 -1.06 6.99
C GLU A 130 -1.23 0.02 7.81
N TRP A 131 -0.51 0.97 8.41
CA TRP A 131 -1.13 2.04 9.22
C TRP A 131 -2.24 2.71 8.43
N ILE A 132 -2.05 2.82 7.11
CA ILE A 132 -2.98 3.51 6.26
C ILE A 132 -4.39 2.94 6.37
N ARG A 133 -4.46 1.61 6.44
CA ARG A 133 -5.75 0.87 6.48
C ARG A 133 -6.87 1.55 5.65
N LYS A 134 -6.49 2.16 4.49
CA LYS A 134 -7.44 2.95 3.62
C LYS A 134 -6.74 3.77 2.52
N GLN A 135 -6.24 4.97 2.90
CA GLN A 135 -5.67 5.98 1.94
C GLN A 135 -4.69 5.31 1.01
N GLY A 136 -3.75 4.62 1.61
CA GLY A 136 -2.72 3.99 0.90
C GLY A 136 -1.79 5.01 0.25
N PRO A 137 -1.37 4.76 -0.98
CA PRO A 137 -0.48 5.66 -1.72
C PRO A 137 -1.24 6.85 -2.29
N HIS A 138 -0.85 8.06 -1.85
CA HIS A 138 -1.46 9.33 -2.31
C HIS A 138 -2.81 9.56 -1.63
N PHE A 139 -2.88 10.63 -0.83
CA PHE A 139 -4.09 10.96 -0.08
C PHE A 139 -4.99 11.89 -0.92
N ALA A 140 -6.14 12.27 -0.36
CA ALA A 140 -7.10 13.10 -1.10
C ALA A 140 -7.26 14.54 -0.51
N GLU A 141 -7.67 14.63 0.74
CA GLU A 141 -7.86 15.93 1.39
C GLU A 141 -6.74 16.21 2.38
N TYR A 142 -6.32 17.43 2.51
CA TYR A 142 -5.22 17.74 3.46
C TYR A 142 -5.50 19.02 4.15
N LEU A 143 -5.12 19.12 5.41
CA LEU A 143 -5.27 20.32 6.17
C LEU A 143 -4.23 21.33 5.75
N SER A 144 -4.19 22.48 6.44
CA SER A 144 -3.24 23.55 6.23
C SER A 144 -3.77 24.79 6.92
N TRP A 145 -3.09 25.26 7.94
CA TRP A 145 -3.55 26.52 8.56
C TRP A 145 -2.65 27.70 8.33
N GLU A 146 -3.25 28.84 8.48
CA GLU A 146 -2.59 30.10 8.21
C GLU A 146 -3.14 31.21 9.06
N VAL A 147 -2.27 31.79 9.85
CA VAL A 147 -2.64 32.91 10.68
C VAL A 147 -2.72 34.18 9.85
N THR A 148 -3.92 34.62 9.65
CA THR A 148 -4.22 35.78 8.84
C THR A 148 -3.89 37.08 9.60
N GLY A 149 -4.06 38.21 8.94
CA GLY A 149 -3.73 39.51 9.52
C GLY A 149 -4.38 39.79 10.85
N GLU A 150 -5.60 39.29 11.04
CA GLU A 150 -6.31 39.50 12.30
C GLU A 150 -5.78 38.56 13.41
N SER A 151 -4.76 37.80 13.05
CA SER A 151 -4.04 36.87 13.93
C SER A 151 -4.83 35.59 14.15
N ASN A 152 -5.77 35.37 13.28
CA ASN A 152 -6.60 34.19 13.33
C ASN A 152 -6.07 33.10 12.41
N VAL A 153 -6.25 31.88 12.83
CA VAL A 153 -5.86 30.79 11.96
C VAL A 153 -6.97 30.36 11.03
N LEU A 154 -6.68 30.54 9.77
CA LEU A 154 -7.61 30.29 8.69
C LEU A 154 -7.46 28.84 8.23
N LEU A 155 -8.17 28.00 8.91
CA LEU A 155 -8.21 26.58 8.62
C LEU A 155 -8.81 26.30 7.30
N LYS A 156 -8.11 25.53 6.53
CA LYS A 156 -8.53 25.20 5.22
C LYS A 156 -7.91 23.89 4.81
N CYS A 157 -8.70 22.96 4.35
CA CYS A 157 -8.15 21.75 3.76
C CYS A 157 -8.22 21.87 2.25
N LYS A 158 -7.84 20.79 1.54
CA LYS A 158 -7.85 20.83 0.10
C LYS A 158 -8.36 19.50 -0.40
N VAL A 159 -9.35 19.56 -1.26
CA VAL A 159 -10.06 18.36 -1.69
C VAL A 159 -9.43 17.72 -2.92
N ALA A 160 -9.61 16.43 -3.01
CA ALA A 160 -9.26 15.70 -4.19
C ALA A 160 -10.39 14.75 -4.61
N ASN A 161 -10.04 13.93 -5.58
CA ASN A 161 -10.88 12.84 -6.15
C ASN A 161 -11.95 12.33 -5.19
N ILE A 162 -13.19 12.83 -5.35
CA ILE A 162 -14.33 12.42 -4.51
C ILE A 162 -15.67 12.99 -5.07
N LYS A 163 -16.67 12.10 -5.26
CA LYS A 163 -17.97 12.55 -5.81
C LYS A 163 -19.18 11.93 -5.07
N LYS A 164 -19.45 12.39 -3.84
CA LYS A 164 -20.64 11.91 -3.11
C LYS A 164 -21.58 13.08 -2.76
N GLU A 165 -21.23 13.80 -1.72
CA GLU A 165 -22.01 14.95 -1.26
C GLU A 165 -21.13 16.17 -1.14
N THR A 166 -20.58 16.40 0.03
CA THR A 166 -19.62 17.42 0.21
C THR A 166 -18.29 16.73 0.42
N HIS A 167 -17.26 17.44 0.80
CA HIS A 167 -15.99 16.84 1.06
C HIS A 167 -15.83 16.50 2.54
N ILE A 168 -15.13 17.37 3.26
CA ILE A 168 -14.81 17.15 4.64
C ILE A 168 -15.75 17.90 5.59
N VAL A 169 -15.30 17.99 6.83
CA VAL A 169 -15.96 18.68 7.88
C VAL A 169 -14.96 18.87 9.03
N TRP A 170 -14.83 20.10 9.49
CA TRP A 170 -13.89 20.44 10.55
C TRP A 170 -14.37 19.88 11.86
N TYR A 171 -13.46 19.38 12.67
CA TYR A 171 -13.79 18.82 13.93
C TYR A 171 -12.71 19.19 14.94
N LYS A 172 -12.71 18.51 16.05
CA LYS A 172 -11.76 18.77 17.12
C LYS A 172 -11.95 17.81 18.24
N ASP A 173 -11.51 16.58 18.02
CA ASP A 173 -11.63 15.52 19.00
C ASP A 173 -13.07 15.41 19.50
N GLU A 174 -13.94 14.90 18.63
CA GLU A 174 -15.37 14.71 18.94
C GLU A 174 -16.17 16.01 18.89
N ARG A 175 -15.51 17.15 18.87
CA ARG A 175 -16.19 18.43 18.83
C ARG A 175 -16.39 18.88 17.42
N GLU A 176 -17.63 19.00 17.06
CA GLU A 176 -18.01 19.39 15.75
C GLU A 176 -18.11 20.89 15.64
N ILE A 177 -17.23 21.47 14.85
CA ILE A 177 -17.37 22.87 14.53
C ILE A 177 -18.58 23.01 13.59
N SER A 178 -19.74 23.29 14.17
CA SER A 178 -20.97 23.35 13.42
C SER A 178 -21.12 24.65 12.62
N VAL A 179 -20.84 24.56 11.33
CA VAL A 179 -21.02 25.66 10.40
C VAL A 179 -22.04 25.20 9.36
N ASP A 180 -22.57 26.12 8.55
CA ASP A 180 -23.50 25.76 7.49
C ASP A 180 -22.88 24.69 6.59
N GLU A 181 -23.57 23.58 6.44
CA GLU A 181 -23.03 22.47 5.69
C GLU A 181 -23.32 22.58 4.18
N LYS A 182 -24.46 22.06 3.75
CA LYS A 182 -24.77 22.01 2.33
C LYS A 182 -25.78 23.07 1.90
N HIS A 183 -26.07 24.00 2.77
CA HIS A 183 -27.05 25.04 2.45
C HIS A 183 -26.41 26.09 1.56
N ASP A 184 -25.26 26.59 1.98
CA ASP A 184 -24.52 27.57 1.19
C ASP A 184 -23.32 26.94 0.48
N PHE A 185 -23.46 25.65 0.17
CA PHE A 185 -22.48 24.87 -0.61
C PHE A 185 -21.18 24.56 0.14
N LYS A 186 -20.26 25.55 0.21
CA LYS A 186 -18.92 25.32 0.82
C LYS A 186 -18.15 24.29 0.01
N ASP A 187 -18.52 24.14 -1.26
CA ASP A 187 -17.94 23.14 -2.13
C ASP A 187 -16.51 23.47 -2.55
N GLY A 188 -15.71 22.43 -2.73
CA GLY A 188 -14.31 22.60 -3.11
C GLY A 188 -13.41 22.59 -1.89
N ILE A 189 -12.74 23.69 -1.67
CA ILE A 189 -11.88 23.83 -0.51
C ILE A 189 -12.63 24.62 0.55
N CYS A 190 -12.41 24.31 1.82
CA CYS A 190 -13.15 25.02 2.87
C CYS A 190 -12.22 25.76 3.80
N THR A 191 -12.61 26.96 4.13
CA THR A 191 -11.85 27.84 4.96
C THR A 191 -12.69 28.37 6.13
N LEU A 192 -12.14 28.28 7.33
CA LEU A 192 -12.80 28.79 8.52
C LEU A 192 -11.91 29.76 9.26
N LEU A 193 -12.45 30.37 10.32
CA LEU A 193 -11.68 31.32 11.04
C LEU A 193 -11.56 31.11 12.54
N ILE A 194 -10.45 30.53 12.87
CA ILE A 194 -10.00 30.38 14.24
C ILE A 194 -9.63 31.77 14.72
N THR A 195 -10.61 32.49 15.17
CA THR A 195 -10.41 33.83 15.64
C THR A 195 -9.89 33.81 17.04
N GLU A 196 -8.59 33.58 17.08
CA GLU A 196 -7.85 33.37 18.30
C GLU A 196 -8.07 31.92 18.69
N PHE A 197 -7.06 31.31 19.19
CA PHE A 197 -7.13 29.93 19.59
C PHE A 197 -6.63 29.89 21.02
N SER A 198 -6.84 28.83 21.73
CA SER A 198 -6.44 28.81 23.14
C SER A 198 -5.78 27.50 23.48
N LYS A 199 -4.71 27.57 24.28
CA LYS A 199 -4.00 26.36 24.75
C LYS A 199 -4.92 25.32 25.42
N LYS A 200 -6.17 25.71 25.68
CA LYS A 200 -7.15 24.81 26.28
C LYS A 200 -8.23 24.45 25.27
N ASP A 201 -8.08 24.96 24.06
CA ASP A 201 -9.00 24.69 22.95
C ASP A 201 -8.24 24.06 21.79
N ALA A 202 -6.93 24.18 21.85
CA ALA A 202 -6.04 23.69 20.84
C ALA A 202 -5.90 22.18 20.86
N GLY A 203 -5.05 21.65 20.00
CA GLY A 203 -4.87 20.24 19.93
C GLY A 203 -4.72 19.80 18.52
N PHE A 204 -5.80 19.32 17.94
CA PHE A 204 -5.79 18.94 16.55
C PHE A 204 -7.11 19.24 15.89
N TYR A 205 -7.03 19.74 14.68
CA TYR A 205 -8.20 20.07 13.90
C TYR A 205 -8.45 18.91 12.97
N GLU A 206 -9.56 18.18 13.21
CA GLU A 206 -9.84 16.97 12.46
C GLU A 206 -10.56 17.21 11.15
N VAL A 207 -10.08 16.53 10.12
CA VAL A 207 -10.75 16.47 8.85
C VAL A 207 -11.46 15.14 8.75
N ILE A 208 -12.71 15.15 8.30
CA ILE A 208 -13.51 13.92 8.27
C ILE A 208 -14.06 13.72 6.87
N LEU A 209 -14.01 12.48 6.38
CA LEU A 209 -14.50 12.16 5.05
C LEU A 209 -15.49 11.03 5.13
N LYS A 210 -16.72 11.30 4.82
CA LYS A 210 -17.70 10.25 4.73
C LYS A 210 -18.39 10.37 3.41
N ASP A 211 -18.36 9.31 2.64
CA ASP A 211 -18.85 9.39 1.27
C ASP A 211 -19.67 8.15 0.85
N ASP A 212 -19.10 7.31 0.02
CA ASP A 212 -19.75 6.12 -0.50
C ASP A 212 -19.14 4.90 0.16
N ARG A 213 -18.34 5.19 1.15
CA ARG A 213 -17.63 4.20 1.92
C ARG A 213 -17.99 4.42 3.37
N GLY A 214 -17.03 4.40 4.24
CA GLY A 214 -17.31 4.70 5.61
C GLY A 214 -16.90 6.11 5.91
N LYS A 215 -15.82 6.24 6.62
CA LYS A 215 -15.29 7.53 6.96
C LYS A 215 -13.80 7.58 6.65
N ASP A 216 -13.16 8.64 7.11
CA ASP A 216 -11.76 8.90 6.83
C ASP A 216 -11.37 10.23 7.47
N LYS A 217 -10.68 10.18 8.56
CA LYS A 217 -10.25 11.40 9.21
C LYS A 217 -8.78 11.38 9.37
N SER A 218 -8.10 12.49 9.07
CA SER A 218 -6.69 12.55 9.20
C SER A 218 -6.37 14.05 9.45
N ARG A 219 -5.58 14.29 10.44
CA ARG A 219 -5.30 15.67 10.86
C ARG A 219 -4.00 15.80 11.60
N LEU A 220 -3.56 17.05 11.80
CA LEU A 220 -2.33 17.29 12.57
C LEU A 220 -2.67 18.03 13.83
N LYS A 221 -1.68 18.36 14.62
CA LYS A 221 -1.89 19.05 15.88
C LYS A 221 -1.67 20.54 15.68
N LEU A 222 -2.70 21.33 15.90
CA LEU A 222 -2.63 22.74 15.71
C LEU A 222 -2.46 23.50 17.01
N VAL A 223 -1.49 24.40 16.97
CA VAL A 223 -1.19 25.29 18.06
C VAL A 223 -0.85 26.64 17.45
N ASP A 224 -1.52 27.65 17.91
CA ASP A 224 -1.36 29.00 17.39
C ASP A 224 -1.29 29.98 18.54
N GLU A 225 -2.03 29.68 19.56
CA GLU A 225 -2.17 30.50 20.75
C GLU A 225 -0.90 30.65 21.50
N ALA A 226 -0.03 29.75 21.24
CA ALA A 226 1.22 29.71 21.91
C ALA A 226 2.16 30.65 21.24
N PHE A 227 1.80 31.03 20.06
CA PHE A 227 2.61 31.87 19.25
C PHE A 227 2.12 33.27 19.31
N GLN A 228 0.81 33.37 19.38
CA GLN A 228 0.10 34.60 19.54
C GLN A 228 0.61 35.32 20.72
N ASP A 229 0.95 34.54 21.70
CA ASP A 229 1.43 35.03 22.94
C ASP A 229 2.73 35.77 22.75
N LEU A 230 3.43 35.35 21.73
CA LEU A 230 4.75 35.87 21.38
C LEU A 230 4.61 37.14 20.57
N MET A 231 3.42 37.33 20.05
CA MET A 231 3.11 38.47 19.20
C MET A 231 2.80 39.71 20.02
N GLY A 1 1.90 -2.95 4.14
CA GLY A 1 2.39 -2.91 2.75
C GLY A 1 3.90 -3.02 2.68
N SER A 2 4.44 -2.90 1.48
CA SER A 2 5.88 -3.00 1.29
C SER A 2 6.56 -1.63 1.41
N HIS A 3 7.89 -1.62 1.32
CA HIS A 3 8.65 -0.38 1.41
C HIS A 3 9.52 -0.17 0.17
N MET A 4 8.87 0.03 -0.99
CA MET A 4 9.55 0.33 -2.28
C MET A 4 10.69 -0.64 -2.64
N GLU A 5 10.70 -1.85 -2.06
CA GLU A 5 11.76 -2.80 -2.32
C GLU A 5 11.74 -3.19 -3.79
N GLU A 6 10.55 -3.43 -4.28
CA GLU A 6 10.33 -3.83 -5.63
C GLU A 6 10.85 -2.83 -6.65
N GLU A 7 10.46 -1.58 -6.51
CA GLU A 7 10.95 -0.53 -7.35
C GLU A 7 12.46 -0.55 -7.48
N MET A 8 13.16 -0.78 -6.38
CA MET A 8 14.63 -0.77 -6.42
C MET A 8 15.11 -2.08 -6.98
N LYS A 9 14.28 -3.08 -6.77
CA LYS A 9 14.52 -4.38 -7.29
C LYS A 9 14.63 -4.37 -8.82
N ARG A 10 13.96 -3.41 -9.48
CA ARG A 10 14.08 -3.24 -10.91
C ARG A 10 15.43 -2.61 -11.25
N LEU A 11 15.70 -1.45 -10.65
CA LEU A 11 16.96 -0.73 -10.85
C LEU A 11 18.19 -1.62 -10.59
N LEU A 12 18.16 -2.39 -9.51
CA LEU A 12 19.29 -3.29 -9.18
C LEU A 12 19.38 -4.43 -10.18
N ALA A 13 18.24 -4.85 -10.67
CA ALA A 13 18.16 -5.90 -11.65
C ALA A 13 18.86 -5.46 -12.95
N LEU A 14 18.87 -4.15 -13.18
CA LEU A 14 19.44 -3.57 -14.38
C LEU A 14 20.94 -3.70 -14.40
N SER A 15 21.54 -3.66 -13.25
CA SER A 15 22.98 -3.74 -13.13
C SER A 15 23.47 -5.15 -13.48
N GLN A 16 22.55 -6.11 -13.35
CA GLN A 16 22.77 -7.50 -13.71
C GLN A 16 23.93 -8.13 -12.96
N GLU A 17 24.21 -7.64 -11.75
CA GLU A 17 25.29 -8.22 -10.95
C GLU A 17 24.91 -9.63 -10.49
N HIS A 18 23.61 -9.84 -10.32
CA HIS A 18 23.09 -11.16 -9.96
C HIS A 18 21.99 -11.57 -10.94
N LYS A 19 21.90 -10.80 -12.04
CA LYS A 19 20.93 -11.01 -13.14
C LYS A 19 19.49 -11.21 -12.66
N PHE A 20 18.68 -11.73 -13.57
CA PHE A 20 17.34 -12.03 -13.36
C PHE A 20 17.19 -13.52 -13.07
N PRO A 21 16.12 -13.85 -12.38
CA PRO A 21 15.78 -15.23 -11.91
C PRO A 21 15.55 -16.27 -12.96
N THR A 22 16.27 -16.22 -13.97
CA THR A 22 16.13 -17.16 -15.01
C THR A 22 17.11 -18.30 -14.79
N VAL A 23 17.27 -19.09 -15.81
CA VAL A 23 18.05 -20.30 -15.81
C VAL A 23 18.36 -20.57 -17.29
N PRO A 24 19.05 -21.69 -17.67
CA PRO A 24 19.28 -22.01 -19.10
C PRO A 24 18.00 -21.86 -19.96
N THR A 25 16.84 -22.09 -19.34
CA THR A 25 15.55 -21.89 -20.00
C THR A 25 15.21 -20.40 -19.98
N LYS A 26 14.04 -20.07 -19.45
CA LYS A 26 13.58 -18.72 -19.39
C LYS A 26 12.63 -18.53 -18.19
N SER A 27 13.02 -19.04 -17.05
CA SER A 27 12.20 -18.99 -15.89
C SER A 27 12.09 -17.58 -15.33
N GLU A 28 10.91 -17.02 -15.44
CA GLU A 28 10.58 -15.78 -14.76
C GLU A 28 9.82 -16.20 -13.51
N LEU A 29 10.03 -17.49 -13.17
CA LEU A 29 9.37 -18.19 -12.07
C LEU A 29 9.60 -17.51 -10.79
N ALA A 30 8.67 -16.73 -10.39
CA ALA A 30 8.79 -16.11 -9.14
C ALA A 30 7.44 -16.15 -8.39
N VAL A 31 7.37 -15.37 -7.33
CA VAL A 31 6.21 -15.32 -6.45
C VAL A 31 5.45 -14.03 -6.62
N GLU A 32 4.29 -14.12 -7.23
CA GLU A 32 3.46 -12.97 -7.45
C GLU A 32 2.16 -13.15 -6.71
N ILE A 33 1.99 -12.47 -5.59
CA ILE A 33 0.72 -12.53 -4.98
C ILE A 33 -0.20 -11.57 -5.70
N LEU A 34 -1.16 -12.15 -6.37
CA LEU A 34 -2.11 -11.43 -7.16
C LEU A 34 -2.79 -10.31 -6.42
N GLU A 35 -3.45 -9.47 -7.18
CA GLU A 35 -4.21 -8.37 -6.68
C GLU A 35 -5.23 -8.84 -5.64
N LYS A 36 -5.71 -10.05 -5.86
CA LYS A 36 -6.71 -10.67 -4.99
C LYS A 36 -6.02 -11.23 -3.75
N GLY A 37 -4.71 -11.09 -3.74
CA GLY A 37 -3.90 -11.55 -2.64
C GLY A 37 -3.76 -13.10 -2.59
N GLN A 38 -3.54 -13.72 -3.78
CA GLN A 38 -3.39 -15.19 -3.90
C GLN A 38 -2.01 -15.57 -4.45
N VAL A 39 -1.70 -16.86 -4.53
CA VAL A 39 -0.37 -17.31 -4.95
C VAL A 39 -0.29 -17.50 -6.51
N ARG A 40 0.88 -17.22 -7.12
CA ARG A 40 1.08 -17.45 -8.58
C ARG A 40 2.50 -17.97 -8.88
N PHE A 41 2.62 -19.19 -9.47
CA PHE A 41 3.95 -19.67 -9.96
C PHE A 41 3.98 -19.48 -11.47
N TRP A 42 5.02 -18.86 -11.99
CA TRP A 42 5.10 -18.69 -13.46
C TRP A 42 6.51 -18.57 -13.95
N MET A 43 6.95 -19.58 -14.71
CA MET A 43 8.25 -19.63 -15.39
C MET A 43 7.91 -19.59 -16.86
N GLN A 44 8.86 -19.61 -17.79
CA GLN A 44 8.42 -19.50 -19.13
C GLN A 44 8.40 -20.88 -19.77
N ALA A 45 9.54 -21.26 -20.28
CA ALA A 45 9.80 -22.56 -20.89
C ALA A 45 9.42 -22.47 -22.32
N GLU A 46 10.38 -22.11 -23.09
CA GLU A 46 10.22 -21.83 -24.50
C GLU A 46 10.40 -23.04 -25.34
N LYS A 47 10.49 -24.17 -24.74
CA LYS A 47 10.70 -25.36 -25.50
C LYS A 47 10.14 -26.59 -24.84
N LEU A 48 9.15 -27.11 -25.50
CA LEU A 48 8.51 -28.32 -25.19
C LEU A 48 8.41 -29.18 -26.43
N SER A 49 9.41 -29.98 -26.66
CA SER A 49 9.46 -30.81 -27.85
C SER A 49 9.26 -32.31 -27.53
N SER A 50 10.36 -33.03 -27.25
CA SER A 50 10.28 -34.47 -26.97
C SER A 50 10.40 -34.74 -25.47
N ASN A 51 11.65 -34.83 -24.97
CA ASN A 51 11.88 -35.01 -23.53
C ASN A 51 11.21 -33.89 -22.75
N ALA A 52 11.60 -32.62 -23.09
CA ALA A 52 11.05 -31.36 -22.50
C ALA A 52 10.17 -31.62 -21.28
N LYS A 53 10.91 -31.71 -20.22
CA LYS A 53 10.37 -32.06 -18.93
C LYS A 53 10.51 -30.96 -17.90
N VAL A 54 9.46 -30.80 -17.12
CA VAL A 54 9.39 -29.85 -16.05
C VAL A 54 9.13 -30.67 -14.81
N SER A 55 9.58 -30.22 -13.69
CA SER A 55 9.40 -31.00 -12.50
C SER A 55 8.89 -30.14 -11.39
N TYR A 56 7.68 -30.42 -10.94
CA TYR A 56 7.09 -29.72 -9.83
C TYR A 56 7.58 -30.38 -8.58
N ILE A 57 8.28 -29.64 -7.77
CA ILE A 57 8.83 -30.18 -6.55
C ILE A 57 8.34 -29.35 -5.41
N PHE A 58 7.94 -29.99 -4.32
CA PHE A 58 7.49 -29.28 -3.16
C PHE A 58 8.10 -29.94 -1.97
N ASN A 59 8.66 -29.15 -1.11
CA ASN A 59 9.29 -29.64 0.13
C ASN A 59 10.32 -30.78 -0.07
N GLU A 60 10.96 -30.86 -1.28
CA GLU A 60 12.14 -31.76 -1.53
C GLU A 60 11.72 -33.04 -2.27
N LYS A 61 10.52 -33.05 -2.82
CA LYS A 61 10.04 -34.17 -3.59
C LYS A 61 9.18 -33.68 -4.74
N GLU A 62 8.94 -34.52 -5.70
CA GLU A 62 8.19 -34.15 -6.88
C GLU A 62 6.70 -34.33 -6.63
N ILE A 63 5.94 -33.29 -6.81
CA ILE A 63 4.49 -33.37 -6.58
C ILE A 63 3.75 -33.16 -7.88
N PHE A 64 2.50 -33.56 -7.92
CA PHE A 64 1.71 -33.47 -9.12
C PHE A 64 0.48 -32.61 -8.91
N GLU A 65 0.07 -31.97 -10.00
CA GLU A 65 -1.15 -31.19 -10.04
C GLU A 65 -2.30 -32.00 -9.47
N GLY A 66 -3.23 -31.32 -8.83
CA GLY A 66 -4.32 -31.99 -8.20
C GLY A 66 -5.14 -30.96 -7.45
N PRO A 67 -5.76 -31.32 -6.34
CA PRO A 67 -6.56 -30.37 -5.56
C PRO A 67 -5.68 -29.33 -4.81
N LYS A 68 -4.58 -29.77 -4.20
CA LYS A 68 -3.72 -28.88 -3.40
C LYS A 68 -2.88 -27.90 -4.24
N TYR A 69 -2.41 -28.33 -5.41
CA TYR A 69 -1.58 -27.50 -6.30
C TYR A 69 -2.03 -27.74 -7.70
N LYS A 70 -2.46 -26.71 -8.37
CA LYS A 70 -2.98 -26.86 -9.71
C LYS A 70 -2.04 -26.26 -10.72
N MET A 71 -1.76 -27.01 -11.73
CA MET A 71 -0.85 -26.61 -12.79
C MET A 71 -1.55 -26.60 -14.14
N HIS A 72 -1.23 -25.61 -14.95
CA HIS A 72 -1.80 -25.53 -16.27
C HIS A 72 -0.76 -25.06 -17.27
N ILE A 73 -0.43 -25.90 -18.22
CA ILE A 73 0.55 -25.57 -19.24
C ILE A 73 -0.14 -25.73 -20.57
N ASP A 74 0.02 -24.78 -21.48
CA ASP A 74 -0.71 -24.85 -22.76
C ASP A 74 0.25 -24.98 -23.89
N ARG A 75 1.27 -25.79 -23.65
CA ARG A 75 2.50 -25.97 -24.47
C ARG A 75 2.76 -24.98 -25.67
N ASN A 76 2.24 -23.74 -25.60
CA ASN A 76 2.68 -22.70 -26.51
C ASN A 76 3.99 -22.25 -26.02
N THR A 77 4.94 -22.98 -26.46
CA THR A 77 6.37 -22.86 -26.16
C THR A 77 6.61 -23.61 -24.90
N GLY A 78 5.57 -23.64 -24.07
CA GLY A 78 5.62 -24.32 -22.84
C GLY A 78 5.51 -23.40 -21.68
N ILE A 79 4.59 -22.46 -21.78
CA ILE A 79 4.33 -21.55 -20.71
C ILE A 79 3.68 -22.29 -19.54
N ILE A 80 4.28 -22.12 -18.38
CA ILE A 80 3.84 -22.80 -17.18
C ILE A 80 3.06 -21.89 -16.28
N GLU A 81 1.76 -22.06 -16.30
CA GLU A 81 0.91 -21.39 -15.36
C GLU A 81 0.62 -22.34 -14.24
N MET A 82 0.72 -21.88 -13.04
CA MET A 82 0.51 -22.70 -11.91
C MET A 82 0.06 -21.86 -10.74
N PHE A 83 -0.86 -22.38 -10.01
CA PHE A 83 -1.50 -21.60 -8.96
C PHE A 83 -1.50 -22.29 -7.63
N MET A 84 -1.62 -21.49 -6.58
CA MET A 84 -1.86 -21.94 -5.26
C MET A 84 -2.82 -20.92 -4.72
N GLU A 85 -3.85 -21.38 -4.17
CA GLU A 85 -4.97 -20.53 -3.82
C GLU A 85 -4.98 -20.19 -2.36
N LYS A 86 -3.98 -20.63 -1.62
CA LYS A 86 -3.97 -20.45 -0.20
C LYS A 86 -2.70 -21.08 0.37
N LEU A 87 -2.81 -21.56 1.59
CA LEU A 87 -1.72 -22.26 2.22
C LEU A 87 -2.18 -23.67 2.53
N GLN A 88 -3.08 -23.77 3.51
CA GLN A 88 -3.72 -25.01 4.00
C GLN A 88 -2.90 -26.33 3.85
N ASP A 89 -1.57 -26.22 3.81
CA ASP A 89 -0.73 -27.41 3.72
C ASP A 89 -0.58 -27.98 5.14
N GLU A 90 0.59 -28.48 5.48
CA GLU A 90 0.82 -28.94 6.83
C GLU A 90 1.76 -27.92 7.48
N ASP A 91 1.56 -26.67 7.01
CA ASP A 91 2.35 -25.48 7.39
C ASP A 91 3.62 -25.30 6.52
N GLU A 92 4.05 -26.35 5.83
CA GLU A 92 5.24 -26.28 4.98
C GLU A 92 4.96 -25.51 3.70
N GLY A 93 6.02 -25.10 3.00
CA GLY A 93 5.83 -24.36 1.78
C GLY A 93 7.12 -24.08 0.99
N THR A 94 7.48 -24.95 0.08
CA THR A 94 8.69 -24.74 -0.71
C THR A 94 8.58 -25.45 -2.03
N TYR A 95 8.60 -24.72 -3.15
CA TYR A 95 8.46 -25.39 -4.44
C TYR A 95 9.62 -25.12 -5.33
N THR A 96 10.29 -26.18 -5.81
CA THR A 96 11.44 -26.04 -6.66
C THR A 96 11.12 -26.51 -8.07
N PHE A 97 11.08 -25.62 -9.04
CA PHE A 97 10.92 -26.05 -10.40
C PHE A 97 12.24 -26.22 -11.06
N GLN A 98 12.54 -27.44 -11.37
CA GLN A 98 13.70 -27.75 -12.14
C GLN A 98 13.21 -28.16 -13.55
N ILE A 99 13.55 -27.38 -14.58
CA ILE A 99 13.04 -27.66 -15.90
C ILE A 99 14.18 -27.95 -16.81
N GLN A 100 13.95 -28.78 -17.74
CA GLN A 100 14.91 -29.03 -18.73
C GLN A 100 14.27 -29.33 -20.04
N ASP A 101 14.74 -28.70 -21.08
CA ASP A 101 14.18 -28.88 -22.37
C ASP A 101 15.26 -29.48 -23.24
N GLY A 102 15.03 -30.68 -23.70
CA GLY A 102 16.04 -31.37 -24.45
C GLY A 102 17.17 -31.85 -23.54
N LYS A 103 18.25 -31.07 -23.49
CA LYS A 103 19.42 -31.44 -22.68
C LYS A 103 19.77 -30.36 -21.63
N ALA A 104 19.19 -29.17 -21.75
CA ALA A 104 19.51 -28.06 -20.83
C ALA A 104 18.72 -28.25 -19.57
N THR A 105 19.17 -27.69 -18.45
CA THR A 105 18.47 -27.88 -17.17
C THR A 105 18.60 -26.61 -16.30
N GLY A 106 17.57 -26.28 -15.53
CA GLY A 106 17.61 -25.07 -14.74
C GLY A 106 16.87 -25.24 -13.41
N HIS A 107 17.34 -24.55 -12.39
CA HIS A 107 16.73 -24.61 -11.06
C HIS A 107 16.05 -23.31 -10.68
N SER A 108 14.99 -23.44 -9.94
CA SER A 108 14.20 -22.32 -9.49
C SER A 108 13.43 -22.79 -8.28
N THR A 109 13.17 -21.92 -7.32
CA THR A 109 12.49 -22.36 -6.12
C THR A 109 11.79 -21.19 -5.42
N LEU A 110 10.68 -21.50 -4.79
CA LEU A 110 9.89 -20.53 -4.08
C LEU A 110 9.63 -21.05 -2.71
N VAL A 111 9.48 -20.20 -1.76
CA VAL A 111 9.20 -20.62 -0.41
C VAL A 111 7.99 -19.89 0.15
N LEU A 112 6.94 -20.64 0.45
CA LEU A 112 5.70 -20.10 0.94
C LEU A 112 5.32 -20.79 2.22
N ILE A 113 6.14 -20.61 3.23
CA ILE A 113 5.88 -21.23 4.48
C ILE A 113 5.32 -20.23 5.42
N GLY A 114 4.48 -20.69 6.32
CA GLY A 114 3.74 -19.81 7.25
C GLY A 114 4.47 -18.56 7.69
N ASP A 115 5.52 -18.72 8.47
CA ASP A 115 6.26 -17.55 8.99
C ASP A 115 6.77 -16.66 7.87
N VAL A 116 7.09 -17.26 6.74
CA VAL A 116 7.63 -16.54 5.60
C VAL A 116 6.53 -15.86 4.79
N TYR A 117 5.55 -16.62 4.34
CA TYR A 117 4.47 -16.11 3.52
C TYR A 117 3.80 -14.91 4.14
N LYS A 118 3.74 -14.88 5.46
CA LYS A 118 3.14 -13.75 6.14
C LYS A 118 3.86 -12.49 5.75
N LYS A 119 5.13 -12.65 5.51
CA LYS A 119 5.99 -11.60 5.07
C LYS A 119 5.56 -11.15 3.67
N LEU A 120 5.47 -12.10 2.73
CA LEU A 120 5.01 -11.81 1.37
C LEU A 120 3.60 -11.26 1.38
N GLN A 121 2.84 -11.60 2.39
CA GLN A 121 1.46 -11.17 2.44
C GLN A 121 1.37 -9.65 2.64
N LYS A 122 2.27 -9.04 3.46
CA LYS A 122 2.34 -7.57 3.46
C LYS A 122 2.39 -7.05 2.03
N GLU A 123 3.26 -7.67 1.25
CA GLU A 123 3.37 -7.34 -0.20
C GLU A 123 2.02 -7.65 -0.94
N ALA A 124 1.32 -8.65 -0.48
CA ALA A 124 -0.02 -8.91 -0.98
C ALA A 124 -0.92 -7.70 -0.66
N GLU A 125 -0.92 -7.26 0.63
CA GLU A 125 -1.60 -6.02 1.04
C GLU A 125 -1.03 -4.80 0.37
N PHE A 126 0.06 -5.00 -0.36
CA PHE A 126 0.70 -3.90 -1.03
C PHE A 126 -0.28 -3.40 -2.01
N GLN A 127 -0.77 -4.31 -2.87
CA GLN A 127 -1.77 -3.95 -3.86
C GLN A 127 -3.00 -3.39 -3.19
N ARG A 128 -3.42 -4.07 -2.12
CA ARG A 128 -4.65 -3.71 -1.39
C ARG A 128 -4.76 -2.21 -1.09
N GLN A 129 -3.78 -1.69 -0.40
CA GLN A 129 -3.82 -0.36 0.07
C GLN A 129 -3.15 0.65 -0.88
N GLU A 130 -2.38 0.15 -1.84
CA GLU A 130 -1.61 0.96 -2.81
C GLU A 130 -2.45 1.99 -3.62
N TRP A 131 -3.76 2.07 -3.38
CA TRP A 131 -4.56 3.08 -4.05
C TRP A 131 -3.96 4.47 -3.81
N ILE A 132 -3.58 4.75 -2.57
CA ILE A 132 -3.08 6.06 -2.28
C ILE A 132 -1.57 6.05 -1.91
N ARG A 133 -1.30 6.41 -0.65
CA ARG A 133 0.05 6.47 -0.09
C ARG A 133 0.75 7.61 -0.78
N LYS A 134 -0.06 8.42 -1.48
CA LYS A 134 0.44 9.53 -2.30
C LYS A 134 -0.33 10.82 -2.03
N GLN A 135 -1.66 10.76 -2.16
CA GLN A 135 -2.49 11.98 -2.03
C GLN A 135 -3.10 12.08 -0.66
N GLY A 136 -2.35 11.61 0.29
CA GLY A 136 -2.74 11.66 1.67
C GLY A 136 -1.58 12.08 2.57
N PRO A 137 -1.36 13.39 2.76
CA PRO A 137 -0.27 13.92 3.60
C PRO A 137 -0.58 13.80 5.10
N HIS A 138 0.13 14.56 5.91
CA HIS A 138 -0.09 14.53 7.36
C HIS A 138 -1.07 15.62 7.76
N PHE A 139 -0.64 16.87 7.63
CA PHE A 139 -1.49 18.02 7.92
C PHE A 139 -0.97 19.26 7.21
N ALA A 140 -1.87 19.95 6.57
CA ALA A 140 -1.55 21.18 5.85
C ALA A 140 -2.73 22.11 5.91
N GLU A 141 -3.28 22.23 7.11
CA GLU A 141 -4.43 23.06 7.40
C GLU A 141 -4.09 24.04 8.51
N TYR A 142 -4.11 25.31 8.28
CA TYR A 142 -3.62 26.23 9.32
C TYR A 142 -4.50 27.42 9.48
N LEU A 143 -4.70 27.84 10.72
CA LEU A 143 -5.53 28.98 11.04
C LEU A 143 -4.90 30.27 10.61
N SER A 144 -5.58 31.37 10.96
CA SER A 144 -5.18 32.73 10.72
C SER A 144 -6.40 33.60 10.89
N TRP A 145 -6.39 34.45 11.87
CA TRP A 145 -7.52 35.38 11.99
C TRP A 145 -7.19 36.78 11.55
N GLU A 146 -8.24 37.53 11.30
CA GLU A 146 -8.13 38.87 10.79
C GLU A 146 -9.11 39.78 11.51
N VAL A 147 -8.61 40.59 12.42
CA VAL A 147 -9.46 41.52 13.14
C VAL A 147 -9.95 42.61 12.23
N THR A 148 -11.24 42.78 12.21
CA THR A 148 -11.89 43.74 11.35
C THR A 148 -12.44 44.92 12.17
N GLY A 149 -12.81 46.00 11.48
CA GLY A 149 -13.27 47.22 12.15
C GLY A 149 -14.48 47.02 13.04
N GLU A 150 -15.26 45.97 12.79
CA GLU A 150 -16.44 45.70 13.59
C GLU A 150 -16.07 45.05 14.94
N SER A 151 -14.77 44.89 15.14
CA SER A 151 -14.16 44.33 16.36
C SER A 151 -14.33 42.82 16.41
N ASN A 152 -14.38 42.24 15.25
CA ASN A 152 -14.49 40.83 15.11
C ASN A 152 -13.16 40.33 14.58
N VAL A 153 -13.05 39.02 14.36
CA VAL A 153 -11.87 38.46 13.75
C VAL A 153 -12.29 37.39 12.75
N LEU A 154 -11.70 37.43 11.56
CA LEU A 154 -12.10 36.54 10.49
C LEU A 154 -11.24 35.28 10.48
N LEU A 155 -11.78 34.25 11.11
CA LEU A 155 -11.14 32.95 11.17
C LEU A 155 -11.14 32.29 9.83
N LYS A 156 -9.96 32.01 9.34
CA LYS A 156 -9.79 31.37 8.09
C LYS A 156 -8.61 30.42 8.19
N CYS A 157 -8.84 29.17 7.93
CA CYS A 157 -7.74 28.24 7.81
C CYS A 157 -7.47 27.95 6.35
N LYS A 158 -6.55 27.05 6.06
CA LYS A 158 -6.18 26.74 4.69
C LYS A 158 -5.87 25.28 4.59
N VAL A 159 -6.47 24.63 3.63
CA VAL A 159 -6.39 23.18 3.56
C VAL A 159 -5.53 22.67 2.40
N ALA A 160 -5.13 21.43 2.51
CA ALA A 160 -4.53 20.70 1.41
C ALA A 160 -5.54 19.65 0.95
N ASN A 161 -5.25 18.96 -0.14
CA ASN A 161 -6.12 17.92 -0.66
C ASN A 161 -6.49 16.89 0.37
N ILE A 162 -7.74 16.86 0.71
CA ILE A 162 -8.27 15.91 1.64
C ILE A 162 -9.68 15.51 1.15
N LYS A 163 -9.89 14.22 0.88
CA LYS A 163 -11.10 13.76 0.22
C LYS A 163 -11.98 12.82 1.06
N LYS A 164 -12.67 13.38 2.04
CA LYS A 164 -13.66 12.60 2.79
C LYS A 164 -15.04 13.23 2.66
N GLU A 165 -15.26 14.26 3.45
CA GLU A 165 -16.50 15.03 3.44
C GLU A 165 -16.17 16.51 3.36
N THR A 166 -16.16 17.17 4.50
CA THR A 166 -15.69 18.52 4.60
C THR A 166 -14.25 18.44 5.07
N HIS A 167 -13.65 19.56 5.39
CA HIS A 167 -12.29 19.55 5.89
C HIS A 167 -12.27 19.64 7.42
N ILE A 168 -12.14 20.85 7.92
CA ILE A 168 -12.06 21.10 9.33
C ILE A 168 -13.44 21.38 9.93
N VAL A 169 -13.41 21.87 11.13
CA VAL A 169 -14.55 22.29 11.87
C VAL A 169 -14.06 23.22 12.98
N TRP A 170 -14.80 24.31 13.22
CA TRP A 170 -14.38 25.37 14.15
C TRP A 170 -14.69 25.01 15.60
N TYR A 171 -13.70 24.53 16.28
CA TYR A 171 -13.83 24.22 17.67
C TYR A 171 -13.30 25.31 18.62
N LYS A 172 -13.34 24.94 19.87
CA LYS A 172 -12.94 25.80 20.97
C LYS A 172 -13.08 25.07 22.28
N ASP A 173 -12.08 24.26 22.60
CA ASP A 173 -12.09 23.46 23.82
C ASP A 173 -13.40 22.68 23.95
N GLU A 174 -13.58 21.70 23.05
CA GLU A 174 -14.76 20.83 22.98
C GLU A 174 -16.04 21.55 22.50
N ARG A 175 -15.96 22.87 22.26
CA ARG A 175 -17.11 23.60 21.77
C ARG A 175 -17.13 23.65 20.28
N GLU A 176 -18.16 23.09 19.72
CA GLU A 176 -18.33 23.02 18.30
C GLU A 176 -19.18 24.19 17.83
N ILE A 177 -18.53 25.14 17.17
CA ILE A 177 -19.24 26.26 16.58
C ILE A 177 -20.14 25.72 15.44
N SER A 178 -21.44 25.72 15.65
CA SER A 178 -22.37 25.16 14.69
C SER A 178 -22.70 26.14 13.56
N VAL A 179 -22.10 25.90 12.42
CA VAL A 179 -22.41 26.65 11.20
C VAL A 179 -22.93 25.66 10.17
N ASP A 180 -23.62 26.13 9.14
CA ASP A 180 -24.11 25.26 8.07
C ASP A 180 -22.99 24.34 7.59
N GLU A 181 -23.22 23.04 7.71
CA GLU A 181 -22.21 22.05 7.38
C GLU A 181 -21.99 21.89 5.86
N LYS A 182 -22.69 20.93 5.26
CA LYS A 182 -22.48 20.61 3.85
C LYS A 182 -23.62 21.07 2.95
N HIS A 183 -24.41 22.01 3.41
CA HIS A 183 -25.48 22.55 2.58
C HIS A 183 -24.91 23.66 1.72
N ASP A 184 -24.16 24.55 2.35
CA ASP A 184 -23.44 25.60 1.64
C ASP A 184 -22.02 25.15 1.37
N PHE A 185 -21.76 23.90 1.75
CA PHE A 185 -20.49 23.21 1.52
C PHE A 185 -19.34 23.71 2.40
N LYS A 186 -18.94 24.98 2.22
CA LYS A 186 -17.77 25.54 2.94
C LYS A 186 -16.51 24.75 2.57
N ASP A 187 -16.58 24.08 1.42
CA ASP A 187 -15.52 23.20 0.93
C ASP A 187 -14.23 23.97 0.65
N GLY A 188 -13.10 23.28 0.81
CA GLY A 188 -11.81 23.90 0.61
C GLY A 188 -11.34 24.65 1.85
N ILE A 189 -11.36 25.96 1.76
CA ILE A 189 -10.94 26.80 2.86
C ILE A 189 -12.18 27.42 3.51
N CYS A 190 -12.10 27.79 4.78
CA CYS A 190 -13.29 28.32 5.44
C CYS A 190 -13.00 29.59 6.21
N THR A 191 -13.88 30.55 6.05
CA THR A 191 -13.79 31.81 6.72
C THR A 191 -15.03 32.08 7.58
N LEU A 192 -14.81 32.47 8.83
CA LEU A 192 -15.91 32.81 9.74
C LEU A 192 -15.67 34.16 10.41
N LEU A 193 -16.62 34.57 11.24
CA LEU A 193 -16.50 35.85 11.89
C LEU A 193 -16.79 35.83 13.40
N ILE A 194 -15.71 35.94 14.13
CA ILE A 194 -15.75 36.12 15.59
C ILE A 194 -16.29 37.50 15.86
N THR A 195 -17.57 37.62 15.90
CA THR A 195 -18.18 38.92 16.08
C THR A 195 -18.23 39.29 17.52
N GLU A 196 -17.09 39.83 17.96
CA GLU A 196 -16.85 40.21 19.33
C GLU A 196 -16.50 38.95 20.10
N PHE A 197 -15.49 39.03 20.90
CA PHE A 197 -14.98 37.87 21.60
C PHE A 197 -14.78 38.33 23.04
N SER A 198 -14.78 37.43 24.00
CA SER A 198 -14.73 37.88 25.39
C SER A 198 -13.64 37.18 26.14
N LYS A 199 -12.95 37.91 27.04
CA LYS A 199 -11.90 37.34 27.91
C LYS A 199 -12.40 36.12 28.73
N LYS A 200 -13.70 35.84 28.66
CA LYS A 200 -14.28 34.72 29.39
C LYS A 200 -14.74 33.62 28.43
N ASP A 201 -14.62 33.90 27.15
CA ASP A 201 -15.03 32.97 26.10
C ASP A 201 -13.84 32.63 25.21
N ALA A 202 -12.81 33.44 25.34
CA ALA A 202 -11.61 33.32 24.53
C ALA A 202 -10.83 32.05 24.80
N GLY A 203 -9.73 31.90 24.07
CA GLY A 203 -8.95 30.72 24.19
C GLY A 203 -8.50 30.26 22.86
N PHE A 204 -8.30 28.99 22.70
CA PHE A 204 -7.83 28.48 21.43
C PHE A 204 -8.97 28.02 20.53
N TYR A 205 -9.00 28.58 19.34
CA TYR A 205 -9.94 28.19 18.32
C TYR A 205 -9.35 26.96 17.64
N GLU A 206 -10.03 25.82 17.76
CA GLU A 206 -9.46 24.57 17.29
C GLU A 206 -9.89 24.17 15.89
N VAL A 207 -8.92 23.87 15.06
CA VAL A 207 -9.18 23.26 13.77
C VAL A 207 -9.10 21.77 13.95
N ILE A 208 -10.01 21.02 13.32
CA ILE A 208 -10.05 19.56 13.54
C ILE A 208 -10.01 18.85 12.17
N LEU A 209 -9.30 17.73 12.10
CA LEU A 209 -9.18 16.98 10.84
C LEU A 209 -9.73 15.60 10.99
N LYS A 210 -10.78 15.30 10.25
CA LYS A 210 -11.35 13.97 10.27
C LYS A 210 -11.57 13.45 8.85
N ASP A 211 -11.04 12.27 8.57
CA ASP A 211 -11.27 11.65 7.25
C ASP A 211 -11.83 10.23 7.44
N ASP A 212 -11.25 9.19 6.85
CA ASP A 212 -11.71 7.81 7.04
C ASP A 212 -10.72 7.12 7.95
N ARG A 213 -10.15 7.91 8.79
CA ARG A 213 -9.10 7.50 9.67
C ARG A 213 -9.36 8.07 11.03
N GLY A 214 -8.30 8.38 11.72
CA GLY A 214 -8.43 9.01 12.99
C GLY A 214 -8.74 10.49 12.82
N LYS A 215 -8.14 11.27 13.64
CA LYS A 215 -8.36 12.69 13.59
C LYS A 215 -7.05 13.40 13.64
N ASP A 216 -7.15 14.62 14.09
CA ASP A 216 -6.08 15.51 14.28
C ASP A 216 -6.71 16.79 14.71
N LYS A 217 -5.93 17.82 14.77
CA LYS A 217 -6.32 19.15 15.21
C LYS A 217 -5.14 19.89 15.71
N SER A 218 -4.93 21.09 15.25
CA SER A 218 -3.85 21.89 15.71
C SER A 218 -4.36 23.33 15.71
N ARG A 219 -4.15 24.03 16.78
CA ARG A 219 -4.69 25.36 16.92
C ARG A 219 -3.91 26.23 17.84
N LEU A 220 -4.15 27.53 17.75
CA LEU A 220 -3.48 28.48 18.62
C LEU A 220 -4.45 29.12 19.59
N LYS A 221 -3.93 29.93 20.47
CA LYS A 221 -4.73 30.58 21.50
C LYS A 221 -5.06 31.98 21.02
N LEU A 222 -6.32 32.28 20.84
CA LEU A 222 -6.71 33.54 20.32
C LEU A 222 -7.26 34.49 21.35
N VAL A 223 -6.66 35.68 21.35
CA VAL A 223 -7.05 36.76 22.22
C VAL A 223 -7.24 38.00 21.39
N ASP A 224 -8.43 38.51 21.41
CA ASP A 224 -8.77 39.72 20.70
C ASP A 224 -9.53 40.63 21.63
N GLU A 225 -10.23 39.98 22.51
CA GLU A 225 -11.05 40.57 23.52
C GLU A 225 -10.29 41.45 24.47
N ALA A 226 -9.03 41.28 24.44
CA ALA A 226 -8.15 42.01 25.29
C ALA A 226 -7.80 43.30 24.65
N PHE A 227 -8.10 43.35 23.40
CA PHE A 227 -7.78 44.50 22.60
C PHE A 227 -9.01 45.33 22.39
N GLN A 228 -10.10 44.62 22.20
CA GLN A 228 -11.40 45.17 22.11
C GLN A 228 -11.71 45.96 23.32
N ASP A 229 -11.22 45.44 24.39
CA ASP A 229 -11.41 45.99 25.70
C ASP A 229 -10.84 47.39 25.75
N LEU A 230 -9.87 47.62 24.91
CA LEU A 230 -9.14 48.88 24.84
C LEU A 230 -9.87 49.88 23.98
N MET A 231 -10.77 49.36 23.17
CA MET A 231 -11.51 50.16 22.22
C MET A 231 -12.59 50.99 22.90
N GLY A 1 39.77 -33.88 -34.43
CA GLY A 1 39.65 -33.34 -33.06
C GLY A 1 38.21 -33.05 -32.72
N SER A 2 37.95 -32.92 -31.45
CA SER A 2 36.61 -32.64 -30.97
C SER A 2 36.27 -31.17 -31.16
N HIS A 3 35.35 -30.89 -32.06
CA HIS A 3 34.94 -29.53 -32.33
C HIS A 3 33.87 -29.10 -31.32
N MET A 4 32.61 -29.54 -31.56
CA MET A 4 31.44 -29.24 -30.68
C MET A 4 31.34 -27.76 -30.24
N GLU A 5 32.03 -26.88 -30.95
CA GLU A 5 32.03 -25.46 -30.67
C GLU A 5 30.61 -24.87 -30.63
N GLU A 6 29.80 -25.23 -31.58
CA GLU A 6 28.49 -24.71 -31.66
C GLU A 6 27.55 -25.40 -30.68
N GLU A 7 27.64 -26.70 -30.62
CA GLU A 7 26.89 -27.49 -29.70
C GLU A 7 27.00 -26.94 -28.27
N MET A 8 28.13 -26.35 -27.94
CA MET A 8 28.36 -25.83 -26.61
C MET A 8 27.92 -24.39 -26.56
N LYS A 9 28.03 -23.76 -27.70
CA LYS A 9 27.57 -22.42 -27.86
C LYS A 9 26.13 -22.26 -27.36
N ARG A 10 25.29 -23.26 -27.63
CA ARG A 10 23.95 -23.27 -27.14
C ARG A 10 23.93 -23.39 -25.62
N LEU A 11 24.66 -24.36 -25.11
CA LEU A 11 24.79 -24.55 -23.66
C LEU A 11 25.18 -23.26 -22.94
N LEU A 12 26.17 -22.55 -23.48
CA LEU A 12 26.61 -21.30 -22.89
C LEU A 12 25.53 -20.24 -23.00
N ALA A 13 24.92 -20.18 -24.18
CA ALA A 13 23.85 -19.25 -24.45
C ALA A 13 22.65 -19.52 -23.52
N LEU A 14 22.48 -20.80 -23.18
CA LEU A 14 21.40 -21.26 -22.36
C LEU A 14 21.59 -20.90 -20.91
N SER A 15 22.82 -20.79 -20.52
CA SER A 15 23.17 -20.51 -19.15
C SER A 15 22.84 -19.05 -18.78
N GLN A 16 22.66 -18.22 -19.81
CA GLN A 16 22.25 -16.81 -19.66
C GLN A 16 23.10 -16.04 -18.64
N GLU A 17 24.24 -15.54 -19.10
CA GLU A 17 25.17 -14.81 -18.24
C GLU A 17 24.58 -13.47 -17.80
N HIS A 18 24.73 -13.17 -16.51
CA HIS A 18 24.28 -11.91 -15.89
C HIS A 18 22.74 -11.77 -15.88
N LYS A 19 22.04 -12.84 -16.15
CA LYS A 19 20.59 -12.80 -16.09
C LYS A 19 20.14 -13.07 -14.68
N PHE A 20 19.16 -12.31 -14.22
CA PHE A 20 18.56 -12.47 -12.99
C PHE A 20 17.87 -13.85 -12.97
N PRO A 21 17.47 -14.28 -11.79
CA PRO A 21 16.90 -15.63 -11.47
C PRO A 21 16.08 -16.33 -12.55
N THR A 22 16.73 -16.74 -13.56
CA THR A 22 16.16 -17.45 -14.64
C THR A 22 16.50 -18.93 -14.52
N VAL A 23 16.26 -19.65 -15.60
CA VAL A 23 16.43 -21.07 -15.73
C VAL A 23 16.54 -21.32 -17.24
N PRO A 24 16.73 -22.60 -17.73
CA PRO A 24 16.72 -22.90 -19.17
C PRO A 24 15.60 -22.18 -19.94
N THR A 25 14.49 -21.88 -19.24
CA THR A 25 13.40 -21.13 -19.80
C THR A 25 13.77 -19.63 -19.82
N LYS A 26 12.92 -18.82 -19.21
CA LYS A 26 13.08 -17.40 -19.16
C LYS A 26 12.41 -16.86 -17.89
N SER A 27 12.75 -17.40 -16.75
CA SER A 27 12.08 -17.00 -15.55
C SER A 27 12.68 -15.74 -14.95
N GLU A 28 11.80 -14.83 -14.62
CA GLU A 28 12.14 -13.64 -13.89
C GLU A 28 11.53 -13.84 -12.50
N LEU A 29 11.24 -15.13 -12.24
CA LEU A 29 10.52 -15.59 -11.04
C LEU A 29 11.16 -15.18 -9.78
N ALA A 30 10.72 -14.10 -9.24
CA ALA A 30 11.19 -13.66 -7.99
C ALA A 30 9.98 -13.31 -7.09
N VAL A 31 10.16 -12.46 -6.07
CA VAL A 31 9.11 -12.20 -5.06
C VAL A 31 8.90 -10.70 -4.99
N GLU A 32 7.75 -10.25 -5.44
CA GLU A 32 7.46 -8.84 -5.44
C GLU A 32 6.30 -8.56 -4.54
N ILE A 33 6.56 -7.94 -3.40
CA ILE A 33 5.50 -7.52 -2.59
C ILE A 33 5.01 -6.20 -3.13
N LEU A 34 3.86 -6.25 -3.76
CA LEU A 34 3.27 -5.12 -4.45
C LEU A 34 3.06 -3.91 -3.57
N GLU A 35 2.66 -2.81 -4.23
CA GLU A 35 2.33 -1.58 -3.59
C GLU A 35 1.27 -1.79 -2.50
N LYS A 36 0.43 -2.76 -2.75
CA LYS A 36 -0.66 -3.07 -1.84
C LYS A 36 -0.13 -3.93 -0.70
N GLY A 37 1.11 -4.37 -0.85
CA GLY A 37 1.79 -5.15 0.16
C GLY A 37 1.39 -6.61 0.13
N GLN A 38 1.06 -7.08 -1.07
CA GLN A 38 0.69 -8.47 -1.32
C GLN A 38 1.88 -9.23 -1.90
N VAL A 39 1.72 -10.52 -2.08
CA VAL A 39 2.78 -11.38 -2.59
C VAL A 39 2.63 -11.55 -4.13
N ARG A 40 3.74 -11.67 -4.88
CA ARG A 40 3.67 -11.86 -6.35
C ARG A 40 4.74 -12.82 -6.88
N PHE A 41 4.32 -13.88 -7.60
CA PHE A 41 5.25 -14.81 -8.31
C PHE A 41 5.18 -14.50 -9.78
N TRP A 42 6.32 -14.30 -10.40
CA TRP A 42 6.32 -13.98 -11.84
C TRP A 42 7.58 -14.40 -12.54
N MET A 43 7.43 -15.38 -13.43
CA MET A 43 8.48 -15.88 -14.30
C MET A 43 8.02 -15.54 -15.70
N GLN A 44 8.76 -15.85 -16.76
CA GLN A 44 8.24 -15.42 -18.00
C GLN A 44 7.56 -16.57 -18.68
N ALA A 45 8.37 -17.36 -19.35
CA ALA A 45 7.97 -18.59 -20.05
C ALA A 45 7.56 -18.23 -21.42
N GLU A 46 8.53 -18.28 -22.28
CA GLU A 46 8.42 -17.86 -23.65
C GLU A 46 7.84 -18.92 -24.54
N LYS A 47 7.38 -19.96 -23.95
CA LYS A 47 6.88 -21.06 -24.74
C LYS A 47 5.89 -21.91 -24.03
N LEU A 48 4.71 -21.86 -24.54
CA LEU A 48 3.61 -22.66 -24.15
C LEU A 48 2.97 -23.25 -25.39
N SER A 49 3.44 -24.41 -25.76
CA SER A 49 2.96 -25.08 -26.97
C SER A 49 2.14 -26.33 -26.67
N SER A 50 2.81 -27.48 -26.62
CA SER A 50 2.13 -28.74 -26.36
C SER A 50 2.33 -29.15 -24.90
N ASN A 51 3.48 -29.79 -24.60
CA ASN A 51 3.83 -30.17 -23.23
C ASN A 51 3.73 -28.97 -22.29
N ALA A 52 4.60 -27.96 -22.58
CA ALA A 52 4.70 -26.69 -21.82
C ALA A 52 3.93 -26.70 -20.52
N LYS A 53 4.61 -27.26 -19.58
CA LYS A 53 4.11 -27.49 -18.26
C LYS A 53 4.85 -26.71 -17.20
N VAL A 54 4.09 -26.21 -16.24
CA VAL A 54 4.59 -25.47 -15.11
C VAL A 54 3.96 -26.08 -13.89
N SER A 55 4.73 -26.36 -12.94
CA SER A 55 4.22 -26.99 -11.75
C SER A 55 4.42 -26.11 -10.54
N TYR A 56 3.31 -25.66 -9.98
CA TYR A 56 3.32 -24.84 -8.79
C TYR A 56 3.51 -25.72 -7.59
N ILE A 57 4.52 -25.46 -6.82
CA ILE A 57 4.85 -26.27 -5.69
C ILE A 57 5.01 -25.38 -4.47
N PHE A 58 4.52 -25.82 -3.35
CA PHE A 58 4.60 -25.08 -2.13
C PHE A 58 5.02 -26.02 -1.03
N ASN A 59 6.04 -25.66 -0.26
CA ASN A 59 6.56 -26.49 0.86
C ASN A 59 6.82 -27.98 0.51
N GLU A 60 7.13 -28.28 -0.77
CA GLU A 60 7.58 -29.64 -1.22
C GLU A 60 6.40 -30.45 -1.74
N LYS A 61 5.32 -29.76 -1.99
CA LYS A 61 4.14 -30.35 -2.49
C LYS A 61 3.62 -29.50 -3.65
N GLU A 62 2.91 -30.10 -4.58
CA GLU A 62 2.35 -29.39 -5.70
C GLU A 62 1.00 -28.80 -5.31
N ILE A 63 0.76 -27.57 -5.66
CA ILE A 63 -0.55 -26.97 -5.38
C ILE A 63 -1.19 -26.57 -6.69
N PHE A 64 -2.39 -26.03 -6.65
CA PHE A 64 -3.07 -25.64 -7.84
C PHE A 64 -3.73 -24.30 -7.62
N GLU A 65 -3.87 -23.55 -8.68
CA GLU A 65 -4.56 -22.27 -8.64
C GLU A 65 -5.95 -22.45 -8.02
N GLY A 66 -6.41 -21.48 -7.26
CA GLY A 66 -7.65 -21.63 -6.56
C GLY A 66 -7.87 -20.46 -5.62
N PRO A 67 -8.10 -20.71 -4.32
CA PRO A 67 -8.32 -19.65 -3.35
C PRO A 67 -7.04 -19.13 -2.67
N LYS A 68 -6.22 -20.04 -2.13
CA LYS A 68 -5.03 -19.64 -1.38
C LYS A 68 -3.87 -19.17 -2.28
N TYR A 69 -3.83 -19.67 -3.50
CA TYR A 69 -2.81 -19.28 -4.48
C TYR A 69 -3.49 -19.12 -5.79
N LYS A 70 -3.53 -17.94 -6.30
CA LYS A 70 -4.21 -17.70 -7.53
C LYS A 70 -3.22 -17.43 -8.64
N MET A 71 -3.42 -18.09 -9.73
CA MET A 71 -2.53 -17.97 -10.87
C MET A 71 -3.29 -17.60 -12.10
N HIS A 72 -2.67 -16.85 -12.97
CA HIS A 72 -3.25 -16.55 -14.22
C HIS A 72 -2.21 -16.45 -15.28
N ILE A 73 -2.33 -17.28 -16.27
CA ILE A 73 -1.41 -17.32 -17.35
C ILE A 73 -2.22 -17.06 -18.58
N ASP A 74 -1.80 -16.16 -19.40
CA ASP A 74 -2.61 -15.76 -20.53
C ASP A 74 -1.96 -16.19 -21.78
N ARG A 75 -1.37 -17.38 -21.69
CA ARG A 75 -0.45 -18.05 -22.66
C ARG A 75 0.04 -17.20 -23.89
N ASN A 76 0.11 -15.87 -23.77
CA ASN A 76 0.82 -15.06 -24.73
C ASN A 76 2.25 -15.21 -24.42
N THR A 77 2.75 -16.23 -25.01
CA THR A 77 4.13 -16.72 -24.90
C THR A 77 4.18 -17.60 -23.69
N GLY A 78 3.35 -17.25 -22.74
CA GLY A 78 3.23 -17.99 -21.55
C GLY A 78 3.68 -17.25 -20.36
N ILE A 79 3.27 -16.01 -20.26
CA ILE A 79 3.57 -15.22 -19.10
C ILE A 79 2.80 -15.75 -17.90
N ILE A 80 3.54 -16.02 -16.85
CA ILE A 80 2.97 -16.56 -15.64
C ILE A 80 2.82 -15.49 -14.58
N GLU A 81 1.61 -15.02 -14.43
CA GLU A 81 1.29 -14.14 -13.35
C GLU A 81 0.62 -14.93 -12.25
N MET A 82 1.04 -14.69 -11.05
CA MET A 82 0.56 -15.42 -9.95
C MET A 82 0.62 -14.55 -8.72
N PHE A 83 -0.41 -14.63 -7.94
CA PHE A 83 -0.56 -13.74 -6.82
C PHE A 83 -0.84 -14.47 -5.54
N MET A 84 -0.51 -13.83 -4.44
CA MET A 84 -0.84 -14.29 -3.14
C MET A 84 -1.16 -13.03 -2.39
N GLU A 85 -2.24 -13.00 -1.76
CA GLU A 85 -2.76 -11.77 -1.20
C GLU A 85 -2.49 -11.66 0.26
N LYS A 86 -1.74 -12.59 0.82
CA LYS A 86 -1.54 -12.61 2.24
C LYS A 86 -0.64 -13.79 2.60
N LEU A 87 -0.86 -14.33 3.77
CA LEU A 87 -0.15 -15.49 4.22
C LEU A 87 -1.15 -16.55 4.61
N GLN A 88 -1.88 -16.28 5.70
CA GLN A 88 -2.95 -17.15 6.25
C GLN A 88 -2.72 -18.67 6.09
N ASP A 89 -1.47 -19.11 5.95
CA ASP A 89 -1.15 -20.53 5.89
C ASP A 89 -1.03 -21.04 7.32
N GLU A 90 -0.07 -21.90 7.61
CA GLU A 90 0.18 -22.34 8.94
C GLU A 90 1.52 -21.76 9.36
N ASP A 91 1.77 -20.54 8.86
CA ASP A 91 3.01 -19.77 9.08
C ASP A 91 4.19 -20.30 8.23
N GLU A 92 3.90 -21.20 7.29
CA GLU A 92 4.93 -21.75 6.40
C GLU A 92 5.01 -20.92 5.11
N GLY A 93 6.09 -21.07 4.33
CA GLY A 93 6.17 -20.31 3.10
C GLY A 93 7.36 -20.59 2.20
N THR A 94 7.28 -21.58 1.35
CA THR A 94 8.37 -21.89 0.41
C THR A 94 7.80 -22.30 -0.93
N TYR A 95 8.07 -21.53 -1.99
CA TYR A 95 7.48 -21.88 -3.26
C TYR A 95 8.47 -22.34 -4.29
N THR A 96 8.05 -23.36 -5.00
CA THR A 96 8.84 -23.94 -6.04
C THR A 96 8.08 -23.84 -7.36
N PHE A 97 8.82 -23.64 -8.44
CA PHE A 97 8.25 -23.51 -9.76
C PHE A 97 9.13 -24.22 -10.71
N GLN A 98 8.73 -25.37 -11.09
CA GLN A 98 9.47 -26.10 -12.07
C GLN A 98 8.73 -26.00 -13.43
N ILE A 99 9.33 -25.37 -14.46
CA ILE A 99 8.67 -25.20 -15.73
C ILE A 99 9.49 -25.84 -16.79
N GLN A 100 8.83 -26.37 -17.75
CA GLN A 100 9.50 -26.91 -18.87
C GLN A 100 8.68 -26.75 -20.10
N ASP A 101 9.29 -26.33 -21.17
CA ASP A 101 8.59 -26.12 -22.40
C ASP A 101 9.24 -27.00 -23.46
N GLY A 102 8.46 -27.83 -24.08
CA GLY A 102 8.96 -28.73 -25.09
C GLY A 102 9.93 -29.78 -24.53
N LYS A 103 11.23 -29.49 -24.58
CA LYS A 103 12.24 -30.45 -24.15
C LYS A 103 13.14 -29.89 -23.01
N ALA A 104 12.98 -28.63 -22.68
CA ALA A 104 13.84 -28.01 -21.66
C ALA A 104 13.13 -28.03 -20.34
N THR A 105 13.86 -27.84 -19.23
CA THR A 105 13.27 -27.87 -17.88
C THR A 105 14.02 -26.92 -16.95
N GLY A 106 13.30 -26.26 -16.05
CA GLY A 106 13.93 -25.30 -15.18
C GLY A 106 13.33 -25.32 -13.79
N HIS A 107 14.15 -25.08 -12.80
CA HIS A 107 13.72 -25.04 -11.40
C HIS A 107 13.91 -23.64 -10.83
N SER A 108 13.00 -23.25 -9.99
CA SER A 108 13.00 -21.90 -9.44
C SER A 108 12.27 -21.91 -8.12
N THR A 109 12.94 -21.50 -7.06
CA THR A 109 12.31 -21.52 -5.77
C THR A 109 12.39 -20.17 -5.03
N LEU A 110 11.31 -19.87 -4.31
CA LEU A 110 11.14 -18.64 -3.55
C LEU A 110 10.79 -19.00 -2.16
N VAL A 111 11.12 -18.19 -1.21
CA VAL A 111 10.78 -18.51 0.16
C VAL A 111 10.30 -17.28 0.95
N LEU A 112 9.17 -17.45 1.59
CA LEU A 112 8.61 -16.47 2.48
C LEU A 112 7.83 -17.11 3.56
N ILE A 113 8.57 -17.51 4.51
CA ILE A 113 8.06 -18.09 5.67
C ILE A 113 8.07 -17.04 6.72
N GLY A 114 7.28 -17.23 7.76
CA GLY A 114 7.19 -16.24 8.85
C GLY A 114 8.45 -15.46 9.14
N ASP A 115 9.50 -16.13 9.59
CA ASP A 115 10.77 -15.45 9.89
C ASP A 115 11.35 -14.75 8.66
N VAL A 116 11.10 -15.31 7.49
CA VAL A 116 11.65 -14.79 6.25
C VAL A 116 10.83 -13.62 5.69
N TYR A 117 9.53 -13.81 5.44
CA TYR A 117 8.67 -12.76 4.89
C TYR A 117 8.82 -11.45 5.57
N LYS A 118 9.02 -11.48 6.88
CA LYS A 118 9.17 -10.26 7.63
C LYS A 118 10.36 -9.48 7.11
N LYS A 119 11.30 -10.21 6.58
CA LYS A 119 12.46 -9.66 5.99
C LYS A 119 12.10 -8.91 4.70
N LEU A 120 11.43 -9.60 3.76
CA LEU A 120 11.01 -8.97 2.53
C LEU A 120 10.00 -7.88 2.81
N GLN A 121 9.34 -7.93 3.97
CA GLN A 121 8.32 -6.95 4.27
C GLN A 121 8.94 -5.55 4.44
N LYS A 122 10.11 -5.43 5.13
CA LYS A 122 10.85 -4.17 5.12
C LYS A 122 10.93 -3.57 3.71
N GLU A 123 11.47 -4.35 2.82
CA GLU A 123 11.53 -3.91 1.41
C GLU A 123 10.09 -3.62 0.88
N ALA A 124 9.14 -4.43 1.34
CA ALA A 124 7.75 -4.24 0.99
C ALA A 124 7.29 -2.86 1.43
N GLU A 125 7.60 -2.44 2.70
CA GLU A 125 7.40 -1.05 3.18
C GLU A 125 7.35 -0.06 2.04
N PHE A 126 8.50 0.13 1.37
CA PHE A 126 8.56 1.03 0.17
C PHE A 126 7.32 0.91 -0.73
N GLN A 127 6.86 -0.30 -0.85
CA GLN A 127 5.69 -0.58 -1.69
C GLN A 127 4.38 -0.41 -0.92
N ARG A 128 4.28 -1.13 0.18
CA ARG A 128 3.08 -1.19 1.02
C ARG A 128 2.71 0.15 1.70
N GLN A 129 3.64 1.08 1.76
CA GLN A 129 3.44 2.30 2.45
C GLN A 129 2.30 3.17 1.86
N GLU A 130 2.03 3.05 0.57
CA GLU A 130 0.96 3.86 -0.01
C GLU A 130 -0.39 3.16 0.16
N TRP A 131 -0.36 1.97 0.74
CA TRP A 131 -1.57 1.19 0.95
C TRP A 131 -2.21 1.53 2.29
N ILE A 132 -1.44 1.30 3.32
CA ILE A 132 -1.81 1.59 4.73
C ILE A 132 -2.44 2.98 4.91
N ARG A 133 -1.92 3.94 4.15
CA ARG A 133 -2.46 5.30 4.10
C ARG A 133 -3.98 5.26 3.92
N LYS A 134 -4.43 4.19 3.30
CA LYS A 134 -5.83 3.82 3.16
C LYS A 134 -6.42 4.33 1.88
N GLN A 135 -5.87 3.86 0.76
CA GLN A 135 -6.46 4.20 -0.57
C GLN A 135 -7.91 3.70 -0.67
N GLY A 136 -8.22 2.64 0.07
CA GLY A 136 -9.55 2.07 0.06
C GLY A 136 -10.41 2.56 1.20
N PRO A 137 -10.05 2.22 2.47
CA PRO A 137 -10.79 2.65 3.68
C PRO A 137 -10.90 4.18 3.79
N HIS A 138 -10.01 4.89 3.07
CA HIS A 138 -10.00 6.35 3.00
C HIS A 138 -9.41 7.00 4.26
N PHE A 139 -8.30 7.71 4.07
CA PHE A 139 -7.66 8.50 5.11
C PHE A 139 -6.60 9.37 4.47
N ALA A 140 -7.03 10.49 3.93
CA ALA A 140 -6.13 11.41 3.24
C ALA A 140 -6.59 12.84 3.46
N GLU A 141 -6.86 13.16 4.70
CA GLU A 141 -7.29 14.48 5.11
C GLU A 141 -6.27 15.08 6.05
N TYR A 142 -5.79 16.26 5.80
CA TYR A 142 -4.75 16.80 6.64
C TYR A 142 -5.04 18.25 6.94
N LEU A 143 -4.96 18.62 8.22
CA LEU A 143 -5.25 19.99 8.62
C LEU A 143 -4.10 20.87 8.28
N SER A 144 -4.20 22.10 8.80
CA SER A 144 -3.22 23.15 8.64
C SER A 144 -3.88 24.47 8.96
N TRP A 145 -3.43 25.13 9.98
CA TRP A 145 -3.95 26.48 10.22
C TRP A 145 -3.03 27.55 9.67
N GLU A 146 -3.38 28.80 9.88
CA GLU A 146 -2.62 29.89 9.30
C GLU A 146 -2.97 31.17 10.04
N VAL A 147 -2.04 31.74 10.78
CA VAL A 147 -2.33 32.98 11.49
C VAL A 147 -2.49 34.14 10.52
N THR A 148 -3.66 34.72 10.55
CA THR A 148 -4.00 35.79 9.66
C THR A 148 -3.84 37.16 10.33
N GLY A 149 -4.01 38.22 9.55
CA GLY A 149 -3.82 39.57 10.04
C GLY A 149 -4.95 40.06 10.92
N GLU A 150 -5.36 39.25 11.87
CA GLU A 150 -6.39 39.64 12.83
C GLU A 150 -6.23 38.87 14.16
N SER A 151 -5.11 38.18 14.27
CA SER A 151 -4.76 37.36 15.44
C SER A 151 -5.61 36.10 15.52
N ASN A 152 -6.15 35.71 14.41
CA ASN A 152 -6.92 34.52 14.31
C ASN A 152 -6.08 33.49 13.59
N VAL A 153 -6.63 32.32 13.34
CA VAL A 153 -5.92 31.32 12.56
C VAL A 153 -6.88 30.66 11.60
N LEU A 154 -6.48 30.54 10.36
CA LEU A 154 -7.34 30.04 9.32
C LEU A 154 -7.16 28.54 9.17
N LEU A 155 -8.08 27.81 9.76
CA LEU A 155 -8.13 26.37 9.67
C LEU A 155 -8.52 25.92 8.30
N LYS A 156 -7.73 25.03 7.76
CA LYS A 156 -7.96 24.52 6.46
C LYS A 156 -7.34 23.12 6.39
N CYS A 157 -8.13 22.12 6.14
CA CYS A 157 -7.59 20.80 5.89
C CYS A 157 -7.74 20.45 4.43
N LYS A 158 -7.40 19.23 4.05
CA LYS A 158 -7.43 18.83 2.66
C LYS A 158 -7.89 17.40 2.56
N VAL A 159 -8.87 17.18 1.71
CA VAL A 159 -9.51 15.87 1.63
C VAL A 159 -9.17 15.14 0.34
N ALA A 160 -9.38 13.85 0.36
CA ALA A 160 -9.31 13.03 -0.83
C ALA A 160 -10.57 12.20 -0.94
N ASN A 161 -10.59 11.25 -1.89
CA ASN A 161 -11.70 10.29 -2.16
C ASN A 161 -12.71 10.11 -1.05
N ILE A 162 -13.84 10.75 -1.21
CA ILE A 162 -14.91 10.65 -0.28
C ILE A 162 -16.25 10.93 -1.00
N LYS A 163 -17.13 9.92 -1.02
CA LYS A 163 -18.36 9.98 -1.84
C LYS A 163 -19.63 9.68 -1.02
N LYS A 164 -19.81 10.35 0.10
CA LYS A 164 -21.04 10.14 0.88
C LYS A 164 -21.87 11.42 0.96
N GLU A 165 -21.47 12.33 1.82
CA GLU A 165 -22.17 13.59 2.02
C GLU A 165 -21.18 14.74 1.92
N THR A 166 -20.73 15.23 3.06
CA THR A 166 -19.68 16.19 3.13
C THR A 166 -18.41 15.42 3.41
N HIS A 167 -17.34 16.12 3.74
CA HIS A 167 -16.11 15.46 4.09
C HIS A 167 -15.92 15.45 5.60
N ILE A 168 -15.26 16.47 6.09
CA ILE A 168 -14.95 16.59 7.50
C ILE A 168 -15.98 17.44 8.23
N VAL A 169 -15.64 17.75 9.47
CA VAL A 169 -16.39 18.58 10.34
C VAL A 169 -15.42 19.05 11.44
N TRP A 170 -15.53 20.33 11.81
CA TRP A 170 -14.60 20.97 12.74
C TRP A 170 -14.92 20.64 14.19
N TYR A 171 -14.22 19.69 14.71
CA TYR A 171 -14.37 19.32 16.08
C TYR A 171 -13.28 19.88 17.01
N LYS A 172 -13.38 19.41 18.24
CA LYS A 172 -12.48 19.83 19.31
C LYS A 172 -12.85 19.13 20.60
N ASP A 173 -12.35 17.91 20.76
CA ASP A 173 -12.64 17.08 21.93
C ASP A 173 -14.15 17.03 22.18
N GLU A 174 -14.85 16.39 21.26
CA GLU A 174 -16.31 16.21 21.33
C GLU A 174 -17.11 17.51 21.07
N ARG A 175 -16.44 18.65 20.88
CA ARG A 175 -17.17 19.88 20.62
C ARG A 175 -17.39 20.07 19.14
N GLU A 176 -18.64 20.07 18.76
CA GLU A 176 -19.03 20.26 17.39
C GLU A 176 -19.17 21.72 17.07
N ILE A 177 -18.18 22.24 16.39
CA ILE A 177 -18.23 23.58 15.91
C ILE A 177 -19.30 23.64 14.79
N SER A 178 -20.44 24.21 15.11
CA SER A 178 -21.57 24.20 14.19
C SER A 178 -21.53 25.33 13.16
N VAL A 179 -21.31 24.96 11.91
CA VAL A 179 -21.33 25.89 10.78
C VAL A 179 -22.20 25.27 9.67
N ASP A 180 -22.54 26.06 8.64
CA ASP A 180 -23.30 25.56 7.49
C ASP A 180 -22.61 24.31 6.92
N GLU A 181 -23.35 23.22 6.77
CA GLU A 181 -22.76 21.97 6.32
C GLU A 181 -22.99 21.69 4.84
N LYS A 182 -24.16 21.16 4.49
CA LYS A 182 -24.40 20.74 3.12
C LYS A 182 -25.25 21.73 2.33
N HIS A 183 -25.56 22.87 2.95
CA HIS A 183 -26.34 23.90 2.26
C HIS A 183 -25.46 24.66 1.28
N ASP A 184 -24.37 25.21 1.79
CA ASP A 184 -23.38 25.87 0.94
C ASP A 184 -22.31 24.86 0.52
N PHE A 185 -22.52 23.61 0.94
CA PHE A 185 -21.68 22.47 0.58
C PHE A 185 -20.32 22.46 1.27
N LYS A 186 -19.49 23.48 1.01
CA LYS A 186 -18.13 23.53 1.57
C LYS A 186 -17.32 22.32 1.07
N ASP A 187 -17.76 21.75 -0.05
CA ASP A 187 -17.18 20.55 -0.64
C ASP A 187 -15.70 20.72 -0.97
N GLY A 188 -14.97 19.60 -0.95
CA GLY A 188 -13.54 19.62 -1.19
C GLY A 188 -12.78 20.02 0.05
N ILE A 189 -12.01 21.08 -0.05
CA ILE A 189 -11.24 21.57 1.06
C ILE A 189 -12.07 22.61 1.82
N CYS A 190 -11.85 22.74 3.12
CA CYS A 190 -12.63 23.69 3.91
C CYS A 190 -11.75 24.57 4.75
N THR A 191 -12.19 25.80 4.90
CA THR A 191 -11.49 26.79 5.67
C THR A 191 -12.41 27.46 6.69
N LEU A 192 -11.86 27.76 7.86
CA LEU A 192 -12.59 28.46 8.91
C LEU A 192 -11.70 29.49 9.58
N LEU A 193 -12.27 30.23 10.52
CA LEU A 193 -11.50 31.25 11.19
C LEU A 193 -11.58 31.21 12.72
N ILE A 194 -10.49 30.76 13.29
CA ILE A 194 -10.28 30.80 14.73
C ILE A 194 -10.09 32.25 15.13
N THR A 195 -11.16 32.92 15.36
CA THR A 195 -11.11 34.31 15.69
C THR A 195 -10.90 34.50 17.16
N GLU A 196 -9.63 34.40 17.51
CA GLU A 196 -9.15 34.44 18.87
C GLU A 196 -9.35 33.06 19.47
N PHE A 197 -8.34 32.57 20.12
CA PHE A 197 -8.37 31.23 20.67
C PHE A 197 -7.89 31.37 22.11
N SER A 198 -8.09 30.38 22.95
CA SER A 198 -7.76 30.55 24.35
C SER A 198 -6.99 29.35 24.86
N LYS A 199 -5.98 29.59 25.73
CA LYS A 199 -5.19 28.49 26.32
C LYS A 199 -6.05 27.51 27.15
N LYS A 200 -7.36 27.74 27.17
CA LYS A 200 -8.29 26.85 27.87
C LYS A 200 -9.24 26.21 26.87
N ASP A 201 -9.19 26.72 25.65
CA ASP A 201 -10.06 26.23 24.59
C ASP A 201 -9.23 25.58 23.51
N ALA A 202 -7.95 25.79 23.61
CA ALA A 202 -7.01 25.27 22.65
C ALA A 202 -6.82 23.78 22.78
N GLY A 203 -5.96 23.24 21.97
CA GLY A 203 -5.73 21.84 21.97
C GLY A 203 -5.94 21.28 20.61
N PHE A 204 -6.29 20.03 20.54
CA PHE A 204 -6.43 19.38 19.27
C PHE A 204 -7.74 19.69 18.58
N TYR A 205 -7.63 20.42 17.48
CA TYR A 205 -8.74 20.71 16.60
C TYR A 205 -8.96 19.43 15.80
N GLU A 206 -10.13 18.78 15.99
CA GLU A 206 -10.33 17.47 15.40
C GLU A 206 -11.05 17.51 14.07
N VAL A 207 -10.43 16.90 13.08
CA VAL A 207 -11.08 16.66 11.82
C VAL A 207 -11.76 15.30 11.90
N ILE A 208 -12.97 15.18 11.35
CA ILE A 208 -13.73 13.94 11.50
C ILE A 208 -14.20 13.45 10.13
N LEU A 209 -14.13 12.15 9.92
CA LEU A 209 -14.57 11.55 8.65
C LEU A 209 -15.54 10.45 8.90
N LYS A 210 -16.71 10.53 8.31
CA LYS A 210 -17.65 9.44 8.41
C LYS A 210 -18.41 9.26 7.12
N ASP A 211 -18.57 8.02 6.72
CA ASP A 211 -19.30 7.71 5.49
C ASP A 211 -20.48 6.79 5.78
N ASP A 212 -20.57 5.66 5.11
CA ASP A 212 -21.64 4.70 5.34
C ASP A 212 -21.05 3.55 6.15
N ARG A 213 -20.10 3.93 6.97
CA ARG A 213 -19.28 2.99 7.72
C ARG A 213 -19.04 3.57 9.11
N GLY A 214 -17.84 3.34 9.61
CA GLY A 214 -17.46 3.90 10.87
C GLY A 214 -17.01 5.33 10.72
N LYS A 215 -15.93 5.68 11.39
CA LYS A 215 -15.43 7.03 11.32
C LYS A 215 -13.93 7.02 11.15
N ASP A 216 -13.36 8.16 11.48
CA ASP A 216 -11.94 8.39 11.39
C ASP A 216 -11.64 9.83 11.71
N LYS A 217 -11.02 10.07 12.82
CA LYS A 217 -10.63 11.41 13.17
C LYS A 217 -9.18 11.42 13.54
N SER A 218 -8.44 12.38 13.04
CA SER A 218 -7.05 12.48 13.34
C SER A 218 -6.74 13.97 13.36
N ARG A 219 -6.03 14.41 14.36
CA ARG A 219 -5.80 15.81 14.54
C ARG A 219 -4.58 16.13 15.33
N LEU A 220 -4.16 17.37 15.25
CA LEU A 220 -3.02 17.83 16.00
C LEU A 220 -3.44 18.76 17.10
N LYS A 221 -2.52 19.18 17.92
CA LYS A 221 -2.82 20.06 19.03
C LYS A 221 -2.46 21.48 18.63
N LEU A 222 -3.44 22.34 18.58
CA LEU A 222 -3.23 23.68 18.13
C LEU A 222 -3.18 24.67 19.28
N VAL A 223 -2.14 25.48 19.24
CA VAL A 223 -1.92 26.53 20.19
C VAL A 223 -1.50 27.77 19.43
N ASP A 224 -2.21 28.83 19.63
CA ASP A 224 -1.91 30.08 18.96
C ASP A 224 -2.05 31.21 19.93
N GLU A 225 -2.96 31.01 20.83
CA GLU A 225 -3.33 31.94 21.87
C GLU A 225 -2.22 32.23 22.81
N ALA A 226 -1.26 31.41 22.76
CA ALA A 226 -0.12 31.52 23.60
C ALA A 226 0.87 32.42 22.96
N PHE A 227 0.66 32.64 21.71
CA PHE A 227 1.54 33.43 20.91
C PHE A 227 0.91 34.75 20.63
N GLN A 228 -0.38 34.71 20.52
CA GLN A 228 -1.19 35.86 20.36
C GLN A 228 -0.96 36.81 21.46
N ASP A 229 -0.70 36.26 22.59
CA ASP A 229 -0.48 37.02 23.77
C ASP A 229 0.85 37.76 23.66
N LEU A 230 1.67 37.27 22.78
CA LEU A 230 3.00 37.81 22.54
C LEU A 230 2.94 38.87 21.47
N MET A 231 1.77 39.04 20.91
CA MET A 231 1.56 40.01 19.85
C MET A 231 1.49 41.43 20.41
N GLY A 1 49.26 0.27 -4.83
CA GLY A 1 48.36 0.83 -5.85
C GLY A 1 46.92 0.85 -5.37
N SER A 2 46.23 1.96 -5.63
CA SER A 2 44.85 2.09 -5.22
C SER A 2 43.94 1.16 -6.00
N HIS A 3 43.03 0.52 -5.31
CA HIS A 3 42.10 -0.41 -5.93
C HIS A 3 40.69 0.16 -5.97
N MET A 4 40.41 1.16 -5.10
CA MET A 4 39.09 1.84 -5.02
C MET A 4 37.95 0.83 -4.85
N GLU A 5 38.29 -0.35 -4.36
CA GLU A 5 37.38 -1.46 -4.24
C GLU A 5 36.24 -1.15 -3.26
N GLU A 6 36.58 -0.67 -2.08
CA GLU A 6 35.60 -0.38 -1.08
C GLU A 6 34.68 0.77 -1.46
N GLU A 7 35.24 1.87 -1.89
CA GLU A 7 34.48 2.97 -2.42
C GLU A 7 33.42 2.52 -3.40
N MET A 8 33.77 1.58 -4.26
CA MET A 8 32.84 1.12 -5.29
C MET A 8 31.89 0.15 -4.69
N LYS A 9 32.38 -0.54 -3.70
CA LYS A 9 31.56 -1.44 -2.94
C LYS A 9 30.34 -0.69 -2.40
N ARG A 10 30.49 0.60 -2.13
CA ARG A 10 29.40 1.45 -1.71
C ARG A 10 28.53 1.85 -2.89
N LEU A 11 29.16 2.39 -3.93
CA LEU A 11 28.45 2.83 -5.13
C LEU A 11 27.63 1.71 -5.76
N LEU A 12 28.20 0.51 -5.85
CA LEU A 12 27.50 -0.63 -6.39
C LEU A 12 26.37 -1.04 -5.47
N ALA A 13 26.65 -1.03 -4.17
CA ALA A 13 25.66 -1.33 -3.18
C ALA A 13 24.49 -0.34 -3.28
N LEU A 14 24.81 0.89 -3.70
CA LEU A 14 23.87 1.95 -3.83
C LEU A 14 23.07 1.82 -5.11
N SER A 15 23.72 1.31 -6.13
CA SER A 15 23.10 1.15 -7.44
C SER A 15 21.93 0.19 -7.35
N GLN A 16 22.14 -0.89 -6.60
CA GLN A 16 21.09 -1.87 -6.29
C GLN A 16 20.56 -2.59 -7.54
N GLU A 17 21.23 -3.66 -7.93
CA GLU A 17 20.75 -4.49 -9.02
C GLU A 17 19.72 -5.46 -8.46
N HIS A 18 18.44 -5.23 -8.80
CA HIS A 18 17.36 -6.07 -8.27
C HIS A 18 17.39 -7.45 -8.94
N LYS A 19 17.91 -7.49 -10.19
CA LYS A 19 18.04 -8.70 -11.02
C LYS A 19 16.76 -9.55 -11.03
N PHE A 20 16.92 -10.79 -11.47
CA PHE A 20 15.86 -11.70 -11.55
C PHE A 20 16.37 -13.10 -11.74
N PRO A 21 15.67 -14.05 -11.19
CA PRO A 21 16.03 -15.44 -11.22
C PRO A 21 15.43 -16.19 -12.35
N THR A 22 16.11 -16.22 -13.42
CA THR A 22 15.68 -16.89 -14.57
C THR A 22 16.38 -18.24 -14.70
N VAL A 23 16.24 -18.80 -15.85
CA VAL A 23 16.68 -20.12 -16.22
C VAL A 23 16.72 -20.10 -17.76
N PRO A 24 17.04 -21.24 -18.48
CA PRO A 24 16.98 -21.27 -19.96
C PRO A 24 15.72 -20.60 -20.53
N THR A 25 14.63 -20.61 -19.74
CA THR A 25 13.39 -19.93 -20.10
C THR A 25 13.56 -18.40 -19.88
N LYS A 26 12.65 -17.82 -19.12
CA LYS A 26 12.65 -16.41 -18.84
C LYS A 26 11.97 -16.15 -17.48
N SER A 27 12.14 -17.08 -16.55
CA SER A 27 11.51 -16.99 -15.28
C SER A 27 11.89 -15.73 -14.51
N GLU A 28 10.87 -15.01 -14.12
CA GLU A 28 11.02 -13.87 -13.24
C GLU A 28 10.58 -14.37 -11.86
N LEU A 29 10.60 -15.71 -11.74
CA LEU A 29 10.05 -16.45 -10.60
C LEU A 29 10.74 -16.18 -9.34
N ALA A 30 10.16 -15.33 -8.57
CA ALA A 30 10.61 -15.10 -7.24
C ALA A 30 9.36 -14.79 -6.44
N VAL A 31 9.32 -15.09 -5.13
CA VAL A 31 8.17 -14.70 -4.31
C VAL A 31 8.04 -13.20 -4.17
N GLU A 32 6.87 -12.70 -4.49
CA GLU A 32 6.53 -11.33 -4.31
C GLU A 32 5.32 -11.28 -3.45
N ILE A 33 5.44 -10.88 -2.22
CA ILE A 33 4.26 -10.73 -1.47
C ILE A 33 3.51 -9.52 -2.00
N LEU A 34 2.35 -9.79 -2.50
CA LEU A 34 1.46 -8.80 -3.06
C LEU A 34 1.26 -7.60 -2.16
N GLU A 35 0.84 -6.50 -2.77
CA GLU A 35 0.48 -5.27 -2.11
C GLU A 35 -0.56 -5.52 -1.02
N LYS A 36 -1.32 -6.57 -1.18
CA LYS A 36 -2.33 -6.93 -0.21
C LYS A 36 -1.70 -7.75 0.91
N GLY A 37 -0.42 -8.02 0.72
CA GLY A 37 0.35 -8.78 1.68
C GLY A 37 0.07 -10.29 1.58
N GLN A 38 -0.10 -10.79 0.34
CA GLN A 38 -0.34 -12.22 0.08
C GLN A 38 0.80 -12.80 -0.77
N VAL A 39 0.82 -14.10 -0.95
CA VAL A 39 1.93 -14.77 -1.65
C VAL A 39 1.76 -14.70 -3.21
N ARG A 40 2.89 -14.57 -3.95
CA ARG A 40 2.85 -14.57 -5.43
C ARG A 40 4.06 -15.35 -6.03
N PHE A 41 3.77 -16.40 -6.82
CA PHE A 41 4.81 -17.11 -7.61
C PHE A 41 4.65 -16.68 -9.05
N TRP A 42 5.66 -16.08 -9.63
CA TRP A 42 5.53 -15.62 -11.02
C TRP A 42 6.81 -15.75 -11.77
N MET A 43 6.78 -16.63 -12.77
CA MET A 43 7.89 -16.86 -13.71
C MET A 43 7.35 -16.41 -15.04
N GLN A 44 8.08 -16.47 -16.14
CA GLN A 44 7.50 -15.95 -17.30
C GLN A 44 6.99 -17.09 -18.14
N ALA A 45 7.87 -17.62 -18.95
CA ALA A 45 7.65 -18.76 -19.82
C ALA A 45 7.08 -18.27 -21.10
N GLU A 46 7.97 -18.11 -22.02
CA GLU A 46 7.70 -17.54 -23.31
C GLU A 46 7.33 -18.59 -24.32
N LYS A 47 7.20 -19.78 -23.86
CA LYS A 47 6.93 -20.85 -24.76
C LYS A 47 6.19 -21.98 -24.13
N LEU A 48 5.02 -22.17 -24.63
CA LEU A 48 4.17 -23.24 -24.29
C LEU A 48 3.80 -23.99 -25.55
N SER A 49 4.62 -24.94 -25.87
CA SER A 49 4.45 -25.78 -27.03
C SER A 49 3.80 -27.11 -26.65
N SER A 50 3.98 -28.13 -27.50
CA SER A 50 3.44 -29.46 -27.27
C SER A 50 3.86 -29.99 -25.88
N ASN A 51 5.10 -30.51 -25.78
CA ASN A 51 5.65 -30.97 -24.51
C ASN A 51 5.48 -29.90 -23.43
N ALA A 52 6.19 -28.76 -23.65
CA ALA A 52 6.17 -27.56 -22.76
C ALA A 52 5.38 -27.76 -21.49
N LYS A 53 6.15 -28.06 -20.50
CA LYS A 53 5.63 -28.43 -19.21
C LYS A 53 6.23 -27.62 -18.09
N VAL A 54 5.40 -27.36 -17.11
CA VAL A 54 5.78 -26.65 -15.93
C VAL A 54 5.49 -27.59 -14.78
N SER A 55 6.28 -27.56 -13.79
CA SER A 55 6.09 -28.47 -12.70
C SER A 55 6.05 -27.74 -11.39
N TYR A 56 4.91 -27.77 -10.74
CA TYR A 56 4.73 -27.17 -9.46
C TYR A 56 5.22 -28.15 -8.42
N ILE A 57 6.20 -27.74 -7.67
CA ILE A 57 6.80 -28.59 -6.66
C ILE A 57 6.72 -27.88 -5.34
N PHE A 58 6.36 -28.60 -4.28
CA PHE A 58 6.28 -28.01 -2.97
C PHE A 58 6.83 -29.02 -1.99
N ASN A 59 7.66 -28.57 -1.09
CA ASN A 59 8.26 -29.41 -0.04
C ASN A 59 8.98 -30.66 -0.61
N GLU A 60 9.47 -30.55 -1.89
CA GLU A 60 10.37 -31.57 -2.52
C GLU A 60 9.58 -32.52 -3.44
N LYS A 61 8.28 -32.32 -3.53
CA LYS A 61 7.45 -33.15 -4.35
C LYS A 61 6.58 -32.31 -5.26
N GLU A 62 6.02 -32.93 -6.26
CA GLU A 62 5.22 -32.24 -7.24
C GLU A 62 3.79 -32.12 -6.75
N ILE A 63 3.26 -30.91 -6.74
CA ILE A 63 1.89 -30.70 -6.30
C ILE A 63 1.04 -30.24 -7.47
N PHE A 64 -0.19 -29.87 -7.20
CA PHE A 64 -1.10 -29.49 -8.26
C PHE A 64 -1.93 -28.29 -7.82
N GLU A 65 -2.39 -27.50 -8.78
CA GLU A 65 -3.28 -26.39 -8.48
C GLU A 65 -4.53 -26.91 -7.81
N GLY A 66 -5.11 -26.14 -6.92
CA GLY A 66 -6.22 -26.60 -6.17
C GLY A 66 -6.63 -25.54 -5.17
N PRO A 67 -6.97 -25.92 -3.94
CA PRO A 67 -7.38 -24.97 -2.91
C PRO A 67 -6.18 -24.26 -2.23
N LYS A 68 -5.18 -25.04 -1.85
CA LYS A 68 -4.03 -24.49 -1.10
C LYS A 68 -3.06 -23.69 -1.98
N TYR A 69 -2.93 -24.07 -3.25
CA TYR A 69 -2.04 -23.38 -4.18
C TYR A 69 -2.78 -23.20 -5.46
N LYS A 70 -3.04 -21.99 -5.84
CA LYS A 70 -3.83 -21.73 -7.01
C LYS A 70 -2.95 -21.19 -8.11
N MET A 71 -3.09 -21.78 -9.27
CA MET A 71 -2.27 -21.42 -10.41
C MET A 71 -3.13 -21.03 -11.59
N HIS A 72 -2.68 -20.04 -12.34
CA HIS A 72 -3.39 -19.60 -13.49
C HIS A 72 -2.40 -19.19 -14.59
N ILE A 73 -2.45 -19.89 -15.70
CA ILE A 73 -1.59 -19.61 -16.83
C ILE A 73 -2.48 -19.27 -17.99
N ASP A 74 -2.24 -18.18 -18.67
CA ASP A 74 -3.18 -17.72 -19.71
C ASP A 74 -2.59 -17.96 -21.05
N ARG A 75 -1.93 -19.10 -21.17
CA ARG A 75 -1.05 -19.52 -22.29
C ARG A 75 -0.66 -18.43 -23.38
N ASN A 76 -0.68 -17.13 -23.04
CA ASN A 76 -0.10 -16.11 -23.87
C ASN A 76 1.33 -16.10 -23.58
N THR A 77 1.99 -16.95 -24.28
CA THR A 77 3.42 -17.23 -24.23
C THR A 77 3.65 -18.20 -23.13
N GLY A 78 2.81 -18.09 -22.12
CA GLY A 78 2.85 -18.96 -21.02
C GLY A 78 3.20 -18.29 -19.75
N ILE A 79 2.59 -17.14 -19.51
CA ILE A 79 2.79 -16.44 -18.28
C ILE A 79 2.15 -17.20 -17.12
N ILE A 80 2.94 -17.47 -16.13
CA ILE A 80 2.51 -18.22 -14.97
C ILE A 80 2.16 -17.31 -13.81
N GLU A 81 0.88 -17.16 -13.60
CA GLU A 81 0.37 -16.48 -12.44
C GLU A 81 0.00 -17.52 -11.41
N MET A 82 0.45 -17.34 -10.21
CA MET A 82 0.21 -18.30 -9.17
C MET A 82 0.24 -17.60 -7.82
N PHE A 83 -0.65 -18.02 -6.97
CA PHE A 83 -0.83 -17.35 -5.69
C PHE A 83 -0.90 -18.30 -4.53
N MET A 84 -0.68 -17.73 -3.36
CA MET A 84 -0.87 -18.40 -2.11
C MET A 84 -1.40 -17.33 -1.19
N GLU A 85 -2.35 -17.64 -0.41
CA GLU A 85 -3.06 -16.64 0.34
C GLU A 85 -2.63 -16.59 1.79
N LYS A 86 -1.70 -17.45 2.18
CA LYS A 86 -1.30 -17.53 3.58
C LYS A 86 -0.24 -18.61 3.72
N LEU A 87 -0.25 -19.29 4.83
CA LEU A 87 0.65 -20.39 5.05
C LEU A 87 -0.17 -21.65 5.29
N GLN A 88 -0.84 -21.67 6.45
CA GLN A 88 -1.72 -22.76 6.94
C GLN A 88 -1.41 -24.19 6.42
N ASP A 89 -0.17 -24.47 6.06
CA ASP A 89 0.22 -25.80 5.62
C ASP A 89 0.52 -26.61 6.89
N GLU A 90 1.52 -27.48 6.86
CA GLU A 90 1.93 -28.20 8.03
C GLU A 90 3.15 -27.48 8.58
N ASP A 91 3.13 -26.15 8.42
CA ASP A 91 4.23 -25.25 8.83
C ASP A 91 5.40 -25.26 7.82
N GLU A 92 5.29 -26.08 6.76
CA GLU A 92 6.33 -26.14 5.73
C GLU A 92 6.10 -25.07 4.66
N GLY A 93 7.02 -24.97 3.70
CA GLY A 93 6.86 -23.99 2.64
C GLY A 93 8.04 -23.88 1.67
N THR A 94 8.10 -24.73 0.67
CA THR A 94 9.21 -24.69 -0.30
C THR A 94 8.72 -25.04 -1.69
N TYR A 95 8.77 -24.12 -2.65
CA TYR A 95 8.25 -24.45 -3.97
C TYR A 95 9.29 -24.32 -5.04
N THR A 96 9.48 -25.37 -5.83
CA THR A 96 10.43 -25.34 -6.92
C THR A 96 9.72 -25.48 -8.25
N PHE A 97 9.77 -24.45 -9.08
CA PHE A 97 9.23 -24.57 -10.42
C PHE A 97 10.31 -24.98 -11.37
N GLN A 98 10.16 -26.13 -11.91
CA GLN A 98 11.04 -26.56 -12.95
C GLN A 98 10.24 -26.54 -14.27
N ILE A 99 10.62 -25.69 -15.22
CA ILE A 99 9.86 -25.54 -16.45
C ILE A 99 10.71 -25.92 -17.60
N GLN A 100 10.11 -26.46 -18.60
CA GLN A 100 10.79 -26.75 -19.79
C GLN A 100 9.87 -26.63 -20.96
N ASP A 101 10.34 -25.98 -21.99
CA ASP A 101 9.55 -25.79 -23.16
C ASP A 101 10.30 -26.44 -24.28
N GLY A 102 9.67 -27.36 -24.95
CA GLY A 102 10.32 -28.07 -26.01
C GLY A 102 11.43 -28.96 -25.49
N LYS A 103 12.67 -28.49 -25.60
CA LYS A 103 13.83 -29.27 -25.18
C LYS A 103 14.66 -28.55 -24.09
N ALA A 104 14.30 -27.32 -23.75
CA ALA A 104 15.04 -26.55 -22.75
C ALA A 104 14.46 -26.82 -21.41
N THR A 105 15.25 -26.67 -20.33
CA THR A 105 14.74 -26.98 -18.98
C THR A 105 15.39 -26.06 -17.95
N GLY A 106 14.64 -25.69 -16.90
CA GLY A 106 15.17 -24.79 -15.90
C GLY A 106 14.57 -25.05 -14.53
N HIS A 107 15.33 -24.73 -13.48
CA HIS A 107 14.87 -24.93 -12.10
C HIS A 107 14.79 -23.60 -11.36
N SER A 108 13.91 -23.53 -10.40
CA SER A 108 13.67 -22.30 -9.67
C SER A 108 12.99 -22.60 -8.35
N THR A 109 13.62 -22.27 -7.25
CA THR A 109 13.03 -22.59 -5.99
C THR A 109 12.74 -21.36 -5.13
N LEU A 110 11.66 -21.46 -4.40
CA LEU A 110 11.19 -20.44 -3.50
C LEU A 110 10.94 -21.08 -2.17
N VAL A 111 11.11 -20.34 -1.13
CA VAL A 111 10.89 -20.90 0.18
C VAL A 111 10.08 -19.95 1.07
N LEU A 112 8.96 -20.46 1.54
CA LEU A 112 8.04 -19.74 2.37
C LEU A 112 7.68 -20.58 3.58
N ILE A 113 8.65 -20.82 4.41
CA ILE A 113 8.42 -21.60 5.58
C ILE A 113 8.35 -20.68 6.74
N GLY A 114 7.67 -21.12 7.79
CA GLY A 114 7.46 -20.30 9.00
C GLY A 114 8.53 -19.28 9.31
N ASP A 115 9.68 -19.73 9.80
CA ASP A 115 10.78 -18.81 10.14
C ASP A 115 11.18 -17.90 8.97
N VAL A 116 11.10 -18.43 7.78
CA VAL A 116 11.48 -17.70 6.60
C VAL A 116 10.42 -16.68 6.19
N TYR A 117 9.19 -17.10 6.05
CA TYR A 117 8.10 -16.23 5.69
C TYR A 117 8.02 -15.03 6.59
N LYS A 118 8.31 -15.23 7.86
CA LYS A 118 8.28 -14.13 8.80
C LYS A 118 9.25 -13.07 8.37
N LYS A 119 10.28 -13.53 7.70
CA LYS A 119 11.29 -12.68 7.19
C LYS A 119 10.71 -11.87 6.04
N LEU A 120 10.16 -12.55 5.03
CA LEU A 120 9.55 -11.88 3.87
C LEU A 120 8.37 -11.01 4.29
N GLN A 121 7.67 -11.40 5.36
CA GLN A 121 6.50 -10.68 5.78
C GLN A 121 6.84 -9.25 6.20
N LYS A 122 7.91 -9.06 7.01
CA LYS A 122 8.40 -7.71 7.29
C LYS A 122 8.47 -6.90 6.02
N GLU A 123 9.21 -7.45 5.06
CA GLU A 123 9.34 -6.83 3.75
C GLU A 123 7.94 -6.59 3.11
N ALA A 124 7.08 -7.59 3.25
CA ALA A 124 5.69 -7.50 2.81
C ALA A 124 4.98 -6.27 3.40
N GLU A 125 4.90 -6.19 4.75
CA GLU A 125 4.29 -5.04 5.45
C GLU A 125 4.49 -3.73 4.70
N PHE A 126 5.75 -3.38 4.49
CA PHE A 126 6.15 -2.23 3.68
C PHE A 126 5.34 -2.12 2.40
N GLN A 127 5.49 -3.12 1.61
CA GLN A 127 4.92 -3.16 0.28
C GLN A 127 3.41 -3.33 0.30
N ARG A 128 2.91 -3.87 1.38
CA ARG A 128 1.51 -4.09 1.56
C ARG A 128 0.78 -2.79 1.88
N GLN A 129 1.00 -2.29 3.06
CA GLN A 129 0.35 -1.14 3.52
C GLN A 129 1.19 0.11 3.33
N GLU A 130 2.05 0.10 2.31
CA GLU A 130 2.99 1.22 2.02
C GLU A 130 2.48 2.58 2.48
N TRP A 131 1.35 3.03 1.97
CA TRP A 131 0.76 4.21 2.52
C TRP A 131 -0.40 3.76 3.40
N ILE A 132 -1.57 3.64 2.81
CA ILE A 132 -2.63 3.01 3.45
C ILE A 132 -3.24 2.00 2.48
N ARG A 133 -3.60 2.46 1.30
CA ARG A 133 -4.14 1.61 0.27
C ARG A 133 -3.73 2.14 -1.10
N LYS A 134 -4.42 3.18 -1.55
CA LYS A 134 -4.23 3.78 -2.91
C LYS A 134 -5.05 5.08 -3.08
N GLN A 135 -4.69 6.11 -2.32
CA GLN A 135 -5.39 7.41 -2.40
C GLN A 135 -4.41 8.57 -2.52
N GLY A 136 -3.27 8.43 -1.90
CA GLY A 136 -2.31 9.48 -1.91
C GLY A 136 -2.06 10.00 -0.52
N PRO A 137 -0.82 10.41 -0.22
CA PRO A 137 -0.44 10.90 1.11
C PRO A 137 -1.39 11.96 1.64
N HIS A 138 -1.76 11.83 2.92
CA HIS A 138 -2.69 12.77 3.57
C HIS A 138 -2.01 14.09 3.84
N PHE A 139 -1.69 14.76 2.78
CA PHE A 139 -1.09 16.06 2.83
C PHE A 139 -1.67 16.88 1.69
N ALA A 140 -2.99 16.94 1.66
CA ALA A 140 -3.73 17.69 0.65
C ALA A 140 -4.95 18.35 1.29
N GLU A 141 -4.99 18.27 2.62
CA GLU A 141 -6.01 18.88 3.44
C GLU A 141 -5.33 19.58 4.59
N TYR A 142 -5.23 20.87 4.59
CA TYR A 142 -4.40 21.52 5.61
C TYR A 142 -5.13 22.63 6.25
N LEU A 143 -4.98 22.81 7.55
CA LEU A 143 -5.55 23.96 8.22
C LEU A 143 -4.61 25.10 7.99
N SER A 144 -4.83 26.21 8.70
CA SER A 144 -4.01 27.41 8.61
C SER A 144 -4.80 28.55 9.18
N TRP A 145 -4.34 29.12 10.26
CA TRP A 145 -5.04 30.31 10.77
C TRP A 145 -4.34 31.61 10.45
N GLU A 146 -5.16 32.62 10.32
CA GLU A 146 -4.71 33.94 9.94
C GLU A 146 -5.25 34.98 10.90
N VAL A 147 -4.38 35.51 11.73
CA VAL A 147 -4.79 36.56 12.65
C VAL A 147 -4.96 37.89 11.92
N THR A 148 -6.20 38.30 11.83
CA THR A 148 -6.58 39.50 11.12
C THR A 148 -6.58 40.73 12.06
N GLY A 149 -6.77 41.92 11.48
CA GLY A 149 -6.69 43.18 12.23
C GLY A 149 -7.86 43.44 13.18
N GLU A 150 -8.45 42.38 13.69
CA GLU A 150 -9.50 42.49 14.69
C GLU A 150 -9.22 41.52 15.84
N SER A 151 -8.04 40.96 15.78
CA SER A 151 -7.53 39.98 16.76
C SER A 151 -8.20 38.63 16.57
N ASN A 152 -8.64 38.38 15.37
CA ASN A 152 -9.34 37.15 15.07
C ASN A 152 -8.49 36.21 14.21
N VAL A 153 -8.57 34.95 14.54
CA VAL A 153 -7.92 33.97 13.70
C VAL A 153 -8.83 33.36 12.67
N LEU A 154 -8.46 33.58 11.42
CA LEU A 154 -9.25 33.20 10.28
C LEU A 154 -8.92 31.76 9.89
N LEU A 155 -9.62 30.85 10.53
CA LEU A 155 -9.47 29.44 10.25
C LEU A 155 -9.85 29.11 8.84
N LYS A 156 -8.91 28.60 8.12
CA LYS A 156 -9.10 28.23 6.78
C LYS A 156 -8.26 27.01 6.52
N CYS A 157 -8.88 25.95 6.10
CA CYS A 157 -8.12 24.80 5.67
C CYS A 157 -8.25 24.67 4.18
N LYS A 158 -7.77 23.56 3.59
CA LYS A 158 -7.83 23.42 2.16
C LYS A 158 -7.92 21.95 1.83
N VAL A 159 -8.67 21.65 0.82
CA VAL A 159 -8.90 20.26 0.43
C VAL A 159 -8.42 19.97 -0.99
N ALA A 160 -8.33 18.70 -1.30
CA ALA A 160 -8.00 18.25 -2.63
C ALA A 160 -8.90 17.07 -3.08
N ASN A 161 -8.36 16.33 -4.03
CA ASN A 161 -8.99 15.14 -4.67
C ASN A 161 -9.95 14.38 -3.75
N ILE A 162 -11.25 14.66 -3.88
CA ILE A 162 -12.27 14.00 -3.10
C ILE A 162 -13.67 14.33 -3.64
N LYS A 163 -14.53 13.31 -3.79
CA LYS A 163 -15.88 13.50 -4.36
C LYS A 163 -16.96 12.77 -3.54
N LYS A 164 -17.34 13.35 -2.42
CA LYS A 164 -18.42 12.78 -1.60
C LYS A 164 -19.57 13.80 -1.43
N GLU A 165 -19.42 14.64 -0.44
CA GLU A 165 -20.38 15.69 -0.13
C GLU A 165 -19.67 17.02 -0.01
N THR A 166 -19.27 17.36 1.19
CA THR A 166 -18.46 18.52 1.40
C THR A 166 -17.05 18.01 1.66
N HIS A 167 -16.16 18.87 2.08
CA HIS A 167 -14.83 18.44 2.42
C HIS A 167 -14.72 18.20 3.92
N ILE A 168 -14.27 19.21 4.63
CA ILE A 168 -14.04 19.11 6.04
C ILE A 168 -15.22 19.63 6.87
N VAL A 169 -14.97 19.72 8.15
CA VAL A 169 -15.88 20.24 9.13
C VAL A 169 -15.07 20.59 10.37
N TRP A 170 -15.19 21.83 10.79
CA TRP A 170 -14.45 22.34 11.94
C TRP A 170 -14.99 21.75 13.21
N TYR A 171 -14.11 21.41 14.13
CA TYR A 171 -14.52 20.83 15.36
C TYR A 171 -13.62 21.36 16.48
N LYS A 172 -13.67 20.69 17.60
CA LYS A 172 -12.90 21.06 18.77
C LYS A 172 -13.19 20.09 19.88
N ASP A 173 -12.72 18.85 19.67
CA ASP A 173 -12.97 17.76 20.60
C ASP A 173 -14.47 17.57 20.80
N GLU A 174 -15.15 17.03 19.78
CA GLU A 174 -16.59 16.78 19.83
C GLU A 174 -17.43 18.05 19.74
N ARG A 175 -16.82 19.21 19.92
CA ARG A 175 -17.57 20.45 19.84
C ARG A 175 -17.65 20.88 18.41
N GLU A 176 -18.83 20.87 17.92
CA GLU A 176 -19.12 21.18 16.56
C GLU A 176 -19.32 22.67 16.38
N ILE A 177 -18.33 23.33 15.78
CA ILE A 177 -18.45 24.74 15.49
C ILE A 177 -19.71 24.99 14.65
N SER A 178 -20.62 25.78 15.19
CA SER A 178 -21.94 25.99 14.59
C SER A 178 -21.92 26.92 13.37
N VAL A 179 -21.88 26.31 12.19
CA VAL A 179 -21.95 27.05 10.93
C VAL A 179 -22.82 26.26 9.95
N ASP A 180 -23.45 26.97 9.01
CA ASP A 180 -24.24 26.33 7.94
C ASP A 180 -23.36 25.30 7.23
N GLU A 181 -23.86 24.06 7.14
CA GLU A 181 -23.07 22.99 6.54
C GLU A 181 -23.18 22.94 5.02
N LYS A 182 -24.12 22.15 4.50
CA LYS A 182 -24.25 21.93 3.08
C LYS A 182 -25.37 22.75 2.45
N HIS A 183 -25.84 23.76 3.15
CA HIS A 183 -26.87 24.62 2.60
C HIS A 183 -26.22 25.75 1.82
N ASP A 184 -25.21 26.36 2.43
CA ASP A 184 -24.42 27.39 1.76
C ASP A 184 -23.20 26.73 1.12
N PHE A 185 -23.09 25.42 1.35
CA PHE A 185 -22.05 24.56 0.76
C PHE A 185 -20.68 24.72 1.39
N LYS A 186 -20.07 25.90 1.27
CA LYS A 186 -18.70 26.13 1.76
C LYS A 186 -17.70 25.19 1.06
N ASP A 187 -18.10 24.73 -0.12
CA ASP A 187 -17.32 23.76 -0.90
C ASP A 187 -15.94 24.31 -1.29
N GLY A 188 -14.99 23.39 -1.44
CA GLY A 188 -13.63 23.78 -1.77
C GLY A 188 -12.83 24.09 -0.52
N ILE A 189 -12.52 25.34 -0.30
CA ILE A 189 -11.81 25.77 0.88
C ILE A 189 -12.80 26.49 1.79
N CYS A 190 -12.60 26.39 3.10
CA CYS A 190 -13.53 27.02 4.01
C CYS A 190 -12.83 27.93 5.00
N THR A 191 -13.42 29.08 5.23
CA THR A 191 -12.88 30.08 6.11
C THR A 191 -13.86 30.45 7.22
N LEU A 192 -13.36 30.53 8.43
CA LEU A 192 -14.16 30.92 9.58
C LEU A 192 -13.47 32.03 10.36
N LEU A 193 -14.15 32.53 11.37
CA LEU A 193 -13.55 33.60 12.13
C LEU A 193 -13.58 33.43 13.66
N ILE A 194 -12.43 33.03 14.14
CA ILE A 194 -12.14 32.99 15.56
C ILE A 194 -12.04 34.43 16.05
N THR A 195 -13.17 35.00 16.35
CA THR A 195 -13.22 36.35 16.81
C THR A 195 -12.87 36.42 18.25
N GLU A 196 -11.59 36.33 18.45
CA GLU A 196 -10.96 36.21 19.73
C GLU A 196 -11.11 34.75 20.18
N PHE A 197 -10.12 34.26 20.83
CA PHE A 197 -10.10 32.90 21.28
C PHE A 197 -9.70 32.96 22.76
N SER A 198 -9.81 31.88 23.51
CA SER A 198 -9.52 31.97 24.94
C SER A 198 -8.60 30.86 25.37
N LYS A 199 -7.60 31.16 26.23
CA LYS A 199 -6.67 30.14 26.77
C LYS A 199 -7.40 28.95 27.42
N LYS A 200 -8.70 29.10 27.64
CA LYS A 200 -9.48 28.04 28.24
C LYS A 200 -10.28 27.32 27.18
N ASP A 201 -10.26 27.86 25.98
CA ASP A 201 -11.01 27.30 24.86
C ASP A 201 -10.04 26.84 23.79
N ALA A 202 -8.83 27.29 23.91
CA ALA A 202 -7.78 27.00 22.96
C ALA A 202 -7.40 25.53 22.98
N GLY A 203 -6.75 25.11 21.93
CA GLY A 203 -6.41 23.73 21.79
C GLY A 203 -6.48 23.33 20.35
N PHE A 204 -6.73 22.08 20.08
CA PHE A 204 -6.78 21.63 18.71
C PHE A 204 -8.11 21.88 18.02
N TYR A 205 -8.02 22.60 16.95
CA TYR A 205 -9.15 22.85 16.08
C TYR A 205 -9.16 21.68 15.10
N GLU A 206 -10.19 20.83 15.20
CA GLU A 206 -10.20 19.60 14.43
C GLU A 206 -10.80 19.73 13.04
N VAL A 207 -10.11 19.12 12.09
CA VAL A 207 -10.62 18.93 10.76
C VAL A 207 -11.03 17.47 10.61
N ILE A 208 -12.21 17.21 10.03
CA ILE A 208 -12.75 15.85 9.95
C ILE A 208 -13.07 15.51 8.50
N LEU A 209 -12.77 14.28 8.08
CA LEU A 209 -13.04 13.84 6.71
C LEU A 209 -13.71 12.49 6.73
N LYS A 210 -14.91 12.40 6.23
CA LYS A 210 -15.53 11.10 6.06
C LYS A 210 -16.03 10.97 4.65
N ASP A 211 -15.68 9.90 3.97
CA ASP A 211 -15.98 9.80 2.55
C ASP A 211 -16.56 8.42 2.15
N ASP A 212 -15.75 7.60 1.49
CA ASP A 212 -16.13 6.27 1.02
C ASP A 212 -15.49 5.22 1.92
N ARG A 213 -14.92 5.70 2.98
CA ARG A 213 -14.22 4.89 3.93
C ARG A 213 -14.82 5.15 5.29
N GLY A 214 -13.98 5.38 6.27
CA GLY A 214 -14.49 5.76 7.55
C GLY A 214 -14.36 7.24 7.73
N LYS A 215 -13.38 7.62 8.52
CA LYS A 215 -13.12 9.03 8.78
C LYS A 215 -11.65 9.33 8.58
N ASP A 216 -11.25 10.50 9.06
CA ASP A 216 -9.91 11.01 8.91
C ASP A 216 -9.86 12.40 9.50
N LYS A 217 -9.34 12.52 10.67
CA LYS A 217 -9.26 13.81 11.30
C LYS A 217 -7.86 14.05 11.71
N SER A 218 -7.33 15.24 11.49
CA SER A 218 -5.99 15.54 11.83
C SER A 218 -5.97 17.05 12.09
N ARG A 219 -5.37 17.43 13.17
CA ARG A 219 -5.38 18.84 13.58
C ARG A 219 -4.21 19.22 14.41
N LEU A 220 -4.03 20.53 14.58
CA LEU A 220 -2.95 21.04 15.41
C LEU A 220 -3.53 21.74 16.61
N LYS A 221 -2.69 22.27 17.46
CA LYS A 221 -3.12 22.95 18.67
C LYS A 221 -3.00 24.46 18.44
N LEU A 222 -4.13 25.13 18.43
CA LEU A 222 -4.18 26.52 18.14
C LEU A 222 -4.24 27.38 19.38
N VAL A 223 -3.40 28.41 19.36
CA VAL A 223 -3.30 29.39 20.43
C VAL A 223 -3.11 30.76 19.79
N ASP A 224 -3.90 31.69 20.23
CA ASP A 224 -3.84 33.06 19.73
C ASP A 224 -4.11 34.03 20.83
N GLU A 225 -4.89 33.60 21.77
CA GLU A 225 -5.30 34.40 22.92
C GLU A 225 -4.14 34.79 23.77
N ALA A 226 -3.09 34.13 23.55
CA ALA A 226 -1.89 34.35 24.27
C ALA A 226 -1.10 35.43 23.62
N PHE A 227 -1.45 35.68 22.41
CA PHE A 227 -0.74 36.65 21.62
C PHE A 227 -1.50 37.93 21.57
N GLN A 228 -2.79 37.78 21.50
CA GLN A 228 -3.73 38.85 21.56
C GLN A 228 -3.48 39.70 22.75
N ASP A 229 -3.03 39.04 23.75
CA ASP A 229 -2.77 39.64 25.02
C ASP A 229 -1.74 40.75 24.88
N LEU A 230 -0.89 40.59 23.89
CA LEU A 230 0.19 41.53 23.65
C LEU A 230 -0.01 42.31 22.35
N MET A 231 -0.11 41.57 21.23
CA MET A 231 -0.25 42.13 19.88
C MET A 231 0.75 43.28 19.62
N GLY A 1 45.91 -2.64 -2.91
CA GLY A 1 44.44 -2.79 -2.89
C GLY A 1 43.93 -3.51 -4.12
N SER A 2 42.66 -3.32 -4.43
CA SER A 2 42.07 -3.92 -5.60
C SER A 2 42.22 -2.99 -6.80
N HIS A 3 42.04 -3.52 -7.99
CA HIS A 3 42.15 -2.72 -9.20
C HIS A 3 40.85 -1.98 -9.45
N MET A 4 40.57 -0.96 -8.60
CA MET A 4 39.31 -0.15 -8.67
C MET A 4 38.07 -1.05 -8.70
N GLU A 5 38.24 -2.27 -8.20
CA GLU A 5 37.22 -3.28 -8.20
C GLU A 5 36.03 -2.82 -7.36
N GLU A 6 36.33 -2.37 -6.16
CA GLU A 6 35.33 -1.90 -5.24
C GLU A 6 34.48 -0.79 -5.81
N GLU A 7 35.11 0.24 -6.32
CA GLU A 7 34.43 1.33 -6.95
C GLU A 7 33.38 0.84 -7.96
N MET A 8 33.75 -0.12 -8.78
CA MET A 8 32.84 -0.61 -9.83
C MET A 8 31.82 -1.51 -9.20
N LYS A 9 32.27 -2.17 -8.17
CA LYS A 9 31.43 -3.00 -7.38
C LYS A 9 30.21 -2.20 -6.88
N ARG A 10 30.39 -0.88 -6.73
CA ARG A 10 29.32 0.00 -6.36
C ARG A 10 28.48 0.41 -7.58
N LEU A 11 29.14 0.89 -8.62
CA LEU A 11 28.48 1.33 -9.84
C LEU A 11 27.64 0.21 -10.47
N LEU A 12 28.21 -0.99 -10.57
CA LEU A 12 27.49 -2.12 -11.15
C LEU A 12 26.34 -2.53 -10.26
N ALA A 13 26.56 -2.41 -8.96
CA ALA A 13 25.54 -2.69 -7.99
C ALA A 13 24.38 -1.70 -8.17
N LEU A 14 24.73 -0.50 -8.65
CA LEU A 14 23.80 0.56 -8.87
C LEU A 14 23.06 0.39 -10.19
N SER A 15 23.74 -0.20 -11.14
CA SER A 15 23.18 -0.41 -12.47
C SER A 15 21.98 -1.35 -12.40
N GLN A 16 22.12 -2.41 -11.59
CA GLN A 16 21.04 -3.38 -11.34
C GLN A 16 20.54 -4.04 -12.63
N GLU A 17 21.23 -5.09 -13.04
CA GLU A 17 20.83 -5.87 -14.21
C GLU A 17 19.52 -6.61 -13.92
N HIS A 18 19.34 -6.91 -12.63
CA HIS A 18 18.16 -7.60 -12.12
C HIS A 18 18.11 -9.07 -12.52
N LYS A 19 17.87 -9.34 -13.79
CA LYS A 19 17.64 -10.70 -14.22
C LYS A 19 18.87 -11.55 -14.21
N PHE A 20 18.74 -12.64 -13.51
CA PHE A 20 19.77 -13.59 -13.28
C PHE A 20 19.15 -14.96 -12.88
N PRO A 21 18.16 -14.97 -11.90
CA PRO A 21 17.42 -16.21 -11.46
C PRO A 21 16.65 -16.95 -12.53
N THR A 22 17.20 -17.05 -13.64
CA THR A 22 16.61 -17.74 -14.70
C THR A 22 17.08 -19.18 -14.69
N VAL A 23 16.82 -19.87 -15.76
CA VAL A 23 17.10 -21.27 -15.90
C VAL A 23 17.27 -21.51 -17.40
N PRO A 24 17.54 -22.76 -17.89
CA PRO A 24 17.58 -23.05 -19.33
C PRO A 24 16.39 -22.41 -20.08
N THR A 25 15.27 -22.27 -19.39
CA THR A 25 14.10 -21.59 -19.92
C THR A 25 14.35 -20.06 -19.90
N LYS A 26 13.44 -19.31 -19.29
CA LYS A 26 13.51 -17.88 -19.25
C LYS A 26 12.80 -17.35 -18.00
N SER A 27 12.99 -18.01 -16.89
CA SER A 27 12.29 -17.68 -15.68
C SER A 27 12.74 -16.37 -15.03
N GLU A 28 11.81 -15.46 -14.91
CA GLU A 28 11.97 -14.25 -14.12
C GLU A 28 11.24 -14.55 -12.80
N LEU A 29 11.10 -15.87 -12.56
CA LEU A 29 10.35 -16.43 -11.44
C LEU A 29 10.93 -16.09 -10.14
N ALA A 30 10.40 -15.10 -9.55
CA ALA A 30 10.80 -14.71 -8.25
C ALA A 30 9.55 -14.22 -7.55
N VAL A 31 9.49 -14.29 -6.20
CA VAL A 31 8.38 -13.70 -5.44
C VAL A 31 8.29 -12.19 -5.57
N GLU A 32 7.15 -11.75 -6.03
CA GLU A 32 6.86 -10.34 -6.16
C GLU A 32 5.60 -10.05 -5.41
N ILE A 33 5.69 -9.38 -4.28
CA ILE A 33 4.52 -9.05 -3.56
C ILE A 33 3.87 -7.82 -4.17
N LEU A 34 2.75 -8.08 -4.80
CA LEU A 34 2.00 -7.10 -5.56
C LEU A 34 1.58 -5.88 -4.76
N GLU A 35 1.07 -4.88 -5.49
CA GLU A 35 0.56 -3.66 -4.95
C GLU A 35 -0.58 -3.89 -3.96
N LYS A 36 -1.12 -5.07 -4.01
CA LYS A 36 -2.20 -5.45 -3.13
C LYS A 36 -1.62 -6.18 -1.92
N GLY A 37 -0.33 -6.47 -2.03
CA GLY A 37 0.39 -7.15 -0.98
C GLY A 37 0.08 -8.63 -0.94
N GLN A 38 0.16 -9.25 -2.11
CA GLN A 38 -0.10 -10.69 -2.25
C GLN A 38 1.15 -11.40 -2.77
N VAL A 39 1.07 -12.69 -2.87
CA VAL A 39 2.21 -13.49 -3.32
C VAL A 39 2.12 -13.71 -4.87
N ARG A 40 3.23 -13.50 -5.60
CA ARG A 40 3.21 -13.70 -7.07
C ARG A 40 4.36 -14.60 -7.57
N PHE A 41 4.02 -15.73 -8.22
CA PHE A 41 5.02 -16.59 -8.89
C PHE A 41 4.96 -16.32 -10.37
N TRP A 42 6.06 -15.90 -10.96
CA TRP A 42 6.04 -15.63 -12.41
C TRP A 42 7.35 -15.93 -13.06
N MET A 43 7.35 -16.98 -13.88
CA MET A 43 8.48 -17.40 -14.69
C MET A 43 8.05 -17.10 -16.11
N GLN A 44 8.84 -17.34 -17.13
CA GLN A 44 8.36 -16.96 -18.40
C GLN A 44 7.83 -18.18 -19.11
N ALA A 45 8.72 -18.86 -19.79
CA ALA A 45 8.49 -20.13 -20.48
C ALA A 45 8.08 -19.81 -21.88
N GLU A 46 9.04 -19.93 -22.71
CA GLU A 46 8.95 -19.57 -24.09
C GLU A 46 8.50 -20.72 -24.92
N LYS A 47 8.09 -21.76 -24.27
CA LYS A 47 7.67 -22.93 -24.96
C LYS A 47 6.82 -23.83 -24.11
N LEU A 48 5.62 -23.98 -24.57
CA LEU A 48 4.64 -24.83 -24.01
C LEU A 48 3.98 -25.64 -25.11
N SER A 49 4.58 -26.74 -25.45
CA SER A 49 4.08 -27.61 -26.51
C SER A 49 3.29 -28.80 -25.93
N SER A 50 3.38 -29.96 -26.60
CA SER A 50 2.64 -31.17 -26.18
C SER A 50 3.01 -31.58 -24.74
N ASN A 51 4.17 -32.26 -24.58
CA ASN A 51 4.64 -32.67 -23.25
C ASN A 51 4.67 -31.49 -22.30
N ALA A 52 5.52 -30.48 -22.67
CA ALA A 52 5.68 -29.20 -21.91
C ALA A 52 4.95 -29.18 -20.58
N LYS A 53 5.76 -29.40 -19.59
CA LYS A 53 5.29 -29.56 -18.23
C LYS A 53 5.86 -28.51 -17.32
N VAL A 54 5.02 -28.06 -16.42
CA VAL A 54 5.41 -27.16 -15.37
C VAL A 54 4.94 -27.81 -14.09
N SER A 55 5.84 -28.01 -13.22
CA SER A 55 5.52 -28.70 -12.01
C SER A 55 5.55 -27.76 -10.83
N TYR A 56 4.38 -27.50 -10.29
CA TYR A 56 4.24 -26.67 -9.11
C TYR A 56 4.60 -27.49 -7.92
N ILE A 57 5.62 -27.07 -7.22
CA ILE A 57 6.10 -27.79 -6.08
C ILE A 57 6.14 -26.84 -4.90
N PHE A 58 5.74 -27.33 -3.75
CA PHE A 58 5.73 -26.56 -2.56
C PHE A 58 6.22 -27.43 -1.45
N ASN A 59 7.17 -26.94 -0.68
CA ASN A 59 7.79 -27.67 0.42
C ASN A 59 8.32 -29.06 -0.01
N GLU A 60 8.66 -29.21 -1.33
CA GLU A 60 9.30 -30.45 -1.88
C GLU A 60 8.22 -31.42 -2.39
N LYS A 61 6.98 -30.98 -2.30
CA LYS A 61 5.87 -31.74 -2.72
C LYS A 61 5.27 -31.08 -3.97
N GLU A 62 4.70 -31.86 -4.85
CA GLU A 62 4.05 -31.33 -6.04
C GLU A 62 2.62 -30.95 -5.68
N ILE A 63 2.26 -29.71 -5.89
CA ILE A 63 0.92 -29.28 -5.56
C ILE A 63 0.06 -29.25 -6.80
N PHE A 64 -1.12 -28.71 -6.68
CA PHE A 64 -2.05 -28.64 -7.77
C PHE A 64 -2.84 -27.37 -7.67
N GLU A 65 -3.31 -26.89 -8.80
CA GLU A 65 -4.15 -25.71 -8.85
C GLU A 65 -5.43 -26.00 -8.07
N GLY A 66 -5.93 -25.03 -7.33
CA GLY A 66 -7.09 -25.30 -6.53
C GLY A 66 -7.37 -24.10 -5.65
N PRO A 67 -7.77 -24.33 -4.41
CA PRO A 67 -8.09 -23.24 -3.48
C PRO A 67 -6.84 -22.54 -2.91
N LYS A 68 -5.88 -23.31 -2.40
CA LYS A 68 -4.70 -22.74 -1.73
C LYS A 68 -3.67 -22.12 -2.67
N TYR A 69 -3.60 -22.60 -3.91
CA TYR A 69 -2.67 -22.05 -4.92
C TYR A 69 -3.39 -21.95 -6.22
N LYS A 70 -3.54 -20.77 -6.75
CA LYS A 70 -4.25 -20.59 -7.98
C LYS A 70 -3.31 -20.21 -9.11
N MET A 71 -3.43 -20.92 -10.20
CA MET A 71 -2.54 -20.73 -11.36
C MET A 71 -3.29 -20.30 -12.59
N HIS A 72 -2.63 -19.50 -13.42
CA HIS A 72 -3.20 -19.08 -14.66
C HIS A 72 -2.12 -18.95 -15.73
N ILE A 73 -2.14 -19.85 -16.69
CA ILE A 73 -1.15 -19.87 -17.77
C ILE A 73 -1.92 -19.75 -19.05
N ASP A 74 -1.51 -18.88 -19.96
CA ASP A 74 -2.32 -18.62 -21.16
C ASP A 74 -1.58 -19.04 -22.38
N ARG A 75 -0.87 -20.15 -22.25
CA ARG A 75 0.13 -20.70 -23.19
C ARG A 75 0.53 -19.81 -24.42
N ASN A 76 0.56 -18.46 -24.27
CA ASN A 76 1.18 -17.62 -25.25
C ASN A 76 2.61 -17.64 -24.95
N THR A 77 3.22 -18.62 -25.52
CA THR A 77 4.62 -18.99 -25.38
C THR A 77 4.72 -19.83 -24.15
N GLY A 78 3.83 -19.54 -23.23
CA GLY A 78 3.73 -20.27 -22.04
C GLY A 78 4.09 -19.46 -20.86
N ILE A 79 3.53 -18.27 -20.79
CA ILE A 79 3.72 -17.43 -19.65
C ILE A 79 2.98 -18.00 -18.45
N ILE A 80 3.72 -18.22 -17.39
CA ILE A 80 3.19 -18.79 -16.18
C ILE A 80 2.89 -17.73 -15.15
N GLU A 81 1.62 -17.50 -14.96
CA GLU A 81 1.19 -16.61 -13.93
C GLU A 81 0.54 -17.43 -12.83
N MET A 82 0.85 -17.09 -11.62
CA MET A 82 0.37 -17.82 -10.49
C MET A 82 0.34 -16.93 -9.27
N PHE A 83 -0.65 -17.13 -8.46
CA PHE A 83 -0.87 -16.24 -7.33
C PHE A 83 -1.09 -16.99 -6.04
N MET A 84 -0.85 -16.29 -4.95
CA MET A 84 -1.12 -16.76 -3.63
C MET A 84 -1.53 -15.52 -2.88
N GLU A 85 -2.51 -15.63 -2.10
CA GLU A 85 -3.15 -14.47 -1.51
C GLU A 85 -2.78 -14.28 -0.05
N LYS A 86 -1.90 -15.12 0.47
CA LYS A 86 -1.58 -15.06 1.88
C LYS A 86 -0.56 -16.14 2.22
N LEU A 87 -0.58 -16.58 3.45
CA LEU A 87 0.26 -17.65 3.89
C LEU A 87 -0.62 -18.83 4.27
N GLN A 88 -1.32 -18.67 5.40
CA GLN A 88 -2.27 -19.65 5.96
C GLN A 88 -1.91 -21.15 5.75
N ASP A 89 -0.63 -21.45 5.54
CA ASP A 89 -0.20 -22.83 5.40
C ASP A 89 0.02 -23.42 6.80
N GLU A 90 0.94 -24.36 6.95
CA GLU A 90 1.25 -24.92 8.23
C GLU A 90 2.59 -24.36 8.71
N ASP A 91 2.79 -23.07 8.40
CA ASP A 91 4.01 -22.28 8.76
C ASP A 91 5.10 -22.39 7.69
N GLU A 92 5.04 -23.44 6.86
CA GLU A 92 6.04 -23.68 5.82
C GLU A 92 5.99 -22.63 4.71
N GLY A 93 7.01 -22.62 3.83
CA GLY A 93 7.01 -21.67 2.75
C GLY A 93 8.17 -21.82 1.76
N THR A 94 8.03 -22.69 0.78
CA THR A 94 9.11 -22.90 -0.20
C THR A 94 8.55 -23.44 -1.51
N TYR A 95 8.69 -22.68 -2.60
CA TYR A 95 8.14 -23.14 -3.85
C TYR A 95 9.19 -23.47 -4.89
N THR A 96 8.97 -24.56 -5.56
CA THR A 96 9.92 -25.05 -6.56
C THR A 96 9.27 -25.29 -7.91
N PHE A 97 9.42 -24.35 -8.84
CA PHE A 97 8.93 -24.57 -10.19
C PHE A 97 9.99 -25.15 -11.05
N GLN A 98 9.76 -26.35 -11.44
CA GLN A 98 10.61 -27.01 -12.38
C GLN A 98 9.84 -27.10 -13.72
N ILE A 99 10.35 -26.49 -14.79
CA ILE A 99 9.64 -26.50 -16.07
C ILE A 99 10.50 -27.10 -17.10
N GLN A 100 9.90 -27.84 -17.98
CA GLN A 100 10.63 -28.38 -19.06
C GLN A 100 9.74 -28.58 -20.25
N ASP A 101 10.30 -28.37 -21.40
CA ASP A 101 9.60 -28.60 -22.63
C ASP A 101 10.47 -29.51 -23.50
N GLY A 102 9.90 -30.61 -23.91
CA GLY A 102 10.63 -31.56 -24.72
C GLY A 102 11.83 -32.16 -23.98
N LYS A 103 13.02 -31.61 -24.23
CA LYS A 103 14.24 -32.14 -23.61
C LYS A 103 14.97 -31.08 -22.74
N ALA A 104 14.40 -29.90 -22.64
CA ALA A 104 15.03 -28.83 -21.85
C ALA A 104 14.40 -28.81 -20.50
N THR A 105 15.14 -28.46 -19.43
CA THR A 105 14.58 -28.49 -18.08
C THR A 105 15.19 -27.38 -17.22
N GLY A 106 14.40 -26.81 -16.30
CA GLY A 106 14.89 -25.74 -15.48
C GLY A 106 14.28 -25.80 -14.08
N HIS A 107 15.06 -25.42 -13.09
CA HIS A 107 14.61 -25.43 -11.70
C HIS A 107 14.62 -24.02 -11.12
N SER A 108 13.68 -23.75 -10.27
CA SER A 108 13.51 -22.43 -9.72
C SER A 108 12.80 -22.52 -8.39
N THR A 109 13.44 -22.03 -7.35
CA THR A 109 12.85 -22.12 -6.05
C THR A 109 12.72 -20.77 -5.34
N LEU A 110 11.65 -20.66 -4.60
CA LEU A 110 11.30 -19.47 -3.84
C LEU A 110 11.08 -19.88 -2.43
N VAL A 111 11.34 -19.01 -1.52
CA VAL A 111 11.14 -19.35 -0.13
C VAL A 111 10.47 -18.21 0.64
N LEU A 112 9.38 -18.55 1.29
CA LEU A 112 8.67 -17.65 2.15
C LEU A 112 8.03 -18.37 3.25
N ILE A 113 8.84 -18.64 4.18
CA ILE A 113 8.44 -19.26 5.36
C ILE A 113 8.31 -18.19 6.37
N GLY A 114 7.54 -18.43 7.39
CA GLY A 114 7.26 -17.41 8.43
C GLY A 114 8.35 -16.35 8.61
N ASP A 115 9.48 -16.73 9.18
CA ASP A 115 10.58 -15.79 9.43
C ASP A 115 11.10 -15.14 8.16
N VAL A 116 10.97 -15.84 7.06
CA VAL A 116 11.44 -15.35 5.78
C VAL A 116 10.47 -14.37 5.12
N TYR A 117 9.20 -14.76 4.94
CA TYR A 117 8.20 -13.89 4.35
C TYR A 117 8.19 -12.53 4.98
N LYS A 118 8.35 -12.47 6.29
CA LYS A 118 8.38 -11.21 7.00
C LYS A 118 9.45 -10.31 6.45
N LYS A 119 10.46 -10.94 5.92
CA LYS A 119 11.54 -10.26 5.34
C LYS A 119 11.08 -9.62 4.03
N LEU A 120 10.54 -10.43 3.10
CA LEU A 120 10.04 -9.90 1.84
C LEU A 120 8.93 -8.91 2.06
N GLN A 121 8.21 -9.07 3.17
CA GLN A 121 7.09 -8.20 3.48
C GLN A 121 7.55 -6.74 3.70
N LYS A 122 8.65 -6.51 4.44
CA LYS A 122 9.24 -5.17 4.52
C LYS A 122 9.30 -4.51 3.14
N GLU A 123 9.99 -5.17 2.25
CA GLU A 123 10.07 -4.67 0.88
C GLU A 123 8.65 -4.59 0.26
N ALA A 124 7.81 -5.57 0.59
CA ALA A 124 6.44 -5.53 0.20
C ALA A 124 5.80 -4.25 0.65
N GLU A 125 5.97 -3.82 1.95
CA GLU A 125 5.52 -2.48 2.44
C GLU A 125 5.35 -1.49 1.31
N PHE A 126 6.44 -1.23 0.59
CA PHE A 126 6.37 -0.36 -0.63
C PHE A 126 5.13 -0.67 -1.51
N GLN A 127 4.87 -1.95 -1.68
CA GLN A 127 3.74 -2.42 -2.50
C GLN A 127 2.48 -2.68 -1.64
N ARG A 128 2.72 -3.03 -0.38
CA ARG A 128 1.70 -3.38 0.63
C ARG A 128 0.70 -2.26 0.87
N GLN A 129 1.06 -1.07 0.35
CA GLN A 129 0.35 0.27 0.43
C GLN A 129 -1.22 0.29 0.57
N GLU A 130 -1.76 -0.63 1.35
CA GLU A 130 -3.20 -0.86 1.59
C GLU A 130 -4.05 0.41 1.88
N TRP A 131 -3.43 1.59 1.96
CA TRP A 131 -4.18 2.84 2.13
C TRP A 131 -5.32 2.88 1.13
N ILE A 132 -4.96 2.60 -0.11
CA ILE A 132 -5.81 2.64 -1.28
C ILE A 132 -7.24 2.21 -0.98
N ARG A 133 -7.40 1.02 -0.38
CA ARG A 133 -8.72 0.39 -0.09
C ARG A 133 -9.88 0.91 -0.96
N LYS A 134 -9.57 1.13 -2.25
CA LYS A 134 -10.52 1.65 -3.26
C LYS A 134 -10.53 3.19 -3.27
N GLN A 135 -10.34 3.77 -2.11
CA GLN A 135 -10.25 5.19 -1.95
C GLN A 135 -9.34 5.46 -0.77
N GLY A 136 -9.58 4.78 0.35
CA GLY A 136 -8.71 4.90 1.48
C GLY A 136 -9.34 5.59 2.66
N PRO A 137 -8.72 5.46 3.83
CA PRO A 137 -9.14 6.16 5.05
C PRO A 137 -8.97 7.68 4.91
N HIS A 138 -8.30 8.10 3.82
CA HIS A 138 -8.05 9.54 3.48
C HIS A 138 -7.65 10.39 4.66
N PHE A 139 -6.36 10.45 4.91
CA PHE A 139 -5.85 11.33 5.95
C PHE A 139 -4.99 12.39 5.29
N ALA A 140 -5.64 13.33 4.65
CA ALA A 140 -4.96 14.43 3.99
C ALA A 140 -5.80 15.68 4.06
N GLU A 141 -6.43 15.85 5.21
CA GLU A 141 -7.17 17.05 5.55
C GLU A 141 -6.36 17.78 6.59
N TYR A 142 -5.90 18.96 6.34
CA TYR A 142 -4.94 19.54 7.29
C TYR A 142 -5.35 20.92 7.66
N LEU A 143 -5.23 21.27 8.93
CA LEU A 143 -5.61 22.57 9.40
C LEU A 143 -4.59 23.58 8.99
N SER A 144 -4.72 24.80 9.51
CA SER A 144 -3.84 25.92 9.24
C SER A 144 -4.54 27.19 9.64
N TRP A 145 -4.03 27.88 10.62
CA TRP A 145 -4.64 29.18 10.94
C TRP A 145 -3.79 30.39 10.57
N GLU A 146 -4.48 31.49 10.47
CA GLU A 146 -3.88 32.75 10.05
C GLU A 146 -4.53 33.92 10.75
N VAL A 147 -3.72 34.72 11.40
CA VAL A 147 -4.22 35.89 12.07
C VAL A 147 -4.30 37.05 11.11
N THR A 148 -5.51 37.42 10.83
CA THR A 148 -5.80 38.49 9.91
C THR A 148 -5.66 39.85 10.59
N GLY A 149 -5.68 40.92 9.80
CA GLY A 149 -5.50 42.28 10.30
C GLY A 149 -6.50 42.69 11.38
N GLU A 150 -7.60 41.95 11.49
CA GLU A 150 -8.60 42.25 12.50
C GLU A 150 -8.27 41.55 13.83
N SER A 151 -7.13 40.85 13.83
CA SER A 151 -6.59 40.11 15.00
C SER A 151 -7.31 38.78 15.19
N ASN A 152 -7.94 38.33 14.14
CA ASN A 152 -8.67 37.09 14.18
C ASN A 152 -7.88 35.95 13.50
N VAL A 153 -8.03 34.78 14.06
CA VAL A 153 -7.41 33.63 13.42
C VAL A 153 -8.36 32.85 12.52
N LEU A 154 -7.98 32.80 11.26
CA LEU A 154 -8.78 32.22 10.21
C LEU A 154 -8.46 30.73 10.05
N LEU A 155 -9.21 29.94 10.78
CA LEU A 155 -9.10 28.48 10.72
C LEU A 155 -9.55 27.95 9.40
N LYS A 156 -8.68 27.24 8.76
CA LYS A 156 -8.96 26.66 7.50
C LYS A 156 -8.21 25.36 7.39
N CYS A 157 -8.90 24.29 7.07
CA CYS A 157 -8.21 23.06 6.75
C CYS A 157 -8.18 22.90 5.26
N LYS A 158 -7.71 21.75 4.78
CA LYS A 158 -7.63 21.51 3.36
C LYS A 158 -7.95 20.08 3.10
N VAL A 159 -8.85 19.85 2.20
CA VAL A 159 -9.38 18.52 1.97
C VAL A 159 -8.56 17.74 0.95
N ALA A 160 -8.64 16.44 1.06
CA ALA A 160 -8.11 15.56 0.08
C ALA A 160 -9.22 14.76 -0.59
N ASN A 161 -8.89 14.25 -1.76
CA ASN A 161 -9.76 13.40 -2.61
C ASN A 161 -10.74 12.56 -1.77
N ILE A 162 -11.97 13.02 -1.73
CA ILE A 162 -13.00 12.34 -0.99
C ILE A 162 -14.32 12.34 -1.77
N LYS A 163 -15.00 11.20 -1.80
CA LYS A 163 -16.18 11.02 -2.65
C LYS A 163 -17.42 10.57 -1.86
N LYS A 164 -17.67 11.20 -0.72
CA LYS A 164 -18.85 10.80 0.06
C LYS A 164 -19.85 11.94 0.19
N GLU A 165 -19.63 12.83 1.16
CA GLU A 165 -20.53 13.93 1.41
C GLU A 165 -19.76 15.24 1.45
N THR A 166 -19.41 15.71 2.62
CA THR A 166 -18.59 16.86 2.75
C THR A 166 -17.27 16.37 3.33
N HIS A 167 -16.43 17.26 3.81
CA HIS A 167 -15.21 16.84 4.43
C HIS A 167 -15.27 16.87 5.96
N ILE A 168 -14.78 17.96 6.53
CA ILE A 168 -14.63 18.06 7.96
C ILE A 168 -15.74 18.86 8.65
N VAL A 169 -15.45 19.17 9.90
CA VAL A 169 -16.30 19.93 10.76
C VAL A 169 -15.44 20.42 11.93
N TRP A 170 -15.54 21.70 12.23
CA TRP A 170 -14.77 22.34 13.29
C TRP A 170 -15.33 21.95 14.64
N TYR A 171 -14.46 21.73 15.60
CA TYR A 171 -14.87 21.37 16.92
C TYR A 171 -13.93 22.01 17.96
N LYS A 172 -14.00 21.49 19.16
CA LYS A 172 -13.20 21.99 20.26
C LYS A 172 -13.48 21.20 21.51
N ASP A 173 -12.98 19.99 21.54
CA ASP A 173 -13.20 19.08 22.66
C ASP A 173 -14.69 18.94 22.93
N GLU A 174 -15.39 18.27 22.01
CA GLU A 174 -16.84 18.02 22.11
C GLU A 174 -17.70 19.28 21.89
N ARG A 175 -17.08 20.45 21.73
CA ARG A 175 -17.82 21.66 21.42
C ARG A 175 -17.93 21.85 19.93
N GLU A 176 -19.15 21.86 19.48
CA GLU A 176 -19.46 21.94 18.09
C GLU A 176 -19.65 23.37 17.64
N ILE A 177 -18.71 23.87 16.87
CA ILE A 177 -18.87 25.18 16.28
C ILE A 177 -20.00 25.08 15.23
N SER A 178 -21.09 25.79 15.46
CA SER A 178 -22.27 25.69 14.62
C SER A 178 -22.24 26.62 13.41
N VAL A 179 -21.93 26.07 12.26
CA VAL A 179 -21.93 26.80 11.00
C VAL A 179 -22.68 25.97 9.96
N ASP A 180 -23.16 26.61 8.90
CA ASP A 180 -23.84 25.92 7.82
C ASP A 180 -22.90 24.88 7.19
N GLU A 181 -23.38 23.66 7.07
CA GLU A 181 -22.55 22.59 6.54
C GLU A 181 -22.65 22.44 5.02
N LYS A 182 -23.59 21.62 4.56
CA LYS A 182 -23.68 21.32 3.13
C LYS A 182 -24.79 22.10 2.42
N HIS A 183 -25.25 23.18 3.01
CA HIS A 183 -26.23 24.03 2.36
C HIS A 183 -25.48 25.09 1.57
N ASP A 184 -24.42 25.60 2.19
CA ASP A 184 -23.50 26.51 1.51
C ASP A 184 -22.36 25.68 0.96
N PHE A 185 -22.47 24.36 1.16
CA PHE A 185 -21.53 23.35 0.65
C PHE A 185 -20.18 23.36 1.35
N LYS A 186 -19.45 24.48 1.26
CA LYS A 186 -18.08 24.57 1.82
C LYS A 186 -17.18 23.56 1.13
N ASP A 187 -17.59 23.17 -0.08
CA ASP A 187 -16.88 22.20 -0.91
C ASP A 187 -15.42 22.55 -1.04
N GLY A 188 -14.56 21.56 -0.84
CA GLY A 188 -13.16 21.80 -0.93
C GLY A 188 -12.56 22.13 0.43
N ILE A 189 -12.24 23.39 0.62
CA ILE A 189 -11.63 23.85 1.83
C ILE A 189 -12.62 24.68 2.64
N CYS A 190 -12.44 24.75 3.97
CA CYS A 190 -13.36 25.52 4.80
C CYS A 190 -12.62 26.46 5.74
N THR A 191 -13.03 27.70 5.73
CA THR A 191 -12.46 28.74 6.54
C THR A 191 -13.46 29.31 7.53
N LEU A 192 -12.99 29.60 8.73
CA LEU A 192 -13.80 30.22 9.77
C LEU A 192 -13.05 31.37 10.41
N LEU A 193 -13.71 32.06 11.33
CA LEU A 193 -13.07 33.20 11.94
C LEU A 193 -13.09 33.26 13.47
N ILE A 194 -11.94 32.95 14.00
CA ILE A 194 -11.64 33.12 15.41
C ILE A 194 -11.47 34.60 15.66
N THR A 195 -12.56 35.25 15.90
CA THR A 195 -12.55 36.67 16.14
C THR A 195 -12.22 36.93 17.56
N GLU A 196 -10.93 36.86 17.81
CA GLU A 196 -10.34 36.94 19.12
C GLU A 196 -10.52 35.57 19.77
N PHE A 197 -9.54 35.14 20.47
CA PHE A 197 -9.58 33.84 21.11
C PHE A 197 -9.19 34.05 22.57
N SER A 198 -9.33 33.06 23.42
CA SER A 198 -9.06 33.30 24.83
C SER A 198 -8.25 32.17 25.41
N LYS A 199 -7.26 32.51 26.25
CA LYS A 199 -6.43 31.49 26.96
C LYS A 199 -7.28 30.46 27.71
N LYS A 200 -8.58 30.73 27.85
CA LYS A 200 -9.48 29.83 28.57
C LYS A 200 -10.42 29.13 27.58
N ASP A 201 -10.32 29.52 26.33
CA ASP A 201 -11.18 28.97 25.28
C ASP A 201 -10.33 28.27 24.26
N ALA A 202 -9.03 28.47 24.38
CA ALA A 202 -8.05 27.94 23.46
C ALA A 202 -7.82 26.47 23.64
N GLY A 203 -6.94 25.92 22.82
CA GLY A 203 -6.68 24.53 22.86
C GLY A 203 -6.65 23.98 21.48
N PHE A 204 -7.16 22.81 21.29
CA PHE A 204 -7.12 22.21 19.98
C PHE A 204 -8.41 22.40 19.23
N TYR A 205 -8.27 22.92 18.03
CA TYR A 205 -9.37 23.07 17.13
C TYR A 205 -9.49 21.74 16.41
N GLU A 206 -10.57 20.99 16.70
CA GLU A 206 -10.73 19.66 16.19
C GLU A 206 -11.31 19.60 14.78
N VAL A 207 -10.65 18.84 13.94
CA VAL A 207 -11.15 18.52 12.62
C VAL A 207 -11.65 17.09 12.63
N ILE A 208 -12.85 16.85 12.06
CA ILE A 208 -13.50 15.53 12.15
C ILE A 208 -13.91 15.05 10.75
N LEU A 209 -13.76 13.75 10.49
CA LEU A 209 -14.15 13.15 9.20
C LEU A 209 -15.06 11.96 9.43
N LYS A 210 -16.27 12.04 8.94
CA LYS A 210 -17.17 10.89 8.97
C LYS A 210 -17.77 10.72 7.61
N ASP A 211 -17.65 9.53 7.05
CA ASP A 211 -18.08 9.32 5.68
C ASP A 211 -18.66 7.91 5.42
N ASP A 212 -17.87 7.03 4.81
CA ASP A 212 -18.30 5.67 4.44
C ASP A 212 -17.63 4.67 5.36
N ARG A 213 -16.94 5.22 6.31
CA ARG A 213 -16.18 4.46 7.28
C ARG A 213 -16.70 4.85 8.64
N GLY A 214 -15.82 5.06 9.58
CA GLY A 214 -16.24 5.52 10.86
C GLY A 214 -15.99 7.00 10.95
N LYS A 215 -14.98 7.36 11.69
CA LYS A 215 -14.57 8.75 11.83
C LYS A 215 -13.09 8.90 11.57
N ASP A 216 -12.59 10.07 11.92
CA ASP A 216 -11.20 10.45 11.75
C ASP A 216 -11.02 11.90 12.14
N LYS A 217 -10.41 12.13 13.25
CA LYS A 217 -10.20 13.48 13.68
C LYS A 217 -8.77 13.65 14.11
N SER A 218 -8.15 14.79 13.82
CA SER A 218 -6.82 15.05 14.21
C SER A 218 -6.68 16.57 14.25
N ARG A 219 -6.02 17.06 15.27
CA ARG A 219 -5.91 18.51 15.46
C ARG A 219 -4.67 18.92 16.17
N LEU A 220 -4.38 20.23 16.15
CA LEU A 220 -3.24 20.76 16.89
C LEU A 220 -3.72 21.70 17.97
N LYS A 221 -2.81 22.27 18.73
CA LYS A 221 -3.17 23.15 19.83
C LYS A 221 -2.98 24.59 19.39
N LEU A 222 -4.05 25.32 19.33
CA LEU A 222 -4.04 26.66 18.85
C LEU A 222 -4.02 27.68 19.98
N VAL A 223 -3.08 28.62 19.84
CA VAL A 223 -2.92 29.71 20.77
C VAL A 223 -2.67 30.98 20.00
N ASP A 224 -3.41 31.99 20.33
CA ASP A 224 -3.27 33.30 19.70
C ASP A 224 -3.58 34.36 20.72
N GLU A 225 -4.43 33.98 21.61
CA GLU A 225 -4.93 34.79 22.69
C GLU A 225 -3.85 35.23 23.63
N ALA A 226 -2.78 34.55 23.56
CA ALA A 226 -1.67 34.81 24.41
C ALA A 226 -0.86 35.92 23.86
N PHE A 227 -1.18 36.25 22.66
CA PHE A 227 -0.48 37.26 21.95
C PHE A 227 -1.36 38.50 21.84
N GLN A 228 -2.61 38.24 21.55
CA GLN A 228 -3.65 39.22 21.47
C GLN A 228 -3.68 40.06 22.69
N ASP A 229 -3.48 39.39 23.78
CA ASP A 229 -3.57 40.01 25.07
C ASP A 229 -2.48 41.04 25.25
N LEU A 230 -1.44 40.86 24.48
CA LEU A 230 -0.26 41.71 24.54
C LEU A 230 -0.48 42.96 23.72
N MET A 231 -1.35 42.83 22.75
CA MET A 231 -1.64 43.92 21.84
C MET A 231 -3.10 44.38 21.95
N GLY A 1 50.67 -29.98 0.57
CA GLY A 1 50.53 -29.04 -0.56
C GLY A 1 49.22 -29.24 -1.28
N SER A 2 48.93 -28.35 -2.26
CA SER A 2 47.68 -28.39 -3.05
C SER A 2 46.43 -28.44 -2.15
N HIS A 3 45.85 -27.27 -1.89
CA HIS A 3 44.71 -27.17 -0.97
C HIS A 3 43.38 -27.46 -1.67
N MET A 4 43.23 -28.72 -2.14
CA MET A 4 41.97 -29.23 -2.76
C MET A 4 41.32 -28.28 -3.80
N GLU A 5 42.09 -27.35 -4.35
CA GLU A 5 41.60 -26.34 -5.29
C GLU A 5 40.85 -26.96 -6.50
N GLU A 6 41.07 -28.22 -6.76
CA GLU A 6 40.47 -28.87 -7.87
C GLU A 6 39.14 -29.51 -7.50
N GLU A 7 39.15 -30.32 -6.48
CA GLU A 7 37.99 -30.96 -6.01
C GLU A 7 36.99 -29.97 -5.47
N MET A 8 37.46 -28.78 -5.15
CA MET A 8 36.60 -27.78 -4.57
C MET A 8 35.74 -27.21 -5.66
N LYS A 9 36.36 -26.95 -6.79
CA LYS A 9 35.64 -26.56 -7.97
C LYS A 9 34.43 -27.45 -8.25
N ARG A 10 34.51 -28.73 -7.91
CA ARG A 10 33.40 -29.65 -8.09
C ARG A 10 32.22 -29.27 -7.18
N LEU A 11 32.57 -28.77 -6.03
CA LEU A 11 31.61 -28.32 -5.04
C LEU A 11 30.96 -27.01 -5.47
N LEU A 12 31.78 -26.06 -5.91
CA LEU A 12 31.27 -24.76 -6.35
C LEU A 12 30.49 -24.89 -7.65
N ALA A 13 31.02 -25.69 -8.55
CA ALA A 13 30.39 -25.91 -9.83
C ALA A 13 29.05 -26.63 -9.66
N LEU A 14 28.87 -27.31 -8.53
CA LEU A 14 27.69 -28.04 -8.24
C LEU A 14 26.62 -27.13 -7.69
N SER A 15 27.06 -26.17 -6.92
CA SER A 15 26.16 -25.25 -6.27
C SER A 15 25.55 -24.28 -7.28
N GLN A 16 26.39 -23.81 -8.19
CA GLN A 16 25.96 -22.96 -9.32
C GLN A 16 25.39 -21.60 -8.89
N GLU A 17 26.14 -20.54 -9.13
CA GLU A 17 25.66 -19.20 -8.86
C GLU A 17 24.96 -18.66 -10.10
N HIS A 18 25.74 -18.06 -11.02
CA HIS A 18 25.25 -17.55 -12.31
C HIS A 18 24.13 -16.51 -12.14
N LYS A 19 24.43 -15.24 -12.42
CA LYS A 19 23.40 -14.21 -12.30
C LYS A 19 22.26 -14.47 -13.26
N PHE A 20 21.12 -13.83 -12.99
CA PHE A 20 19.89 -14.07 -13.64
C PHE A 20 19.34 -15.43 -13.20
N PRO A 21 18.11 -15.43 -12.84
CA PRO A 21 17.42 -16.59 -12.28
C PRO A 21 16.79 -17.45 -13.28
N THR A 22 17.39 -17.56 -14.35
CA THR A 22 16.89 -18.30 -15.43
C THR A 22 17.45 -19.71 -15.44
N VAL A 23 17.24 -20.36 -16.53
CA VAL A 23 17.58 -21.75 -16.77
C VAL A 23 17.57 -21.91 -18.28
N PRO A 24 17.84 -23.12 -18.86
CA PRO A 24 17.66 -23.38 -20.30
C PRO A 24 16.40 -22.69 -20.91
N THR A 25 15.40 -22.41 -20.06
CA THR A 25 14.21 -21.67 -20.47
C THR A 25 14.50 -20.15 -20.43
N LYS A 26 13.66 -19.41 -19.72
CA LYS A 26 13.77 -17.98 -19.62
C LYS A 26 13.20 -17.48 -18.27
N SER A 27 13.26 -18.33 -17.26
CA SER A 27 12.68 -18.04 -15.98
C SER A 27 13.24 -16.79 -15.30
N GLU A 28 12.34 -15.89 -14.98
CA GLU A 28 12.64 -14.75 -14.15
C GLU A 28 11.93 -15.01 -12.83
N LEU A 29 11.74 -16.32 -12.57
CA LEU A 29 11.00 -16.84 -11.42
C LEU A 29 11.61 -16.42 -10.15
N ALA A 30 11.09 -15.40 -9.56
CA ALA A 30 11.55 -14.97 -8.29
C ALA A 30 10.34 -14.83 -7.35
N VAL A 31 10.47 -14.04 -6.29
CA VAL A 31 9.44 -13.95 -5.24
C VAL A 31 9.10 -12.49 -5.10
N GLU A 32 7.95 -12.12 -5.59
CA GLU A 32 7.56 -10.74 -5.55
C GLU A 32 6.35 -10.57 -4.69
N ILE A 33 6.50 -10.00 -3.54
CA ILE A 33 5.37 -9.70 -2.77
C ILE A 33 4.74 -8.44 -3.32
N LEU A 34 3.61 -8.62 -3.97
CA LEU A 34 2.88 -7.59 -4.69
C LEU A 34 2.61 -6.32 -3.90
N GLU A 35 2.09 -5.32 -4.63
CA GLU A 35 1.67 -4.05 -4.09
C GLU A 35 0.55 -4.23 -3.07
N LYS A 36 -0.01 -5.40 -3.09
CA LYS A 36 -1.08 -5.74 -2.18
C LYS A 36 -0.50 -6.50 -0.99
N GLY A 37 0.77 -6.84 -1.12
CA GLY A 37 1.48 -7.53 -0.08
C GLY A 37 1.18 -9.02 -0.06
N GLN A 38 0.98 -9.57 -1.25
CA GLN A 38 0.72 -10.99 -1.44
C GLN A 38 1.93 -11.64 -2.09
N VAL A 39 1.92 -12.93 -2.20
CA VAL A 39 3.02 -13.67 -2.76
C VAL A 39 2.87 -13.79 -4.32
N ARG A 40 4.00 -13.82 -5.07
CA ARG A 40 3.93 -13.95 -6.55
C ARG A 40 5.07 -14.84 -7.10
N PHE A 41 4.71 -15.93 -7.80
CA PHE A 41 5.69 -16.77 -8.52
C PHE A 41 5.58 -16.45 -9.99
N TRP A 42 6.68 -16.11 -10.61
CA TRP A 42 6.62 -15.76 -12.04
C TRP A 42 7.91 -16.05 -12.74
N MET A 43 7.87 -17.04 -13.62
CA MET A 43 8.96 -17.46 -14.47
C MET A 43 8.51 -17.10 -15.87
N GLN A 44 9.27 -17.38 -16.91
CA GLN A 44 8.77 -16.97 -18.15
C GLN A 44 8.15 -18.13 -18.86
N ALA A 45 8.98 -18.84 -19.59
CA ALA A 45 8.64 -20.06 -20.33
C ALA A 45 8.18 -19.70 -21.69
N GLU A 46 9.12 -19.65 -22.55
CA GLU A 46 8.95 -19.20 -23.91
C GLU A 46 8.48 -20.30 -24.80
N LYS A 47 8.12 -21.38 -24.22
CA LYS A 47 7.75 -22.52 -24.99
C LYS A 47 6.91 -23.50 -24.26
N LEU A 48 5.74 -23.65 -24.77
CA LEU A 48 4.81 -24.60 -24.35
C LEU A 48 4.47 -25.49 -25.53
N SER A 49 5.25 -26.52 -25.65
CA SER A 49 5.12 -27.47 -26.73
C SER A 49 4.12 -28.59 -26.37
N SER A 50 4.24 -29.75 -27.01
CA SER A 50 3.33 -30.86 -26.74
C SER A 50 3.47 -31.34 -25.29
N ASN A 51 4.60 -32.01 -25.00
CA ASN A 51 4.90 -32.45 -23.63
C ASN A 51 4.76 -31.29 -22.66
N ALA A 52 5.53 -30.20 -22.97
CA ALA A 52 5.55 -28.93 -22.16
C ALA A 52 4.88 -29.05 -20.82
N LYS A 53 5.70 -29.43 -19.91
CA LYS A 53 5.28 -29.68 -18.55
C LYS A 53 5.93 -28.72 -17.59
N VAL A 54 5.11 -28.21 -16.71
CA VAL A 54 5.52 -27.32 -15.66
C VAL A 54 5.00 -27.93 -14.39
N SER A 55 5.81 -27.97 -13.42
CA SER A 55 5.45 -28.59 -12.20
C SER A 55 5.57 -27.63 -11.04
N TYR A 56 4.45 -27.41 -10.39
CA TYR A 56 4.40 -26.60 -9.22
C TYR A 56 4.75 -27.48 -8.05
N ILE A 57 5.79 -27.16 -7.36
CA ILE A 57 6.26 -28.00 -6.29
C ILE A 57 6.30 -27.21 -5.02
N PHE A 58 5.91 -27.81 -3.91
CA PHE A 58 5.94 -27.18 -2.64
C PHE A 58 6.45 -28.19 -1.65
N ASN A 59 7.49 -27.83 -0.92
CA ASN A 59 8.12 -28.69 0.10
C ASN A 59 8.47 -30.14 -0.39
N GLU A 60 8.72 -30.31 -1.72
CA GLU A 60 9.22 -31.61 -2.31
C GLU A 60 8.05 -32.41 -2.86
N LYS A 61 6.93 -31.74 -3.04
CA LYS A 61 5.77 -32.34 -3.55
C LYS A 61 5.21 -31.47 -4.68
N GLU A 62 4.55 -32.08 -5.64
CA GLU A 62 3.92 -31.35 -6.72
C GLU A 62 2.52 -30.96 -6.29
N ILE A 63 2.26 -29.68 -6.19
CA ILE A 63 0.95 -29.24 -5.75
C ILE A 63 0.01 -29.06 -6.92
N PHE A 64 -1.06 -28.32 -6.72
CA PHE A 64 -2.04 -28.13 -7.74
C PHE A 64 -2.69 -26.77 -7.62
N GLU A 65 -3.07 -26.20 -8.73
CA GLU A 65 -3.80 -24.95 -8.72
C GLU A 65 -5.15 -25.19 -8.10
N GLY A 66 -5.67 -24.22 -7.36
CA GLY A 66 -6.91 -24.41 -6.69
C GLY A 66 -7.21 -23.16 -5.90
N PRO A 67 -7.61 -23.28 -4.63
CA PRO A 67 -7.89 -22.11 -3.80
C PRO A 67 -6.62 -21.52 -3.11
N LYS A 68 -5.74 -22.39 -2.62
CA LYS A 68 -4.55 -21.94 -1.84
C LYS A 68 -3.37 -21.51 -2.73
N TYR A 69 -3.29 -22.06 -3.92
CA TYR A 69 -2.23 -21.71 -4.87
C TYR A 69 -2.87 -21.51 -6.19
N LYS A 70 -2.98 -20.30 -6.63
CA LYS A 70 -3.65 -20.02 -7.88
C LYS A 70 -2.65 -19.71 -8.95
N MET A 71 -2.76 -20.40 -10.04
CA MET A 71 -1.85 -20.24 -11.15
C MET A 71 -2.60 -19.88 -12.39
N HIS A 72 -2.01 -19.04 -13.21
CA HIS A 72 -2.61 -18.71 -14.46
C HIS A 72 -1.55 -18.51 -15.51
N ILE A 73 -1.60 -19.34 -16.53
CA ILE A 73 -0.66 -19.29 -17.61
C ILE A 73 -1.46 -19.00 -18.83
N ASP A 74 -1.16 -17.97 -19.56
CA ASP A 74 -2.05 -17.54 -20.65
C ASP A 74 -1.43 -17.92 -21.95
N ARG A 75 -0.85 -19.10 -21.94
CA ARG A 75 0.07 -19.66 -22.97
C ARG A 75 0.56 -18.70 -24.12
N ASN A 76 0.62 -17.37 -23.86
CA ASN A 76 1.32 -16.46 -24.73
C ASN A 76 2.76 -16.64 -24.48
N THR A 77 3.24 -17.63 -25.15
CA THR A 77 4.61 -18.11 -25.11
C THR A 77 4.75 -19.04 -23.96
N GLY A 78 3.91 -18.81 -22.98
CA GLY A 78 3.88 -19.61 -21.81
C GLY A 78 4.27 -18.87 -20.59
N ILE A 79 3.80 -17.66 -20.45
CA ILE A 79 4.07 -16.89 -19.28
C ILE A 79 3.33 -17.45 -18.08
N ILE A 80 4.08 -17.74 -17.04
CA ILE A 80 3.54 -18.33 -15.84
C ILE A 80 3.33 -17.29 -14.76
N GLU A 81 2.09 -16.91 -14.58
CA GLU A 81 1.73 -16.07 -13.48
C GLU A 81 1.12 -16.94 -12.41
N MET A 82 1.47 -16.69 -11.18
CA MET A 82 1.02 -17.47 -10.10
C MET A 82 1.00 -16.64 -8.83
N PHE A 83 -0.01 -16.85 -8.05
CA PHE A 83 -0.22 -16.04 -6.86
C PHE A 83 -0.37 -16.87 -5.62
N MET A 84 -0.07 -16.25 -4.49
CA MET A 84 -0.34 -16.80 -3.21
C MET A 84 -0.74 -15.61 -2.39
N GLU A 85 -1.77 -15.73 -1.69
CA GLU A 85 -2.39 -14.58 -1.05
C GLU A 85 -2.03 -14.47 0.39
N LYS A 86 -1.20 -15.37 0.88
CA LYS A 86 -0.90 -15.42 2.28
C LYS A 86 0.09 -16.54 2.56
N LEU A 87 0.04 -17.06 3.74
CA LEU A 87 0.85 -18.17 4.13
C LEU A 87 -0.05 -19.37 4.39
N GLN A 88 -0.85 -19.26 5.46
CA GLN A 88 -1.86 -20.26 5.90
C GLN A 88 -1.56 -21.75 5.60
N ASP A 89 -0.30 -22.10 5.46
CA ASP A 89 0.06 -23.51 5.30
C ASP A 89 0.17 -24.12 6.70
N GLU A 90 1.10 -25.02 6.91
CA GLU A 90 1.34 -25.57 8.20
C GLU A 90 2.68 -25.03 8.69
N ASP A 91 2.91 -23.75 8.30
CA ASP A 91 4.14 -22.98 8.62
C ASP A 91 5.30 -23.24 7.61
N GLU A 92 5.25 -24.35 6.87
CA GLU A 92 6.30 -24.68 5.90
C GLU A 92 6.15 -23.83 4.63
N GLY A 93 7.26 -23.55 3.93
CA GLY A 93 7.15 -22.74 2.74
C GLY A 93 8.33 -22.84 1.75
N THR A 94 8.20 -23.66 0.71
CA THR A 94 9.28 -23.80 -0.29
C THR A 94 8.71 -24.30 -1.62
N TYR A 95 8.85 -23.51 -2.70
CA TYR A 95 8.27 -23.93 -3.98
C TYR A 95 9.30 -24.01 -5.07
N THR A 96 9.37 -25.15 -5.76
CA THR A 96 10.32 -25.36 -6.84
C THR A 96 9.58 -25.49 -8.18
N PHE A 97 9.80 -24.58 -9.13
CA PHE A 97 9.25 -24.78 -10.46
C PHE A 97 10.24 -25.46 -11.34
N GLN A 98 9.90 -26.62 -11.77
CA GLN A 98 10.67 -27.32 -12.75
C GLN A 98 9.88 -27.34 -14.07
N ILE A 99 10.39 -26.72 -15.13
CA ILE A 99 9.67 -26.68 -16.39
C ILE A 99 10.51 -27.29 -17.45
N GLN A 100 9.88 -27.95 -18.38
CA GLN A 100 10.58 -28.46 -19.48
C GLN A 100 9.70 -28.52 -20.69
N ASP A 101 10.25 -28.18 -21.81
CA ASP A 101 9.54 -28.22 -23.05
C ASP A 101 10.30 -29.09 -24.03
N GLY A 102 9.64 -30.12 -24.51
CA GLY A 102 10.29 -31.05 -25.43
C GLY A 102 11.44 -31.81 -24.80
N LYS A 103 12.67 -31.30 -24.95
CA LYS A 103 13.86 -31.97 -24.44
C LYS A 103 14.65 -31.07 -23.44
N ALA A 104 14.18 -29.86 -23.23
CA ALA A 104 14.89 -28.93 -22.35
C ALA A 104 14.27 -28.96 -20.99
N THR A 105 15.03 -28.66 -19.93
CA THR A 105 14.49 -28.71 -18.57
C THR A 105 15.14 -27.61 -17.72
N GLY A 106 14.41 -27.05 -16.77
CA GLY A 106 14.94 -26.02 -15.92
C GLY A 106 14.35 -26.08 -14.52
N HIS A 107 15.15 -25.74 -13.53
CA HIS A 107 14.71 -25.74 -12.15
C HIS A 107 14.86 -24.36 -11.53
N SER A 108 14.08 -24.14 -10.52
CA SER A 108 14.01 -22.88 -9.80
C SER A 108 13.34 -23.15 -8.50
N THR A 109 13.58 -22.36 -7.48
CA THR A 109 12.96 -22.61 -6.21
C THR A 109 12.85 -21.33 -5.39
N LEU A 110 11.77 -21.23 -4.67
CA LEU A 110 11.45 -20.10 -3.84
C LEU A 110 11.17 -20.58 -2.46
N VAL A 111 11.47 -19.79 -1.48
CA VAL A 111 11.25 -20.22 -0.12
C VAL A 111 10.59 -19.14 0.73
N LEU A 112 9.44 -19.47 1.30
CA LEU A 112 8.68 -18.57 2.14
C LEU A 112 8.29 -19.28 3.38
N ILE A 113 9.20 -19.49 4.23
CA ILE A 113 8.88 -20.11 5.46
C ILE A 113 8.86 -19.07 6.52
N GLY A 114 8.14 -19.35 7.59
CA GLY A 114 8.00 -18.41 8.72
C GLY A 114 9.09 -17.36 8.87
N ASP A 115 10.24 -17.76 9.37
CA ASP A 115 11.35 -16.82 9.58
C ASP A 115 11.81 -16.17 8.29
N VAL A 116 11.63 -16.87 7.19
CA VAL A 116 12.07 -16.41 5.90
C VAL A 116 11.15 -15.34 5.33
N TYR A 117 9.85 -15.63 5.19
CA TYR A 117 8.88 -14.66 4.70
C TYR A 117 9.00 -13.34 5.39
N LYS A 118 9.27 -13.36 6.67
CA LYS A 118 9.41 -12.12 7.40
C LYS A 118 10.53 -11.30 6.83
N LYS A 119 11.47 -12.00 6.26
CA LYS A 119 12.58 -11.41 5.63
C LYS A 119 12.12 -10.68 4.36
N LEU A 120 11.47 -11.40 3.43
CA LEU A 120 10.97 -10.78 2.22
C LEU A 120 9.88 -9.78 2.53
N GLN A 121 9.21 -9.92 3.68
CA GLN A 121 8.14 -9.01 4.03
C GLN A 121 8.65 -7.57 4.19
N LYS A 122 9.79 -7.38 4.88
CA LYS A 122 10.44 -6.06 4.93
C LYS A 122 10.54 -5.46 3.53
N GLU A 123 11.15 -6.20 2.65
CA GLU A 123 11.24 -5.78 1.25
C GLU A 123 9.82 -5.55 0.67
N ALA A 124 8.92 -6.46 1.02
CA ALA A 124 7.54 -6.35 0.65
C ALA A 124 6.99 -5.01 1.07
N GLU A 125 7.22 -4.59 2.35
CA GLU A 125 6.87 -3.23 2.84
C GLU A 125 6.74 -2.22 1.71
N PHE A 126 7.84 -1.98 1.00
CA PHE A 126 7.80 -1.10 -0.22
C PHE A 126 6.56 -1.34 -1.08
N GLN A 127 6.23 -2.60 -1.25
CA GLN A 127 5.07 -3.00 -2.07
C GLN A 127 3.80 -3.11 -1.20
N ARG A 128 3.99 -3.52 0.04
CA ARG A 128 2.94 -3.73 1.06
C ARG A 128 2.13 -2.47 1.31
N GLN A 129 2.64 -1.36 0.80
CA GLN A 129 2.01 -0.04 0.89
C GLN A 129 0.52 0.02 0.40
N GLU A 130 -0.19 -1.09 0.51
CA GLU A 130 -1.56 -1.19 0.05
C GLU A 130 -2.43 -0.41 1.02
N TRP A 131 -1.86 -0.15 2.20
CA TRP A 131 -2.52 0.55 3.29
C TRP A 131 -3.18 1.83 2.81
N ILE A 132 -2.46 2.55 1.96
CA ILE A 132 -2.87 3.82 1.40
C ILE A 132 -4.37 3.89 1.22
N ARG A 133 -4.92 3.06 0.33
CA ARG A 133 -6.36 2.92 0.16
C ARG A 133 -7.04 4.26 -0.02
N LYS A 134 -6.28 5.21 -0.58
CA LYS A 134 -6.78 6.56 -0.90
C LYS A 134 -6.95 7.44 0.32
N GLN A 135 -6.47 6.98 1.47
CA GLN A 135 -6.54 7.79 2.68
C GLN A 135 -5.13 8.01 3.25
N GLY A 136 -4.23 7.08 2.94
CA GLY A 136 -2.86 7.11 3.43
C GLY A 136 -1.96 8.16 2.79
N PRO A 137 -2.02 8.37 1.42
CA PRO A 137 -1.18 9.37 0.78
C PRO A 137 -1.55 10.77 1.23
N HIS A 138 -0.86 11.23 2.30
CA HIS A 138 -1.10 12.53 2.97
C HIS A 138 -2.53 12.65 3.50
N PHE A 139 -2.72 13.58 4.43
CA PHE A 139 -4.03 13.78 5.00
C PHE A 139 -4.93 14.46 3.99
N ALA A 140 -6.18 14.04 3.96
CA ALA A 140 -7.14 14.58 3.01
C ALA A 140 -7.46 16.06 3.29
N GLU A 141 -7.72 16.37 4.55
CA GLU A 141 -8.03 17.74 4.95
C GLU A 141 -6.96 18.30 5.85
N TYR A 142 -6.63 19.54 5.71
CA TYR A 142 -5.59 20.14 6.56
C TYR A 142 -6.05 21.48 7.06
N LEU A 143 -5.94 21.73 8.37
CA LEU A 143 -6.35 23.02 8.91
C LEU A 143 -5.31 24.06 8.57
N SER A 144 -5.47 25.24 9.17
CA SER A 144 -4.58 26.37 9.02
C SER A 144 -5.33 27.60 9.46
N TRP A 145 -4.88 28.24 10.51
CA TRP A 145 -5.52 29.51 10.88
C TRP A 145 -4.73 30.74 10.47
N GLU A 146 -5.44 31.83 10.42
CA GLU A 146 -4.88 33.09 9.98
C GLU A 146 -5.29 34.22 10.89
N VAL A 147 -4.34 34.84 11.54
CA VAL A 147 -4.63 35.97 12.39
C VAL A 147 -4.75 37.23 11.56
N THR A 148 -5.92 37.80 11.60
CA THR A 148 -6.25 39.00 10.84
C THR A 148 -6.05 40.27 11.68
N GLY A 149 -6.17 41.44 11.04
CA GLY A 149 -5.93 42.72 11.70
C GLY A 149 -6.80 42.97 12.92
N GLU A 150 -7.97 42.34 12.97
CA GLU A 150 -8.86 42.53 14.12
C GLU A 150 -8.44 41.61 15.29
N SER A 151 -7.33 40.91 15.08
CA SER A 151 -6.72 40.00 16.04
C SER A 151 -7.51 38.70 16.12
N ASN A 152 -8.11 38.36 15.03
CA ASN A 152 -8.92 37.16 14.95
C ASN A 152 -8.22 36.07 14.14
N VAL A 153 -8.58 34.86 14.44
CA VAL A 153 -8.06 33.75 13.65
C VAL A 153 -9.05 33.09 12.72
N LEU A 154 -8.68 33.08 11.47
CA LEU A 154 -9.51 32.56 10.41
C LEU A 154 -9.18 31.10 10.14
N LEU A 155 -9.93 30.25 10.78
CA LEU A 155 -9.81 28.81 10.64
C LEU A 155 -10.26 28.35 9.30
N LYS A 156 -9.36 27.76 8.57
CA LYS A 156 -9.65 27.28 7.26
C LYS A 156 -8.88 25.99 7.03
N CYS A 157 -9.58 24.96 6.65
CA CYS A 157 -8.89 23.74 6.25
C CYS A 157 -8.97 23.56 4.74
N LYS A 158 -8.50 22.41 4.22
CA LYS A 158 -8.49 22.18 2.79
C LYS A 158 -8.81 20.75 2.54
N VAL A 159 -9.71 20.53 1.63
CA VAL A 159 -10.27 19.20 1.41
C VAL A 159 -9.57 18.42 0.31
N ALA A 160 -9.76 17.12 0.36
CA ALA A 160 -9.40 16.21 -0.69
C ALA A 160 -10.60 15.27 -0.89
N ASN A 161 -10.56 14.39 -1.88
CA ASN A 161 -11.64 13.42 -2.21
C ASN A 161 -12.50 12.97 -1.05
N ILE A 162 -13.76 13.35 -1.13
CA ILE A 162 -14.75 13.01 -0.17
C ILE A 162 -16.16 13.06 -0.84
N LYS A 163 -16.82 11.90 -0.94
CA LYS A 163 -18.10 11.80 -1.68
C LYS A 163 -19.28 11.36 -0.82
N LYS A 164 -19.60 12.10 0.21
CA LYS A 164 -20.79 11.79 1.00
C LYS A 164 -21.80 12.95 0.96
N GLU A 165 -21.50 13.98 1.73
CA GLU A 165 -22.33 15.17 1.80
C GLU A 165 -21.47 16.43 1.83
N THR A 166 -21.17 16.91 3.01
CA THR A 166 -20.25 18.01 3.14
C THR A 166 -18.90 17.41 3.50
N HIS A 167 -17.92 18.22 3.80
CA HIS A 167 -16.61 17.70 4.16
C HIS A 167 -16.45 17.62 5.67
N ILE A 168 -15.84 18.67 6.22
CA ILE A 168 -15.52 18.73 7.61
C ILE A 168 -16.58 19.47 8.42
N VAL A 169 -16.22 19.76 9.66
CA VAL A 169 -17.00 20.50 10.59
C VAL A 169 -16.09 20.90 11.74
N TRP A 170 -16.10 22.18 12.07
CA TRP A 170 -15.26 22.72 13.12
C TRP A 170 -15.79 22.33 14.46
N TYR A 171 -14.92 22.08 15.40
CA TYR A 171 -15.32 21.68 16.71
C TYR A 171 -14.35 22.30 17.73
N LYS A 172 -14.40 21.76 18.91
CA LYS A 172 -13.57 22.21 20.01
C LYS A 172 -13.82 21.38 21.23
N ASP A 173 -13.20 20.21 21.26
CA ASP A 173 -13.36 19.29 22.38
C ASP A 173 -14.85 19.01 22.60
N GLU A 174 -15.48 18.36 21.60
CA GLU A 174 -16.90 18.03 21.63
C GLU A 174 -17.85 19.25 21.48
N ARG A 175 -17.30 20.45 21.34
CA ARG A 175 -18.13 21.65 21.13
C ARG A 175 -18.32 21.94 19.66
N GLU A 176 -19.56 22.00 19.27
CA GLU A 176 -19.93 22.22 17.90
C GLU A 176 -20.12 23.70 17.63
N ILE A 177 -19.20 24.26 16.85
CA ILE A 177 -19.30 25.66 16.44
C ILE A 177 -20.49 25.82 15.46
N SER A 178 -21.44 26.68 15.82
CA SER A 178 -22.67 26.87 15.06
C SER A 178 -22.47 27.70 13.78
N VAL A 179 -22.44 27.02 12.62
CA VAL A 179 -22.36 27.69 11.32
C VAL A 179 -23.30 26.99 10.33
N ASP A 180 -23.81 27.76 9.36
CA ASP A 180 -24.67 27.20 8.30
C ASP A 180 -24.00 25.99 7.63
N GLU A 181 -24.77 24.93 7.48
CA GLU A 181 -24.28 23.67 6.94
C GLU A 181 -24.24 23.67 5.40
N LYS A 182 -25.20 23.00 4.76
CA LYS A 182 -25.21 22.87 3.30
C LYS A 182 -26.25 23.78 2.65
N HIS A 183 -26.70 24.78 3.39
CA HIS A 183 -27.69 25.71 2.85
C HIS A 183 -26.98 26.71 1.95
N ASP A 184 -25.83 27.18 2.41
CA ASP A 184 -24.97 28.04 1.61
C ASP A 184 -23.81 27.21 1.05
N PHE A 185 -23.95 25.89 1.18
CA PHE A 185 -23.01 24.89 0.67
C PHE A 185 -21.72 24.79 1.48
N LYS A 186 -20.86 25.81 1.39
CA LYS A 186 -19.52 25.78 2.03
C LYS A 186 -18.68 24.67 1.41
N ASP A 187 -19.05 24.30 0.18
CA ASP A 187 -18.39 23.23 -0.56
C ASP A 187 -16.92 23.53 -0.83
N GLY A 188 -16.11 22.48 -0.83
CA GLY A 188 -14.69 22.64 -1.06
C GLY A 188 -13.95 22.94 0.21
N ILE A 189 -13.41 24.14 0.29
CA ILE A 189 -12.68 24.57 1.46
C ILE A 189 -13.59 25.46 2.31
N CYS A 190 -13.32 25.55 3.62
CA CYS A 190 -14.14 26.35 4.50
C CYS A 190 -13.30 27.22 5.41
N THR A 191 -13.85 28.37 5.76
CA THR A 191 -13.19 29.35 6.58
C THR A 191 -14.13 29.85 7.69
N LEU A 192 -13.55 30.24 8.81
CA LEU A 192 -14.31 30.80 9.94
C LEU A 192 -13.53 31.92 10.61
N LEU A 193 -14.16 32.56 11.60
CA LEU A 193 -13.48 33.64 12.28
C LEU A 193 -13.54 33.61 13.81
N ILE A 194 -12.41 33.26 14.35
CA ILE A 194 -12.15 33.33 15.77
C ILE A 194 -11.95 34.78 16.13
N THR A 195 -13.05 35.44 16.39
CA THR A 195 -13.01 36.85 16.70
C THR A 195 -12.70 37.06 18.13
N GLU A 196 -11.40 37.05 18.39
CA GLU A 196 -10.84 37.11 19.72
C GLU A 196 -10.97 35.72 20.29
N PHE A 197 -9.95 35.25 20.92
CA PHE A 197 -9.94 33.92 21.46
C PHE A 197 -9.46 34.07 22.89
N SER A 198 -9.68 33.11 23.74
CA SER A 198 -9.37 33.31 25.14
C SER A 198 -8.52 32.18 25.63
N LYS A 199 -7.48 32.49 26.43
CA LYS A 199 -6.61 31.44 27.03
C LYS A 199 -7.40 30.42 27.88
N LYS A 200 -8.70 30.65 28.01
CA LYS A 200 -9.58 29.75 28.75
C LYS A 200 -10.56 29.07 27.79
N ASP A 201 -10.47 29.43 26.53
CA ASP A 201 -11.34 28.86 25.50
C ASP A 201 -10.51 28.19 24.42
N ALA A 202 -9.23 28.50 24.43
CA ALA A 202 -8.28 28.00 23.47
C ALA A 202 -8.06 26.51 23.61
N GLY A 203 -7.37 25.95 22.64
CA GLY A 203 -7.14 24.54 22.63
C GLY A 203 -7.16 24.01 21.25
N PHE A 204 -7.47 22.77 21.10
CA PHE A 204 -7.48 22.16 19.80
C PHE A 204 -8.80 22.34 19.07
N TYR A 205 -8.72 22.98 17.92
CA TYR A 205 -9.85 23.18 17.05
C TYR A 205 -9.95 21.92 16.20
N GLU A 206 -11.05 21.16 16.37
CA GLU A 206 -11.16 19.87 15.73
C GLU A 206 -11.83 19.92 14.36
N VAL A 207 -11.16 19.32 13.39
CA VAL A 207 -11.74 19.08 12.09
C VAL A 207 -12.26 17.64 12.07
N ILE A 208 -13.46 17.42 11.50
CA ILE A 208 -14.10 16.10 11.56
C ILE A 208 -14.48 15.66 10.16
N LEU A 209 -14.27 14.39 9.85
CA LEU A 209 -14.57 13.86 8.52
C LEU A 209 -15.40 12.62 8.63
N LYS A 210 -16.53 12.62 7.98
CA LYS A 210 -17.34 11.42 7.91
C LYS A 210 -17.81 11.20 6.50
N ASP A 211 -17.68 9.99 6.02
CA ASP A 211 -18.13 9.64 4.66
C ASP A 211 -19.13 8.50 4.79
N ASP A 212 -19.02 7.43 4.01
CA ASP A 212 -19.94 6.32 4.12
C ASP A 212 -19.32 5.27 5.03
N ARG A 213 -18.56 5.73 5.97
CA ARG A 213 -17.82 4.90 6.89
C ARG A 213 -18.14 5.38 8.29
N GLY A 214 -17.13 5.66 9.09
CA GLY A 214 -17.40 6.25 10.35
C GLY A 214 -16.96 7.70 10.33
N LYS A 215 -15.94 8.02 11.09
CA LYS A 215 -15.46 9.38 11.16
C LYS A 215 -13.96 9.43 10.96
N ASP A 216 -13.40 10.56 11.35
CA ASP A 216 -11.99 10.86 11.26
C ASP A 216 -11.75 12.30 11.64
N LYS A 217 -11.10 12.52 12.73
CA LYS A 217 -10.81 13.88 13.15
C LYS A 217 -9.38 14.00 13.52
N SER A 218 -8.74 15.10 13.15
CA SER A 218 -7.37 15.32 13.48
C SER A 218 -7.21 16.84 13.58
N ARG A 219 -6.56 17.27 14.61
CA ARG A 219 -6.44 18.70 14.87
C ARG A 219 -5.24 19.07 15.67
N LEU A 220 -4.92 20.35 15.68
CA LEU A 220 -3.79 20.86 16.44
C LEU A 220 -4.28 21.71 17.58
N LYS A 221 -3.36 22.23 18.36
CA LYS A 221 -3.69 23.06 19.50
C LYS A 221 -3.56 24.51 19.09
N LEU A 222 -4.64 25.24 19.08
CA LEU A 222 -4.62 26.59 18.64
C LEU A 222 -4.58 27.57 19.79
N VAL A 223 -3.61 28.49 19.69
CA VAL A 223 -3.44 29.56 20.64
C VAL A 223 -3.20 30.84 19.88
N ASP A 224 -3.99 31.83 20.15
CA ASP A 224 -3.85 33.11 19.52
C ASP A 224 -3.99 34.21 20.52
N GLU A 225 -4.75 33.92 21.55
CA GLU A 225 -5.01 34.85 22.64
C GLU A 225 -3.77 35.23 23.36
N ALA A 226 -2.77 34.52 23.08
CA ALA A 226 -1.50 34.73 23.66
C ALA A 226 -0.74 35.74 22.87
N PHE A 227 -1.23 35.95 21.68
CA PHE A 227 -0.60 36.84 20.75
C PHE A 227 -1.40 38.10 20.65
N GLN A 228 -2.70 37.93 20.70
CA GLN A 228 -3.66 38.98 20.72
C GLN A 228 -3.37 39.90 21.84
N ASP A 229 -2.90 39.32 22.88
CA ASP A 229 -2.59 40.01 24.09
C ASP A 229 -1.45 40.99 23.85
N LEU A 230 -0.69 40.70 22.82
CA LEU A 230 0.47 41.48 22.45
C LEU A 230 0.08 42.62 21.52
N MET A 231 -1.11 42.51 21.00
CA MET A 231 -1.64 43.49 20.06
C MET A 231 -2.03 44.77 20.77
N GLY A 1 6.35 -2.60 14.73
CA GLY A 1 6.62 -1.91 13.45
C GLY A 1 6.83 -2.86 12.30
N SER A 2 5.73 -3.37 11.74
CA SER A 2 5.78 -4.32 10.64
C SER A 2 6.15 -3.66 9.30
N HIS A 3 6.71 -2.45 9.38
CA HIS A 3 7.14 -1.72 8.18
C HIS A 3 8.26 -2.50 7.51
N MET A 4 9.27 -2.89 8.33
CA MET A 4 10.46 -3.70 7.92
C MET A 4 11.15 -3.19 6.66
N GLU A 5 10.86 -1.98 6.24
CA GLU A 5 11.42 -1.42 5.03
C GLU A 5 12.93 -1.19 5.16
N GLU A 6 13.32 -0.29 6.02
CA GLU A 6 14.70 0.02 6.26
C GLU A 6 15.55 -1.22 6.56
N GLU A 7 15.04 -2.06 7.41
CA GLU A 7 15.70 -3.29 7.74
C GLU A 7 15.89 -4.15 6.51
N MET A 8 14.93 -4.11 5.61
CA MET A 8 14.97 -4.97 4.45
C MET A 8 15.86 -4.41 3.41
N LYS A 9 15.91 -3.10 3.36
CA LYS A 9 16.84 -2.40 2.51
C LYS A 9 18.26 -2.98 2.59
N ARG A 10 18.68 -3.39 3.79
CA ARG A 10 20.01 -3.95 3.98
C ARG A 10 20.04 -5.41 3.51
N LEU A 11 18.91 -6.04 3.64
CA LEU A 11 18.71 -7.40 3.20
C LEU A 11 18.78 -7.47 1.67
N LEU A 12 18.18 -6.48 1.03
CA LEU A 12 18.21 -6.38 -0.43
C LEU A 12 19.56 -5.88 -0.89
N ALA A 13 20.09 -4.87 -0.19
CA ALA A 13 21.37 -4.29 -0.50
C ALA A 13 22.47 -5.35 -0.48
N LEU A 14 22.30 -6.33 0.41
CA LEU A 14 23.24 -7.39 0.61
C LEU A 14 23.37 -8.27 -0.61
N SER A 15 22.29 -8.37 -1.33
CA SER A 15 22.23 -9.25 -2.48
C SER A 15 23.08 -8.71 -3.62
N GLN A 16 23.14 -7.37 -3.74
CA GLN A 16 23.95 -6.69 -4.78
C GLN A 16 23.46 -7.05 -6.19
N GLU A 17 22.86 -6.04 -6.88
CA GLU A 17 22.27 -6.18 -8.23
C GLU A 17 23.02 -7.21 -9.09
N HIS A 18 22.45 -8.41 -9.19
CA HIS A 18 23.08 -9.51 -9.95
C HIS A 18 22.15 -10.74 -9.95
N LYS A 19 21.30 -10.82 -8.93
CA LYS A 19 20.35 -11.93 -8.79
C LYS A 19 19.41 -12.02 -9.99
N PHE A 20 19.33 -13.20 -10.56
CA PHE A 20 18.45 -13.47 -11.64
C PHE A 20 17.49 -14.57 -11.26
N PRO A 21 16.31 -14.53 -11.82
CA PRO A 21 15.20 -15.43 -11.50
C PRO A 21 15.21 -16.67 -12.30
N THR A 22 15.86 -16.59 -13.38
CA THR A 22 15.93 -17.66 -14.30
C THR A 22 16.64 -18.88 -13.71
N VAL A 23 16.75 -19.86 -14.54
CA VAL A 23 17.23 -21.18 -14.23
C VAL A 23 17.63 -21.77 -15.59
N PRO A 24 18.09 -23.06 -15.70
CA PRO A 24 18.38 -23.67 -17.03
C PRO A 24 17.27 -23.39 -18.08
N THR A 25 16.05 -23.12 -17.60
CA THR A 25 14.94 -22.74 -18.46
C THR A 25 15.03 -21.24 -18.82
N LYS A 26 13.95 -20.51 -18.57
CA LYS A 26 13.84 -19.11 -18.87
C LYS A 26 12.84 -18.45 -17.90
N SER A 27 12.95 -18.76 -16.63
CA SER A 27 11.99 -18.31 -15.66
C SER A 27 12.22 -16.86 -15.22
N GLU A 28 11.36 -15.98 -15.67
CA GLU A 28 11.35 -14.62 -15.17
C GLU A 28 10.36 -14.59 -13.99
N LEU A 29 10.18 -15.80 -13.42
CA LEU A 29 9.24 -16.10 -12.34
C LEU A 29 9.46 -15.22 -11.18
N ALA A 30 8.65 -14.22 -11.03
CA ALA A 30 8.75 -13.41 -9.90
C ALA A 30 7.35 -12.99 -9.41
N VAL A 31 7.33 -11.96 -8.58
CA VAL A 31 6.11 -11.47 -7.94
C VAL A 31 5.78 -10.08 -8.41
N GLU A 32 4.74 -9.99 -9.19
CA GLU A 32 4.31 -8.74 -9.73
C GLU A 32 2.88 -8.53 -9.33
N ILE A 33 2.64 -7.63 -8.42
CA ILE A 33 1.31 -7.34 -8.09
C ILE A 33 0.76 -6.34 -9.09
N LEU A 34 -0.15 -6.83 -9.89
CA LEU A 34 -0.77 -6.10 -10.99
C LEU A 34 -1.25 -4.71 -10.58
N GLU A 35 -1.48 -3.88 -11.59
CA GLU A 35 -2.01 -2.55 -11.40
C GLU A 35 -3.25 -2.55 -10.52
N LYS A 36 -4.06 -3.56 -10.71
CA LYS A 36 -5.31 -3.76 -9.99
C LYS A 36 -5.03 -4.18 -8.54
N GLY A 37 -3.76 -4.45 -8.28
CA GLY A 37 -3.28 -4.84 -6.98
C GLY A 37 -3.58 -6.33 -6.65
N GLN A 38 -3.30 -7.24 -7.61
CA GLN A 38 -3.52 -8.71 -7.41
C GLN A 38 -2.18 -9.47 -7.56
N VAL A 39 -2.14 -10.73 -7.09
CA VAL A 39 -0.90 -11.52 -7.11
C VAL A 39 -0.65 -12.16 -8.52
N ARG A 40 0.63 -12.20 -9.00
CA ARG A 40 0.94 -12.80 -10.32
C ARG A 40 2.21 -13.69 -10.28
N PHE A 41 2.10 -14.99 -10.65
CA PHE A 41 3.29 -15.85 -10.87
C PHE A 41 3.53 -15.94 -12.37
N TRP A 42 4.74 -15.69 -12.81
CA TRP A 42 5.02 -15.76 -14.24
C TRP A 42 6.47 -16.08 -14.54
N MET A 43 6.69 -17.29 -15.07
CA MET A 43 7.99 -17.75 -15.55
C MET A 43 7.78 -17.94 -17.04
N GLN A 44 8.77 -18.39 -17.81
CA GLN A 44 8.49 -18.48 -19.20
C GLN A 44 8.19 -19.91 -19.56
N ALA A 45 9.23 -20.65 -19.83
CA ALA A 45 9.21 -22.08 -20.14
C ALA A 45 8.99 -22.26 -21.59
N GLU A 46 10.08 -22.24 -22.26
CA GLU A 46 10.16 -22.27 -23.70
C GLU A 46 9.95 -23.63 -24.28
N LYS A 47 9.56 -24.54 -23.46
CA LYS A 47 9.40 -25.87 -23.95
C LYS A 47 8.46 -26.72 -23.14
N LEU A 48 7.41 -27.09 -23.82
CA LEU A 48 6.41 -27.97 -23.34
C LEU A 48 6.09 -29.00 -24.42
N SER A 49 6.80 -30.09 -24.39
CA SER A 49 6.58 -31.14 -25.39
C SER A 49 5.95 -32.41 -24.79
N SER A 50 6.77 -33.42 -24.54
CA SER A 50 6.27 -34.69 -24.03
C SER A 50 6.25 -34.68 -22.50
N ASN A 51 7.40 -34.99 -21.87
CA ASN A 51 7.50 -34.97 -20.41
C ASN A 51 7.10 -33.61 -19.86
N ALA A 52 7.84 -32.56 -20.33
CA ALA A 52 7.62 -31.12 -19.96
C ALA A 52 6.65 -30.95 -18.79
N LYS A 53 7.27 -31.05 -17.67
CA LYS A 53 6.60 -31.01 -16.39
C LYS A 53 6.88 -29.73 -15.63
N VAL A 54 5.84 -29.21 -15.03
CA VAL A 54 5.91 -28.02 -14.21
C VAL A 54 5.30 -28.37 -12.87
N SER A 55 6.00 -28.06 -11.84
CA SER A 55 5.55 -28.42 -10.52
C SER A 55 5.33 -27.19 -9.68
N TYR A 56 4.07 -26.98 -9.31
CA TYR A 56 3.69 -25.90 -8.44
C TYR A 56 3.93 -26.36 -7.03
N ILE A 57 4.76 -25.66 -6.32
CA ILE A 57 5.13 -26.06 -4.99
C ILE A 57 4.83 -24.94 -4.05
N PHE A 58 4.29 -25.26 -2.91
CA PHE A 58 3.98 -24.28 -1.92
C PHE A 58 4.49 -24.81 -0.62
N ASN A 59 5.31 -24.05 0.05
CA ASN A 59 5.88 -24.43 1.35
C ASN A 59 6.54 -25.84 1.38
N GLU A 60 7.05 -26.35 0.22
CA GLU A 60 7.86 -27.62 0.14
C GLU A 60 6.96 -28.79 -0.26
N LYS A 61 5.76 -28.47 -0.63
CA LYS A 61 4.80 -29.43 -1.04
C LYS A 61 4.31 -29.06 -2.44
N GLU A 62 3.92 -30.04 -3.23
CA GLU A 62 3.38 -29.79 -4.55
C GLU A 62 1.89 -29.53 -4.45
N ILE A 63 1.44 -28.46 -5.07
CA ILE A 63 0.02 -28.13 -5.05
C ILE A 63 -0.56 -28.40 -6.43
N PHE A 64 -1.73 -27.84 -6.73
CA PHE A 64 -2.37 -28.07 -8.01
C PHE A 64 -3.44 -27.02 -8.21
N GLU A 65 -3.57 -26.55 -9.45
CA GLU A 65 -4.59 -25.56 -9.80
C GLU A 65 -5.95 -25.99 -9.27
N GLY A 66 -6.76 -25.04 -8.86
CA GLY A 66 -8.02 -25.35 -8.27
C GLY A 66 -8.68 -24.07 -7.78
N PRO A 67 -9.11 -24.02 -6.52
CA PRO A 67 -9.74 -22.83 -5.97
C PRO A 67 -8.73 -21.82 -5.35
N LYS A 68 -7.81 -22.33 -4.53
CA LYS A 68 -6.86 -21.46 -3.81
C LYS A 68 -5.73 -20.89 -4.72
N TYR A 69 -5.37 -21.61 -5.77
CA TYR A 69 -4.30 -21.19 -6.70
C TYR A 69 -4.73 -21.55 -8.08
N LYS A 70 -4.85 -20.60 -8.96
CA LYS A 70 -5.31 -20.87 -10.31
C LYS A 70 -4.18 -20.71 -11.30
N MET A 71 -4.02 -21.70 -12.12
CA MET A 71 -2.94 -21.73 -13.10
C MET A 71 -3.46 -21.95 -14.49
N HIS A 72 -2.84 -21.31 -15.46
CA HIS A 72 -3.17 -21.57 -16.81
C HIS A 72 -1.93 -21.48 -17.68
N ILE A 73 -1.66 -22.55 -18.38
CA ILE A 73 -0.51 -22.64 -19.26
C ILE A 73 -1.05 -22.96 -20.62
N ASP A 74 -0.72 -22.19 -21.61
CA ASP A 74 -1.37 -22.31 -22.93
C ASP A 74 -0.40 -22.86 -23.93
N ARG A 75 0.37 -23.85 -23.47
CA ARG A 75 1.57 -24.43 -24.14
C ARG A 75 2.12 -23.75 -25.43
N ASN A 76 1.87 -22.45 -25.65
CA ASN A 76 2.58 -21.71 -26.66
C ASN A 76 3.92 -21.44 -26.12
N THR A 77 4.71 -22.42 -26.28
CA THR A 77 6.09 -22.53 -25.85
C THR A 77 6.08 -23.04 -24.44
N GLY A 78 5.03 -22.67 -23.74
CA GLY A 78 4.82 -23.09 -22.41
C GLY A 78 4.88 -21.98 -21.44
N ILE A 79 4.21 -20.91 -21.77
CA ILE A 79 4.12 -19.78 -20.88
C ILE A 79 3.22 -20.11 -19.70
N ILE A 80 3.75 -19.86 -18.50
CA ILE A 80 3.05 -20.16 -17.27
C ILE A 80 2.40 -18.92 -16.67
N GLU A 81 1.08 -18.83 -16.85
CA GLU A 81 0.30 -17.77 -16.26
C GLU A 81 -0.47 -18.30 -15.06
N MET A 82 -0.05 -17.92 -13.88
CA MET A 82 -0.67 -18.39 -12.68
C MET A 82 -0.84 -17.24 -11.74
N PHE A 83 -2.00 -17.12 -11.16
CA PHE A 83 -2.30 -15.97 -10.32
C PHE A 83 -2.70 -16.39 -8.93
N MET A 84 -2.78 -15.41 -8.06
CA MET A 84 -3.29 -15.59 -6.72
C MET A 84 -4.10 -14.33 -6.46
N GLU A 85 -5.20 -14.49 -5.85
CA GLU A 85 -6.13 -13.39 -5.71
C GLU A 85 -6.12 -12.78 -4.32
N LYS A 86 -5.33 -13.32 -3.42
CA LYS A 86 -5.39 -12.88 -2.04
C LYS A 86 -4.37 -13.64 -1.20
N LEU A 87 -4.66 -13.72 0.07
CA LEU A 87 -3.84 -14.48 0.98
C LEU A 87 -4.62 -15.69 1.48
N GLN A 88 -5.54 -15.43 2.41
CA GLN A 88 -6.38 -16.43 3.11
C GLN A 88 -5.90 -17.90 3.12
N ASP A 89 -4.58 -18.13 3.16
CA ASP A 89 -4.04 -19.48 3.32
C ASP A 89 -4.09 -19.77 4.82
N GLU A 90 -3.04 -20.34 5.40
CA GLU A 90 -3.00 -20.48 6.83
C GLU A 90 -1.94 -19.51 7.33
N ASP A 91 -1.96 -18.34 6.69
CA ASP A 91 -1.07 -17.20 6.98
C ASP A 91 0.33 -17.35 6.35
N GLU A 92 0.70 -18.56 5.96
CA GLU A 92 1.99 -18.80 5.34
C GLU A 92 1.94 -18.53 3.84
N GLY A 93 3.09 -18.64 3.15
CA GLY A 93 3.08 -18.40 1.72
C GLY A 93 4.46 -18.47 1.05
N THR A 94 4.73 -19.56 0.37
CA THR A 94 6.02 -19.73 -0.32
C THR A 94 5.86 -20.63 -1.52
N TYR A 95 6.08 -20.13 -2.74
CA TYR A 95 5.85 -20.98 -3.89
C TYR A 95 7.07 -21.13 -4.75
N THR A 96 7.44 -22.36 -5.07
CA THR A 96 8.58 -22.64 -5.89
C THR A 96 8.15 -23.33 -7.18
N PHE A 97 8.40 -22.74 -8.33
CA PHE A 97 8.12 -23.47 -9.56
C PHE A 97 9.34 -24.17 -10.03
N GLN A 98 9.23 -25.45 -10.08
CA GLN A 98 10.29 -26.24 -10.62
C GLN A 98 9.82 -26.84 -11.94
N ILE A 99 10.45 -26.45 -13.06
CA ILE A 99 10.03 -26.91 -14.35
C ILE A 99 11.16 -27.60 -15.01
N GLN A 100 10.86 -28.58 -15.77
CA GLN A 100 11.84 -29.24 -16.54
C GLN A 100 11.25 -29.74 -17.79
N ASP A 101 11.96 -29.57 -18.87
CA ASP A 101 11.51 -30.01 -20.14
C ASP A 101 12.54 -30.96 -20.70
N GLY A 102 12.10 -32.16 -21.03
CA GLY A 102 13.00 -33.15 -21.55
C GLY A 102 14.02 -33.63 -20.52
N LYS A 103 15.20 -33.02 -20.54
CA LYS A 103 16.29 -33.42 -19.64
C LYS A 103 16.78 -32.26 -18.74
N ALA A 104 16.30 -31.04 -19.00
CA ALA A 104 16.77 -29.87 -18.23
C ALA A 104 15.86 -29.65 -17.06
N THR A 105 16.31 -28.91 -16.04
CA THR A 105 15.47 -28.70 -14.83
C THR A 105 15.75 -27.32 -14.23
N GLY A 106 14.74 -26.68 -13.67
CA GLY A 106 14.92 -25.36 -13.09
C GLY A 106 14.01 -25.16 -11.88
N HIS A 107 14.52 -24.44 -10.90
CA HIS A 107 13.76 -24.18 -9.65
C HIS A 107 13.80 -22.71 -9.31
N SER A 108 12.65 -22.03 -9.27
CA SER A 108 12.62 -20.63 -8.89
C SER A 108 11.57 -20.45 -7.79
N THR A 109 11.92 -19.68 -6.76
CA THR A 109 11.04 -19.57 -5.60
C THR A 109 10.56 -18.14 -5.31
N LEU A 110 9.35 -18.08 -4.80
CA LEU A 110 8.70 -16.84 -4.40
C LEU A 110 8.20 -16.99 -3.00
N VAL A 111 8.10 -15.91 -2.29
CA VAL A 111 7.57 -15.98 -0.95
C VAL A 111 6.51 -14.90 -0.71
N LEU A 112 5.31 -15.35 -0.40
CA LEU A 112 4.19 -14.48 -0.15
C LEU A 112 3.57 -14.81 1.19
N ILE A 113 4.31 -14.60 2.22
CA ILE A 113 3.82 -14.87 3.52
C ILE A 113 3.33 -13.59 4.12
N GLY A 114 2.33 -13.70 4.97
CA GLY A 114 1.71 -12.52 5.59
C GLY A 114 2.68 -11.39 5.90
N ASP A 115 3.66 -11.62 6.75
CA ASP A 115 4.64 -10.59 7.09
C ASP A 115 5.35 -10.05 5.86
N VAL A 116 5.69 -10.95 4.96
CA VAL A 116 6.41 -10.58 3.74
C VAL A 116 5.53 -9.84 2.74
N TYR A 117 4.37 -10.39 2.44
CA TYR A 117 3.42 -9.81 1.53
C TYR A 117 3.16 -8.36 1.80
N LYS A 118 3.15 -7.97 3.05
CA LYS A 118 2.91 -6.57 3.39
C LYS A 118 3.97 -5.71 2.75
N LYS A 119 5.10 -6.31 2.53
CA LYS A 119 6.19 -5.68 1.91
C LYS A 119 5.87 -5.43 0.43
N LEU A 120 5.57 -6.50 -0.32
CA LEU A 120 5.26 -6.36 -1.74
C LEU A 120 3.97 -5.58 -1.96
N GLN A 121 3.08 -5.58 -0.97
CA GLN A 121 1.82 -4.88 -1.14
C GLN A 121 2.05 -3.38 -1.29
N LYS A 122 2.94 -2.78 -0.45
CA LYS A 122 3.36 -1.41 -0.66
C LYS A 122 3.68 -1.16 -2.11
N GLU A 123 4.49 -2.04 -2.68
CA GLU A 123 4.88 -1.93 -4.10
C GLU A 123 3.65 -2.13 -5.05
N ALA A 124 2.69 -2.89 -4.60
CA ALA A 124 1.41 -2.98 -5.30
C ALA A 124 0.76 -1.57 -5.33
N GLU A 125 0.62 -0.97 -4.15
CA GLU A 125 0.11 0.37 -4.00
C GLU A 125 1.05 1.37 -4.66
N PHE A 126 2.20 0.88 -5.09
CA PHE A 126 3.19 1.71 -5.72
C PHE A 126 2.62 2.18 -7.00
N GLN A 127 1.92 1.24 -7.71
CA GLN A 127 1.18 1.58 -8.92
C GLN A 127 0.59 2.95 -8.82
N ARG A 128 -0.17 3.20 -7.76
CA ARG A 128 -0.74 4.57 -7.61
C ARG A 128 -0.33 5.28 -6.32
N GLN A 129 -0.84 4.77 -5.20
CA GLN A 129 -0.65 5.31 -3.88
C GLN A 129 0.79 5.29 -3.37
N GLU A 130 1.74 5.48 -4.24
CA GLU A 130 3.14 5.32 -3.88
C GLU A 130 3.55 6.21 -2.68
N TRP A 131 3.59 7.51 -2.89
CA TRP A 131 4.09 8.46 -1.89
C TRP A 131 2.98 9.30 -1.27
N ILE A 132 2.55 10.24 -2.10
CA ILE A 132 1.71 11.46 -1.88
C ILE A 132 1.27 11.86 -0.47
N ARG A 133 1.06 10.95 0.39
CA ARG A 133 0.50 11.20 1.74
C ARG A 133 0.55 9.86 2.43
N LYS A 134 0.00 8.91 1.70
CA LYS A 134 -0.07 7.50 2.05
C LYS A 134 1.19 6.96 2.74
N GLN A 135 2.35 7.51 2.42
CA GLN A 135 3.59 6.96 2.96
C GLN A 135 3.90 7.41 4.41
N GLY A 136 3.15 8.35 4.93
CA GLY A 136 3.44 8.87 6.26
C GLY A 136 2.34 8.62 7.28
N PRO A 137 2.48 7.58 8.14
CA PRO A 137 1.52 7.27 9.18
C PRO A 137 1.80 8.06 10.48
N HIS A 138 0.93 7.87 11.49
CA HIS A 138 1.03 8.58 12.79
C HIS A 138 0.72 10.06 12.63
N PHE A 139 1.65 10.80 12.05
CA PHE A 139 1.44 12.21 11.79
C PHE A 139 0.68 12.37 10.47
N ALA A 140 -0.64 12.28 10.55
CA ALA A 140 -1.50 12.27 9.36
C ALA A 140 -2.16 13.63 9.06
N GLU A 141 -2.67 14.29 10.08
CA GLU A 141 -3.34 15.58 9.90
C GLU A 141 -2.54 16.70 10.56
N TYR A 142 -2.42 17.82 9.93
CA TYR A 142 -1.64 18.90 10.52
C TYR A 142 -2.40 20.20 10.47
N LEU A 143 -2.63 20.83 11.61
CA LEU A 143 -3.33 22.11 11.64
C LEU A 143 -2.38 23.20 11.25
N SER A 144 -2.85 24.44 11.36
CA SER A 144 -2.10 25.65 11.05
C SER A 144 -3.08 26.79 10.86
N TRP A 145 -3.03 27.78 11.69
CA TRP A 145 -3.87 28.97 11.43
C TRP A 145 -3.10 30.06 10.73
N GLU A 146 -3.74 31.19 10.51
CA GLU A 146 -3.15 32.28 9.76
C GLU A 146 -3.92 33.55 10.08
N VAL A 147 -3.33 34.42 10.90
CA VAL A 147 -4.02 35.65 11.28
C VAL A 147 -4.11 36.61 10.10
N THR A 148 -5.29 37.12 9.90
CA THR A 148 -5.59 38.04 8.83
C THR A 148 -5.85 39.45 9.39
N GLY A 149 -5.81 40.46 8.52
CA GLY A 149 -5.99 41.85 8.94
C GLY A 149 -7.41 42.19 9.40
N GLU A 150 -8.18 41.17 9.77
CA GLU A 150 -9.53 41.38 10.27
C GLU A 150 -9.60 40.91 11.72
N SER A 151 -8.45 40.49 12.22
CA SER A 151 -8.25 39.99 13.58
C SER A 151 -8.80 38.59 13.71
N ASN A 152 -8.86 37.91 12.62
CA ASN A 152 -9.29 36.57 12.59
C ASN A 152 -8.09 35.69 12.34
N VAL A 153 -8.28 34.39 12.39
CA VAL A 153 -7.20 33.48 12.06
C VAL A 153 -7.78 32.34 11.22
N LEU A 154 -7.12 32.04 10.13
CA LEU A 154 -7.61 31.07 9.18
C LEU A 154 -7.13 29.67 9.53
N LEU A 155 -8.01 28.92 10.19
CA LEU A 155 -7.75 27.54 10.56
C LEU A 155 -7.79 26.63 9.38
N LYS A 156 -6.69 25.99 9.12
CA LYS A 156 -6.58 25.05 8.05
C LYS A 156 -5.69 23.89 8.50
N CYS A 157 -6.20 22.69 8.47
CA CYS A 157 -5.33 21.54 8.69
C CYS A 157 -5.22 20.77 7.39
N LYS A 158 -4.62 19.58 7.41
CA LYS A 158 -4.42 18.85 6.18
C LYS A 158 -4.49 17.38 6.47
N VAL A 159 -5.22 16.69 5.64
CA VAL A 159 -5.54 15.28 5.90
C VAL A 159 -4.61 14.35 5.16
N ALA A 160 -4.50 13.15 5.67
CA ALA A 160 -3.79 12.10 5.02
C ALA A 160 -4.70 10.91 4.68
N ASN A 161 -4.07 9.96 4.03
CA ASN A 161 -4.63 8.64 3.60
C ASN A 161 -5.87 8.19 4.41
N ILE A 162 -7.04 8.58 3.93
CA ILE A 162 -8.28 8.24 4.62
C ILE A 162 -9.43 7.98 3.60
N LYS A 163 -10.19 6.90 3.82
CA LYS A 163 -11.25 6.49 2.88
C LYS A 163 -12.57 6.13 3.60
N LYS A 164 -13.13 7.06 4.36
CA LYS A 164 -14.39 6.78 5.06
C LYS A 164 -15.52 7.71 4.59
N GLU A 165 -15.59 8.91 5.17
CA GLU A 165 -16.60 9.90 4.83
C GLU A 165 -15.95 11.28 4.67
N THR A 166 -15.97 12.06 5.71
CA THR A 166 -15.26 13.31 5.74
C THR A 166 -13.92 13.03 6.38
N HIS A 167 -13.11 14.06 6.59
CA HIS A 167 -11.85 13.88 7.24
C HIS A 167 -11.92 14.28 8.71
N ILE A 168 -11.68 15.55 8.96
CA ILE A 168 -11.65 16.09 10.30
C ILE A 168 -12.94 16.80 10.63
N VAL A 169 -12.91 17.53 11.72
CA VAL A 169 -14.00 18.31 12.22
C VAL A 169 -13.40 19.34 13.20
N TRP A 170 -13.95 20.56 13.18
CA TRP A 170 -13.40 21.68 13.98
C TRP A 170 -13.89 21.65 15.41
N TYR A 171 -13.09 21.09 16.26
CA TYR A 171 -13.41 21.07 17.67
C TYR A 171 -12.72 22.19 18.49
N LYS A 172 -12.94 22.07 19.78
CA LYS A 172 -12.47 23.03 20.78
C LYS A 172 -12.87 22.57 22.15
N ASP A 173 -12.12 21.62 22.71
CA ASP A 173 -12.42 21.02 24.01
C ASP A 173 -13.87 20.59 24.08
N GLU A 174 -14.19 19.52 23.35
CA GLU A 174 -15.54 18.94 23.29
C GLU A 174 -16.57 19.80 22.55
N ARG A 175 -16.21 21.03 22.15
CA ARG A 175 -17.14 21.87 21.42
C ARG A 175 -17.02 21.68 19.94
N GLU A 176 -18.10 21.26 19.36
CA GLU A 176 -18.18 21.04 17.93
C GLU A 176 -18.72 22.27 17.23
N ILE A 177 -17.83 23.00 16.58
CA ILE A 177 -18.23 24.17 15.82
C ILE A 177 -19.23 23.76 14.70
N SER A 178 -20.38 24.43 14.62
CA SER A 178 -21.43 24.06 13.67
C SER A 178 -21.26 24.69 12.29
N VAL A 179 -20.78 23.90 11.33
CA VAL A 179 -20.66 24.32 9.93
C VAL A 179 -21.12 23.18 9.02
N ASP A 180 -21.37 23.48 7.75
CA ASP A 180 -21.72 22.46 6.74
C ASP A 180 -20.70 21.32 6.76
N GLU A 181 -21.19 20.11 6.92
CA GLU A 181 -20.31 18.95 7.05
C GLU A 181 -19.97 18.34 5.69
N LYS A 182 -20.85 17.49 5.19
CA LYS A 182 -20.59 16.76 3.95
C LYS A 182 -21.50 17.19 2.81
N HIS A 183 -22.20 18.28 2.98
CA HIS A 183 -23.09 18.74 1.93
C HIS A 183 -22.29 19.41 0.82
N ASP A 184 -21.31 20.23 1.20
CA ASP A 184 -20.36 20.78 0.25
C ASP A 184 -19.13 19.90 0.25
N PHE A 185 -19.16 18.88 1.10
CA PHE A 185 -18.12 17.86 1.24
C PHE A 185 -16.87 18.36 1.94
N LYS A 186 -16.27 19.44 1.43
CA LYS A 186 -15.03 20.00 2.01
C LYS A 186 -13.89 18.98 1.87
N ASP A 187 -14.05 18.07 0.90
CA ASP A 187 -13.08 16.99 0.63
C ASP A 187 -11.65 17.51 0.50
N GLY A 188 -10.71 16.73 1.02
CA GLY A 188 -9.33 17.13 1.01
C GLY A 188 -8.94 17.89 2.26
N ILE A 189 -8.52 19.13 2.07
CA ILE A 189 -8.12 19.98 3.17
C ILE A 189 -9.24 21.00 3.45
N CYS A 190 -9.31 21.51 4.66
CA CYS A 190 -10.39 22.44 4.99
C CYS A 190 -9.88 23.63 5.79
N THR A 191 -10.47 24.78 5.51
CA THR A 191 -10.14 26.01 6.16
C THR A 191 -11.39 26.68 6.76
N LEU A 192 -11.20 27.41 7.83
CA LEU A 192 -12.27 28.18 8.46
C LEU A 192 -11.76 29.54 8.91
N LEU A 193 -12.64 30.32 9.53
CA LEU A 193 -12.24 31.64 9.98
C LEU A 193 -12.64 31.99 11.40
N ILE A 194 -11.64 31.99 12.24
CA ILE A 194 -11.75 32.47 13.61
C ILE A 194 -11.92 33.96 13.56
N THR A 195 -13.13 34.40 13.42
CA THR A 195 -13.37 35.80 13.30
C THR A 195 -13.46 36.44 14.63
N GLU A 196 -12.28 36.79 15.13
CA GLU A 196 -12.09 37.33 16.45
C GLU A 196 -12.06 36.16 17.41
N PHE A 197 -11.13 36.19 18.32
CA PHE A 197 -10.96 35.11 19.25
C PHE A 197 -10.76 35.80 20.59
N SER A 198 -11.09 35.16 21.68
CA SER A 198 -11.07 35.86 22.95
C SER A 198 -10.23 35.11 23.95
N LYS A 199 -9.47 35.86 24.77
CA LYS A 199 -8.65 35.30 25.87
C LYS A 199 -9.44 34.37 26.81
N LYS A 200 -10.75 34.30 26.65
CA LYS A 200 -11.58 33.44 27.50
C LYS A 200 -12.31 32.38 26.65
N ASP A 201 -12.06 32.42 25.35
CA ASP A 201 -12.66 31.48 24.39
C ASP A 201 -11.58 30.64 23.76
N ALA A 202 -10.36 31.12 23.88
CA ALA A 202 -9.21 30.49 23.30
C ALA A 202 -8.88 29.18 23.98
N GLY A 203 -7.80 28.55 23.52
CA GLY A 203 -7.44 27.29 24.08
C GLY A 203 -6.80 26.45 23.05
N PHE A 204 -7.49 25.41 22.62
CA PHE A 204 -6.96 24.58 21.58
C PHE A 204 -8.04 24.15 20.61
N TYR A 205 -7.72 24.28 19.33
CA TYR A 205 -8.62 23.89 18.26
C TYR A 205 -8.30 22.44 17.97
N GLU A 206 -9.27 21.54 18.17
CA GLU A 206 -9.01 20.12 18.03
C GLU A 206 -9.43 19.56 16.67
N VAL A 207 -8.48 18.93 16.01
CA VAL A 207 -8.77 18.17 14.82
C VAL A 207 -9.12 16.75 15.22
N ILE A 208 -10.14 16.15 14.58
CA ILE A 208 -10.62 14.81 15.00
C ILE A 208 -10.68 13.89 13.77
N LEU A 209 -10.30 12.62 13.96
CA LEU A 209 -10.31 11.63 12.87
C LEU A 209 -11.02 10.37 13.32
N LYS A 210 -12.02 9.95 12.57
CA LYS A 210 -12.66 8.67 12.84
C LYS A 210 -12.93 7.92 11.56
N ASP A 211 -12.68 6.62 11.57
CA ASP A 211 -12.97 5.80 10.40
C ASP A 211 -13.98 4.71 10.78
N ASP A 212 -13.70 3.46 10.42
CA ASP A 212 -14.59 2.34 10.75
C ASP A 212 -14.05 1.66 12.00
N ARG A 213 -13.47 2.47 12.85
CA ARG A 213 -12.75 2.02 14.02
C ARG A 213 -12.89 3.05 15.13
N GLY A 214 -11.80 3.31 15.82
CA GLY A 214 -11.79 4.29 16.88
C GLY A 214 -11.66 5.69 16.33
N LYS A 215 -10.88 6.50 17.03
CA LYS A 215 -10.69 7.87 16.63
C LYS A 215 -9.23 8.24 16.71
N ASP A 216 -9.00 9.54 16.80
CA ASP A 216 -7.68 10.12 16.86
C ASP A 216 -7.80 11.62 16.78
N LYS A 217 -7.41 12.31 17.82
CA LYS A 217 -7.41 13.75 17.77
C LYS A 217 -6.11 14.29 18.30
N SER A 218 -5.55 15.30 17.64
CA SER A 218 -4.32 15.88 18.07
C SER A 218 -4.39 17.36 17.67
N ARG A 219 -3.97 18.22 18.56
CA ARG A 219 -4.10 19.65 18.33
C ARG A 219 -3.18 20.48 19.16
N LEU A 220 -3.06 21.75 18.79
CA LEU A 220 -2.25 22.69 19.54
C LEU A 220 -3.12 23.69 20.23
N LYS A 221 -2.53 24.56 21.00
CA LYS A 221 -3.27 25.55 21.72
C LYS A 221 -3.09 26.89 21.05
N LEU A 222 -4.18 27.45 20.61
CA LEU A 222 -4.17 28.63 19.83
C LEU A 222 -4.51 29.88 20.63
N VAL A 223 -3.62 30.86 20.51
CA VAL A 223 -3.76 32.15 21.15
C VAL A 223 -3.48 33.23 20.13
N ASP A 224 -4.47 34.05 19.89
CA ASP A 224 -4.33 35.16 18.97
C ASP A 224 -4.87 36.40 19.61
N GLU A 225 -5.81 36.15 20.49
CA GLU A 225 -6.53 37.15 21.23
C GLU A 225 -5.67 37.92 22.16
N ALA A 226 -4.54 37.39 22.42
CA ALA A 226 -3.60 37.99 23.32
C ALA A 226 -2.83 39.02 22.61
N PHE A 227 -2.92 38.96 21.34
CA PHE A 227 -2.20 39.83 20.48
C PHE A 227 -3.14 40.83 19.89
N GLN A 228 -4.31 40.32 19.55
CA GLN A 228 -5.41 41.08 19.05
C GLN A 228 -5.76 42.17 20.00
N ASP A 229 -5.54 41.90 21.24
CA ASP A 229 -5.87 42.81 22.29
C ASP A 229 -4.89 43.98 22.30
N LEU A 230 -3.82 43.80 21.59
CA LEU A 230 -2.74 44.79 21.53
C LEU A 230 -2.89 45.68 20.32
N MET A 231 -3.65 45.21 19.37
CA MET A 231 -3.85 45.93 18.12
C MET A 231 -5.18 46.70 18.11
N GLY A 1 0.41 -25.42 12.64
CA GLY A 1 0.30 -25.07 14.07
C GLY A 1 1.06 -23.80 14.39
N SER A 2 2.18 -23.95 15.08
CA SER A 2 3.02 -22.80 15.41
C SER A 2 3.69 -22.26 14.15
N HIS A 3 4.17 -21.03 14.22
CA HIS A 3 4.79 -20.40 13.06
C HIS A 3 6.16 -20.98 12.77
N MET A 4 7.01 -21.04 13.81
CA MET A 4 8.37 -21.60 13.69
C MET A 4 9.15 -20.98 12.51
N GLU A 5 8.74 -19.78 12.09
CA GLU A 5 9.29 -19.12 10.93
C GLU A 5 10.75 -18.70 11.16
N GLU A 6 11.00 -18.04 12.27
CA GLU A 6 12.34 -17.64 12.64
C GLU A 6 13.29 -18.83 12.68
N GLU A 7 12.90 -19.85 13.40
CA GLU A 7 13.64 -21.05 13.50
C GLU A 7 13.80 -21.70 12.14
N MET A 8 12.79 -21.55 11.29
CA MET A 8 12.80 -22.28 10.02
C MET A 8 13.80 -21.68 9.13
N LYS A 9 13.95 -20.39 9.24
CA LYS A 9 14.98 -19.69 8.54
C LYS A 9 16.34 -20.38 8.69
N ARG A 10 16.62 -20.95 9.86
CA ARG A 10 17.85 -21.70 10.09
C ARG A 10 17.81 -23.09 9.42
N LEU A 11 16.68 -23.74 9.59
CA LEU A 11 16.46 -25.09 9.07
C LEU A 11 16.46 -25.12 7.54
N LEU A 12 15.92 -24.08 6.92
CA LEU A 12 15.91 -24.00 5.47
C LEU A 12 17.20 -23.41 4.94
N ALA A 13 17.84 -22.55 5.76
CA ALA A 13 19.11 -21.92 5.37
C ALA A 13 20.18 -22.96 5.15
N LEU A 14 19.96 -24.16 5.70
CA LEU A 14 20.87 -25.25 5.63
C LEU A 14 21.13 -25.67 4.19
N SER A 15 20.15 -25.46 3.35
CA SER A 15 20.24 -25.84 1.96
C SER A 15 21.24 -24.92 1.22
N GLN A 16 21.35 -23.69 1.70
CA GLN A 16 22.34 -22.71 1.24
C GLN A 16 22.21 -22.36 -0.25
N GLU A 17 21.00 -22.03 -0.69
CA GLU A 17 20.79 -21.61 -2.06
C GLU A 17 20.35 -20.15 -2.10
N HIS A 18 20.37 -19.57 -3.29
CA HIS A 18 19.93 -18.20 -3.47
C HIS A 18 19.50 -17.98 -4.90
N LYS A 19 18.22 -18.22 -5.16
CA LYS A 19 17.66 -18.03 -6.46
C LYS A 19 16.28 -17.44 -6.36
N PHE A 20 15.98 -16.53 -7.26
CA PHE A 20 14.69 -15.95 -7.32
C PHE A 20 14.04 -15.98 -8.71
N PRO A 21 14.76 -15.51 -9.75
CA PRO A 21 14.26 -15.46 -11.12
C PRO A 21 14.66 -16.68 -11.98
N THR A 22 15.45 -16.42 -13.01
CA THR A 22 15.79 -17.37 -14.03
C THR A 22 16.51 -18.59 -13.55
N VAL A 23 16.67 -19.50 -14.48
CA VAL A 23 17.24 -20.80 -14.34
C VAL A 23 17.84 -21.11 -15.72
N PRO A 24 18.41 -22.32 -15.99
CA PRO A 24 18.85 -22.68 -17.35
C PRO A 24 17.83 -22.24 -18.43
N THR A 25 16.54 -22.50 -18.18
CA THR A 25 15.46 -22.08 -19.06
C THR A 25 15.35 -20.55 -19.07
N LYS A 26 14.65 -20.06 -20.04
CA LYS A 26 14.37 -18.65 -20.20
C LYS A 26 13.32 -18.17 -19.15
N SER A 27 13.29 -18.79 -17.99
CA SER A 27 12.29 -18.54 -16.99
C SER A 27 12.59 -17.33 -16.13
N GLU A 28 11.98 -16.21 -16.44
CA GLU A 28 12.11 -15.02 -15.62
C GLU A 28 11.11 -15.11 -14.44
N LEU A 29 10.96 -16.35 -13.91
CA LEU A 29 9.98 -16.65 -12.86
C LEU A 29 10.34 -16.13 -11.54
N ALA A 30 9.60 -15.16 -11.12
CA ALA A 30 9.73 -14.58 -9.80
C ALA A 30 8.32 -14.16 -9.36
N VAL A 31 8.07 -13.94 -8.04
CA VAL A 31 6.79 -13.42 -7.58
C VAL A 31 6.56 -11.96 -7.94
N GLU A 32 5.42 -11.70 -8.55
CA GLU A 32 5.00 -10.35 -8.86
C GLU A 32 3.64 -10.13 -8.28
N ILE A 33 3.51 -9.32 -7.26
CA ILE A 33 2.22 -9.01 -6.81
C ILE A 33 1.60 -7.98 -7.74
N LEU A 34 0.66 -8.46 -8.51
CA LEU A 34 -0.04 -7.67 -9.50
C LEU A 34 -0.61 -6.38 -8.90
N GLU A 35 -0.97 -5.45 -9.76
CA GLU A 35 -1.54 -4.19 -9.39
C GLU A 35 -2.68 -4.34 -8.40
N LYS A 36 -3.44 -5.39 -8.60
CA LYS A 36 -4.61 -5.70 -7.76
C LYS A 36 -4.16 -6.16 -6.38
N GLY A 37 -2.86 -6.35 -6.27
CA GLY A 37 -2.26 -6.81 -5.04
C GLY A 37 -2.44 -8.33 -4.84
N GLN A 38 -2.22 -9.12 -5.92
CA GLN A 38 -2.37 -10.60 -5.89
C GLN A 38 -1.04 -11.31 -6.24
N VAL A 39 -0.98 -12.61 -6.03
CA VAL A 39 0.27 -13.37 -6.26
C VAL A 39 0.40 -13.79 -7.76
N ARG A 40 1.63 -13.78 -8.33
CA ARG A 40 1.84 -14.19 -9.74
C ARG A 40 3.15 -15.00 -9.93
N PHE A 41 3.06 -16.26 -10.42
CA PHE A 41 4.25 -17.06 -10.81
C PHE A 41 4.39 -16.99 -12.33
N TRP A 42 5.52 -16.55 -12.85
CA TRP A 42 5.68 -16.49 -14.32
C TRP A 42 7.09 -16.74 -14.77
N MET A 43 7.30 -17.90 -15.44
CA MET A 43 8.57 -18.28 -16.08
C MET A 43 8.27 -18.31 -17.55
N GLN A 44 9.21 -18.66 -18.41
CA GLN A 44 8.89 -18.62 -19.78
C GLN A 44 8.63 -20.02 -20.24
N ALA A 45 9.69 -20.69 -20.59
CA ALA A 45 9.75 -22.09 -20.97
C ALA A 45 9.60 -22.20 -22.45
N GLU A 46 10.72 -22.39 -23.06
CA GLU A 46 10.89 -22.39 -24.50
C GLU A 46 10.62 -23.72 -25.16
N LYS A 47 10.20 -24.69 -24.41
CA LYS A 47 10.01 -26.00 -25.01
C LYS A 47 9.14 -26.93 -24.21
N LEU A 48 8.04 -27.25 -24.82
CA LEU A 48 7.11 -28.19 -24.34
C LEU A 48 6.77 -29.21 -25.43
N SER A 49 7.50 -30.29 -25.45
CA SER A 49 7.28 -31.34 -26.45
C SER A 49 6.83 -32.67 -25.83
N SER A 50 7.78 -33.57 -25.55
CA SER A 50 7.46 -34.89 -25.01
C SER A 50 7.52 -34.87 -23.48
N ASN A 51 8.73 -35.06 -22.91
CA ASN A 51 8.91 -35.00 -21.46
C ASN A 51 8.41 -33.69 -20.89
N ALA A 52 9.04 -32.58 -21.40
CA ALA A 52 8.73 -31.17 -21.03
C ALA A 52 7.79 -31.05 -19.83
N LYS A 53 8.47 -31.03 -18.72
CA LYS A 53 7.83 -31.00 -17.43
C LYS A 53 8.17 -29.77 -16.61
N VAL A 54 7.18 -29.34 -15.87
CA VAL A 54 7.28 -28.25 -14.94
C VAL A 54 6.65 -28.74 -13.66
N SER A 55 7.40 -28.80 -12.65
CA SER A 55 6.92 -29.34 -11.43
C SER A 55 6.61 -28.24 -10.43
N TYR A 56 5.32 -28.08 -10.15
CA TYR A 56 4.87 -27.12 -9.18
C TYR A 56 5.09 -27.70 -7.81
N ILE A 57 5.93 -27.07 -7.05
CA ILE A 57 6.30 -27.60 -5.75
C ILE A 57 5.97 -26.57 -4.71
N PHE A 58 5.43 -26.99 -3.59
CA PHE A 58 5.07 -26.09 -2.54
C PHE A 58 5.45 -26.72 -1.23
N ASN A 59 6.23 -25.99 -0.43
CA ASN A 59 6.71 -26.46 0.88
C ASN A 59 7.44 -27.82 0.83
N GLU A 60 8.07 -28.17 -0.35
CA GLU A 60 8.98 -29.36 -0.47
C GLU A 60 8.22 -30.51 -1.13
N LYS A 61 6.95 -30.27 -1.32
CA LYS A 61 6.08 -31.22 -1.87
C LYS A 61 5.59 -30.73 -3.24
N GLU A 62 5.21 -31.62 -4.11
CA GLU A 62 4.67 -31.26 -5.42
C GLU A 62 3.17 -31.01 -5.28
N ILE A 63 2.67 -29.93 -5.85
CA ILE A 63 1.24 -29.66 -5.79
C ILE A 63 0.59 -29.95 -7.12
N PHE A 64 -0.62 -29.44 -7.33
CA PHE A 64 -1.35 -29.67 -8.54
C PHE A 64 -2.36 -28.56 -8.75
N GLU A 65 -2.54 -28.16 -10.00
CA GLU A 65 -3.52 -27.14 -10.33
C GLU A 65 -4.90 -27.58 -9.85
N GLY A 66 -5.72 -26.65 -9.44
CA GLY A 66 -7.01 -27.00 -8.92
C GLY A 66 -7.67 -25.78 -8.31
N PRO A 67 -8.14 -25.88 -7.07
CA PRO A 67 -8.78 -24.76 -6.40
C PRO A 67 -7.78 -23.79 -5.70
N LYS A 68 -6.84 -24.34 -4.93
CA LYS A 68 -5.90 -23.51 -4.13
C LYS A 68 -4.70 -22.94 -4.95
N TYR A 69 -4.47 -23.48 -6.14
CA TYR A 69 -3.38 -23.01 -7.04
C TYR A 69 -3.82 -23.15 -8.44
N LYS A 70 -3.95 -22.07 -9.16
CA LYS A 70 -4.44 -22.13 -10.52
C LYS A 70 -3.31 -21.88 -11.50
N MET A 71 -3.18 -22.77 -12.45
CA MET A 71 -2.14 -22.69 -13.46
C MET A 71 -2.72 -22.65 -14.85
N HIS A 72 -2.13 -21.86 -15.72
CA HIS A 72 -2.54 -21.80 -17.08
C HIS A 72 -1.33 -21.67 -17.98
N ILE A 73 -1.09 -22.70 -18.76
CA ILE A 73 0.03 -22.72 -19.68
C ILE A 73 -0.59 -22.84 -21.05
N ASP A 74 -0.22 -22.01 -21.97
CA ASP A 74 -0.89 -22.02 -23.29
C ASP A 74 0.04 -22.58 -24.30
N ARG A 75 0.78 -23.61 -23.88
CA ARG A 75 1.96 -24.18 -24.56
C ARG A 75 2.55 -23.40 -25.81
N ASN A 76 2.36 -22.05 -25.87
CA ASN A 76 3.09 -21.21 -26.79
C ASN A 76 4.47 -21.14 -26.33
N THR A 77 5.14 -22.19 -26.66
CA THR A 77 6.52 -22.48 -26.32
C THR A 77 6.53 -23.04 -24.93
N GLY A 78 5.46 -22.72 -24.21
CA GLY A 78 5.25 -23.18 -22.90
C GLY A 78 5.29 -22.10 -21.88
N ILE A 79 4.57 -21.02 -22.14
CA ILE A 79 4.48 -19.95 -21.19
C ILE A 79 3.63 -20.34 -19.99
N ILE A 80 4.20 -20.19 -18.83
CA ILE A 80 3.56 -20.56 -17.59
C ILE A 80 2.98 -19.37 -16.87
N GLU A 81 1.66 -19.24 -16.97
CA GLU A 81 0.96 -18.24 -16.21
C GLU A 81 0.21 -18.91 -15.08
N MET A 82 0.69 -18.70 -13.90
CA MET A 82 0.13 -19.32 -12.74
C MET A 82 0.03 -18.29 -11.64
N PHE A 83 -1.07 -18.28 -10.94
CA PHE A 83 -1.30 -17.26 -9.93
C PHE A 83 -1.66 -17.85 -8.59
N MET A 84 -1.71 -16.98 -7.61
CA MET A 84 -2.21 -17.30 -6.31
C MET A 84 -2.98 -16.08 -5.88
N GLU A 85 -4.11 -16.28 -5.36
CA GLU A 85 -5.02 -15.18 -5.08
C GLU A 85 -5.08 -14.85 -3.63
N LYS A 86 -4.25 -15.50 -2.83
CA LYS A 86 -4.29 -15.33 -1.41
C LYS A 86 -3.22 -16.20 -0.77
N LEU A 87 -3.51 -16.68 0.41
CA LEU A 87 -2.63 -17.55 1.14
C LEU A 87 -3.39 -18.81 1.52
N GLN A 88 -4.35 -18.62 2.44
CA GLN A 88 -5.27 -19.64 3.01
C GLN A 88 -4.85 -21.15 2.91
N ASP A 89 -3.56 -21.46 2.90
CA ASP A 89 -3.17 -22.87 2.95
C ASP A 89 -3.17 -23.29 4.41
N GLU A 90 -2.04 -23.71 4.95
CA GLU A 90 -1.93 -23.93 6.36
C GLU A 90 -1.05 -22.83 6.97
N ASP A 91 -1.16 -21.63 6.37
CA ASP A 91 -0.37 -20.43 6.75
C ASP A 91 1.11 -20.47 6.26
N GLU A 92 1.55 -21.58 5.65
CA GLU A 92 2.91 -21.67 5.12
C GLU A 92 2.96 -21.15 3.67
N GLY A 93 4.18 -20.91 3.13
CA GLY A 93 4.26 -20.42 1.76
C GLY A 93 5.66 -20.50 1.09
N THR A 94 5.88 -21.51 0.24
CA THR A 94 7.16 -21.65 -0.46
C THR A 94 6.97 -22.49 -1.72
N TYR A 95 7.21 -21.93 -2.91
CA TYR A 95 7.00 -22.69 -4.13
C TYR A 95 8.25 -22.78 -4.96
N THR A 96 8.65 -23.98 -5.31
CA THR A 96 9.83 -24.19 -6.12
C THR A 96 9.44 -24.68 -7.50
N PHE A 97 9.65 -23.88 -8.55
CA PHE A 97 9.42 -24.39 -9.87
C PHE A 97 10.68 -24.94 -10.44
N GLN A 98 10.68 -26.22 -10.59
CA GLN A 98 11.76 -26.89 -11.27
C GLN A 98 11.23 -27.29 -12.65
N ILE A 99 11.81 -26.75 -13.73
CA ILE A 99 11.32 -27.07 -15.04
C ILE A 99 12.42 -27.63 -15.85
N GLN A 100 12.09 -28.55 -16.68
CA GLN A 100 13.02 -29.10 -17.55
C GLN A 100 12.36 -29.41 -18.86
N ASP A 101 12.97 -29.02 -19.93
CA ASP A 101 12.43 -29.23 -21.21
C ASP A 101 13.40 -30.10 -21.99
N GLY A 102 12.92 -31.23 -22.42
CA GLY A 102 13.77 -32.14 -23.12
C GLY A 102 14.79 -32.79 -22.20
N LYS A 103 16.00 -32.26 -22.19
CA LYS A 103 17.07 -32.80 -21.35
C LYS A 103 17.68 -31.73 -20.38
N ALA A 104 17.18 -30.51 -20.44
CA ALA A 104 17.71 -29.44 -19.60
C ALA A 104 16.94 -29.42 -18.32
N THR A 105 17.48 -28.83 -17.23
CA THR A 105 16.76 -28.80 -15.94
C THR A 105 17.14 -27.54 -15.17
N GLY A 106 16.18 -26.93 -14.47
CA GLY A 106 16.44 -25.69 -13.77
C GLY A 106 15.60 -25.53 -12.52
N HIS A 107 16.12 -24.79 -11.55
CA HIS A 107 15.42 -24.56 -10.29
C HIS A 107 15.16 -23.08 -10.03
N SER A 108 14.04 -22.85 -9.41
CA SER A 108 13.53 -21.53 -9.08
C SER A 108 12.65 -21.69 -7.88
N THR A 109 12.57 -20.71 -7.01
CA THR A 109 11.76 -20.87 -5.82
C THR A 109 11.31 -19.52 -5.29
N LEU A 110 10.13 -19.53 -4.71
CA LEU A 110 9.52 -18.34 -4.18
C LEU A 110 9.06 -18.62 -2.78
N VAL A 111 9.06 -17.64 -1.95
CA VAL A 111 8.64 -17.84 -0.58
C VAL A 111 7.65 -16.76 -0.13
N LEU A 112 6.48 -17.21 0.27
CA LEU A 112 5.40 -16.34 0.71
C LEU A 112 4.87 -16.84 2.03
N ILE A 113 5.67 -16.74 3.04
CA ILE A 113 5.26 -17.18 4.32
C ILE A 113 4.95 -16.01 5.19
N GLY A 114 4.15 -16.26 6.20
CA GLY A 114 3.70 -15.22 7.16
C GLY A 114 4.50 -13.94 7.17
N ASP A 115 5.60 -13.89 7.90
CA ASP A 115 6.36 -12.65 8.01
C ASP A 115 6.84 -12.17 6.67
N VAL A 116 7.27 -13.11 5.88
CA VAL A 116 7.85 -12.83 4.61
C VAL A 116 6.87 -12.18 3.64
N TYR A 117 5.72 -12.80 3.39
CA TYR A 117 4.72 -12.20 2.54
C TYR A 117 4.38 -10.81 2.92
N LYS A 118 4.37 -10.55 4.20
CA LYS A 118 4.07 -9.22 4.68
C LYS A 118 5.08 -8.24 4.11
N LYS A 119 6.24 -8.77 3.81
CA LYS A 119 7.28 -8.03 3.22
C LYS A 119 6.94 -7.73 1.77
N LEU A 120 6.63 -8.75 0.95
CA LEU A 120 6.27 -8.51 -0.43
C LEU A 120 4.97 -7.71 -0.52
N GLN A 121 4.15 -7.78 0.52
CA GLN A 121 2.86 -7.11 0.49
C GLN A 121 3.02 -5.58 0.48
N LYS A 122 3.92 -5.01 1.31
CA LYS A 122 4.22 -3.57 1.18
C LYS A 122 4.45 -3.21 -0.27
N GLU A 123 5.24 -4.03 -0.94
CA GLU A 123 5.48 -3.82 -2.39
C GLU A 123 4.19 -4.05 -3.24
N ALA A 124 3.31 -4.88 -2.76
CA ALA A 124 1.97 -5.00 -3.36
C ALA A 124 1.28 -3.63 -3.28
N GLU A 125 1.22 -3.06 -2.06
CA GLU A 125 0.71 -1.71 -1.85
C GLU A 125 1.58 -0.67 -2.50
N PHE A 126 2.69 -1.09 -3.05
CA PHE A 126 3.60 -0.19 -3.68
C PHE A 126 2.89 0.42 -4.85
N GLN A 127 2.28 -0.45 -5.69
CA GLN A 127 1.47 0.04 -6.76
C GLN A 127 0.28 0.79 -6.25
N ARG A 128 -0.35 0.24 -5.21
CA ARG A 128 -1.49 0.89 -4.55
C ARG A 128 -1.24 2.39 -4.26
N GLN A 129 -0.12 2.69 -3.58
CA GLN A 129 0.20 4.03 -3.16
C GLN A 129 0.18 5.09 -4.26
N GLU A 130 0.37 4.70 -5.49
CA GLU A 130 0.38 5.63 -6.61
C GLU A 130 -0.95 6.43 -6.72
N TRP A 131 -1.95 6.09 -5.91
CA TRP A 131 -3.23 6.75 -6.01
C TRP A 131 -3.21 8.07 -5.26
N ILE A 132 -2.21 8.25 -4.42
CA ILE A 132 -2.06 9.47 -3.62
C ILE A 132 -0.74 10.11 -3.86
N ARG A 133 0.28 9.27 -3.88
CA ARG A 133 1.67 9.66 -4.11
C ARG A 133 2.39 10.01 -2.79
N LYS A 134 1.65 10.44 -1.76
CA LYS A 134 2.23 10.84 -0.48
C LYS A 134 1.27 10.53 0.69
N GLN A 135 1.20 9.27 1.12
CA GLN A 135 0.40 8.82 2.27
C GLN A 135 0.57 9.71 3.45
N GLY A 136 1.77 10.11 3.67
CA GLY A 136 2.04 10.93 4.80
C GLY A 136 1.98 10.14 6.10
N PRO A 137 2.97 9.26 6.37
CA PRO A 137 2.98 8.38 7.56
C PRO A 137 3.30 9.11 8.86
N HIS A 138 2.78 10.32 9.02
CA HIS A 138 3.00 11.09 10.23
C HIS A 138 2.13 12.34 10.24
N PHE A 139 2.15 13.09 9.15
CA PHE A 139 1.40 14.34 9.05
C PHE A 139 0.60 14.38 7.76
N ALA A 140 -0.69 14.68 7.85
CA ALA A 140 -1.55 14.76 6.68
C ALA A 140 -2.57 15.91 6.81
N GLU A 141 -2.63 16.54 7.98
CA GLU A 141 -3.58 17.61 8.26
C GLU A 141 -2.92 18.74 9.05
N TYR A 142 -3.10 19.98 8.67
CA TYR A 142 -2.47 21.09 9.41
C TYR A 142 -3.39 22.26 9.49
N LEU A 143 -3.47 22.90 10.65
CA LEU A 143 -4.27 24.13 10.80
C LEU A 143 -3.41 25.30 10.42
N SER A 144 -3.92 26.51 10.68
CA SER A 144 -3.22 27.76 10.42
C SER A 144 -4.22 28.89 10.42
N TRP A 145 -4.09 29.80 11.35
CA TRP A 145 -4.96 31.00 11.29
C TRP A 145 -4.19 32.20 10.76
N GLU A 146 -4.87 33.33 10.70
CA GLU A 146 -4.29 34.54 10.11
C GLU A 146 -5.12 35.74 10.56
N VAL A 147 -4.53 36.63 11.34
CA VAL A 147 -5.26 37.79 11.80
C VAL A 147 -5.45 38.80 10.67
N THR A 148 -6.68 39.21 10.49
CA THR A 148 -7.05 40.11 9.43
C THR A 148 -7.40 41.50 9.99
N GLY A 149 -7.57 42.48 9.10
CA GLY A 149 -7.81 43.88 9.50
C GLY A 149 -9.18 44.13 10.10
N GLU A 150 -9.62 43.26 10.97
CA GLU A 150 -10.87 43.43 11.68
C GLU A 150 -10.78 42.81 13.10
N SER A 151 -9.57 42.41 13.44
CA SER A 151 -9.24 41.80 14.73
C SER A 151 -9.78 40.39 14.83
N ASN A 152 -9.97 39.78 13.69
CA ASN A 152 -10.42 38.43 13.60
C ASN A 152 -9.24 37.57 13.19
N VAL A 153 -9.43 36.26 13.12
CA VAL A 153 -8.38 35.39 12.62
C VAL A 153 -9.02 34.36 11.68
N LEU A 154 -8.41 34.16 10.52
CA LEU A 154 -8.97 33.27 9.52
C LEU A 154 -8.42 31.85 9.70
N LEU A 155 -9.22 31.00 10.30
CA LEU A 155 -8.90 29.60 10.50
C LEU A 155 -9.00 28.82 9.22
N LYS A 156 -7.95 28.12 8.92
CA LYS A 156 -7.89 27.27 7.78
C LYS A 156 -6.93 26.13 8.04
N CYS A 157 -7.40 24.92 7.93
CA CYS A 157 -6.49 23.79 8.00
C CYS A 157 -6.42 23.13 6.64
N LYS A 158 -5.80 21.94 6.54
CA LYS A 158 -5.64 21.29 5.28
C LYS A 158 -5.51 19.81 5.50
N VAL A 159 -6.07 19.06 4.59
CA VAL A 159 -6.13 17.62 4.76
C VAL A 159 -5.58 16.88 3.54
N ALA A 160 -5.46 15.57 3.71
CA ALA A 160 -5.11 14.68 2.66
C ALA A 160 -6.17 13.58 2.59
N ASN A 161 -5.89 12.54 1.84
CA ASN A 161 -6.76 11.38 1.65
C ASN A 161 -7.55 10.95 2.87
N ILE A 162 -8.85 11.19 2.79
CA ILE A 162 -9.77 10.84 3.83
C ILE A 162 -11.18 10.66 3.19
N LYS A 163 -11.50 9.41 2.82
CA LYS A 163 -12.72 9.14 2.03
C LYS A 163 -13.85 8.47 2.84
N LYS A 164 -14.46 9.22 3.73
CA LYS A 164 -15.63 8.72 4.47
C LYS A 164 -16.86 9.60 4.19
N GLU A 165 -16.91 10.73 4.90
CA GLU A 165 -17.99 11.70 4.76
C GLU A 165 -17.40 13.11 4.61
N THR A 166 -17.37 13.86 5.69
CA THR A 166 -16.68 15.12 5.71
C THR A 166 -15.31 14.85 6.29
N HIS A 167 -14.47 15.85 6.45
CA HIS A 167 -13.16 15.62 7.00
C HIS A 167 -13.13 15.98 8.48
N ILE A 168 -12.86 17.25 8.74
CA ILE A 168 -12.74 17.73 10.09
C ILE A 168 -14.01 18.43 10.53
N VAL A 169 -13.89 19.13 11.65
CA VAL A 169 -14.94 19.90 12.24
C VAL A 169 -14.27 20.82 13.27
N TRP A 170 -14.73 22.08 13.34
CA TRP A 170 -14.11 23.12 14.18
C TRP A 170 -14.56 23.00 15.63
N TYR A 171 -13.73 22.40 16.41
CA TYR A 171 -14.00 22.26 17.82
C TYR A 171 -13.28 23.30 18.71
N LYS A 172 -13.46 23.08 19.98
CA LYS A 172 -12.96 23.95 21.03
C LYS A 172 -13.33 23.40 22.38
N ASP A 173 -12.54 22.44 22.84
CA ASP A 173 -12.75 21.77 24.13
C ASP A 173 -14.21 21.31 24.23
N GLU A 174 -14.56 20.31 23.42
CA GLU A 174 -15.91 19.73 23.36
C GLU A 174 -16.96 20.64 22.69
N ARG A 175 -16.61 21.91 22.40
CA ARG A 175 -17.55 22.83 21.80
C ARG A 175 -17.44 22.82 20.31
N GLU A 176 -18.54 22.55 19.67
CA GLU A 176 -18.57 22.49 18.25
C GLU A 176 -19.06 23.79 17.68
N ILE A 177 -18.22 24.41 16.89
CA ILE A 177 -18.63 25.56 16.13
C ILE A 177 -19.55 25.05 15.00
N SER A 178 -20.84 25.11 15.22
CA SER A 178 -21.82 24.57 14.28
C SER A 178 -22.02 25.45 13.04
N VAL A 179 -21.42 25.03 11.94
CA VAL A 179 -21.58 25.68 10.65
C VAL A 179 -22.25 24.68 9.69
N ASP A 180 -22.74 25.14 8.55
CA ASP A 180 -23.34 24.25 7.52
C ASP A 180 -22.42 23.07 7.25
N GLU A 181 -22.98 21.86 7.28
CA GLU A 181 -22.20 20.65 7.12
C GLU A 181 -21.94 20.31 5.65
N LYS A 182 -22.75 19.43 5.08
CA LYS A 182 -22.51 18.95 3.73
C LYS A 182 -23.38 19.63 2.68
N HIS A 183 -23.98 20.75 3.02
CA HIS A 183 -24.79 21.49 2.07
C HIS A 183 -23.90 22.41 1.25
N ASP A 184 -23.06 23.16 1.95
CA ASP A 184 -22.06 24.00 1.29
C ASP A 184 -20.76 23.22 1.18
N PHE A 185 -20.82 21.98 1.67
CA PHE A 185 -19.72 21.01 1.59
C PHE A 185 -18.59 21.31 2.56
N LYS A 186 -17.84 22.40 2.31
CA LYS A 186 -16.65 22.75 3.10
C LYS A 186 -15.63 21.59 3.06
N ASP A 187 -15.75 20.75 2.04
CA ASP A 187 -14.91 19.56 1.92
C ASP A 187 -13.50 19.93 1.48
N GLY A 188 -12.58 18.99 1.62
CA GLY A 188 -11.19 19.24 1.30
C GLY A 188 -10.53 20.08 2.38
N ILE A 189 -10.43 21.36 2.13
CA ILE A 189 -9.86 22.29 3.08
C ILE A 189 -10.97 23.22 3.56
N CYS A 190 -10.86 23.76 4.77
CA CYS A 190 -11.93 24.60 5.27
C CYS A 190 -11.41 25.85 5.96
N THR A 191 -12.06 26.96 5.67
CA THR A 191 -11.73 28.24 6.24
C THR A 191 -12.92 28.81 7.04
N LEU A 192 -12.61 29.66 8.01
CA LEU A 192 -13.63 30.33 8.82
C LEU A 192 -13.09 31.66 9.35
N LEU A 193 -13.93 32.37 10.11
CA LEU A 193 -13.51 33.65 10.64
C LEU A 193 -13.84 33.87 12.12
N ILE A 194 -12.79 33.82 12.90
CA ILE A 194 -12.83 34.15 14.32
C ILE A 194 -12.99 35.64 14.42
N THR A 195 -14.20 36.10 14.39
CA THR A 195 -14.45 37.52 14.44
C THR A 195 -14.48 38.00 15.84
N GLU A 196 -13.28 38.28 16.32
CA GLU A 196 -13.03 38.67 17.69
C GLU A 196 -13.10 37.41 18.53
N PHE A 197 -12.18 37.27 19.41
CA PHE A 197 -12.08 36.09 20.24
C PHE A 197 -11.89 36.62 21.66
N SER A 198 -12.12 35.83 22.68
CA SER A 198 -12.07 36.38 24.03
C SER A 198 -11.19 35.54 24.91
N LYS A 199 -10.38 36.19 25.76
CA LYS A 199 -9.52 35.49 26.73
C LYS A 199 -10.31 34.54 27.66
N LYS A 200 -11.64 34.52 27.53
CA LYS A 200 -12.47 33.63 28.34
C LYS A 200 -13.09 32.56 27.46
N ASP A 201 -12.85 32.67 26.16
CA ASP A 201 -13.39 31.74 25.18
C ASP A 201 -12.26 31.06 24.44
N ALA A 202 -11.09 31.64 24.54
CA ALA A 202 -9.90 31.16 23.88
C ALA A 202 -9.43 29.84 24.44
N GLY A 203 -8.35 29.32 23.87
CA GLY A 203 -7.86 28.06 24.31
C GLY A 203 -7.25 27.31 23.19
N PHE A 204 -7.99 26.38 22.63
CA PHE A 204 -7.51 25.63 21.50
C PHE A 204 -8.62 25.30 20.53
N TYR A 205 -8.34 25.52 19.26
CA TYR A 205 -9.26 25.20 18.18
C TYR A 205 -8.97 23.77 17.74
N GLU A 206 -9.93 22.86 17.95
CA GLU A 206 -9.68 21.46 17.68
C GLU A 206 -10.14 20.99 16.32
N VAL A 207 -9.22 20.35 15.61
CA VAL A 207 -9.56 19.66 14.40
C VAL A 207 -9.87 18.21 14.74
N ILE A 208 -10.90 17.64 14.13
CA ILE A 208 -11.34 16.28 14.47
C ILE A 208 -11.40 15.42 13.21
N LEU A 209 -10.89 14.20 13.27
CA LEU A 209 -10.84 13.32 12.10
C LEU A 209 -11.55 12.02 12.38
N LYS A 210 -12.54 11.70 11.58
CA LYS A 210 -13.19 10.41 11.68
C LYS A 210 -13.49 9.82 10.31
N ASP A 211 -13.12 8.56 10.12
CA ASP A 211 -13.39 7.88 8.85
C ASP A 211 -14.26 6.63 9.10
N ASP A 212 -13.90 5.48 8.55
CA ASP A 212 -14.67 4.26 8.74
C ASP A 212 -14.03 3.48 9.89
N ARG A 213 -13.44 4.23 10.78
CA ARG A 213 -12.64 3.70 11.85
C ARG A 213 -12.87 4.52 13.12
N GLY A 214 -11.82 4.71 13.87
CA GLY A 214 -11.87 5.50 15.06
C GLY A 214 -11.84 6.98 14.73
N LYS A 215 -11.11 7.74 15.51
CA LYS A 215 -11.01 9.15 15.30
C LYS A 215 -9.59 9.59 15.44
N ASP A 216 -9.44 10.87 15.67
CA ASP A 216 -8.16 11.52 15.82
C ASP A 216 -8.36 12.99 15.88
N LYS A 217 -7.97 13.61 16.92
CA LYS A 217 -8.05 15.04 16.99
C LYS A 217 -6.74 15.58 17.45
N SER A 218 -6.23 16.59 16.77
CA SER A 218 -4.97 17.15 17.11
C SER A 218 -5.08 18.65 16.80
N ARG A 219 -4.67 19.45 17.74
CA ARG A 219 -4.85 20.88 17.61
C ARG A 219 -3.94 21.68 18.46
N LEU A 220 -3.84 22.97 18.16
CA LEU A 220 -3.00 23.87 18.92
C LEU A 220 -3.83 24.77 19.76
N LYS A 221 -3.18 25.60 20.55
CA LYS A 221 -3.87 26.52 21.42
C LYS A 221 -3.84 27.90 20.80
N LEU A 222 -4.99 28.45 20.51
CA LEU A 222 -5.05 29.72 19.85
C LEU A 222 -5.46 30.85 20.76
N VAL A 223 -4.64 31.89 20.70
CA VAL A 223 -4.86 33.11 21.46
C VAL A 223 -4.62 34.28 20.54
N ASP A 224 -5.59 35.12 20.46
CA ASP A 224 -5.51 36.29 19.64
C ASP A 224 -6.04 37.47 20.40
N GLU A 225 -6.95 37.20 21.31
CA GLU A 225 -7.60 38.18 22.16
C GLU A 225 -6.64 38.86 23.06
N ALA A 226 -5.50 38.30 23.12
CA ALA A 226 -4.47 38.78 23.95
C ALA A 226 -3.73 39.85 23.24
N PHE A 227 -3.96 39.87 21.97
CA PHE A 227 -3.30 40.79 21.10
C PHE A 227 -4.28 41.79 20.57
N GLN A 228 -5.48 41.32 20.39
CA GLN A 228 -6.60 42.13 20.04
C GLN A 228 -6.78 43.18 21.06
N ASP A 229 -6.39 42.82 22.24
CA ASP A 229 -6.48 43.66 23.38
C ASP A 229 -5.66 44.92 23.16
N LEU A 230 -4.70 44.79 22.26
CA LEU A 230 -3.76 45.85 21.92
C LEU A 230 -4.23 46.61 20.69
N MET A 231 -5.22 46.06 20.04
CA MET A 231 -5.74 46.64 18.81
C MET A 231 -7.26 46.64 18.80
N GLY A 1 31.02 -38.13 -23.00
CA GLY A 1 29.62 -38.55 -22.85
C GLY A 1 29.11 -38.34 -21.45
N SER A 2 29.06 -37.10 -21.03
CA SER A 2 28.56 -36.76 -19.71
C SER A 2 27.63 -35.59 -19.82
N HIS A 3 26.64 -35.56 -18.95
CA HIS A 3 25.69 -34.46 -18.93
C HIS A 3 26.37 -33.21 -18.39
N MET A 4 27.46 -33.42 -17.61
CA MET A 4 28.27 -32.33 -16.98
C MET A 4 27.39 -31.31 -16.25
N GLU A 5 26.17 -31.71 -15.90
CA GLU A 5 25.21 -30.87 -15.22
C GLU A 5 25.78 -30.27 -13.92
N GLU A 6 26.25 -31.12 -13.07
CA GLU A 6 26.79 -30.70 -11.81
C GLU A 6 28.00 -29.78 -11.94
N GLU A 7 28.99 -30.22 -12.68
CA GLU A 7 30.17 -29.45 -12.89
C GLU A 7 29.88 -28.08 -13.47
N MET A 8 28.86 -27.98 -14.30
CA MET A 8 28.55 -26.72 -14.96
C MET A 8 27.87 -25.83 -13.97
N LYS A 9 27.14 -26.46 -13.09
CA LYS A 9 26.52 -25.77 -12.02
C LYS A 9 27.55 -24.94 -11.23
N ARG A 10 28.78 -25.47 -11.10
CA ARG A 10 29.85 -24.76 -10.47
C ARG A 10 30.40 -23.65 -11.39
N LEU A 11 30.78 -24.03 -12.60
CA LEU A 11 31.25 -23.07 -13.61
C LEU A 11 30.32 -21.87 -13.77
N LEU A 12 29.03 -22.12 -13.89
CA LEU A 12 28.05 -21.04 -14.00
C LEU A 12 28.03 -20.22 -12.73
N ALA A 13 28.08 -20.92 -11.60
CA ALA A 13 28.10 -20.29 -10.30
C ALA A 13 29.32 -19.36 -10.19
N LEU A 14 30.42 -19.78 -10.82
CA LEU A 14 31.66 -19.04 -10.82
C LEU A 14 31.54 -17.78 -11.64
N SER A 15 30.89 -17.90 -12.76
CA SER A 15 30.73 -16.80 -13.67
C SER A 15 29.79 -15.77 -13.03
N GLN A 16 28.87 -16.28 -12.21
CA GLN A 16 27.94 -15.47 -11.42
C GLN A 16 26.87 -14.77 -12.26
N GLU A 17 25.67 -14.77 -11.72
CA GLU A 17 24.56 -14.06 -12.31
C GLU A 17 24.02 -13.10 -11.26
N HIS A 18 23.48 -11.99 -11.69
CA HIS A 18 23.04 -10.95 -10.76
C HIS A 18 21.76 -11.34 -10.05
N LYS A 19 20.70 -11.48 -10.80
CA LYS A 19 19.43 -11.83 -10.21
C LYS A 19 18.77 -12.90 -11.00
N PHE A 20 18.43 -12.53 -12.21
CA PHE A 20 17.86 -13.41 -13.21
C PHE A 20 18.23 -14.87 -13.05
N PRO A 21 17.24 -15.72 -13.00
CA PRO A 21 17.35 -17.10 -12.66
C PRO A 21 16.99 -18.05 -13.76
N THR A 22 17.81 -18.19 -14.72
CA THR A 22 17.54 -19.08 -15.79
C THR A 22 18.31 -20.38 -15.62
N VAL A 23 18.33 -21.16 -16.67
CA VAL A 23 18.88 -22.50 -16.73
C VAL A 23 19.07 -22.78 -18.24
N PRO A 24 19.55 -24.01 -18.69
CA PRO A 24 19.63 -24.34 -20.12
C PRO A 24 18.37 -23.90 -20.90
N THR A 25 17.22 -23.94 -20.24
CA THR A 25 15.96 -23.47 -20.81
C THR A 25 15.98 -21.92 -20.86
N LYS A 26 14.96 -21.30 -20.28
CA LYS A 26 14.84 -19.88 -20.22
C LYS A 26 14.03 -19.45 -19.00
N SER A 27 14.20 -20.17 -17.90
CA SER A 27 13.45 -19.89 -16.71
C SER A 27 13.71 -18.50 -16.18
N GLU A 28 12.63 -17.83 -15.89
CA GLU A 28 12.67 -16.56 -15.20
C GLU A 28 11.97 -16.81 -13.87
N LEU A 29 11.92 -18.11 -13.55
CA LEU A 29 11.21 -18.66 -12.39
C LEU A 29 11.65 -18.06 -11.13
N ALA A 30 10.93 -17.08 -10.68
CA ALA A 30 11.20 -16.46 -9.45
C ALA A 30 9.89 -16.37 -8.67
N VAL A 31 9.83 -15.44 -7.71
CA VAL A 31 8.70 -15.35 -6.77
C VAL A 31 8.25 -13.92 -6.79
N GLU A 32 7.17 -13.69 -7.43
CA GLU A 32 6.67 -12.36 -7.56
C GLU A 32 5.35 -12.27 -6.89
N ILE A 33 5.31 -11.63 -5.74
CA ILE A 33 4.06 -11.45 -5.12
C ILE A 33 3.37 -10.27 -5.75
N LEU A 34 2.29 -10.58 -6.41
CA LEU A 34 1.49 -9.63 -7.15
C LEU A 34 1.09 -8.44 -6.31
N GLU A 35 0.60 -7.43 -6.99
CA GLU A 35 0.12 -6.23 -6.39
C GLU A 35 -0.93 -6.52 -5.33
N LYS A 36 -1.75 -7.50 -5.62
CA LYS A 36 -2.83 -7.92 -4.72
C LYS A 36 -2.22 -8.65 -3.51
N GLY A 37 -0.93 -8.87 -3.59
CA GLY A 37 -0.18 -9.53 -2.53
C GLY A 37 -0.39 -11.07 -2.55
N GLN A 38 -0.31 -11.67 -3.76
CA GLN A 38 -0.49 -13.15 -3.93
C GLN A 38 0.78 -13.78 -4.51
N VAL A 39 0.87 -15.10 -4.45
CA VAL A 39 2.08 -15.81 -4.89
C VAL A 39 2.10 -16.03 -6.44
N ARG A 40 3.28 -15.90 -7.09
CA ARG A 40 3.38 -16.13 -8.54
C ARG A 40 4.66 -16.94 -8.93
N PHE A 41 4.50 -18.14 -9.55
CA PHE A 41 5.64 -18.90 -10.12
C PHE A 41 5.67 -18.64 -11.61
N TRP A 42 6.82 -18.33 -12.16
CA TRP A 42 6.89 -18.09 -13.62
C TRP A 42 8.27 -18.30 -14.19
N MET A 43 8.42 -19.38 -14.99
CA MET A 43 9.64 -19.70 -15.74
C MET A 43 9.24 -19.56 -17.19
N GLN A 44 10.12 -19.80 -18.17
CA GLN A 44 9.65 -19.59 -19.49
C GLN A 44 9.30 -20.91 -20.12
N ALA A 45 10.30 -21.53 -20.71
CA ALA A 45 10.24 -22.86 -21.33
C ALA A 45 9.83 -22.70 -22.76
N GLU A 46 10.83 -22.61 -23.56
CA GLU A 46 10.70 -22.32 -24.99
C GLU A 46 10.52 -23.56 -25.80
N LYS A 47 10.28 -24.64 -25.14
CA LYS A 47 10.13 -25.87 -25.86
C LYS A 47 9.30 -26.88 -25.13
N LEU A 48 8.19 -27.12 -25.72
CA LEU A 48 7.25 -28.10 -25.32
C LEU A 48 6.80 -28.88 -26.55
N SER A 49 7.49 -29.96 -26.82
CA SER A 49 7.17 -30.78 -27.99
C SER A 49 6.81 -32.23 -27.63
N SER A 50 7.81 -33.11 -27.60
CA SER A 50 7.56 -34.52 -27.31
C SER A 50 7.80 -34.83 -25.84
N ASN A 51 9.06 -35.10 -25.45
CA ASN A 51 9.42 -35.29 -24.05
C ASN A 51 8.99 -34.10 -23.21
N ALA A 52 9.61 -32.93 -23.53
CA ALA A 52 9.34 -31.62 -22.87
C ALA A 52 8.46 -31.72 -21.62
N LYS A 53 9.19 -32.02 -20.58
CA LYS A 53 8.62 -32.25 -19.27
C LYS A 53 9.06 -31.19 -18.26
N VAL A 54 8.12 -30.82 -17.43
CA VAL A 54 8.31 -29.89 -16.34
C VAL A 54 7.84 -30.63 -15.13
N SER A 55 8.37 -30.35 -14.01
CA SER A 55 8.00 -31.08 -12.84
C SER A 55 7.87 -30.17 -11.66
N TYR A 56 6.66 -30.09 -11.16
CA TYR A 56 6.36 -29.32 -10.00
C TYR A 56 6.72 -30.12 -8.79
N ILE A 57 7.64 -29.61 -8.03
CA ILE A 57 8.11 -30.29 -6.86
C ILE A 57 7.93 -29.40 -5.68
N PHE A 58 7.48 -29.92 -4.57
CA PHE A 58 7.27 -29.15 -3.39
C PHE A 58 7.81 -29.94 -2.22
N ASN A 59 8.61 -29.30 -1.38
CA ASN A 59 9.18 -29.94 -0.18
C ASN A 59 9.89 -31.31 -0.43
N GLU A 60 10.40 -31.53 -1.68
CA GLU A 60 11.28 -32.69 -2.00
C GLU A 60 10.44 -33.83 -2.59
N LYS A 61 9.24 -33.50 -3.02
CA LYS A 61 8.40 -34.45 -3.66
C LYS A 61 7.67 -33.76 -4.79
N GLU A 62 7.16 -34.52 -5.71
CA GLU A 62 6.47 -33.98 -6.86
C GLU A 62 5.00 -33.79 -6.51
N ILE A 63 4.45 -32.66 -6.87
CA ILE A 63 3.03 -32.40 -6.62
C ILE A 63 2.34 -32.13 -7.93
N PHE A 64 1.02 -31.99 -7.92
CA PHE A 64 0.31 -31.76 -9.15
C PHE A 64 -0.71 -30.65 -8.97
N GLU A 65 -0.98 -29.95 -10.04
CA GLU A 65 -1.98 -28.89 -10.05
C GLU A 65 -3.31 -29.39 -9.50
N GLY A 66 -4.04 -28.52 -8.83
CA GLY A 66 -5.25 -28.91 -8.17
C GLY A 66 -5.76 -27.76 -7.34
N PRO A 67 -6.21 -28.01 -6.10
CA PRO A 67 -6.70 -26.95 -5.22
C PRO A 67 -5.58 -26.12 -4.56
N LYS A 68 -4.59 -26.80 -3.98
CA LYS A 68 -3.52 -26.11 -3.23
C LYS A 68 -2.47 -25.42 -4.12
N TYR A 69 -2.35 -25.85 -5.37
CA TYR A 69 -1.39 -25.27 -6.32
C TYR A 69 -1.99 -25.32 -7.67
N LYS A 70 -2.18 -24.20 -8.30
CA LYS A 70 -2.80 -24.20 -9.60
C LYS A 70 -1.78 -23.83 -10.65
N MET A 71 -1.73 -24.62 -11.68
CA MET A 71 -0.79 -24.42 -12.76
C MET A 71 -1.49 -24.27 -14.09
N HIS A 72 -0.97 -23.42 -14.93
CA HIS A 72 -1.53 -23.23 -16.23
C HIS A 72 -0.43 -22.98 -17.27
N ILE A 73 -0.33 -23.89 -18.22
CA ILE A 73 0.67 -23.78 -19.27
C ILE A 73 -0.08 -23.79 -20.57
N ASP A 74 0.25 -22.93 -21.48
CA ASP A 74 -0.53 -22.82 -22.73
C ASP A 74 0.34 -23.13 -23.90
N ARG A 75 1.22 -24.09 -23.67
CA ARG A 75 2.35 -24.49 -24.53
C ARG A 75 2.70 -23.58 -25.76
N ASN A 76 2.43 -22.26 -25.71
CA ASN A 76 2.99 -21.34 -26.68
C ASN A 76 4.40 -21.18 -26.33
N THR A 77 5.13 -22.12 -26.80
CA THR A 77 6.55 -22.31 -26.60
C THR A 77 6.72 -23.06 -25.31
N GLY A 78 5.75 -22.85 -24.43
CA GLY A 78 5.73 -23.51 -23.18
C GLY A 78 5.88 -22.60 -22.02
N ILE A 79 5.20 -21.46 -22.09
CA ILE A 79 5.19 -20.57 -20.98
C ILE A 79 4.47 -21.19 -19.80
N ILE A 80 5.16 -21.23 -18.68
CA ILE A 80 4.63 -21.83 -17.46
C ILE A 80 4.11 -20.78 -16.51
N GLU A 81 2.80 -20.73 -16.39
CA GLU A 81 2.18 -19.87 -15.43
C GLU A 81 1.68 -20.72 -14.28
N MET A 82 1.93 -20.28 -13.08
CA MET A 82 1.53 -21.01 -11.92
C MET A 82 1.36 -20.07 -10.75
N PHE A 83 0.36 -20.32 -9.97
CA PHE A 83 -0.02 -19.40 -8.90
C PHE A 83 -0.22 -20.11 -7.58
N MET A 84 -0.12 -19.34 -6.52
CA MET A 84 -0.45 -19.78 -5.20
C MET A 84 -1.11 -18.60 -4.56
N GLU A 85 -2.17 -18.83 -3.89
CA GLU A 85 -2.99 -17.74 -3.41
C GLU A 85 -2.83 -17.51 -1.93
N LYS A 86 -1.94 -18.25 -1.29
CA LYS A 86 -1.81 -18.16 0.16
C LYS A 86 -0.72 -19.13 0.62
N LEU A 87 -0.92 -19.70 1.78
CA LEU A 87 -0.01 -20.68 2.33
C LEU A 87 -0.78 -21.94 2.68
N GLN A 88 -1.61 -21.81 3.71
CA GLN A 88 -2.51 -22.87 4.26
C GLN A 88 -2.01 -24.34 4.11
N ASP A 89 -0.70 -24.54 4.01
CA ASP A 89 -0.13 -25.89 3.94
C ASP A 89 0.03 -26.42 5.36
N GLU A 90 1.08 -27.17 5.64
CA GLU A 90 1.33 -27.61 6.99
C GLU A 90 2.48 -26.77 7.52
N ASP A 91 2.48 -25.51 7.03
CA ASP A 91 3.49 -24.46 7.31
C ASP A 91 4.70 -24.54 6.35
N GLU A 92 4.89 -25.70 5.70
CA GLU A 92 6.03 -25.88 4.79
C GLU A 92 5.83 -25.13 3.47
N GLY A 93 6.94 -24.80 2.78
CA GLY A 93 6.82 -24.09 1.53
C GLY A 93 8.11 -24.03 0.69
N THR A 94 8.32 -25.00 -0.18
CA THR A 94 9.52 -25.00 -1.03
C THR A 94 9.21 -25.68 -2.36
N TYR A 95 9.36 -24.97 -3.49
CA TYR A 95 9.00 -25.58 -4.76
C TYR A 95 10.15 -25.58 -5.73
N THR A 96 10.49 -26.75 -6.25
CA THR A 96 11.59 -26.88 -7.16
C THR A 96 11.09 -27.23 -8.56
N PHE A 97 11.19 -26.33 -9.52
CA PHE A 97 10.83 -26.69 -10.87
C PHE A 97 12.01 -27.17 -11.62
N GLN A 98 11.98 -28.40 -11.94
CA GLN A 98 12.98 -28.97 -12.79
C GLN A 98 12.36 -29.18 -14.18
N ILE A 99 12.88 -28.52 -15.23
CA ILE A 99 12.29 -28.65 -16.54
C ILE A 99 13.31 -29.17 -17.48
N GLN A 100 12.87 -29.93 -18.42
CA GLN A 100 13.70 -30.37 -19.44
C GLN A 100 12.94 -30.50 -20.70
N ASP A 101 13.47 -29.98 -21.76
CA ASP A 101 12.81 -29.98 -23.01
C ASP A 101 13.68 -30.69 -24.01
N GLY A 102 13.12 -31.67 -24.65
CA GLY A 102 13.87 -32.45 -25.60
C GLY A 102 14.99 -33.21 -24.91
N LYS A 103 16.23 -32.73 -25.07
CA LYS A 103 17.38 -33.38 -24.48
C LYS A 103 18.17 -32.45 -23.53
N ALA A 104 17.53 -31.37 -23.07
CA ALA A 104 18.17 -30.41 -22.16
C ALA A 104 17.46 -30.44 -20.82
N THR A 105 18.11 -29.99 -19.73
CA THR A 105 17.50 -30.03 -18.39
C THR A 105 17.91 -28.80 -17.56
N GLY A 106 16.99 -28.28 -16.72
CA GLY A 106 17.29 -27.12 -15.92
C GLY A 106 16.57 -27.18 -14.57
N HIS A 107 17.24 -26.70 -13.53
CA HIS A 107 16.69 -26.71 -12.18
C HIS A 107 16.43 -25.30 -11.66
N SER A 108 15.42 -25.18 -10.83
CA SER A 108 15.02 -23.91 -10.25
C SER A 108 14.25 -24.21 -8.99
N THR A 109 14.26 -23.31 -8.02
CA THR A 109 13.57 -23.59 -6.78
C THR A 109 13.17 -22.28 -6.09
N LEU A 110 12.02 -22.32 -5.44
CA LEU A 110 11.47 -21.19 -4.72
C LEU A 110 11.12 -21.64 -3.34
N VAL A 111 11.18 -20.76 -2.38
CA VAL A 111 10.85 -21.13 -1.02
C VAL A 111 9.92 -20.13 -0.37
N LEU A 112 8.76 -20.62 0.08
CA LEU A 112 7.74 -19.81 0.71
C LEU A 112 7.30 -20.45 2.00
N ILE A 113 8.18 -20.51 2.94
CA ILE A 113 7.84 -21.08 4.20
C ILE A 113 7.62 -19.99 5.19
N GLY A 114 6.86 -20.29 6.21
CA GLY A 114 6.50 -19.29 7.25
C GLY A 114 7.53 -18.20 7.49
N ASP A 115 8.65 -18.55 8.11
CA ASP A 115 9.70 -17.55 8.40
C ASP A 115 10.21 -16.86 7.14
N VAL A 116 10.15 -17.58 6.03
CA VAL A 116 10.61 -17.06 4.76
C VAL A 116 9.59 -16.15 4.08
N TYR A 117 8.37 -16.64 3.83
CA TYR A 117 7.33 -15.87 3.18
C TYR A 117 7.14 -14.51 3.77
N LYS A 118 7.28 -14.40 5.07
CA LYS A 118 7.11 -13.12 5.72
C LYS A 118 8.11 -12.14 5.18
N LYS A 119 9.20 -12.67 4.70
CA LYS A 119 10.25 -11.92 4.09
C LYS A 119 9.78 -11.41 2.72
N LEU A 120 9.33 -12.32 1.84
CA LEU A 120 8.83 -11.90 0.53
C LEU A 120 7.58 -11.06 0.67
N GLN A 121 6.86 -11.20 1.80
CA GLN A 121 5.64 -10.47 1.99
C GLN A 121 5.92 -8.97 2.11
N LYS A 122 7.02 -8.58 2.83
CA LYS A 122 7.48 -7.19 2.76
C LYS A 122 7.39 -6.66 1.34
N GLU A 123 7.94 -7.40 0.43
CA GLU A 123 7.88 -7.02 -0.99
C GLU A 123 6.42 -7.09 -1.56
N ALA A 124 5.63 -7.97 -1.00
CA ALA A 124 4.22 -8.03 -1.35
C ALA A 124 3.54 -6.71 -0.97
N GLU A 125 3.61 -6.32 0.32
CA GLU A 125 3.11 -5.04 0.79
C GLU A 125 3.81 -3.87 0.12
N PHE A 126 4.81 -4.18 -0.68
CA PHE A 126 5.55 -3.15 -1.37
C PHE A 126 4.57 -2.44 -2.26
N GLN A 127 3.72 -3.22 -2.97
CA GLN A 127 2.64 -2.59 -3.72
C GLN A 127 1.61 -2.00 -2.80
N ARG A 128 1.14 -2.80 -1.82
CA ARG A 128 0.09 -2.37 -0.85
C ARG A 128 0.24 -0.92 -0.32
N GLN A 129 1.47 -0.46 -0.12
CA GLN A 129 1.71 0.88 0.46
C GLN A 129 1.19 2.01 -0.43
N GLU A 130 0.87 1.68 -1.68
CA GLU A 130 0.42 2.67 -2.67
C GLU A 130 -0.81 3.50 -2.22
N TRP A 131 -1.38 3.19 -1.05
CA TRP A 131 -2.57 3.93 -0.56
C TRP A 131 -2.27 5.45 -0.44
N ILE A 132 -0.99 5.78 -0.34
CA ILE A 132 -0.53 7.17 -0.17
C ILE A 132 -0.67 7.99 -1.45
N ARG A 133 -1.32 7.42 -2.45
CA ARG A 133 -1.64 8.09 -3.78
C ARG A 133 -2.23 9.53 -3.66
N LYS A 134 -2.14 10.11 -2.46
CA LYS A 134 -2.69 11.47 -2.11
C LYS A 134 -2.65 11.73 -0.61
N GLN A 135 -1.93 10.92 0.16
CA GLN A 135 -1.96 11.06 1.56
C GLN A 135 -0.60 11.60 2.06
N GLY A 136 0.13 12.21 1.15
CA GLY A 136 1.45 12.76 1.44
C GLY A 136 1.47 13.64 2.69
N PRO A 137 0.68 14.74 2.72
CA PRO A 137 0.57 15.58 3.91
C PRO A 137 -0.24 14.88 5.00
N HIS A 138 0.33 14.79 6.19
CA HIS A 138 -0.33 14.13 7.32
C HIS A 138 -1.45 14.99 7.89
N PHE A 139 -1.43 16.27 7.58
CA PHE A 139 -2.46 17.20 8.01
C PHE A 139 -3.10 17.85 6.80
N ALA A 140 -4.42 17.81 6.75
CA ALA A 140 -5.16 18.32 5.60
C ALA A 140 -6.00 19.56 5.94
N GLU A 141 -6.24 19.78 7.23
CA GLU A 141 -7.06 20.92 7.67
C GLU A 141 -6.29 21.79 8.64
N TYR A 142 -6.22 23.07 8.40
CA TYR A 142 -5.45 23.95 9.32
C TYR A 142 -6.22 25.21 9.59
N LEU A 143 -6.22 25.69 10.84
CA LEU A 143 -6.89 26.95 11.16
C LEU A 143 -5.98 28.09 10.80
N SER A 144 -6.36 29.29 11.23
CA SER A 144 -5.63 30.53 11.02
C SER A 144 -6.57 31.70 11.25
N TRP A 145 -6.31 32.50 12.25
CA TRP A 145 -7.17 33.69 12.43
C TRP A 145 -6.51 34.99 12.00
N GLU A 146 -7.37 35.97 11.76
CA GLU A 146 -6.98 37.28 11.26
C GLU A 146 -7.75 38.37 12.00
N VAL A 147 -7.08 39.11 12.86
CA VAL A 147 -7.74 40.18 13.60
C VAL A 147 -8.09 41.34 12.67
N THR A 148 -9.26 41.91 12.89
CA THR A 148 -9.75 42.97 12.04
C THR A 148 -10.02 44.25 12.85
N GLY A 149 -10.35 45.34 12.13
CA GLY A 149 -10.53 46.65 12.75
C GLY A 149 -11.61 46.74 13.83
N GLU A 150 -12.59 45.83 13.79
CA GLU A 150 -13.66 45.84 14.78
C GLU A 150 -13.24 45.11 16.08
N SER A 151 -11.99 44.67 16.08
CA SER A 151 -11.38 43.96 17.20
C SER A 151 -11.90 42.54 17.28
N ASN A 152 -12.17 41.99 16.14
CA ASN A 152 -12.62 40.66 16.01
C ASN A 152 -11.50 39.86 15.38
N VAL A 153 -11.72 38.58 15.17
CA VAL A 153 -10.71 37.77 14.48
C VAL A 153 -11.42 36.82 13.53
N LEU A 154 -10.89 36.73 12.32
CA LEU A 154 -11.53 35.96 11.26
C LEU A 154 -10.99 34.52 11.23
N LEU A 155 -11.71 33.64 11.87
CA LEU A 155 -11.39 32.22 11.91
C LEU A 155 -11.65 31.56 10.60
N LYS A 156 -10.63 31.00 10.05
CA LYS A 156 -10.71 30.31 8.81
C LYS A 156 -9.75 29.15 8.81
N CYS A 157 -10.24 27.98 8.56
CA CYS A 157 -9.36 26.85 8.36
C CYS A 157 -9.32 26.48 6.90
N LYS A 158 -8.71 25.36 6.57
CA LYS A 158 -8.62 24.95 5.19
C LYS A 158 -8.67 23.46 5.14
N VAL A 159 -9.41 22.94 4.20
CA VAL A 159 -9.62 21.50 4.12
C VAL A 159 -8.94 20.94 2.90
N ALA A 160 -8.73 19.65 2.91
CA ALA A 160 -8.22 18.98 1.75
C ALA A 160 -9.07 17.75 1.38
N ASN A 161 -8.47 16.92 0.57
CA ASN A 161 -9.01 15.65 0.06
C ASN A 161 -9.86 14.87 1.07
N ILE A 162 -11.18 15.08 1.00
CA ILE A 162 -12.13 14.43 1.85
C ILE A 162 -13.52 14.44 1.17
N LYS A 163 -14.24 13.31 1.21
CA LYS A 163 -15.53 13.22 0.48
C LYS A 163 -16.67 12.56 1.31
N LYS A 164 -17.20 13.27 2.29
CA LYS A 164 -18.35 12.75 3.05
C LYS A 164 -19.57 13.70 2.92
N GLU A 165 -19.56 14.73 3.75
CA GLU A 165 -20.62 15.74 3.77
C GLU A 165 -20.01 17.13 3.72
N THR A 166 -19.91 17.78 4.86
CA THR A 166 -19.22 19.02 4.96
C THR A 166 -17.82 18.70 5.45
N HIS A 167 -17.04 19.68 5.81
CA HIS A 167 -15.72 19.43 6.33
C HIS A 167 -15.71 19.54 7.85
N ILE A 168 -15.36 20.73 8.33
CA ILE A 168 -15.21 20.98 9.74
C ILE A 168 -16.47 21.59 10.36
N VAL A 169 -16.30 22.03 11.59
CA VAL A 169 -17.29 22.69 12.37
C VAL A 169 -16.54 23.45 13.47
N TRP A 170 -16.98 24.68 13.77
CA TRP A 170 -16.27 25.58 14.70
C TRP A 170 -16.61 25.30 16.14
N TYR A 171 -15.76 24.56 16.77
CA TYR A 171 -15.93 24.28 18.17
C TYR A 171 -15.11 25.19 19.09
N LYS A 172 -15.21 24.84 20.34
CA LYS A 172 -14.59 25.56 21.44
C LYS A 172 -14.89 24.87 22.75
N ASP A 173 -14.12 23.82 23.03
CA ASP A 173 -14.30 23.02 24.25
C ASP A 173 -15.77 22.61 24.40
N GLU A 174 -16.24 21.78 23.46
CA GLU A 174 -17.63 21.28 23.44
C GLU A 174 -18.67 22.34 23.01
N ARG A 175 -18.25 23.59 22.79
CA ARG A 175 -19.18 24.62 22.34
C ARG A 175 -19.22 24.72 20.85
N GLU A 176 -20.38 24.53 20.31
CA GLU A 176 -20.56 24.59 18.88
C GLU A 176 -21.07 25.95 18.47
N ILE A 177 -20.21 26.70 17.83
CA ILE A 177 -20.59 27.99 17.29
C ILE A 177 -21.72 27.78 16.25
N SER A 178 -22.87 28.38 16.50
CA SER A 178 -24.05 28.18 15.67
C SER A 178 -24.02 29.03 14.38
N VAL A 179 -23.80 28.37 13.25
CA VAL A 179 -23.84 29.03 11.93
C VAL A 179 -24.59 28.11 10.95
N ASP A 180 -25.15 28.70 9.89
CA ASP A 180 -25.80 27.93 8.82
C ASP A 180 -24.85 26.86 8.31
N GLU A 181 -25.34 25.64 8.18
CA GLU A 181 -24.48 24.54 7.78
C GLU A 181 -24.33 24.41 6.26
N LYS A 182 -25.14 23.56 5.65
CA LYS A 182 -25.00 23.28 4.23
C LYS A 182 -26.10 23.92 3.40
N HIS A 183 -26.83 24.84 3.98
CA HIS A 183 -27.87 25.55 3.24
C HIS A 183 -27.20 26.64 2.40
N ASP A 184 -26.27 27.36 3.03
CA ASP A 184 -25.44 28.32 2.33
C ASP A 184 -24.11 27.67 1.94
N PHE A 185 -24.05 26.36 2.19
CA PHE A 185 -22.91 25.50 1.83
C PHE A 185 -21.68 25.67 2.70
N LYS A 186 -20.98 26.83 2.58
CA LYS A 186 -19.72 27.05 3.32
C LYS A 186 -18.68 25.98 2.91
N ASP A 187 -18.89 25.40 1.74
CA ASP A 187 -18.05 24.32 1.25
C ASP A 187 -16.62 24.79 0.94
N GLY A 188 -15.68 23.87 1.05
CA GLY A 188 -14.29 24.20 0.83
C GLY A 188 -13.66 24.73 2.10
N ILE A 189 -13.31 26.00 2.08
CA ILE A 189 -12.73 26.65 3.22
C ILE A 189 -13.82 27.45 3.94
N CYS A 190 -13.72 27.59 5.26
CA CYS A 190 -14.74 28.32 5.99
C CYS A 190 -14.15 29.46 6.81
N THR A 191 -14.84 30.57 6.79
CA THR A 191 -14.43 31.77 7.47
C THR A 191 -15.54 32.29 8.38
N LEU A 192 -15.17 32.63 9.61
CA LEU A 192 -16.11 33.19 10.58
C LEU A 192 -15.54 34.43 11.24
N LEU A 193 -16.35 35.06 12.09
CA LEU A 193 -15.89 36.27 12.75
C LEU A 193 -16.11 36.29 14.26
N ILE A 194 -15.01 36.09 14.94
CA ILE A 194 -14.95 36.25 16.39
C ILE A 194 -15.19 37.69 16.71
N THR A 195 -16.43 38.06 16.85
CA THR A 195 -16.76 39.43 17.09
C THR A 195 -16.69 39.74 18.55
N GLU A 196 -15.46 39.96 18.96
CA GLU A 196 -15.08 40.21 20.33
C GLU A 196 -14.93 38.88 21.01
N PHE A 197 -13.87 38.72 21.73
CA PHE A 197 -13.56 37.47 22.37
C PHE A 197 -13.11 37.88 23.76
N SER A 198 -13.32 37.07 24.76
CA SER A 198 -13.04 37.53 26.10
C SER A 198 -12.25 36.49 26.88
N LYS A 199 -11.39 36.97 27.78
CA LYS A 199 -10.53 36.11 28.65
C LYS A 199 -11.31 35.01 29.42
N LYS A 200 -12.63 34.98 29.33
CA LYS A 200 -13.40 33.95 30.01
C LYS A 200 -14.16 33.10 29.00
N ASP A 201 -13.92 33.38 27.74
CA ASP A 201 -14.53 32.65 26.63
C ASP A 201 -13.46 32.11 25.70
N ALA A 202 -12.27 32.65 25.85
CA ALA A 202 -11.13 32.29 25.04
C ALA A 202 -10.67 30.87 25.28
N GLY A 203 -9.65 30.47 24.57
CA GLY A 203 -9.17 29.13 24.67
C GLY A 203 -8.85 28.60 23.33
N PHE A 204 -9.22 27.38 23.07
CA PHE A 204 -8.92 26.82 21.79
C PHE A 204 -10.14 26.69 20.91
N TYR A 205 -10.04 27.26 19.73
CA TYR A 205 -11.08 27.14 18.73
C TYR A 205 -10.85 25.80 18.06
N GLU A 206 -11.80 24.86 18.20
CA GLU A 206 -11.59 23.52 17.71
C GLU A 206 -12.15 23.27 16.34
N VAL A 207 -11.29 22.78 15.46
CA VAL A 207 -11.72 22.33 14.16
C VAL A 207 -11.99 20.84 14.27
N ILE A 208 -13.08 20.36 13.65
CA ILE A 208 -13.47 18.97 13.83
C ILE A 208 -13.65 18.30 12.46
N LEU A 209 -13.20 17.06 12.33
CA LEU A 209 -13.32 16.33 11.07
C LEU A 209 -13.96 15.01 11.29
N LYS A 210 -15.05 14.74 10.60
CA LYS A 210 -15.64 13.43 10.67
C LYS A 210 -16.12 13.00 9.30
N ASP A 211 -15.81 11.77 8.95
CA ASP A 211 -16.21 11.23 7.67
C ASP A 211 -17.13 10.04 7.89
N ASP A 212 -16.91 8.92 7.21
CA ASP A 212 -17.74 7.73 7.39
C ASP A 212 -17.02 6.81 8.36
N ARG A 213 -16.32 7.43 9.28
CA ARG A 213 -15.46 6.74 10.22
C ARG A 213 -15.48 7.48 11.56
N GLY A 214 -14.32 7.58 12.18
CA GLY A 214 -14.21 8.29 13.43
C GLY A 214 -14.12 9.78 13.21
N LYS A 215 -13.25 10.42 13.97
CA LYS A 215 -13.11 11.85 13.88
C LYS A 215 -11.65 12.23 13.73
N ASP A 216 -11.39 13.49 13.96
CA ASP A 216 -10.08 14.10 13.79
C ASP A 216 -10.17 15.58 14.08
N LYS A 217 -9.84 15.97 15.27
CA LYS A 217 -9.89 17.37 15.61
C LYS A 217 -8.56 17.83 16.11
N SER A 218 -8.09 18.97 15.64
CA SER A 218 -6.82 19.50 16.05
C SER A 218 -6.98 21.01 16.05
N ARG A 219 -6.54 21.65 17.09
CA ARG A 219 -6.76 23.07 17.22
C ARG A 219 -5.74 23.75 18.11
N LEU A 220 -5.67 25.07 17.99
CA LEU A 220 -4.75 25.86 18.81
C LEU A 220 -5.49 26.69 19.82
N LYS A 221 -4.76 27.38 20.66
CA LYS A 221 -5.35 28.22 21.70
C LYS A 221 -5.28 29.66 21.25
N LEU A 222 -6.42 30.28 21.11
CA LEU A 222 -6.50 31.59 20.59
C LEU A 222 -6.81 32.61 21.65
N VAL A 223 -6.04 33.70 21.63
CA VAL A 223 -6.22 34.78 22.55
C VAL A 223 -6.16 36.10 21.79
N ASP A 224 -7.18 36.87 21.93
CA ASP A 224 -7.27 38.17 21.34
C ASP A 224 -7.70 39.16 22.40
N GLU A 225 -8.43 38.65 23.37
CA GLU A 225 -8.95 39.40 24.51
C GLU A 225 -7.88 39.96 25.36
N ALA A 226 -6.72 39.50 25.12
CA ALA A 226 -5.57 39.91 25.85
C ALA A 226 -5.04 41.15 25.27
N PHE A 227 -5.51 41.42 24.09
CA PHE A 227 -5.06 42.55 23.34
C PHE A 227 -6.19 43.52 23.15
N GLN A 228 -7.35 42.95 22.96
CA GLN A 228 -8.57 43.66 22.86
C GLN A 228 -8.78 44.50 24.05
N ASP A 229 -8.28 44.01 25.15
CA ASP A 229 -8.41 44.66 26.41
C ASP A 229 -7.61 45.95 26.43
N LEU A 230 -6.69 46.02 25.49
CA LEU A 230 -5.78 47.15 25.37
C LEU A 230 -6.34 48.17 24.40
N MET A 231 -7.08 47.69 23.44
CA MET A 231 -7.66 48.54 22.40
C MET A 231 -9.13 48.90 22.71
N GLY A 1 27.26 -44.55 -22.88
CA GLY A 1 28.67 -44.12 -22.68
C GLY A 1 28.77 -43.01 -21.66
N SER A 2 29.77 -42.16 -21.80
CA SER A 2 29.95 -41.05 -20.90
C SER A 2 29.02 -39.90 -21.32
N HIS A 3 28.28 -39.39 -20.36
CA HIS A 3 27.36 -38.28 -20.64
C HIS A 3 28.03 -36.92 -20.41
N MET A 4 29.05 -36.91 -19.51
CA MET A 4 29.87 -35.71 -19.16
C MET A 4 29.03 -34.44 -18.88
N GLU A 5 27.75 -34.62 -18.61
CA GLU A 5 26.84 -33.53 -18.31
C GLU A 5 27.34 -32.72 -17.10
N GLU A 6 27.42 -33.38 -15.98
CA GLU A 6 27.86 -32.80 -14.74
C GLU A 6 29.19 -32.07 -14.87
N GLU A 7 30.14 -32.70 -15.51
CA GLU A 7 31.41 -32.11 -15.78
C GLU A 7 31.29 -30.73 -16.41
N MET A 8 30.37 -30.58 -17.35
CA MET A 8 30.25 -29.33 -18.09
C MET A 8 29.37 -28.37 -17.32
N LYS A 9 28.50 -28.96 -16.54
CA LYS A 9 27.65 -28.22 -15.66
C LYS A 9 28.51 -27.24 -14.82
N ARG A 10 29.73 -27.67 -14.49
CA ARG A 10 30.67 -26.85 -13.75
C ARG A 10 31.19 -25.72 -14.62
N LEU A 11 31.68 -26.07 -15.80
CA LEU A 11 32.16 -25.11 -16.78
C LEU A 11 31.14 -23.99 -17.02
N LEU A 12 29.87 -24.34 -17.14
CA LEU A 12 28.83 -23.33 -17.33
C LEU A 12 28.68 -22.47 -16.08
N ALA A 13 28.82 -23.12 -14.94
CA ALA A 13 28.72 -22.46 -13.66
C ALA A 13 29.88 -21.47 -13.45
N LEU A 14 30.99 -21.73 -14.15
CA LEU A 14 32.18 -20.95 -14.04
C LEU A 14 32.04 -19.63 -14.75
N SER A 15 31.46 -19.69 -15.91
CA SER A 15 31.33 -18.53 -16.76
C SER A 15 30.42 -17.47 -16.14
N GLN A 16 29.38 -17.96 -15.46
CA GLN A 16 28.43 -17.11 -14.74
C GLN A 16 27.71 -16.10 -15.66
N GLU A 17 26.53 -16.47 -16.13
CA GLU A 17 25.75 -15.58 -16.96
C GLU A 17 24.90 -14.67 -16.09
N HIS A 18 24.14 -13.77 -16.70
CA HIS A 18 23.35 -12.84 -15.91
C HIS A 18 21.85 -13.06 -16.08
N LYS A 19 21.17 -12.15 -16.80
CA LYS A 19 19.71 -12.18 -16.92
C LYS A 19 19.09 -12.13 -15.51
N PHE A 20 17.81 -12.38 -15.45
CA PHE A 20 17.13 -12.49 -14.26
C PHE A 20 17.23 -13.97 -13.81
N PRO A 21 16.43 -14.40 -12.82
CA PRO A 21 16.44 -15.79 -12.29
C PRO A 21 16.06 -16.86 -13.29
N THR A 22 16.89 -17.08 -14.21
CA THR A 22 16.68 -18.04 -15.21
C THR A 22 17.52 -19.30 -14.92
N VAL A 23 17.64 -20.13 -15.91
CA VAL A 23 18.26 -21.43 -15.84
C VAL A 23 18.62 -21.78 -17.29
N PRO A 24 19.21 -22.99 -17.61
CA PRO A 24 19.46 -23.40 -19.01
C PRO A 24 18.24 -23.13 -19.92
N THR A 25 17.03 -23.17 -19.34
CA THR A 25 15.81 -22.83 -20.06
C THR A 25 15.69 -21.30 -20.19
N LYS A 26 14.58 -20.76 -19.74
CA LYS A 26 14.32 -19.37 -19.80
C LYS A 26 13.35 -18.99 -18.67
N SER A 27 13.66 -19.36 -17.46
CA SER A 27 12.78 -19.12 -16.37
C SER A 27 12.84 -17.68 -15.89
N GLU A 28 11.72 -17.04 -15.89
CA GLU A 28 11.57 -15.74 -15.28
C GLU A 28 10.79 -15.99 -13.99
N LEU A 29 10.80 -17.28 -13.61
CA LEU A 29 10.06 -17.82 -12.47
C LEU A 29 10.38 -17.10 -11.24
N ALA A 30 9.52 -16.22 -10.87
CA ALA A 30 9.71 -15.53 -9.67
C ALA A 30 8.36 -15.37 -8.94
N VAL A 31 8.40 -14.60 -7.87
CA VAL A 31 7.24 -14.36 -7.00
C VAL A 31 6.72 -12.98 -7.21
N GLU A 32 5.64 -12.88 -7.92
CA GLU A 32 5.04 -11.62 -8.21
C GLU A 32 3.68 -11.58 -7.60
N ILE A 33 3.51 -10.88 -6.51
CA ILE A 33 2.21 -10.73 -6.03
C ILE A 33 1.54 -9.61 -6.80
N LEU A 34 0.55 -10.00 -7.57
CA LEU A 34 -0.20 -9.11 -8.44
C LEU A 34 -0.72 -7.88 -7.72
N GLU A 35 -1.15 -6.90 -8.49
CA GLU A 35 -1.73 -5.70 -7.94
C GLU A 35 -2.88 -6.04 -7.03
N LYS A 36 -3.58 -7.07 -7.43
CA LYS A 36 -4.73 -7.60 -6.72
C LYS A 36 -4.26 -8.26 -5.43
N GLY A 37 -2.95 -8.34 -5.30
CA GLY A 37 -2.31 -8.93 -4.14
C GLY A 37 -2.47 -10.47 -4.06
N GLN A 38 -2.29 -11.16 -5.20
CA GLN A 38 -2.38 -12.64 -5.25
C GLN A 38 -1.04 -13.24 -5.68
N VAL A 39 -0.85 -14.53 -5.45
CA VAL A 39 0.41 -15.21 -5.74
C VAL A 39 0.54 -15.54 -7.26
N ARG A 40 1.74 -15.34 -7.84
CA ARG A 40 1.96 -15.67 -9.27
C ARG A 40 3.28 -16.45 -9.48
N PHE A 41 3.21 -17.67 -10.05
CA PHE A 41 4.43 -18.41 -10.48
C PHE A 41 4.53 -18.28 -11.99
N TRP A 42 5.67 -17.86 -12.49
CA TRP A 42 5.80 -17.72 -13.94
C TRP A 42 7.23 -17.79 -14.42
N MET A 43 7.54 -18.83 -15.19
CA MET A 43 8.83 -19.04 -15.84
C MET A 43 8.52 -18.95 -17.32
N GLN A 44 9.48 -19.10 -18.24
CA GLN A 44 9.07 -18.95 -19.58
C GLN A 44 8.89 -20.29 -20.19
N ALA A 45 9.98 -20.88 -20.61
CA ALA A 45 10.06 -22.22 -21.17
C ALA A 45 9.79 -22.13 -22.62
N GLU A 46 10.87 -21.97 -23.32
CA GLU A 46 10.87 -21.75 -24.74
C GLU A 46 10.79 -23.02 -25.50
N LYS A 47 10.56 -24.09 -24.80
CA LYS A 47 10.52 -25.35 -25.45
C LYS A 47 9.71 -26.37 -24.72
N LEU A 48 8.67 -26.77 -25.37
CA LEU A 48 7.81 -27.79 -24.96
C LEU A 48 7.54 -28.74 -26.13
N SER A 49 8.46 -29.67 -26.32
CA SER A 49 8.36 -30.59 -27.44
C SER A 49 7.97 -32.01 -27.00
N SER A 50 8.97 -32.88 -26.81
CA SER A 50 8.70 -34.27 -26.45
C SER A 50 8.74 -34.45 -24.92
N ASN A 51 9.93 -34.64 -24.36
CA ASN A 51 10.09 -34.74 -22.90
C ASN A 51 9.49 -33.53 -22.23
N ALA A 52 10.07 -32.35 -22.55
CA ALA A 52 9.66 -31.02 -22.00
C ALA A 52 8.70 -31.15 -20.84
N LYS A 53 9.34 -31.37 -19.74
CA LYS A 53 8.71 -31.61 -18.48
C LYS A 53 8.96 -30.50 -17.49
N VAL A 54 7.94 -30.17 -16.75
CA VAL A 54 7.99 -29.19 -15.72
C VAL A 54 7.48 -29.86 -14.46
N SER A 55 8.22 -29.76 -13.44
CA SER A 55 7.84 -30.40 -12.20
C SER A 55 7.59 -29.40 -11.10
N TYR A 56 6.36 -29.41 -10.62
CA TYR A 56 5.94 -28.55 -9.55
C TYR A 56 6.27 -29.23 -8.25
N ILE A 57 7.10 -28.62 -7.47
CA ILE A 57 7.56 -29.22 -6.24
C ILE A 57 7.19 -28.29 -5.10
N PHE A 58 6.67 -28.83 -4.01
CA PHE A 58 6.30 -28.02 -2.88
C PHE A 58 6.80 -28.71 -1.66
N ASN A 59 7.51 -27.99 -0.82
CA ASN A 59 8.04 -28.51 0.44
C ASN A 59 8.89 -29.81 0.29
N GLU A 60 9.52 -30.01 -0.90
CA GLU A 60 10.50 -31.11 -1.12
C GLU A 60 9.79 -32.34 -1.70
N LYS A 61 8.59 -32.10 -2.18
CA LYS A 61 7.77 -33.10 -2.76
C LYS A 61 7.18 -32.58 -4.09
N GLU A 62 6.83 -33.45 -5.02
CA GLU A 62 6.23 -33.05 -6.28
C GLU A 62 4.71 -32.98 -6.11
N ILE A 63 4.11 -31.85 -6.44
CA ILE A 63 2.67 -31.71 -6.30
C ILE A 63 1.98 -31.91 -7.64
N PHE A 64 0.75 -31.43 -7.77
CA PHE A 64 0.00 -31.60 -8.98
C PHE A 64 -1.09 -30.54 -9.03
N GLU A 65 -1.30 -29.99 -10.21
CA GLU A 65 -2.38 -29.01 -10.43
C GLU A 65 -3.68 -29.51 -9.81
N GLY A 66 -4.45 -28.63 -9.21
CA GLY A 66 -5.64 -29.03 -8.54
C GLY A 66 -6.28 -27.81 -7.89
N PRO A 67 -7.00 -27.98 -6.79
CA PRO A 67 -7.67 -26.85 -6.10
C PRO A 67 -6.67 -25.87 -5.41
N LYS A 68 -5.68 -26.42 -4.71
CA LYS A 68 -4.75 -25.59 -3.93
C LYS A 68 -3.66 -24.90 -4.79
N TYR A 69 -3.30 -25.50 -5.91
CA TYR A 69 -2.27 -24.95 -6.81
C TYR A 69 -2.76 -25.13 -8.20
N LYS A 70 -3.05 -24.07 -8.88
CA LYS A 70 -3.59 -24.17 -10.22
C LYS A 70 -2.54 -23.79 -11.24
N MET A 71 -2.38 -24.62 -12.23
CA MET A 71 -1.37 -24.40 -13.26
C MET A 71 -2.02 -24.37 -14.63
N HIS A 72 -1.56 -23.48 -15.47
CA HIS A 72 -2.06 -23.41 -16.81
C HIS A 72 -0.93 -23.10 -17.76
N ILE A 73 -0.69 -24.01 -18.68
CA ILE A 73 0.38 -23.86 -19.65
C ILE A 73 -0.25 -23.92 -21.01
N ASP A 74 0.07 -23.01 -21.90
CA ASP A 74 -0.63 -22.92 -23.20
C ASP A 74 0.34 -23.24 -24.29
N ARG A 75 1.21 -24.17 -23.97
CA ARG A 75 2.43 -24.56 -24.72
C ARG A 75 2.86 -23.69 -25.95
N ASN A 76 2.53 -22.37 -25.99
CA ASN A 76 3.16 -21.47 -26.93
C ASN A 76 4.54 -21.25 -26.49
N THR A 77 5.32 -22.17 -26.90
CA THR A 77 6.74 -22.32 -26.62
C THR A 77 6.85 -23.03 -25.31
N GLY A 78 5.81 -22.86 -24.52
CA GLY A 78 5.72 -23.47 -23.26
C GLY A 78 5.74 -22.51 -22.13
N ILE A 79 4.96 -21.46 -22.27
CA ILE A 79 4.82 -20.50 -21.20
C ILE A 79 4.06 -21.12 -20.04
N ILE A 80 4.68 -21.06 -18.89
CA ILE A 80 4.13 -21.63 -17.68
C ILE A 80 3.48 -20.59 -16.81
N GLU A 81 2.19 -20.63 -16.77
CA GLU A 81 1.44 -19.79 -15.88
C GLU A 81 0.92 -20.63 -14.73
N MET A 82 1.03 -20.12 -13.54
CA MET A 82 0.59 -20.82 -12.40
C MET A 82 0.27 -19.84 -11.30
N PHE A 83 -0.78 -20.13 -10.60
CA PHE A 83 -1.30 -19.19 -9.62
C PHE A 83 -1.51 -19.82 -8.28
N MET A 84 -1.51 -18.98 -7.26
CA MET A 84 -1.87 -19.37 -5.94
C MET A 84 -2.66 -18.19 -5.41
N GLU A 85 -3.74 -18.47 -4.83
CA GLU A 85 -4.69 -17.43 -4.48
C GLU A 85 -4.58 -16.99 -3.05
N LYS A 86 -3.69 -17.59 -2.29
CA LYS A 86 -3.62 -17.30 -0.87
C LYS A 86 -2.50 -18.16 -0.26
N LEU A 87 -2.71 -18.59 0.94
CA LEU A 87 -1.79 -19.48 1.62
C LEU A 87 -2.50 -20.78 1.95
N GLN A 88 -3.42 -20.68 2.90
CA GLN A 88 -4.29 -21.77 3.42
C GLN A 88 -3.81 -23.24 3.19
N ASP A 89 -2.50 -23.47 3.14
CA ASP A 89 -1.97 -24.83 3.06
C ASP A 89 -1.93 -25.36 4.47
N GLU A 90 -0.77 -25.76 4.96
CA GLU A 90 -0.59 -26.01 6.37
C GLU A 90 0.28 -24.87 6.90
N ASP A 91 0.01 -23.70 6.32
CA ASP A 91 0.80 -22.43 6.52
C ASP A 91 2.21 -22.50 5.88
N GLU A 92 2.66 -23.71 5.50
CA GLU A 92 3.98 -23.88 4.89
C GLU A 92 3.98 -23.38 3.45
N GLY A 93 5.17 -23.21 2.85
CA GLY A 93 5.21 -22.73 1.48
C GLY A 93 6.60 -22.67 0.82
N THR A 94 6.90 -23.62 -0.03
CA THR A 94 8.19 -23.65 -0.74
C THR A 94 8.04 -24.38 -2.05
N TYR A 95 8.17 -23.69 -3.18
CA TYR A 95 7.95 -24.36 -4.44
C TYR A 95 9.14 -24.31 -5.34
N THR A 96 9.58 -25.46 -5.83
CA THR A 96 10.71 -25.53 -6.73
C THR A 96 10.27 -26.04 -8.10
N PHE A 97 10.35 -25.23 -9.13
CA PHE A 97 10.08 -25.70 -10.47
C PHE A 97 11.33 -26.14 -11.12
N GLN A 98 11.38 -27.39 -11.41
CA GLN A 98 12.46 -27.91 -12.19
C GLN A 98 11.92 -28.21 -13.59
N ILE A 99 12.45 -27.53 -14.63
CA ILE A 99 11.95 -27.73 -15.97
C ILE A 99 13.07 -28.18 -16.83
N GLN A 100 12.78 -29.00 -17.75
CA GLN A 100 13.74 -29.43 -18.68
C GLN A 100 13.13 -29.73 -19.99
N ASP A 101 13.80 -29.37 -21.04
CA ASP A 101 13.32 -29.65 -22.37
C ASP A 101 14.42 -30.37 -23.12
N GLY A 102 14.08 -31.51 -23.64
CA GLY A 102 15.05 -32.33 -24.35
C GLY A 102 16.20 -32.77 -23.44
N LYS A 103 17.34 -32.09 -23.54
CA LYS A 103 18.52 -32.45 -22.74
C LYS A 103 18.98 -31.28 -21.83
N ALA A 104 18.14 -30.27 -21.66
CA ALA A 104 18.48 -29.13 -20.82
C ALA A 104 17.65 -29.20 -19.56
N THR A 105 18.16 -28.72 -18.43
CA THR A 105 17.41 -28.82 -17.16
C THR A 105 17.67 -27.57 -16.30
N GLY A 106 16.64 -27.08 -15.59
CA GLY A 106 16.80 -25.88 -14.80
C GLY A 106 16.00 -25.95 -13.51
N HIS A 107 16.56 -25.42 -12.44
CA HIS A 107 15.91 -25.41 -11.14
C HIS A 107 15.54 -23.99 -10.71
N SER A 108 14.48 -23.87 -9.95
CA SER A 108 13.97 -22.57 -9.55
C SER A 108 13.08 -22.71 -8.33
N THR A 109 13.46 -22.12 -7.23
CA THR A 109 12.69 -22.26 -6.03
C THR A 109 12.15 -20.93 -5.49
N LEU A 110 10.95 -21.01 -4.92
CA LEU A 110 10.25 -19.90 -4.31
C LEU A 110 9.84 -20.31 -2.94
N VAL A 111 9.75 -19.37 -2.06
CA VAL A 111 9.32 -19.69 -0.71
C VAL A 111 8.23 -18.74 -0.24
N LEU A 112 7.08 -19.29 0.08
CA LEU A 112 5.93 -18.54 0.52
C LEU A 112 5.41 -19.11 1.81
N ILE A 113 6.22 -19.08 2.82
CA ILE A 113 5.82 -19.61 4.09
C ILE A 113 5.35 -18.49 4.95
N GLY A 114 4.46 -18.80 5.87
CA GLY A 114 3.87 -17.80 6.76
C GLY A 114 4.80 -16.67 7.17
N ASP A 115 5.82 -16.97 7.96
CA ASP A 115 6.75 -15.93 8.43
C ASP A 115 7.39 -15.17 7.28
N VAL A 116 7.57 -15.84 6.17
CA VAL A 116 8.20 -15.25 5.01
C VAL A 116 7.22 -14.41 4.17
N TYR A 117 6.12 -15.01 3.75
CA TYR A 117 5.12 -14.37 2.90
C TYR A 117 4.69 -13.02 3.41
N LYS A 118 4.63 -12.85 4.70
CA LYS A 118 4.24 -11.57 5.25
C LYS A 118 5.20 -10.49 4.77
N LYS A 119 6.40 -10.92 4.49
CA LYS A 119 7.42 -10.09 4.00
C LYS A 119 7.11 -9.70 2.57
N LEU A 120 6.86 -10.69 1.69
CA LEU A 120 6.52 -10.39 0.30
C LEU A 120 5.19 -9.67 0.19
N GLN A 121 4.32 -9.83 1.20
CA GLN A 121 3.03 -9.19 1.15
C GLN A 121 3.18 -7.68 1.18
N LYS A 122 4.10 -7.15 2.01
CA LYS A 122 4.44 -5.73 1.91
C LYS A 122 4.70 -5.33 0.46
N GLU A 123 5.49 -6.14 -0.20
CA GLU A 123 5.77 -5.93 -1.64
C GLU A 123 4.46 -6.11 -2.47
N ALA A 124 3.61 -6.99 -2.04
CA ALA A 124 2.28 -7.09 -2.63
C ALA A 124 1.59 -5.73 -2.50
N GLU A 125 1.65 -5.17 -1.27
CA GLU A 125 1.20 -3.81 -0.99
C GLU A 125 1.89 -2.76 -1.85
N PHE A 126 2.87 -3.18 -2.64
CA PHE A 126 3.58 -2.23 -3.51
C PHE A 126 2.56 -1.63 -4.37
N GLN A 127 1.85 -2.48 -5.09
CA GLN A 127 0.82 -2.02 -5.98
C GLN A 127 -0.43 -1.60 -5.23
N ARG A 128 -0.71 -2.25 -4.09
CA ARG A 128 -1.84 -1.84 -3.24
C ARG A 128 -1.86 -0.31 -2.99
N GLN A 129 -0.71 0.25 -2.55
CA GLN A 129 -0.66 1.68 -2.18
C GLN A 129 -0.67 2.62 -3.37
N GLU A 130 -0.64 2.06 -4.56
CA GLU A 130 -0.69 2.88 -5.77
C GLU A 130 -2.08 3.53 -5.91
N TRP A 131 -2.95 3.27 -4.94
CA TRP A 131 -4.29 3.81 -4.97
C TRP A 131 -4.28 5.26 -4.50
N ILE A 132 -3.26 5.59 -3.72
CA ILE A 132 -3.13 6.93 -3.14
C ILE A 132 -1.82 7.58 -3.45
N ARG A 133 -0.79 6.76 -3.51
CA ARG A 133 0.58 7.18 -3.79
C ARG A 133 1.27 7.75 -2.53
N LYS A 134 0.49 8.35 -1.62
CA LYS A 134 1.03 8.96 -0.40
C LYS A 134 -0.09 9.72 0.35
N GLN A 135 -0.87 9.00 1.15
CA GLN A 135 -1.93 9.66 1.93
C GLN A 135 -1.65 9.63 3.42
N GLY A 136 -0.58 8.99 3.79
CA GLY A 136 -0.18 8.95 5.18
C GLY A 136 0.98 9.90 5.48
N PRO A 137 0.71 11.18 5.79
CA PRO A 137 1.73 12.14 6.15
C PRO A 137 1.82 12.30 7.67
N HIS A 138 2.46 13.36 8.12
CA HIS A 138 2.57 13.61 9.55
C HIS A 138 1.60 14.70 9.98
N PHE A 139 1.46 15.71 9.14
CA PHE A 139 0.55 16.82 9.40
C PHE A 139 -0.06 17.31 8.09
N ALA A 140 -1.39 17.41 8.05
CA ALA A 140 -2.08 17.87 6.84
C ALA A 140 -3.31 18.73 7.19
N GLU A 141 -3.39 19.15 8.45
CA GLU A 141 -4.49 19.97 8.94
C GLU A 141 -3.97 21.07 9.88
N TYR A 142 -4.11 22.30 9.54
CA TYR A 142 -3.57 23.35 10.41
C TYR A 142 -4.53 24.47 10.54
N LEU A 143 -4.58 25.13 11.69
CA LEU A 143 -5.38 26.32 11.86
C LEU A 143 -4.53 27.52 11.56
N SER A 144 -5.03 28.70 11.86
CA SER A 144 -4.34 29.98 11.66
C SER A 144 -5.34 31.10 11.72
N TRP A 145 -5.21 31.98 12.67
CA TRP A 145 -6.11 33.15 12.70
C TRP A 145 -5.43 34.45 12.33
N GLU A 146 -6.27 35.44 12.11
CA GLU A 146 -5.84 36.76 11.69
C GLU A 146 -6.74 37.83 12.29
N VAL A 147 -6.20 38.64 13.18
CA VAL A 147 -6.96 39.71 13.79
C VAL A 147 -7.18 40.85 12.81
N THR A 148 -8.41 41.27 12.70
CA THR A 148 -8.79 42.33 11.80
C THR A 148 -9.08 43.60 12.59
N GLY A 149 -9.14 44.75 11.89
CA GLY A 149 -9.35 46.04 12.53
C GLY A 149 -10.72 46.16 13.19
N GLU A 150 -11.54 45.13 13.05
CA GLU A 150 -12.87 45.12 13.67
C GLU A 150 -12.79 44.45 15.06
N SER A 151 -11.58 44.03 15.40
CA SER A 151 -11.26 43.40 16.68
C SER A 151 -11.71 41.95 16.70
N ASN A 152 -11.76 41.36 15.54
CA ASN A 152 -12.12 40.00 15.38
C ASN A 152 -10.89 39.22 14.95
N VAL A 153 -11.02 37.92 14.75
CA VAL A 153 -9.93 37.12 14.21
C VAL A 153 -10.50 36.14 13.19
N LEU A 154 -9.85 36.04 12.04
CA LEU A 154 -10.35 35.22 10.94
C LEU A 154 -9.78 33.81 11.03
N LEU A 155 -10.55 32.92 11.63
CA LEU A 155 -10.17 31.53 11.77
C LEU A 155 -10.24 30.80 10.47
N LYS A 156 -9.13 30.33 10.04
CA LYS A 156 -9.04 29.58 8.84
C LYS A 156 -8.08 28.45 9.06
N CYS A 157 -8.51 27.22 8.88
CA CYS A 157 -7.60 26.11 8.92
C CYS A 157 -7.40 25.59 7.51
N LYS A 158 -6.70 24.46 7.37
CA LYS A 158 -6.40 23.94 6.06
C LYS A 158 -6.20 22.46 6.14
N VAL A 159 -6.66 21.78 5.13
CA VAL A 159 -6.61 20.33 5.12
C VAL A 159 -6.15 19.81 3.77
N ALA A 160 -5.98 18.52 3.70
CA ALA A 160 -5.62 17.87 2.48
C ALA A 160 -6.72 16.86 2.14
N ASN A 161 -6.43 16.00 1.19
CA ASN A 161 -7.35 14.96 0.73
C ASN A 161 -8.07 14.23 1.84
N ILE A 162 -9.37 14.39 1.83
CA ILE A 162 -10.21 13.75 2.79
C ILE A 162 -11.60 13.49 2.17
N LYS A 163 -11.84 12.22 1.81
CA LYS A 163 -13.04 11.83 1.04
C LYS A 163 -14.11 11.14 1.90
N LYS A 164 -14.68 11.85 2.84
CA LYS A 164 -15.78 11.30 3.64
C LYS A 164 -17.05 12.14 3.45
N GLU A 165 -17.19 13.19 4.27
CA GLU A 165 -18.33 14.10 4.21
C GLU A 165 -17.81 15.53 4.09
N THR A 166 -17.74 16.22 5.21
CA THR A 166 -17.10 17.50 5.28
C THR A 166 -15.70 17.26 5.84
N HIS A 167 -14.96 18.27 6.18
CA HIS A 167 -13.66 18.07 6.75
C HIS A 167 -13.73 18.22 8.28
N ILE A 168 -13.45 19.41 8.73
CA ILE A 168 -13.41 19.71 10.14
C ILE A 168 -14.73 20.23 10.66
N VAL A 169 -14.68 20.77 11.86
CA VAL A 169 -15.76 21.38 12.54
C VAL A 169 -15.14 22.23 13.65
N TRP A 170 -15.69 23.41 13.88
CA TRP A 170 -15.10 24.38 14.81
C TRP A 170 -15.52 24.14 16.25
N TYR A 171 -14.66 23.50 16.99
CA TYR A 171 -14.91 23.29 18.40
C TYR A 171 -14.18 24.26 19.29
N LYS A 172 -14.70 24.36 20.46
CA LYS A 172 -14.13 25.17 21.50
C LYS A 172 -14.45 24.59 22.85
N ASP A 173 -13.60 23.67 23.29
CA ASP A 173 -13.78 22.94 24.55
C ASP A 173 -15.20 22.38 24.64
N GLU A 174 -15.49 21.41 23.77
CA GLU A 174 -16.81 20.75 23.67
C GLU A 174 -17.91 21.66 23.10
N ARG A 175 -17.63 22.94 22.91
CA ARG A 175 -18.61 23.84 22.34
C ARG A 175 -18.53 23.83 20.86
N GLU A 176 -19.59 23.42 20.26
CA GLU A 176 -19.66 23.36 18.84
C GLU A 176 -20.17 24.66 18.28
N ILE A 177 -19.33 25.36 17.57
CA ILE A 177 -19.77 26.52 16.85
C ILE A 177 -20.65 26.04 15.69
N SER A 178 -21.95 25.95 15.93
CA SER A 178 -22.88 25.40 14.95
C SER A 178 -23.12 26.34 13.78
N VAL A 179 -22.50 26.03 12.65
CA VAL A 179 -22.68 26.77 11.42
C VAL A 179 -23.24 25.80 10.36
N ASP A 180 -23.71 26.33 9.22
CA ASP A 180 -24.22 25.50 8.12
C ASP A 180 -23.24 24.36 7.82
N GLU A 181 -23.73 23.13 7.92
CA GLU A 181 -22.90 21.95 7.76
C GLU A 181 -22.58 21.63 6.29
N LYS A 182 -23.42 20.80 5.68
CA LYS A 182 -23.16 20.35 4.31
C LYS A 182 -24.14 20.94 3.31
N HIS A 183 -24.80 22.01 3.68
CA HIS A 183 -25.75 22.65 2.78
C HIS A 183 -25.02 23.63 1.88
N ASP A 184 -24.23 24.49 2.51
CA ASP A 184 -23.40 25.45 1.80
C ASP A 184 -22.02 24.82 1.54
N PHE A 185 -21.84 23.62 2.10
CA PHE A 185 -20.64 22.80 1.92
C PHE A 185 -19.44 23.29 2.75
N LYS A 186 -18.92 24.49 2.43
CA LYS A 186 -17.71 25.01 3.10
C LYS A 186 -16.52 24.07 2.87
N ASP A 187 -16.63 23.30 1.79
CA ASP A 187 -15.64 22.28 1.45
C ASP A 187 -14.25 22.88 1.18
N GLY A 188 -13.23 22.06 1.39
CA GLY A 188 -11.86 22.51 1.25
C GLY A 188 -11.37 23.20 2.49
N ILE A 189 -10.90 24.42 2.34
CA ILE A 189 -10.45 25.20 3.47
C ILE A 189 -11.61 26.04 3.99
N CYS A 190 -11.64 26.32 5.28
CA CYS A 190 -12.77 27.07 5.84
C CYS A 190 -12.29 28.29 6.61
N THR A 191 -13.10 29.33 6.57
CA THR A 191 -12.82 30.59 7.21
C THR A 191 -14.02 31.09 8.01
N LEU A 192 -13.77 31.51 9.25
CA LEU A 192 -14.82 32.08 10.09
C LEU A 192 -14.34 33.38 10.72
N LEU A 193 -15.22 34.03 11.47
CA LEU A 193 -14.86 35.29 12.07
C LEU A 193 -15.21 35.39 13.57
N ILE A 194 -14.17 35.29 14.36
CA ILE A 194 -14.24 35.51 15.79
C ILE A 194 -14.47 36.97 16.01
N THR A 195 -15.71 37.37 16.01
CA THR A 195 -16.02 38.76 16.19
C THR A 195 -16.05 39.11 17.63
N GLU A 196 -14.85 39.37 18.13
CA GLU A 196 -14.59 39.66 19.52
C GLU A 196 -14.52 38.34 20.25
N PHE A 197 -13.57 38.22 21.10
CA PHE A 197 -13.33 37.01 21.83
C PHE A 197 -13.10 37.44 23.27
N SER A 198 -13.16 36.55 24.22
CA SER A 198 -13.07 36.98 25.61
C SER A 198 -12.17 36.08 26.39
N LYS A 199 -11.40 36.65 27.33
CA LYS A 199 -10.52 35.86 28.21
C LYS A 199 -11.29 34.81 29.05
N LYS A 200 -12.60 34.71 28.84
CA LYS A 200 -13.42 33.72 29.53
C LYS A 200 -14.05 32.77 28.52
N ASP A 201 -13.90 33.10 27.25
CA ASP A 201 -14.48 32.31 26.17
C ASP A 201 -13.37 31.77 25.28
N ALA A 202 -12.18 32.27 25.51
CA ALA A 202 -11.03 31.90 24.74
C ALA A 202 -10.43 30.60 25.26
N GLY A 203 -9.22 30.32 24.83
CA GLY A 203 -8.59 29.10 25.23
C GLY A 203 -8.00 28.45 24.05
N PHE A 204 -8.76 27.58 23.43
CA PHE A 204 -8.31 26.95 22.22
C PHE A 204 -9.46 26.70 21.26
N TYR A 205 -9.19 26.90 20.00
CA TYR A 205 -10.13 26.63 18.93
C TYR A 205 -9.75 25.27 18.39
N GLU A 206 -10.67 24.29 18.51
CA GLU A 206 -10.35 22.94 18.13
C GLU A 206 -10.82 22.59 16.75
N VAL A 207 -9.88 22.16 15.94
CA VAL A 207 -10.22 21.59 14.67
C VAL A 207 -10.42 20.11 14.86
N ILE A 208 -11.40 19.52 14.17
CA ILE A 208 -11.73 18.11 14.39
C ILE A 208 -11.72 17.39 13.04
N LEU A 209 -11.15 16.21 13.01
CA LEU A 209 -11.10 15.42 11.79
C LEU A 209 -11.87 14.17 11.99
N LYS A 210 -12.95 14.02 11.25
CA LYS A 210 -13.74 12.81 11.33
C LYS A 210 -14.00 12.24 9.96
N ASP A 211 -13.62 10.99 9.77
CA ASP A 211 -13.87 10.33 8.49
C ASP A 211 -14.70 9.05 8.72
N ASP A 212 -14.28 7.89 8.20
CA ASP A 212 -15.03 6.65 8.40
C ASP A 212 -14.29 5.85 9.47
N ARG A 213 -13.70 6.57 10.36
CA ARG A 213 -12.83 6.02 11.37
C ARG A 213 -13.07 6.75 12.68
N GLY A 214 -12.00 6.94 13.40
CA GLY A 214 -12.07 7.71 14.60
C GLY A 214 -12.10 9.18 14.30
N LYS A 215 -11.38 9.93 15.09
CA LYS A 215 -11.31 11.35 14.92
C LYS A 215 -9.89 11.81 15.07
N ASP A 216 -9.74 13.08 15.35
CA ASP A 216 -8.46 13.71 15.52
C ASP A 216 -8.65 15.17 15.71
N LYS A 217 -8.38 15.66 16.87
CA LYS A 217 -8.47 17.07 17.09
C LYS A 217 -7.16 17.57 17.59
N SER A 218 -6.64 18.61 16.97
CA SER A 218 -5.39 19.15 17.32
C SER A 218 -5.54 20.65 17.16
N ARG A 219 -5.18 21.37 18.17
CA ARG A 219 -5.41 22.80 18.16
C ARG A 219 -4.51 23.56 19.06
N LEU A 220 -4.43 24.85 18.83
CA LEU A 220 -3.61 25.72 19.64
C LEU A 220 -4.49 26.54 20.53
N LYS A 221 -3.88 27.30 21.39
CA LYS A 221 -4.61 28.12 22.32
C LYS A 221 -4.68 29.53 21.76
N LEU A 222 -5.88 30.02 21.50
CA LEU A 222 -6.05 31.30 20.90
C LEU A 222 -6.46 32.35 21.89
N VAL A 223 -5.68 33.42 21.89
CA VAL A 223 -5.92 34.57 22.72
C VAL A 223 -5.85 35.81 21.85
N ASP A 224 -6.92 36.54 21.78
CA ASP A 224 -6.96 37.77 21.02
C ASP A 224 -7.50 38.88 21.87
N GLU A 225 -8.33 38.47 22.78
CA GLU A 225 -9.01 39.31 23.71
C GLU A 225 -8.08 40.05 24.62
N ALA A 226 -6.89 39.61 24.60
CA ALA A 226 -5.87 40.18 25.39
C ALA A 226 -5.16 41.24 24.60
N PHE A 227 -5.34 41.17 23.33
CA PHE A 227 -4.67 42.06 22.41
C PHE A 227 -5.56 43.19 22.03
N GLN A 228 -6.81 42.88 21.93
CA GLN A 228 -7.87 43.81 21.72
C GLN A 228 -7.82 44.90 22.73
N ASP A 229 -7.34 44.55 23.86
CA ASP A 229 -7.22 45.46 24.94
C ASP A 229 -6.15 46.50 24.63
N LEU A 230 -5.26 46.11 23.76
CA LEU A 230 -4.13 46.92 23.35
C LEU A 230 -4.42 47.58 22.02
N MET A 231 -4.51 46.73 21.00
CA MET A 231 -4.75 47.11 19.61
C MET A 231 -3.67 48.05 19.06
N GLY A 1 13.19 -9.96 14.81
CA GLY A 1 12.83 -11.20 14.12
C GLY A 1 13.42 -11.29 12.73
N SER A 2 14.42 -12.12 12.57
CA SER A 2 15.07 -12.34 11.29
C SER A 2 14.96 -13.81 10.92
N HIS A 3 14.32 -14.09 9.79
CA HIS A 3 14.10 -15.49 9.42
C HIS A 3 15.20 -16.01 8.49
N MET A 4 16.39 -16.25 9.07
CA MET A 4 17.55 -16.87 8.40
C MET A 4 17.95 -16.27 7.03
N GLU A 5 17.51 -15.06 6.73
CA GLU A 5 17.83 -14.45 5.46
C GLU A 5 19.35 -14.17 5.32
N GLU A 6 19.89 -13.31 6.16
CA GLU A 6 21.31 -13.02 6.12
C GLU A 6 22.16 -14.27 6.22
N GLU A 7 21.72 -15.22 7.02
CA GLU A 7 22.36 -16.48 7.15
C GLU A 7 22.46 -17.18 5.80
N MET A 8 21.44 -17.02 4.97
CA MET A 8 21.39 -17.72 3.71
C MET A 8 22.24 -17.04 2.70
N LYS A 9 22.34 -15.73 2.84
CA LYS A 9 23.23 -14.95 2.00
C LYS A 9 24.64 -15.61 1.93
N ARG A 10 25.09 -16.19 3.05
CA ARG A 10 26.38 -16.88 3.11
C ARG A 10 26.32 -18.22 2.36
N LEU A 11 25.18 -18.83 2.48
CA LEU A 11 24.89 -20.10 1.84
C LEU A 11 25.01 -19.97 0.32
N LEU A 12 24.54 -18.84 -0.21
CA LEU A 12 24.64 -18.56 -1.65
C LEU A 12 26.02 -17.96 -1.97
N ALA A 13 26.55 -17.19 -1.03
CA ALA A 13 27.85 -16.56 -1.18
C ALA A 13 28.95 -17.60 -1.25
N LEU A 14 28.64 -18.80 -0.81
CA LEU A 14 29.56 -19.90 -0.83
C LEU A 14 29.90 -20.28 -2.26
N SER A 15 28.93 -20.16 -3.10
CA SER A 15 29.08 -20.54 -4.49
C SER A 15 29.66 -19.36 -5.28
N GLN A 16 29.44 -18.14 -4.76
CA GLN A 16 29.99 -16.90 -5.33
C GLN A 16 29.46 -16.64 -6.74
N GLU A 17 28.28 -17.17 -7.03
CA GLU A 17 27.67 -17.00 -8.33
C GLU A 17 26.85 -15.70 -8.37
N HIS A 18 26.55 -15.21 -9.58
CA HIS A 18 25.79 -13.97 -9.75
C HIS A 18 24.29 -14.24 -9.52
N LYS A 19 23.55 -13.17 -9.22
CA LYS A 19 22.11 -13.29 -8.97
C LYS A 19 21.32 -13.21 -10.27
N PHE A 20 20.79 -14.33 -10.69
CA PHE A 20 19.97 -14.39 -11.82
C PHE A 20 18.79 -15.29 -11.56
N PRO A 21 17.63 -14.87 -12.00
CA PRO A 21 16.38 -15.57 -11.73
C PRO A 21 15.94 -16.52 -12.76
N THR A 22 16.67 -16.64 -13.77
CA THR A 22 16.32 -17.51 -14.83
C THR A 22 17.01 -18.85 -14.62
N VAL A 23 16.98 -19.66 -15.65
CA VAL A 23 17.47 -21.02 -15.65
C VAL A 23 17.65 -21.39 -17.13
N PRO A 24 18.10 -22.63 -17.50
CA PRO A 24 18.19 -23.06 -18.90
C PRO A 24 16.95 -22.66 -19.72
N THR A 25 15.78 -22.61 -19.06
CA THR A 25 14.54 -22.17 -19.69
C THR A 25 14.54 -20.63 -19.83
N LYS A 26 13.51 -20.01 -19.28
CA LYS A 26 13.35 -18.59 -19.32
C LYS A 26 12.54 -18.11 -18.12
N SER A 27 12.95 -18.47 -16.92
CA SER A 27 12.20 -18.14 -15.75
C SER A 27 12.42 -16.71 -15.30
N GLU A 28 11.34 -15.96 -15.31
CA GLU A 28 11.32 -14.63 -14.74
C GLU A 28 10.60 -14.77 -13.41
N LEU A 29 10.46 -16.04 -13.00
CA LEU A 29 9.72 -16.48 -11.82
C LEU A 29 10.15 -15.79 -10.59
N ALA A 30 9.48 -14.73 -10.27
CA ALA A 30 9.73 -14.02 -9.09
C ALA A 30 8.40 -13.86 -8.35
N VAL A 31 8.28 -12.87 -7.45
CA VAL A 31 7.11 -12.76 -6.57
C VAL A 31 6.51 -11.39 -6.75
N GLU A 32 5.33 -11.34 -7.34
CA GLU A 32 4.68 -10.07 -7.59
C GLU A 32 3.36 -10.04 -6.89
N ILE A 33 3.27 -9.34 -5.79
CA ILE A 33 2.01 -9.17 -5.18
C ILE A 33 1.28 -8.10 -5.96
N LEU A 34 0.29 -8.56 -6.68
CA LEU A 34 -0.45 -7.75 -7.64
C LEU A 34 -0.96 -6.43 -7.09
N GLU A 35 -1.39 -5.59 -8.02
CA GLU A 35 -2.01 -4.32 -7.76
C GLU A 35 -3.18 -4.48 -6.78
N LYS A 36 -3.78 -5.64 -6.83
CA LYS A 36 -4.93 -5.97 -5.99
C LYS A 36 -4.44 -6.46 -4.63
N GLY A 37 -3.18 -6.84 -4.60
CA GLY A 37 -2.52 -7.30 -3.40
C GLY A 37 -2.65 -8.81 -3.19
N GLN A 38 -2.44 -9.56 -4.26
CA GLN A 38 -2.49 -11.02 -4.25
C GLN A 38 -1.12 -11.57 -4.67
N VAL A 39 -0.91 -12.85 -4.50
CA VAL A 39 0.37 -13.47 -4.81
C VAL A 39 0.47 -13.83 -6.33
N ARG A 40 1.68 -13.74 -6.94
CA ARG A 40 1.85 -14.12 -8.36
C ARG A 40 3.16 -14.88 -8.63
N PHE A 41 3.06 -16.09 -9.19
CA PHE A 41 4.22 -16.86 -9.68
C PHE A 41 4.28 -16.69 -11.19
N TRP A 42 5.38 -16.20 -11.72
CA TRP A 42 5.46 -16.00 -13.17
C TRP A 42 6.85 -16.24 -13.71
N MET A 43 7.00 -17.35 -14.44
CA MET A 43 8.21 -17.72 -15.16
C MET A 43 7.80 -17.69 -16.62
N GLN A 44 8.67 -17.98 -17.58
CA GLN A 44 8.19 -17.87 -18.91
C GLN A 44 7.83 -19.22 -19.44
N ALA A 45 8.81 -19.89 -19.97
CA ALA A 45 8.75 -21.26 -20.50
C ALA A 45 8.39 -21.19 -21.95
N GLU A 46 9.41 -21.10 -22.72
CA GLU A 46 9.35 -20.87 -24.16
C GLU A 46 9.15 -22.12 -24.93
N LYS A 47 8.83 -23.15 -24.25
CA LYS A 47 8.69 -24.43 -24.90
C LYS A 47 7.89 -25.41 -24.10
N LEU A 48 6.78 -25.74 -24.67
CA LEU A 48 5.89 -26.73 -24.23
C LEU A 48 5.57 -27.66 -25.37
N SER A 49 6.27 -28.76 -25.43
CA SER A 49 6.07 -29.73 -26.50
C SER A 49 5.55 -31.10 -26.00
N SER A 50 6.45 -32.08 -25.90
CA SER A 50 6.08 -33.43 -25.49
C SER A 50 6.22 -33.61 -23.98
N ASN A 51 7.44 -33.91 -23.52
CA ASN A 51 7.72 -34.01 -22.08
C ASN A 51 7.30 -32.73 -21.38
N ALA A 52 7.93 -31.60 -21.83
CA ALA A 52 7.66 -30.21 -21.31
C ALA A 52 6.80 -30.20 -20.06
N LYS A 53 7.52 -30.40 -19.00
CA LYS A 53 6.96 -30.52 -17.70
C LYS A 53 7.38 -29.41 -16.76
N VAL A 54 6.43 -28.97 -15.98
CA VAL A 54 6.62 -27.96 -14.98
C VAL A 54 6.09 -28.57 -13.70
N SER A 55 6.85 -28.49 -12.69
CA SER A 55 6.45 -29.12 -11.46
C SER A 55 6.22 -28.10 -10.38
N TYR A 56 4.97 -27.99 -9.98
CA TYR A 56 4.59 -27.09 -8.92
C TYR A 56 4.92 -27.75 -7.62
N ILE A 57 5.79 -27.16 -6.88
CA ILE A 57 6.23 -27.74 -5.64
C ILE A 57 5.99 -26.74 -4.54
N PHE A 58 5.51 -27.20 -3.41
CA PHE A 58 5.27 -26.33 -2.29
C PHE A 58 5.77 -27.01 -1.06
N ASN A 59 6.54 -26.30 -0.26
CA ASN A 59 7.09 -26.82 1.00
C ASN A 59 7.93 -28.09 0.83
N GLU A 60 8.53 -28.28 -0.37
CA GLU A 60 9.51 -29.37 -0.63
C GLU A 60 8.77 -30.63 -1.07
N LYS A 61 7.53 -30.44 -1.45
CA LYS A 61 6.67 -31.47 -1.92
C LYS A 61 6.00 -30.96 -3.20
N GLU A 62 5.52 -31.84 -4.06
CA GLU A 62 4.85 -31.44 -5.29
C GLU A 62 3.36 -31.25 -5.01
N ILE A 63 2.78 -30.20 -5.52
CA ILE A 63 1.36 -29.99 -5.31
C ILE A 63 0.59 -30.19 -6.60
N PHE A 64 -0.58 -29.61 -6.70
CA PHE A 64 -1.40 -29.74 -7.86
C PHE A 64 -2.33 -28.54 -7.95
N GLU A 65 -2.62 -28.14 -9.16
CA GLU A 65 -3.57 -27.08 -9.40
C GLU A 65 -4.90 -27.44 -8.75
N GLY A 66 -5.59 -26.49 -8.18
CA GLY A 66 -6.82 -26.77 -7.52
C GLY A 66 -7.38 -25.50 -6.93
N PRO A 67 -8.10 -25.58 -5.80
CA PRO A 67 -8.68 -24.39 -5.17
C PRO A 67 -7.65 -23.52 -4.42
N LYS A 68 -6.72 -24.17 -3.71
CA LYS A 68 -5.74 -23.44 -2.88
C LYS A 68 -4.60 -22.79 -3.70
N TYR A 69 -4.23 -23.40 -4.82
CA TYR A 69 -3.16 -22.88 -5.69
C TYR A 69 -3.65 -23.00 -7.10
N LYS A 70 -3.88 -21.91 -7.76
CA LYS A 70 -4.45 -21.96 -9.08
C LYS A 70 -3.41 -21.63 -10.12
N MET A 71 -3.32 -22.47 -11.10
CA MET A 71 -2.34 -22.33 -12.16
C MET A 71 -3.01 -22.20 -13.49
N HIS A 72 -2.46 -21.37 -14.34
CA HIS A 72 -2.99 -21.21 -15.65
C HIS A 72 -1.87 -21.02 -16.65
N ILE A 73 -1.73 -21.96 -17.54
CA ILE A 73 -0.72 -21.91 -18.57
C ILE A 73 -1.46 -21.87 -19.87
N ASP A 74 -1.18 -20.93 -20.71
CA ASP A 74 -1.99 -20.76 -21.92
C ASP A 74 -1.25 -21.29 -23.11
N ARG A 75 -0.50 -22.37 -22.86
CA ARG A 75 0.56 -22.97 -23.74
C ARG A 75 1.00 -22.19 -25.03
N ASN A 76 0.74 -20.86 -25.11
CA ASN A 76 1.34 -20.03 -26.13
C ASN A 76 2.75 -19.85 -25.76
N THR A 77 3.49 -20.80 -26.17
CA THR A 77 4.93 -20.94 -25.97
C THR A 77 5.14 -21.58 -24.63
N GLY A 78 4.18 -21.34 -23.76
CA GLY A 78 4.19 -21.93 -22.48
C GLY A 78 4.37 -20.98 -21.38
N ILE A 79 3.71 -19.85 -21.47
CA ILE A 79 3.74 -18.91 -20.39
C ILE A 79 3.04 -19.48 -19.17
N ILE A 80 3.76 -19.50 -18.07
CA ILE A 80 3.26 -20.05 -16.83
C ILE A 80 2.77 -18.96 -15.93
N GLU A 81 1.48 -18.88 -15.79
CA GLU A 81 0.89 -18.00 -14.85
C GLU A 81 0.31 -18.80 -13.72
N MET A 82 0.49 -18.31 -12.55
CA MET A 82 0.02 -18.98 -11.39
C MET A 82 -0.19 -17.98 -10.29
N PHE A 83 -1.21 -18.21 -9.52
CA PHE A 83 -1.60 -17.26 -8.51
C PHE A 83 -1.81 -17.90 -7.16
N MET A 84 -1.73 -17.07 -6.14
CA MET A 84 -2.07 -17.45 -4.82
C MET A 84 -2.78 -16.23 -4.26
N GLU A 85 -3.87 -16.44 -3.67
CA GLU A 85 -4.74 -15.33 -3.32
C GLU A 85 -4.54 -14.86 -1.91
N LYS A 86 -3.62 -15.48 -1.18
CA LYS A 86 -3.46 -15.18 0.22
C LYS A 86 -2.36 -16.07 0.81
N LEU A 87 -2.47 -16.36 2.07
CA LEU A 87 -1.58 -17.27 2.73
C LEU A 87 -2.34 -18.51 3.14
N GLN A 88 -3.19 -18.35 4.15
CA GLN A 88 -4.09 -19.37 4.74
C GLN A 88 -3.63 -20.85 4.61
N ASP A 89 -2.34 -21.12 4.54
CA ASP A 89 -1.85 -22.50 4.52
C ASP A 89 -1.77 -22.99 5.97
N GLU A 90 -0.69 -23.67 6.35
CA GLU A 90 -0.49 -24.05 7.73
C GLU A 90 0.62 -23.17 8.28
N ASP A 91 0.64 -21.94 7.74
CA ASP A 91 1.64 -20.88 8.04
C ASP A 91 2.90 -21.00 7.17
N GLU A 92 3.10 -22.16 6.52
CA GLU A 92 4.28 -22.36 5.67
C GLU A 92 4.15 -21.61 4.36
N GLY A 93 5.24 -21.54 3.59
CA GLY A 93 5.18 -20.84 2.34
C GLY A 93 6.45 -20.94 1.48
N THR A 94 6.54 -21.94 0.63
CA THR A 94 7.72 -22.08 -0.22
C THR A 94 7.35 -22.81 -1.49
N TYR A 95 7.46 -22.16 -2.65
CA TYR A 95 7.10 -22.83 -3.88
C TYR A 95 8.27 -22.92 -4.82
N THR A 96 8.63 -24.13 -5.22
CA THR A 96 9.77 -24.34 -6.09
C THR A 96 9.31 -24.80 -7.47
N PHE A 97 9.47 -23.97 -8.48
CA PHE A 97 9.16 -24.41 -9.82
C PHE A 97 10.36 -24.95 -10.49
N GLN A 98 10.33 -26.21 -10.72
CA GLN A 98 11.34 -26.86 -11.50
C GLN A 98 10.72 -27.19 -12.87
N ILE A 99 11.24 -26.61 -13.96
CA ILE A 99 10.66 -26.81 -15.28
C ILE A 99 11.68 -27.38 -16.18
N GLN A 100 11.25 -28.20 -17.06
CA GLN A 100 12.09 -28.73 -18.05
C GLN A 100 11.35 -28.97 -19.30
N ASP A 101 11.92 -28.56 -20.39
CA ASP A 101 11.30 -28.71 -21.66
C ASP A 101 12.22 -29.54 -22.53
N GLY A 102 11.69 -30.65 -22.98
CA GLY A 102 12.49 -31.57 -23.77
C GLY A 102 13.62 -32.19 -22.97
N LYS A 103 14.81 -31.60 -23.07
CA LYS A 103 16.00 -32.15 -22.41
C LYS A 103 16.65 -31.16 -21.43
N ALA A 104 16.09 -29.95 -21.32
CA ALA A 104 16.66 -28.93 -20.43
C ALA A 104 15.92 -28.92 -19.14
N THR A 105 16.53 -28.41 -18.06
CA THR A 105 15.87 -28.40 -16.74
C THR A 105 16.31 -27.16 -15.94
N GLY A 106 15.41 -26.59 -15.13
CA GLY A 106 15.76 -25.40 -14.37
C GLY A 106 15.03 -25.35 -13.03
N HIS A 107 15.67 -24.77 -12.04
CA HIS A 107 15.10 -24.63 -10.70
C HIS A 107 14.82 -23.16 -10.36
N SER A 108 13.81 -22.96 -9.59
CA SER A 108 13.36 -21.64 -9.19
C SER A 108 12.53 -21.81 -7.95
N THR A 109 12.53 -20.85 -7.05
CA THR A 109 11.79 -21.03 -5.83
C THR A 109 11.39 -19.68 -5.24
N LEU A 110 10.24 -19.68 -4.61
CA LEU A 110 9.71 -18.52 -3.94
C LEU A 110 9.39 -18.88 -2.54
N VAL A 111 9.51 -17.96 -1.65
CA VAL A 111 9.21 -18.23 -0.27
C VAL A 111 8.24 -17.19 0.29
N LEU A 112 7.07 -17.66 0.65
CA LEU A 112 6.01 -16.81 1.12
C LEU A 112 5.52 -17.32 2.44
N ILE A 113 6.37 -17.30 3.40
CA ILE A 113 6.00 -17.75 4.69
C ILE A 113 5.69 -16.58 5.54
N GLY A 114 4.82 -16.78 6.50
CA GLY A 114 4.38 -15.70 7.40
C GLY A 114 5.45 -14.68 7.74
N ASP A 115 6.54 -15.11 8.33
CA ASP A 115 7.62 -14.20 8.69
C ASP A 115 8.20 -13.48 7.47
N VAL A 116 8.23 -14.17 6.34
CA VAL A 116 8.78 -13.61 5.11
C VAL A 116 7.78 -12.72 4.37
N TYR A 117 6.60 -13.25 4.04
CA TYR A 117 5.59 -12.53 3.29
C TYR A 117 5.29 -11.17 3.82
N LYS A 118 5.39 -11.02 5.12
CA LYS A 118 5.14 -9.73 5.72
C LYS A 118 6.12 -8.72 5.18
N LYS A 119 7.26 -9.22 4.82
CA LYS A 119 8.27 -8.44 4.22
C LYS A 119 7.83 -7.98 2.84
N LEU A 120 7.45 -8.93 1.96
CA LEU A 120 7.02 -8.58 0.62
C LEU A 120 5.72 -7.80 0.65
N GLN A 121 4.97 -7.90 1.74
CA GLN A 121 3.72 -7.18 1.82
C GLN A 121 3.96 -5.67 1.84
N LYS A 122 4.99 -5.19 2.58
CA LYS A 122 5.41 -3.80 2.45
C LYS A 122 5.54 -3.40 0.99
N GLU A 123 6.33 -4.14 0.26
CA GLU A 123 6.47 -3.88 -1.18
C GLU A 123 5.08 -4.00 -1.88
N ALA A 124 4.30 -4.96 -1.40
CA ALA A 124 2.95 -5.13 -1.87
C ALA A 124 2.17 -3.85 -1.68
N GLU A 125 2.23 -3.23 -0.47
CA GLU A 125 1.65 -1.89 -0.23
C GLU A 125 1.65 -1.03 -1.48
N PHE A 126 2.84 -0.76 -2.04
CA PHE A 126 2.94 -0.03 -3.37
C PHE A 126 1.85 -0.50 -4.37
N GLN A 127 1.60 -1.76 -4.33
CA GLN A 127 0.59 -2.38 -5.20
C GLN A 127 -0.81 -2.34 -4.54
N ARG A 128 -0.92 -2.96 -3.38
CA ARG A 128 -2.16 -3.11 -2.61
C ARG A 128 -2.81 -1.77 -2.25
N GLN A 129 -1.99 -0.77 -1.98
CA GLN A 129 -2.50 0.51 -1.56
C GLN A 129 -2.73 1.46 -2.71
N GLU A 130 -2.92 0.93 -3.88
CA GLU A 130 -3.18 1.77 -5.04
C GLU A 130 -4.64 2.25 -4.97
N TRP A 131 -5.36 1.89 -3.90
CA TRP A 131 -6.73 2.32 -3.75
C TRP A 131 -6.78 3.80 -3.34
N ILE A 132 -5.74 4.25 -2.65
CA ILE A 132 -5.60 5.68 -2.29
C ILE A 132 -4.31 6.25 -2.87
N ARG A 133 -3.46 5.32 -3.35
CA ARG A 133 -2.18 5.61 -4.04
C ARG A 133 -0.99 5.50 -3.11
N LYS A 134 -1.11 6.05 -1.90
CA LYS A 134 -0.02 6.02 -0.95
C LYS A 134 -0.51 6.69 0.33
N GLN A 135 -0.36 6.00 1.46
CA GLN A 135 -0.76 6.57 2.75
C GLN A 135 -0.03 7.87 2.97
N GLY A 136 1.23 7.86 2.64
CA GLY A 136 2.02 9.00 2.85
C GLY A 136 2.50 9.09 4.28
N PRO A 137 3.14 10.21 4.64
CA PRO A 137 3.61 10.45 6.00
C PRO A 137 2.43 10.65 6.95
N HIS A 138 2.70 10.70 8.24
CA HIS A 138 1.64 10.85 9.25
C HIS A 138 1.18 12.30 9.38
N PHE A 139 1.26 13.03 8.28
CA PHE A 139 0.86 14.42 8.21
C PHE A 139 0.15 14.68 6.89
N ALA A 140 -1.18 14.81 6.93
CA ALA A 140 -1.97 14.97 5.69
C ALA A 140 -2.97 16.13 5.78
N GLU A 141 -3.36 16.48 7.01
CA GLU A 141 -4.28 17.58 7.26
C GLU A 141 -3.60 18.62 8.12
N TYR A 142 -3.66 19.86 7.77
CA TYR A 142 -2.97 20.86 8.58
C TYR A 142 -3.87 22.02 8.78
N LEU A 143 -3.82 22.65 9.93
CA LEU A 143 -4.58 23.85 10.16
C LEU A 143 -3.74 25.02 9.75
N SER A 144 -4.20 26.21 10.08
CA SER A 144 -3.49 27.45 9.82
C SER A 144 -4.46 28.60 9.94
N TRP A 145 -4.25 29.46 10.89
CA TRP A 145 -5.09 30.66 10.95
C TRP A 145 -4.37 31.87 10.39
N GLU A 146 -5.02 33.02 10.41
CA GLU A 146 -4.47 34.23 9.82
C GLU A 146 -5.22 35.44 10.38
N VAL A 147 -4.56 36.24 11.19
CA VAL A 147 -5.21 37.39 11.81
C VAL A 147 -5.49 38.48 10.78
N THR A 148 -6.65 39.10 10.91
CA THR A 148 -7.08 40.13 10.01
C THR A 148 -7.31 41.45 10.78
N GLY A 149 -7.47 42.54 10.04
CA GLY A 149 -7.60 43.87 10.63
C GLY A 149 -8.77 44.02 11.59
N GLU A 150 -9.79 43.16 11.48
CA GLU A 150 -10.95 43.24 12.38
C GLU A 150 -10.63 42.57 13.74
N SER A 151 -9.42 42.05 13.82
CA SER A 151 -8.89 41.40 15.03
C SER A 151 -9.43 39.97 15.14
N ASN A 152 -9.72 39.40 14.01
CA ASN A 152 -10.18 38.06 13.92
C ASN A 152 -9.04 37.20 13.40
N VAL A 153 -9.28 35.91 13.23
CA VAL A 153 -8.28 35.05 12.62
C VAL A 153 -8.98 34.07 11.69
N LEU A 154 -8.46 33.93 10.49
CA LEU A 154 -9.09 33.12 9.48
C LEU A 154 -8.57 31.68 9.53
N LEU A 155 -9.35 30.83 10.15
CA LEU A 155 -9.04 29.41 10.23
C LEU A 155 -9.24 28.71 8.92
N LYS A 156 -8.22 28.06 8.49
CA LYS A 156 -8.26 27.30 7.29
C LYS A 156 -7.33 26.12 7.45
N CYS A 157 -7.85 24.94 7.32
CA CYS A 157 -6.98 23.78 7.30
C CYS A 157 -6.81 23.31 5.88
N LYS A 158 -6.09 22.20 5.70
CA LYS A 158 -5.85 21.68 4.38
C LYS A 158 -5.85 20.19 4.48
N VAL A 159 -6.65 19.59 3.64
CA VAL A 159 -6.90 18.15 3.72
C VAL A 159 -6.16 17.42 2.62
N ALA A 160 -5.96 16.15 2.83
CA ALA A 160 -5.42 15.32 1.83
C ALA A 160 -6.41 14.22 1.42
N ASN A 161 -5.91 13.38 0.56
CA ASN A 161 -6.58 12.19 0.00
C ASN A 161 -7.57 11.53 0.99
N ILE A 162 -8.84 11.92 0.87
CA ILE A 162 -9.91 11.40 1.71
C ILE A 162 -11.23 11.36 0.92
N LYS A 163 -11.92 10.19 0.94
CA LYS A 163 -13.13 10.03 0.13
C LYS A 163 -14.30 9.34 0.88
N LYS A 164 -14.90 10.04 1.83
CA LYS A 164 -16.10 9.52 2.52
C LYS A 164 -17.29 10.46 2.28
N GLU A 165 -17.29 11.57 3.00
CA GLU A 165 -18.33 12.59 2.89
C GLU A 165 -17.68 13.97 2.88
N THR A 166 -17.60 14.60 4.03
CA THR A 166 -16.86 15.83 4.17
C THR A 166 -15.50 15.45 4.70
N HIS A 167 -14.68 16.41 5.05
CA HIS A 167 -13.39 16.11 5.60
C HIS A 167 -13.39 16.31 7.11
N ILE A 168 -13.11 17.53 7.53
CA ILE A 168 -13.00 17.86 8.94
C ILE A 168 -14.26 18.51 9.49
N VAL A 169 -14.11 19.02 10.71
CA VAL A 169 -15.13 19.72 11.44
C VAL A 169 -14.42 20.50 12.55
N TRP A 170 -14.92 21.71 12.85
CA TRP A 170 -14.23 22.62 13.78
C TRP A 170 -14.62 22.39 15.23
N TYR A 171 -13.80 21.67 15.92
CA TYR A 171 -13.99 21.47 17.34
C TYR A 171 -13.15 22.38 18.20
N LYS A 172 -13.58 22.52 19.42
CA LYS A 172 -12.87 23.28 20.41
C LYS A 172 -13.15 22.72 21.78
N ASP A 173 -12.37 21.71 22.14
CA ASP A 173 -12.51 20.98 23.40
C ASP A 173 -13.95 20.51 23.60
N GLU A 174 -14.36 19.55 22.77
CA GLU A 174 -15.71 18.96 22.81
C GLU A 174 -16.82 19.90 22.28
N ARG A 175 -16.47 21.12 21.91
CA ARG A 175 -17.46 22.04 21.38
C ARG A 175 -17.43 22.06 19.87
N GLU A 176 -18.57 21.78 19.30
CA GLU A 176 -18.72 21.76 17.88
C GLU A 176 -19.19 23.12 17.39
N ILE A 177 -18.27 23.88 16.78
CA ILE A 177 -18.61 25.16 16.19
C ILE A 177 -19.71 24.94 15.13
N SER A 178 -20.83 25.63 15.30
CA SER A 178 -21.98 25.42 14.44
C SER A 178 -21.94 26.26 13.16
N VAL A 179 -21.61 25.61 12.04
CA VAL A 179 -21.63 26.25 10.73
C VAL A 179 -22.26 25.29 9.71
N ASP A 180 -22.65 25.81 8.54
CA ASP A 180 -23.18 24.96 7.45
C ASP A 180 -22.29 23.75 7.23
N GLU A 181 -22.89 22.57 7.25
CA GLU A 181 -22.14 21.34 7.14
C GLU A 181 -21.82 20.98 5.67
N LYS A 182 -22.67 20.13 5.07
CA LYS A 182 -22.45 19.67 3.71
C LYS A 182 -23.51 20.23 2.75
N HIS A 183 -24.19 21.26 3.18
CA HIS A 183 -25.22 21.87 2.36
C HIS A 183 -24.60 22.81 1.34
N ASP A 184 -23.61 23.57 1.80
CA ASP A 184 -22.83 24.43 0.91
C ASP A 184 -21.54 23.72 0.55
N PHE A 185 -21.47 22.44 0.98
CA PHE A 185 -20.35 21.52 0.70
C PHE A 185 -19.12 21.78 1.59
N LYS A 186 -18.44 22.90 1.37
CA LYS A 186 -17.19 23.21 2.10
C LYS A 186 -16.12 22.16 1.80
N ASP A 187 -16.29 21.49 0.67
CA ASP A 187 -15.41 20.39 0.26
C ASP A 187 -13.99 20.87 -0.02
N GLY A 188 -13.04 19.97 0.17
CA GLY A 188 -11.64 20.31 -0.02
C GLY A 188 -11.05 20.97 1.19
N ILE A 189 -10.71 22.24 1.06
CA ILE A 189 -10.16 23.00 2.16
C ILE A 189 -11.27 23.90 2.73
N CYS A 190 -11.23 24.18 4.03
CA CYS A 190 -12.28 24.96 4.65
C CYS A 190 -11.75 26.15 5.41
N THR A 191 -12.43 27.25 5.28
CA THR A 191 -12.08 28.48 5.92
C THR A 191 -13.21 28.99 6.83
N LEU A 192 -12.81 29.62 7.94
CA LEU A 192 -13.75 30.23 8.88
C LEU A 192 -13.18 31.52 9.42
N LEU A 193 -13.96 32.22 10.22
CA LEU A 193 -13.49 33.47 10.79
C LEU A 193 -13.72 33.60 12.30
N ILE A 194 -12.63 33.45 13.01
CA ILE A 194 -12.59 33.69 14.45
C ILE A 194 -12.76 35.17 14.67
N THR A 195 -13.99 35.60 14.74
CA THR A 195 -14.27 37.00 14.89
C THR A 195 -14.21 37.38 16.33
N GLU A 196 -12.99 37.58 16.75
CA GLU A 196 -12.63 37.85 18.12
C GLU A 196 -12.55 36.54 18.84
N PHE A 197 -11.53 36.37 19.62
CA PHE A 197 -11.32 35.15 20.33
C PHE A 197 -11.01 35.58 21.75
N SER A 198 -11.22 34.74 22.72
CA SER A 198 -11.08 35.19 24.09
C SER A 198 -10.03 34.38 24.79
N LYS A 199 -9.21 35.01 25.64
CA LYS A 199 -8.19 34.32 26.44
C LYS A 199 -8.82 33.27 27.38
N LYS A 200 -10.15 33.20 27.38
CA LYS A 200 -10.89 32.27 28.20
C LYS A 200 -11.69 31.32 27.33
N ASP A 201 -11.56 31.47 26.03
CA ASP A 201 -12.26 30.65 25.06
C ASP A 201 -11.27 30.01 24.09
N ALA A 202 -10.05 30.51 24.12
CA ALA A 202 -9.01 30.07 23.24
C ALA A 202 -8.50 28.69 23.60
N GLY A 203 -7.50 28.24 22.86
CA GLY A 203 -6.97 26.94 23.08
C GLY A 203 -6.83 26.21 21.78
N PHE A 204 -6.90 24.92 21.83
CA PHE A 204 -6.73 24.15 20.63
C PHE A 204 -7.99 24.02 19.81
N TYR A 205 -7.91 24.52 18.60
CA TYR A 205 -8.97 24.38 17.61
C TYR A 205 -8.77 23.00 17.02
N GLU A 206 -9.74 22.09 17.24
CA GLU A 206 -9.57 20.71 16.86
C GLU A 206 -10.11 20.39 15.48
N VAL A 207 -9.25 19.88 14.63
CA VAL A 207 -9.66 19.35 13.36
C VAL A 207 -10.00 17.88 13.56
N ILE A 208 -11.07 17.40 12.94
CA ILE A 208 -11.54 16.02 13.18
C ILE A 208 -11.68 15.28 11.84
N LEU A 209 -11.24 14.04 11.78
CA LEU A 209 -11.32 13.25 10.55
C LEU A 209 -12.03 11.95 10.81
N LYS A 210 -13.09 11.71 10.09
CA LYS A 210 -13.75 10.43 10.17
C LYS A 210 -14.11 9.93 8.80
N ASP A 211 -13.70 8.72 8.51
CA ASP A 211 -13.96 8.11 7.21
C ASP A 211 -14.92 6.94 7.38
N ASP A 212 -14.69 5.81 6.73
CA ASP A 212 -15.55 4.63 6.86
C ASP A 212 -14.95 3.74 7.95
N ARG A 213 -14.35 4.38 8.92
CA ARG A 213 -13.61 3.72 9.96
C ARG A 213 -13.70 4.52 11.27
N GLY A 214 -12.56 4.62 11.94
CA GLY A 214 -12.48 5.36 13.17
C GLY A 214 -12.42 6.86 12.94
N LYS A 215 -11.61 7.52 13.73
CA LYS A 215 -11.49 8.96 13.64
C LYS A 215 -10.03 9.35 13.59
N ASP A 216 -9.78 10.61 13.87
CA ASP A 216 -8.46 11.19 13.91
C ASP A 216 -8.55 12.68 14.08
N LYS A 217 -8.14 13.17 15.20
CA LYS A 217 -8.14 14.59 15.40
C LYS A 217 -6.78 15.04 15.85
N SER A 218 -6.25 16.08 15.26
CA SER A 218 -4.96 16.58 15.59
C SER A 218 -5.04 18.10 15.47
N ARG A 219 -4.55 18.79 16.44
CA ARG A 219 -4.67 20.24 16.46
C ARG A 219 -3.61 20.93 17.24
N LEU A 220 -3.53 22.24 17.06
CA LEU A 220 -2.61 23.05 17.83
C LEU A 220 -3.37 23.94 18.78
N LYS A 221 -2.65 24.68 19.59
CA LYS A 221 -3.27 25.58 20.55
C LYS A 221 -3.22 26.98 19.99
N LEU A 222 -4.35 27.57 19.76
CA LEU A 222 -4.42 28.85 19.15
C LEU A 222 -4.64 29.95 20.15
N VAL A 223 -3.73 30.92 20.10
CA VAL A 223 -3.80 32.10 20.92
C VAL A 223 -3.62 33.30 20.03
N ASP A 224 -4.60 34.15 20.03
CA ASP A 224 -4.54 35.37 19.27
C ASP A 224 -5.07 36.50 20.11
N GLU A 225 -5.98 36.13 20.96
CA GLU A 225 -6.67 36.98 21.88
C GLU A 225 -5.75 37.61 22.86
N ALA A 226 -4.63 37.03 22.98
CA ALA A 226 -3.64 37.50 23.89
C ALA A 226 -2.91 38.61 23.27
N PHE A 227 -3.11 38.75 22.00
CA PHE A 227 -2.45 39.76 21.26
C PHE A 227 -3.43 40.87 20.98
N GLN A 228 -4.60 40.46 20.58
CA GLN A 228 -5.73 41.30 20.33
C GLN A 228 -5.96 42.20 21.49
N ASP A 229 -5.81 41.62 22.63
CA ASP A 229 -6.07 42.24 23.89
C ASP A 229 -5.12 43.40 24.11
N LEU A 230 -4.02 43.34 23.41
CA LEU A 230 -2.96 44.34 23.51
C LEU A 230 -3.24 45.49 22.58
N MET A 231 -3.95 45.19 21.53
CA MET A 231 -4.25 46.18 20.51
C MET A 231 -5.71 46.59 20.56
N GLY A 1 2.68 0.51 13.16
CA GLY A 1 1.76 -0.65 13.14
C GLY A 1 2.30 -1.76 12.26
N SER A 2 1.40 -2.33 11.44
CA SER A 2 1.71 -3.44 10.51
C SER A 2 2.40 -4.62 11.22
N HIS A 3 3.02 -5.50 10.44
CA HIS A 3 3.69 -6.67 11.00
C HIS A 3 5.10 -6.77 10.44
N MET A 4 6.11 -6.69 11.32
CA MET A 4 7.54 -6.87 10.96
C MET A 4 7.98 -5.94 9.80
N GLU A 5 7.28 -4.82 9.62
CA GLU A 5 7.57 -3.90 8.54
C GLU A 5 9.06 -3.43 8.54
N GLU A 6 9.45 -2.72 9.56
CA GLU A 6 10.81 -2.25 9.70
C GLU A 6 11.82 -3.38 9.61
N GLU A 7 11.57 -4.46 10.29
CA GLU A 7 12.41 -5.61 10.25
C GLU A 7 12.57 -6.13 8.84
N MET A 8 11.55 -5.96 8.01
CA MET A 8 11.59 -6.53 6.68
C MET A 8 12.42 -5.69 5.79
N LYS A 9 12.42 -4.40 6.09
CA LYS A 9 13.30 -3.48 5.43
C LYS A 9 14.73 -4.01 5.39
N ARG A 10 15.16 -4.68 6.46
CA ARG A 10 16.47 -5.28 6.51
C ARG A 10 16.53 -6.53 5.62
N LEU A 11 15.47 -7.32 5.70
CA LEU A 11 15.35 -8.57 4.95
C LEU A 11 15.20 -8.32 3.44
N LEU A 12 14.86 -7.08 3.07
CA LEU A 12 14.76 -6.70 1.67
C LEU A 12 16.01 -5.97 1.22
N ALA A 13 16.45 -5.02 2.04
CA ALA A 13 17.63 -4.24 1.73
C ALA A 13 18.87 -5.13 1.60
N LEU A 14 18.85 -6.27 2.29
CA LEU A 14 19.94 -7.21 2.30
C LEU A 14 20.29 -7.67 0.92
N SER A 15 19.28 -8.02 0.20
CA SER A 15 19.45 -8.61 -1.11
C SER A 15 19.69 -7.52 -2.15
N GLN A 16 19.22 -6.30 -1.83
CA GLN A 16 19.41 -5.12 -2.68
C GLN A 16 18.68 -5.25 -4.03
N GLU A 17 18.86 -4.26 -4.89
CA GLU A 17 18.19 -4.26 -6.19
C GLU A 17 19.00 -5.02 -7.23
N HIS A 18 18.94 -6.35 -7.17
CA HIS A 18 19.64 -7.21 -8.12
C HIS A 18 19.21 -8.67 -7.93
N LYS A 19 18.43 -9.18 -8.86
CA LYS A 19 17.97 -10.56 -8.80
C LYS A 19 17.64 -11.04 -10.20
N PHE A 20 18.10 -12.24 -10.55
CA PHE A 20 17.79 -12.82 -11.80
C PHE A 20 17.15 -14.15 -11.62
N PRO A 21 15.95 -14.29 -12.09
CA PRO A 21 15.12 -15.45 -11.86
C PRO A 21 15.09 -16.45 -12.93
N THR A 22 15.91 -16.32 -13.87
CA THR A 22 15.89 -17.21 -14.96
C THR A 22 16.90 -18.34 -14.74
N VAL A 23 17.12 -19.07 -15.79
CA VAL A 23 17.94 -20.26 -15.83
C VAL A 23 18.30 -20.46 -17.31
N PRO A 24 19.03 -21.55 -17.73
CA PRO A 24 19.23 -21.83 -19.16
C PRO A 24 17.93 -21.64 -19.99
N THR A 25 16.77 -21.82 -19.33
CA THR A 25 15.47 -21.55 -19.95
C THR A 25 15.22 -20.02 -20.00
N LYS A 26 14.07 -19.60 -19.50
CA LYS A 26 13.68 -18.22 -19.56
C LYS A 26 12.73 -17.88 -18.40
N SER A 27 12.97 -18.44 -17.25
CA SER A 27 12.10 -18.29 -16.13
C SER A 27 12.11 -16.89 -15.52
N GLU A 28 10.94 -16.43 -15.18
CA GLU A 28 10.74 -15.21 -14.42
C GLU A 28 9.99 -15.66 -13.15
N LEU A 29 10.20 -16.95 -12.83
CA LEU A 29 9.50 -17.67 -11.76
C LEU A 29 9.73 -17.08 -10.42
N ALA A 30 8.79 -16.33 -9.96
CA ALA A 30 8.83 -15.80 -8.64
C ALA A 30 7.39 -15.75 -8.14
N VAL A 31 7.18 -15.79 -6.80
CA VAL A 31 5.83 -15.60 -6.24
C VAL A 31 5.30 -14.21 -6.53
N GLU A 32 4.12 -14.16 -7.10
CA GLU A 32 3.46 -12.91 -7.33
C GLU A 32 2.12 -12.97 -6.68
N ILE A 33 1.95 -12.33 -5.56
CA ILE A 33 0.66 -12.30 -5.01
C ILE A 33 -0.19 -11.27 -5.71
N LEU A 34 -1.14 -11.79 -6.47
CA LEU A 34 -2.08 -11.02 -7.26
C LEU A 34 -2.68 -9.88 -6.44
N GLU A 35 -3.23 -8.90 -7.13
CA GLU A 35 -3.86 -7.77 -6.52
C GLU A 35 -4.91 -8.17 -5.50
N LYS A 36 -5.57 -9.27 -5.77
CA LYS A 36 -6.62 -9.81 -4.89
C LYS A 36 -5.99 -10.39 -3.63
N GLY A 37 -4.68 -10.46 -3.66
CA GLY A 37 -3.91 -10.97 -2.55
C GLY A 37 -3.86 -12.53 -2.54
N GLN A 38 -3.70 -13.14 -3.74
CA GLN A 38 -3.66 -14.63 -3.89
C GLN A 38 -2.29 -15.10 -4.43
N VAL A 39 -2.00 -16.39 -4.23
CA VAL A 39 -0.68 -16.95 -4.61
C VAL A 39 -0.57 -17.15 -6.17
N ARG A 40 0.63 -16.85 -6.75
CA ARG A 40 0.83 -17.05 -8.23
C ARG A 40 2.30 -17.49 -8.56
N PHE A 41 2.47 -18.64 -9.24
CA PHE A 41 3.81 -19.08 -9.75
C PHE A 41 3.87 -18.87 -11.27
N TRP A 42 4.97 -18.31 -11.78
CA TRP A 42 5.14 -18.22 -13.26
C TRP A 42 6.57 -18.06 -13.69
N MET A 43 7.00 -19.00 -14.54
CA MET A 43 8.29 -19.02 -15.24
C MET A 43 7.92 -18.90 -16.70
N GLN A 44 8.85 -18.91 -17.65
CA GLN A 44 8.38 -18.75 -18.97
C GLN A 44 8.35 -20.08 -19.65
N ALA A 45 9.47 -20.42 -20.22
CA ALA A 45 9.75 -21.71 -20.88
C ALA A 45 9.46 -21.59 -22.33
N GLU A 46 10.50 -21.32 -23.04
CA GLU A 46 10.46 -21.03 -24.47
C GLU A 46 10.31 -22.25 -25.30
N LYS A 47 10.25 -23.38 -24.69
CA LYS A 47 10.19 -24.60 -25.44
C LYS A 47 9.53 -25.74 -24.71
N LEU A 48 8.47 -26.15 -25.29
CA LEU A 48 7.70 -27.27 -24.92
C LEU A 48 7.35 -28.06 -26.17
N SER A 49 8.19 -29.00 -26.51
CA SER A 49 8.01 -29.80 -27.72
C SER A 49 7.64 -31.26 -27.43
N SER A 50 8.65 -32.12 -27.39
CA SER A 50 8.42 -33.55 -27.20
C SER A 50 8.55 -33.94 -25.71
N ASN A 51 9.78 -34.18 -25.27
CA ASN A 51 10.03 -34.53 -23.88
C ASN A 51 9.63 -33.38 -22.96
N ALA A 52 10.19 -32.17 -23.24
CA ALA A 52 9.91 -30.89 -22.50
C ALA A 52 9.09 -31.10 -21.22
N LYS A 53 9.86 -31.16 -20.17
CA LYS A 53 9.37 -31.49 -18.86
C LYS A 53 9.53 -30.36 -17.85
N VAL A 54 8.49 -30.20 -17.03
CA VAL A 54 8.47 -29.23 -15.96
C VAL A 54 8.12 -29.96 -14.69
N SER A 55 8.98 -29.91 -13.75
CA SER A 55 8.78 -30.63 -12.53
C SER A 55 8.38 -29.69 -11.40
N TYR A 56 7.14 -29.87 -10.93
CA TYR A 56 6.64 -29.12 -9.79
C TYR A 56 7.09 -29.83 -8.55
N ILE A 57 7.82 -29.16 -7.74
CA ILE A 57 8.39 -29.77 -6.56
C ILE A 57 7.96 -29.00 -5.35
N PHE A 58 7.59 -29.69 -4.29
CA PHE A 58 7.19 -29.04 -3.08
C PHE A 58 7.87 -29.77 -1.96
N ASN A 59 8.54 -29.03 -1.11
CA ASN A 59 9.25 -29.58 0.07
C ASN A 59 10.19 -30.77 -0.26
N GLU A 60 10.72 -30.86 -1.52
CA GLU A 60 11.79 -31.83 -1.90
C GLU A 60 11.26 -33.07 -2.59
N LYS A 61 10.05 -32.97 -3.13
CA LYS A 61 9.48 -34.07 -3.87
C LYS A 61 8.66 -33.50 -5.02
N GLU A 62 8.39 -34.32 -6.01
CA GLU A 62 7.66 -33.89 -7.18
C GLU A 62 6.18 -34.07 -6.97
N ILE A 63 5.44 -32.98 -7.04
CA ILE A 63 3.99 -33.01 -6.85
C ILE A 63 3.32 -32.92 -8.20
N PHE A 64 1.99 -32.77 -8.24
CA PHE A 64 1.32 -32.68 -9.51
C PHE A 64 0.04 -31.86 -9.36
N GLU A 65 -0.39 -31.26 -10.46
CA GLU A 65 -1.63 -30.49 -10.50
C GLU A 65 -2.80 -31.29 -9.91
N GLY A 66 -3.71 -30.62 -9.22
CA GLY A 66 -4.80 -31.28 -8.59
C GLY A 66 -5.65 -30.26 -7.86
N PRO A 67 -6.08 -30.53 -6.63
CA PRO A 67 -6.86 -29.57 -5.84
C PRO A 67 -5.98 -28.55 -5.08
N LYS A 68 -4.90 -29.03 -4.47
CA LYS A 68 -4.04 -28.16 -3.65
C LYS A 68 -3.09 -27.26 -4.47
N TYR A 69 -2.79 -27.67 -5.69
CA TYR A 69 -1.91 -26.90 -6.59
C TYR A 69 -2.44 -27.02 -7.97
N LYS A 70 -2.91 -25.96 -8.54
CA LYS A 70 -3.47 -26.01 -9.87
C LYS A 70 -2.52 -25.39 -10.87
N MET A 71 -2.26 -26.11 -11.92
CA MET A 71 -1.32 -25.67 -12.94
C MET A 71 -1.99 -25.51 -14.28
N HIS A 72 -1.60 -24.48 -15.00
CA HIS A 72 -2.14 -24.24 -16.30
C HIS A 72 -1.05 -23.83 -17.27
N ILE A 73 -0.70 -24.72 -18.20
CA ILE A 73 0.32 -24.44 -19.18
C ILE A 73 -0.33 -24.62 -20.52
N ASP A 74 -0.12 -23.72 -21.45
CA ASP A 74 -0.84 -23.82 -22.75
C ASP A 74 0.14 -23.99 -23.86
N ARG A 75 1.17 -24.78 -23.58
CA ARG A 75 2.41 -24.95 -24.39
C ARG A 75 2.63 -23.99 -25.62
N ASN A 76 2.10 -22.75 -25.56
CA ASN A 76 2.50 -21.70 -26.49
C ASN A 76 3.82 -21.26 -26.05
N THR A 77 4.75 -22.02 -26.51
CA THR A 77 6.16 -21.93 -26.22
C THR A 77 6.42 -22.63 -24.93
N GLY A 78 5.40 -22.61 -24.10
CA GLY A 78 5.44 -23.29 -22.86
C GLY A 78 5.39 -22.40 -21.69
N ILE A 79 4.49 -21.43 -21.75
CA ILE A 79 4.27 -20.56 -20.61
C ILE A 79 3.64 -21.33 -19.46
N ILE A 80 4.26 -21.23 -18.32
CA ILE A 80 3.83 -21.93 -17.15
C ILE A 80 3.11 -21.02 -16.19
N GLU A 81 1.81 -21.17 -16.12
CA GLU A 81 1.04 -20.50 -15.12
C GLU A 81 0.62 -21.51 -14.07
N MET A 82 0.62 -21.09 -12.84
CA MET A 82 0.27 -21.95 -11.76
C MET A 82 -0.24 -21.12 -10.60
N PHE A 83 -1.22 -21.65 -9.93
CA PHE A 83 -1.91 -20.91 -8.88
C PHE A 83 -1.98 -21.67 -7.58
N MET A 84 -2.10 -20.92 -6.49
CA MET A 84 -2.37 -21.46 -5.20
C MET A 84 -3.31 -20.45 -4.58
N GLU A 85 -4.33 -20.91 -3.99
CA GLU A 85 -5.40 -20.03 -3.55
C GLU A 85 -5.44 -19.87 -2.06
N LYS A 86 -4.47 -20.44 -1.37
CA LYS A 86 -4.49 -20.45 0.08
C LYS A 86 -3.24 -21.15 0.59
N LEU A 87 -3.38 -21.80 1.72
CA LEU A 87 -2.30 -22.55 2.31
C LEU A 87 -2.73 -23.99 2.51
N GLN A 88 -3.60 -24.21 3.51
CA GLN A 88 -4.14 -25.52 3.90
C GLN A 88 -3.13 -26.70 3.81
N ASP A 89 -1.83 -26.40 3.82
CA ASP A 89 -0.80 -27.41 3.76
C ASP A 89 -0.58 -27.97 5.17
N GLU A 90 0.60 -28.47 5.48
CA GLU A 90 0.89 -28.95 6.79
C GLU A 90 1.71 -27.88 7.51
N ASP A 91 1.37 -26.62 7.22
CA ASP A 91 2.05 -25.42 7.75
C ASP A 91 3.40 -25.15 7.03
N GLU A 92 3.85 -26.09 6.20
CA GLU A 92 5.11 -25.93 5.45
C GLU A 92 4.84 -25.20 4.13
N GLY A 93 5.88 -25.02 3.30
CA GLY A 93 5.67 -24.34 2.03
C GLY A 93 6.93 -24.00 1.25
N THR A 94 7.31 -24.83 0.29
CA THR A 94 8.51 -24.57 -0.52
C THR A 94 8.40 -25.24 -1.88
N TYR A 95 8.40 -24.46 -2.97
CA TYR A 95 8.24 -25.07 -4.28
C TYR A 95 9.40 -24.80 -5.20
N THR A 96 9.96 -25.85 -5.78
CA THR A 96 11.08 -25.71 -6.69
C THR A 96 10.67 -26.17 -8.10
N PHE A 97 10.65 -25.28 -9.07
CA PHE A 97 10.42 -25.70 -10.43
C PHE A 97 11.71 -25.95 -11.13
N GLN A 98 11.88 -27.15 -11.55
CA GLN A 98 13.01 -27.50 -12.36
C GLN A 98 12.49 -27.87 -13.76
N ILE A 99 12.86 -27.08 -14.79
CA ILE A 99 12.33 -27.31 -16.12
C ILE A 99 13.45 -27.58 -17.05
N GLN A 100 13.20 -28.42 -17.99
CA GLN A 100 14.15 -28.68 -18.99
C GLN A 100 13.47 -29.03 -20.28
N ASP A 101 13.97 -28.48 -21.35
CA ASP A 101 13.42 -28.74 -22.64
C ASP A 101 14.54 -29.30 -23.50
N GLY A 102 14.32 -30.45 -24.04
CA GLY A 102 15.33 -31.08 -24.85
C GLY A 102 16.56 -31.48 -24.05
N LYS A 103 17.62 -30.67 -24.11
CA LYS A 103 18.86 -31.01 -23.42
C LYS A 103 19.30 -29.93 -22.39
N ALA A 104 18.48 -28.91 -22.19
CA ALA A 104 18.81 -27.83 -21.23
C ALA A 104 18.08 -28.10 -19.94
N THR A 105 18.52 -27.48 -18.82
CA THR A 105 17.86 -27.70 -17.52
C THR A 105 18.00 -26.46 -16.62
N GLY A 106 17.02 -26.20 -15.74
CA GLY A 106 17.08 -25.05 -14.87
C GLY A 106 16.35 -25.28 -13.54
N HIS A 107 16.80 -24.60 -12.50
CA HIS A 107 16.19 -24.69 -11.15
C HIS A 107 15.63 -23.34 -10.72
N SER A 108 14.57 -23.38 -9.94
CA SER A 108 13.92 -22.17 -9.47
C SER A 108 13.06 -22.48 -8.26
N THR A 109 13.31 -21.82 -7.16
CA THR A 109 12.57 -22.13 -5.94
C THR A 109 11.88 -20.93 -5.31
N LEU A 110 10.74 -21.24 -4.69
CA LEU A 110 9.91 -20.27 -3.98
C LEU A 110 9.58 -20.86 -2.64
N VAL A 111 9.38 -20.03 -1.67
CA VAL A 111 9.04 -20.53 -0.34
C VAL A 111 7.85 -19.79 0.28
N LEU A 112 6.82 -20.54 0.63
CA LEU A 112 5.62 -20.02 1.24
C LEU A 112 5.33 -20.74 2.53
N ILE A 113 6.17 -20.57 3.50
CA ILE A 113 5.97 -21.21 4.76
C ILE A 113 5.44 -20.22 5.74
N GLY A 114 4.69 -20.69 6.71
CA GLY A 114 4.07 -19.80 7.73
C GLY A 114 4.89 -18.58 8.10
N ASP A 115 6.08 -18.79 8.63
CA ASP A 115 6.95 -17.67 9.01
C ASP A 115 7.29 -16.77 7.81
N VAL A 116 7.45 -17.40 6.66
CA VAL A 116 7.81 -16.69 5.44
C VAL A 116 6.61 -16.01 4.75
N TYR A 117 5.54 -16.75 4.48
CA TYR A 117 4.35 -16.22 3.84
C TYR A 117 3.86 -14.96 4.46
N LYS A 118 3.98 -14.85 5.76
CA LYS A 118 3.56 -13.65 6.45
C LYS A 118 4.29 -12.47 5.89
N LYS A 119 5.47 -12.75 5.39
CA LYS A 119 6.29 -11.79 4.79
C LYS A 119 5.74 -11.39 3.41
N LEU A 120 5.59 -12.36 2.48
CA LEU A 120 5.09 -12.04 1.14
C LEU A 120 3.65 -11.58 1.18
N GLN A 121 2.91 -11.98 2.21
CA GLN A 121 1.53 -11.59 2.28
C GLN A 121 1.44 -10.08 2.47
N LYS A 122 2.36 -9.48 3.26
CA LYS A 122 2.48 -8.03 3.26
C LYS A 122 2.52 -7.47 1.86
N GLU A 123 3.22 -8.16 0.97
CA GLU A 123 3.22 -7.76 -0.47
C GLU A 123 1.80 -7.94 -1.09
N ALA A 124 1.08 -8.91 -0.59
CA ALA A 124 -0.32 -9.06 -0.96
C ALA A 124 -1.06 -7.79 -0.53
N GLU A 125 -0.85 -7.42 0.74
CA GLU A 125 -1.31 -6.16 1.30
C GLU A 125 -0.75 -4.96 0.53
N PHE A 126 0.20 -5.19 -0.36
CA PHE A 126 0.79 -4.10 -1.10
C PHE A 126 -0.26 -3.50 -1.97
N GLN A 127 -0.92 -4.33 -2.79
CA GLN A 127 -2.02 -3.82 -3.60
C GLN A 127 -3.12 -3.22 -2.74
N ARG A 128 -3.43 -3.87 -1.63
CA ARG A 128 -4.47 -3.34 -0.73
C ARG A 128 -4.09 -1.97 -0.09
N GLN A 129 -2.92 -1.90 0.50
CA GLN A 129 -2.47 -0.75 1.22
C GLN A 129 -2.22 0.45 0.28
N GLU A 130 -1.95 0.15 -1.01
CA GLU A 130 -1.79 1.16 -2.11
C GLU A 130 -2.74 2.40 -1.99
N TRP A 131 -3.78 2.29 -1.18
CA TRP A 131 -4.71 3.38 -0.91
C TRP A 131 -3.97 4.71 -0.63
N ILE A 132 -2.88 4.67 0.13
CA ILE A 132 -2.22 5.89 0.52
C ILE A 132 -1.39 6.51 -0.61
N ARG A 133 -0.43 5.73 -1.14
CA ARG A 133 0.55 6.21 -2.10
C ARG A 133 1.46 7.32 -1.51
N LYS A 134 0.85 8.33 -0.87
CA LYS A 134 1.59 9.51 -0.33
C LYS A 134 0.69 10.64 0.24
N GLN A 135 -0.50 10.30 0.76
CA GLN A 135 -1.35 11.33 1.37
C GLN A 135 -1.20 11.29 2.90
N GLY A 136 -0.13 10.63 3.33
CA GLY A 136 0.19 10.45 4.73
C GLY A 136 0.21 11.73 5.54
N PRO A 137 0.08 11.60 6.86
CA PRO A 137 -0.02 12.72 7.79
C PRO A 137 1.24 13.59 7.83
N HIS A 138 1.09 14.82 7.40
CA HIS A 138 2.15 15.81 7.43
C HIS A 138 1.52 17.16 7.73
N PHE A 139 2.27 18.22 7.60
CA PHE A 139 1.75 19.55 7.83
C PHE A 139 1.21 20.13 6.52
N ALA A 140 -0.09 19.99 6.28
CA ALA A 140 -0.72 20.48 5.05
C ALA A 140 -2.02 21.24 5.35
N GLU A 141 -2.31 21.41 6.65
CA GLU A 141 -3.50 22.15 7.10
C GLU A 141 -3.08 23.17 8.13
N TYR A 142 -3.35 24.43 7.93
CA TYR A 142 -2.89 25.43 8.89
C TYR A 142 -3.95 26.45 9.13
N LEU A 143 -4.06 26.92 10.36
CA LEU A 143 -5.02 27.97 10.67
C LEU A 143 -4.38 29.30 10.37
N SER A 144 -5.07 30.36 10.77
CA SER A 144 -4.63 31.74 10.60
C SER A 144 -5.82 32.67 10.77
N TRP A 145 -5.77 33.50 11.76
CA TRP A 145 -6.84 34.51 11.88
C TRP A 145 -6.39 35.87 11.40
N GLU A 146 -7.25 36.87 11.53
CA GLU A 146 -6.98 38.20 11.04
C GLU A 146 -7.91 39.18 11.72
N VAL A 147 -7.39 40.05 12.57
CA VAL A 147 -8.25 40.98 13.29
C VAL A 147 -8.78 42.08 12.37
N THR A 148 -10.06 42.32 12.46
CA THR A 148 -10.75 43.29 11.65
C THR A 148 -11.18 44.48 12.51
N GLY A 149 -11.58 45.57 11.85
CA GLY A 149 -11.96 46.79 12.54
C GLY A 149 -13.16 46.64 13.45
N GLU A 150 -13.92 45.56 13.29
CA GLU A 150 -15.09 45.34 14.13
C GLU A 150 -14.70 44.65 15.45
N SER A 151 -13.40 44.47 15.62
CA SER A 151 -12.81 43.85 16.80
C SER A 151 -13.05 42.36 16.84
N ASN A 152 -13.21 41.82 15.67
CA ASN A 152 -13.40 40.42 15.49
C ASN A 152 -12.12 39.88 14.88
N VAL A 153 -12.06 38.59 14.61
CA VAL A 153 -10.90 38.03 13.93
C VAL A 153 -11.39 37.04 12.88
N LEU A 154 -10.86 37.16 11.68
CA LEU A 154 -11.30 36.37 10.55
C LEU A 154 -10.53 35.06 10.50
N LEU A 155 -11.13 34.01 11.04
CA LEU A 155 -10.55 32.68 11.01
C LEU A 155 -10.59 32.09 9.64
N LYS A 156 -9.47 31.58 9.24
CA LYS A 156 -9.31 30.94 7.98
C LYS A 156 -8.16 29.98 8.06
N CYS A 157 -8.39 28.72 7.85
CA CYS A 157 -7.28 27.78 7.76
C CYS A 157 -7.11 27.37 6.31
N LYS A 158 -6.27 26.37 6.04
CA LYS A 158 -6.02 25.96 4.68
C LYS A 158 -5.73 24.49 4.66
N VAL A 159 -6.35 23.82 3.73
CA VAL A 159 -6.29 22.37 3.67
C VAL A 159 -5.65 21.91 2.37
N ALA A 160 -5.18 20.69 2.39
CA ALA A 160 -4.69 20.07 1.20
C ALA A 160 -5.69 19.00 0.77
N ASN A 161 -5.39 18.31 -0.33
CA ASN A 161 -6.22 17.24 -0.88
C ASN A 161 -6.82 16.31 0.16
N ILE A 162 -8.09 16.49 0.37
CA ILE A 162 -8.83 15.67 1.27
C ILE A 162 -10.15 15.27 0.59
N LYS A 163 -10.17 14.04 0.07
CA LYS A 163 -11.26 13.58 -0.81
C LYS A 163 -12.27 12.65 -0.13
N LYS A 164 -12.85 13.08 0.97
CA LYS A 164 -13.89 12.27 1.62
C LYS A 164 -15.23 13.02 1.60
N GLU A 165 -15.34 14.03 2.44
CA GLU A 165 -16.53 14.86 2.49
C GLU A 165 -16.12 16.33 2.53
N THR A 166 -16.10 16.92 3.71
CA THR A 166 -15.61 18.25 3.88
C THR A 166 -14.18 18.14 4.41
N HIS A 167 -13.58 19.23 4.83
CA HIS A 167 -12.25 19.18 5.38
C HIS A 167 -12.30 19.28 6.90
N ILE A 168 -12.25 20.49 7.40
CA ILE A 168 -12.21 20.75 8.81
C ILE A 168 -13.57 21.12 9.38
N VAL A 169 -13.53 21.61 10.61
CA VAL A 169 -14.66 22.07 11.36
C VAL A 169 -14.12 22.92 12.52
N TRP A 170 -14.82 24.01 12.83
CA TRP A 170 -14.34 25.00 13.81
C TRP A 170 -14.67 24.59 15.24
N TYR A 171 -13.69 24.02 15.88
CA TYR A 171 -13.84 23.64 17.26
C TYR A 171 -13.24 24.63 18.27
N LYS A 172 -13.28 24.18 19.51
CA LYS A 172 -12.83 24.95 20.66
C LYS A 172 -13.01 24.14 21.93
N ASP A 173 -12.06 23.25 22.18
CA ASP A 173 -12.10 22.34 23.33
C ASP A 173 -13.47 21.67 23.43
N GLU A 174 -13.72 20.77 22.49
CA GLU A 174 -14.98 20.00 22.43
C GLU A 174 -16.21 20.84 22.00
N ARG A 175 -16.07 22.16 21.89
CA ARG A 175 -17.20 23.00 21.47
C ARG A 175 -17.22 23.18 19.98
N GLU A 176 -18.31 22.75 19.40
CA GLU A 176 -18.52 22.84 18.00
C GLU A 176 -19.19 24.13 17.63
N ILE A 177 -18.47 24.99 16.95
CA ILE A 177 -19.07 26.18 16.40
C ILE A 177 -19.96 25.73 15.22
N SER A 178 -21.22 25.51 15.50
CA SER A 178 -22.14 25.00 14.50
C SER A 178 -22.51 26.04 13.43
N VAL A 179 -22.05 25.78 12.22
CA VAL A 179 -22.36 26.60 11.05
C VAL A 179 -22.83 25.66 9.95
N ASP A 180 -23.41 26.20 8.86
CA ASP A 180 -23.83 25.36 7.72
C ASP A 180 -22.71 24.41 7.31
N GLU A 181 -23.06 23.14 7.17
CA GLU A 181 -22.08 22.12 6.87
C GLU A 181 -21.80 22.00 5.36
N LYS A 182 -22.39 20.99 4.71
CA LYS A 182 -22.12 20.74 3.29
C LYS A 182 -23.23 21.25 2.39
N HIS A 183 -23.96 22.25 2.85
CA HIS A 183 -25.02 22.84 2.03
C HIS A 183 -24.43 23.92 1.16
N ASP A 184 -23.73 24.87 1.79
CA ASP A 184 -23.05 25.93 1.06
C ASP A 184 -21.64 25.49 0.68
N PHE A 185 -21.42 24.17 0.67
CA PHE A 185 -20.15 23.55 0.25
C PHE A 185 -18.99 23.81 1.21
N LYS A 186 -18.50 25.07 1.25
CA LYS A 186 -17.32 25.44 2.06
C LYS A 186 -16.08 24.71 1.55
N ASP A 187 -16.14 24.32 0.28
CA ASP A 187 -15.07 23.58 -0.39
C ASP A 187 -13.76 24.34 -0.36
N GLY A 188 -12.66 23.62 -0.14
CA GLY A 188 -11.36 24.24 -0.12
C GLY A 188 -11.00 24.81 1.23
N ILE A 189 -10.80 26.11 1.26
CA ILE A 189 -10.44 26.80 2.47
C ILE A 189 -11.70 27.37 3.14
N CYS A 190 -11.66 27.62 4.44
CA CYS A 190 -12.84 28.13 5.13
C CYS A 190 -12.52 29.36 5.96
N THR A 191 -13.42 30.34 5.87
CA THR A 191 -13.30 31.59 6.57
C THR A 191 -14.53 31.87 7.44
N LEU A 192 -14.30 32.34 8.65
CA LEU A 192 -15.38 32.70 9.56
C LEU A 192 -15.06 33.98 10.31
N LEU A 193 -15.94 34.36 11.22
CA LEU A 193 -15.74 35.58 11.95
C LEU A 193 -15.98 35.47 13.46
N ILE A 194 -14.87 35.52 14.17
CA ILE A 194 -14.86 35.61 15.63
C ILE A 194 -15.38 36.99 15.98
N THR A 195 -16.68 37.11 16.05
CA THR A 195 -17.28 38.39 16.33
C THR A 195 -17.30 38.65 17.79
N GLU A 196 -16.15 39.09 18.24
CA GLU A 196 -15.87 39.36 19.62
C GLU A 196 -15.57 38.03 20.29
N PHE A 197 -14.55 38.02 21.07
CA PHE A 197 -14.07 36.83 21.71
C PHE A 197 -13.79 37.25 23.15
N SER A 198 -13.69 36.34 24.08
CA SER A 198 -13.52 36.76 25.46
C SER A 198 -12.46 35.93 26.13
N LYS A 199 -11.67 36.57 27.01
CA LYS A 199 -10.63 35.86 27.79
C LYS A 199 -11.18 34.67 28.61
N LYS A 200 -12.48 34.48 28.59
CA LYS A 200 -13.09 33.37 29.31
C LYS A 200 -13.73 32.42 28.33
N ASP A 201 -13.52 32.70 27.06
CA ASP A 201 -14.02 31.86 25.97
C ASP A 201 -12.88 31.51 25.02
N ALA A 202 -11.82 32.30 25.10
CA ALA A 202 -10.65 32.13 24.26
C ALA A 202 -9.85 30.91 24.65
N GLY A 203 -8.78 30.68 23.92
CA GLY A 203 -8.00 29.52 24.17
C GLY A 203 -7.47 29.01 22.90
N PHE A 204 -7.94 27.89 22.43
CA PHE A 204 -7.48 27.36 21.17
C PHE A 204 -8.62 27.01 20.26
N TYR A 205 -8.55 27.55 19.05
CA TYR A 205 -9.52 27.26 18.02
C TYR A 205 -9.05 25.98 17.35
N GLU A 206 -9.82 24.89 17.49
CA GLU A 206 -9.39 23.60 16.99
C GLU A 206 -9.84 23.30 15.58
N VAL A 207 -8.89 22.98 14.74
CA VAL A 207 -9.20 22.46 13.41
C VAL A 207 -9.26 20.95 13.52
N ILE A 208 -10.23 20.33 12.85
CA ILE A 208 -10.43 18.88 12.98
C ILE A 208 -10.42 18.23 11.61
N LEU A 209 -9.76 17.07 11.49
CA LEU A 209 -9.71 16.32 10.23
C LEU A 209 -10.22 14.93 10.47
N LYS A 210 -11.33 14.59 9.86
CA LYS A 210 -11.85 13.24 9.99
C LYS A 210 -12.42 12.74 8.67
N ASP A 211 -12.09 11.51 8.34
CA ASP A 211 -12.58 10.90 7.10
C ASP A 211 -13.13 9.50 7.35
N ASP A 212 -12.57 8.46 6.73
CA ASP A 212 -13.03 7.08 6.94
C ASP A 212 -12.03 6.41 7.87
N ARG A 213 -11.44 7.23 8.67
CA ARG A 213 -10.35 6.84 9.51
C ARG A 213 -10.61 7.35 10.90
N GLY A 214 -9.54 7.67 11.57
CA GLY A 214 -9.63 8.30 12.83
C GLY A 214 -9.82 9.78 12.64
N LYS A 215 -9.06 10.55 13.36
CA LYS A 215 -9.15 11.99 13.28
C LYS A 215 -7.78 12.61 13.26
N ASP A 216 -7.79 13.87 13.61
CA ASP A 216 -6.61 14.70 13.69
C ASP A 216 -7.00 16.12 13.96
N LYS A 217 -6.62 16.63 15.07
CA LYS A 217 -6.89 18.00 15.38
C LYS A 217 -5.67 18.63 15.94
N SER A 218 -5.34 19.82 15.49
CA SER A 218 -4.17 20.50 15.95
C SER A 218 -4.47 21.99 15.81
N ARG A 219 -4.06 22.75 16.78
CA ARG A 219 -4.42 24.14 16.82
C ARG A 219 -3.55 24.96 17.69
N LEU A 220 -3.69 26.28 17.57
CA LEU A 220 -2.93 27.19 18.39
C LEU A 220 -3.85 27.88 19.37
N LYS A 221 -3.29 28.72 20.21
CA LYS A 221 -4.07 29.40 21.21
C LYS A 221 -4.27 30.84 20.81
N LEU A 222 -5.51 31.18 20.57
CA LEU A 222 -5.88 32.46 20.07
C LEU A 222 -6.39 33.39 21.13
N VAL A 223 -5.81 34.58 21.14
CA VAL A 223 -6.18 35.63 22.04
C VAL A 223 -6.26 36.95 21.27
N ASP A 224 -7.36 37.63 21.41
CA ASP A 224 -7.59 38.90 20.78
C ASP A 224 -8.29 39.84 21.74
N GLU A 225 -9.10 39.24 22.57
CA GLU A 225 -9.91 39.94 23.57
C GLU A 225 -9.09 40.60 24.60
N ALA A 226 -7.88 40.26 24.64
CA ALA A 226 -6.97 40.77 25.59
C ALA A 226 -6.41 42.05 25.09
N PHE A 227 -6.59 42.26 23.83
CA PHE A 227 -6.07 43.42 23.18
C PHE A 227 -7.17 44.43 22.99
N GLN A 228 -8.32 43.91 22.65
CA GLN A 228 -9.53 44.62 22.49
C GLN A 228 -9.85 45.41 23.70
N ASP A 229 -9.42 44.87 24.78
CA ASP A 229 -9.68 45.43 26.07
C ASP A 229 -9.04 46.81 26.18
N LEU A 230 -7.97 46.98 25.44
CA LEU A 230 -7.22 48.20 25.46
C LEU A 230 -7.31 48.95 24.13
N MET A 231 -6.87 48.29 23.04
CA MET A 231 -6.83 48.83 21.66
C MET A 231 -6.77 50.36 21.59
N GLY A 1 4.03 -36.16 -8.42
CA GLY A 1 3.23 -36.48 -9.62
C GLY A 1 3.19 -37.98 -9.90
N SER A 2 2.03 -38.45 -10.33
CA SER A 2 1.79 -39.87 -10.58
C SER A 2 2.67 -40.44 -11.71
N HIS A 3 3.11 -39.57 -12.62
CA HIS A 3 3.95 -39.99 -13.75
C HIS A 3 5.42 -40.21 -13.30
N MET A 4 5.58 -40.83 -12.11
CA MET A 4 6.89 -41.11 -11.46
C MET A 4 7.75 -39.84 -11.29
N GLU A 5 7.13 -38.69 -11.49
CA GLU A 5 7.76 -37.40 -11.40
C GLU A 5 8.50 -37.19 -10.06
N GLU A 6 7.87 -37.49 -8.96
CA GLU A 6 8.49 -37.32 -7.67
C GLU A 6 9.63 -38.29 -7.47
N GLU A 7 9.39 -39.52 -7.82
CA GLU A 7 10.38 -40.53 -7.83
C GLU A 7 11.62 -40.07 -8.62
N MET A 8 11.41 -39.25 -9.64
CA MET A 8 12.50 -38.86 -10.50
C MET A 8 13.11 -37.59 -9.99
N LYS A 9 12.28 -36.80 -9.31
CA LYS A 9 12.74 -35.59 -8.67
C LYS A 9 14.03 -35.89 -7.88
N ARG A 10 14.05 -37.01 -7.16
CA ARG A 10 15.20 -37.45 -6.40
C ARG A 10 16.38 -37.83 -7.31
N LEU A 11 16.06 -38.48 -8.41
CA LEU A 11 17.05 -38.88 -9.40
C LEU A 11 17.74 -37.65 -10.01
N LEU A 12 16.94 -36.65 -10.36
CA LEU A 12 17.49 -35.42 -10.92
C LEU A 12 18.18 -34.61 -9.84
N ALA A 13 17.70 -34.75 -8.61
CA ALA A 13 18.30 -34.09 -7.48
C ALA A 13 19.73 -34.59 -7.27
N LEU A 14 20.01 -35.77 -7.78
CA LEU A 14 21.29 -36.37 -7.67
C LEU A 14 22.29 -35.69 -8.58
N SER A 15 21.78 -35.15 -9.65
CA SER A 15 22.59 -34.47 -10.65
C SER A 15 23.14 -33.18 -10.08
N GLN A 16 22.44 -32.63 -9.09
CA GLN A 16 22.84 -31.42 -8.39
C GLN A 16 22.99 -30.26 -9.38
N GLU A 17 21.91 -29.94 -10.05
CA GLU A 17 21.89 -28.89 -11.05
C GLU A 17 21.89 -27.51 -10.40
N HIS A 18 22.47 -26.54 -11.07
CA HIS A 18 22.54 -25.16 -10.57
C HIS A 18 21.36 -24.33 -11.06
N LYS A 19 21.24 -23.12 -10.52
CA LYS A 19 20.17 -22.22 -10.91
C LYS A 19 20.56 -20.77 -10.66
N PHE A 20 19.63 -19.88 -10.99
CA PHE A 20 19.72 -18.51 -10.85
C PHE A 20 18.24 -18.09 -10.78
N PRO A 21 17.87 -16.82 -10.87
CA PRO A 21 16.45 -16.43 -10.92
C PRO A 21 15.78 -16.97 -12.12
N THR A 22 16.40 -16.81 -13.23
CA THR A 22 15.92 -17.35 -14.43
C THR A 22 16.56 -18.71 -14.59
N VAL A 23 16.41 -19.27 -15.75
CA VAL A 23 16.85 -20.61 -16.04
C VAL A 23 17.01 -20.68 -17.56
N PRO A 24 17.39 -21.84 -18.18
CA PRO A 24 17.44 -21.98 -19.65
C PRO A 24 16.19 -21.39 -20.33
N THR A 25 15.07 -21.37 -19.60
CA THR A 25 13.85 -20.73 -20.08
C THR A 25 13.98 -19.19 -19.98
N LYS A 26 13.03 -18.56 -19.29
CA LYS A 26 13.03 -17.14 -19.12
C LYS A 26 12.26 -16.77 -17.82
N SER A 27 12.53 -17.48 -16.76
CA SER A 27 11.80 -17.29 -15.54
C SER A 27 12.26 -16.06 -14.75
N GLU A 28 11.35 -15.12 -14.60
CA GLU A 28 11.56 -14.00 -13.71
C GLU A 28 10.83 -14.37 -12.41
N LEU A 29 10.70 -15.70 -12.24
CA LEU A 29 9.93 -16.33 -11.17
C LEU A 29 10.52 -16.10 -9.87
N ALA A 30 9.98 -15.16 -9.19
CA ALA A 30 10.39 -14.92 -7.87
C ALA A 30 9.14 -14.60 -7.00
N VAL A 31 9.38 -14.00 -5.83
CA VAL A 31 8.31 -13.73 -4.84
C VAL A 31 7.91 -12.27 -4.86
N GLU A 32 6.68 -12.01 -5.27
CA GLU A 32 6.17 -10.67 -5.31
C GLU A 32 4.91 -10.58 -4.51
N ILE A 33 4.94 -9.92 -3.38
CA ILE A 33 3.74 -9.70 -2.71
C ILE A 33 3.08 -8.47 -3.31
N LEU A 34 1.99 -8.73 -3.99
CA LEU A 34 1.25 -7.73 -4.74
C LEU A 34 0.89 -6.50 -3.94
N GLU A 35 0.44 -5.47 -4.66
CA GLU A 35 -0.03 -4.22 -4.11
C GLU A 35 -1.15 -4.46 -3.09
N LYS A 36 -1.80 -5.58 -3.23
CA LYS A 36 -2.90 -5.97 -2.34
C LYS A 36 -2.33 -6.67 -1.12
N GLY A 37 -1.07 -7.03 -1.22
CA GLY A 37 -0.38 -7.71 -0.15
C GLY A 37 -0.67 -9.21 -0.14
N GLN A 38 -0.59 -9.83 -1.33
CA GLN A 38 -0.83 -11.26 -1.54
C GLN A 38 0.42 -11.94 -2.11
N VAL A 39 0.44 -13.25 -2.15
CA VAL A 39 1.60 -13.99 -2.65
C VAL A 39 1.51 -14.17 -4.19
N ARG A 40 2.64 -14.07 -4.92
CA ARG A 40 2.63 -14.23 -6.40
C ARG A 40 3.85 -15.02 -6.92
N PHE A 41 3.60 -16.11 -7.68
CA PHE A 41 4.67 -16.86 -8.38
C PHE A 41 4.56 -16.56 -9.87
N TRP A 42 5.63 -16.12 -10.49
CA TRP A 42 5.55 -15.81 -11.94
C TRP A 42 6.87 -16.01 -12.65
N MET A 43 6.89 -17.02 -13.54
CA MET A 43 8.03 -17.32 -14.41
C MET A 43 7.54 -16.99 -15.79
N GLN A 44 8.31 -17.15 -16.84
CA GLN A 44 7.75 -16.77 -18.09
C GLN A 44 7.29 -18.00 -18.83
N ALA A 45 8.20 -18.57 -19.56
CA ALA A 45 8.04 -19.80 -20.32
C ALA A 45 7.51 -19.48 -21.67
N GLU A 46 8.42 -19.37 -22.56
CA GLU A 46 8.17 -18.95 -23.92
C GLU A 46 7.80 -20.09 -24.79
N LYS A 47 7.50 -21.18 -24.18
CA LYS A 47 7.20 -22.34 -24.95
C LYS A 47 6.35 -23.34 -24.21
N LEU A 48 5.19 -23.50 -24.75
CA LEU A 48 4.24 -24.47 -24.38
C LEU A 48 3.75 -25.18 -25.63
N SER A 49 4.43 -26.24 -25.99
CA SER A 49 4.10 -27.00 -27.19
C SER A 49 3.62 -28.42 -26.86
N SER A 50 4.53 -29.38 -26.84
CA SER A 50 4.18 -30.77 -26.55
C SER A 50 4.63 -31.14 -25.14
N ASN A 51 5.91 -31.56 -25.00
CA ASN A 51 6.48 -31.83 -23.68
C ASN A 51 6.20 -30.67 -22.75
N ALA A 52 6.78 -29.48 -23.10
CA ALA A 52 6.60 -28.19 -22.38
C ALA A 52 5.78 -28.34 -21.11
N LYS A 53 6.52 -28.55 -20.08
CA LYS A 53 5.97 -28.91 -18.80
C LYS A 53 6.51 -28.05 -17.68
N VAL A 54 5.68 -27.86 -16.68
CA VAL A 54 6.02 -27.13 -15.49
C VAL A 54 5.59 -27.97 -14.31
N SER A 55 6.25 -27.82 -13.22
CA SER A 55 5.94 -28.57 -12.04
C SER A 55 5.87 -27.68 -10.83
N TYR A 56 4.75 -27.73 -10.16
CA TYR A 56 4.56 -26.98 -8.95
C TYR A 56 5.02 -27.83 -7.80
N ILE A 57 6.01 -27.37 -7.11
CA ILE A 57 6.59 -28.12 -6.04
C ILE A 57 6.50 -27.29 -4.78
N PHE A 58 6.13 -27.91 -3.67
CA PHE A 58 6.01 -27.22 -2.42
C PHE A 58 6.58 -28.11 -1.35
N ASN A 59 7.47 -27.57 -0.54
CA ASN A 59 8.09 -28.31 0.57
C ASN A 59 8.74 -29.66 0.13
N GLU A 60 9.17 -29.72 -1.16
CA GLU A 60 9.96 -30.86 -1.72
C GLU A 60 9.08 -31.77 -2.55
N LYS A 61 7.79 -31.58 -2.46
CA LYS A 61 6.88 -32.42 -3.14
C LYS A 61 6.15 -31.64 -4.23
N GLU A 62 5.60 -32.35 -5.16
CA GLU A 62 4.92 -31.77 -6.30
C GLU A 62 3.44 -31.64 -5.98
N ILE A 63 2.93 -30.43 -6.06
CA ILE A 63 1.54 -30.18 -5.72
C ILE A 63 0.70 -30.01 -6.98
N PHE A 64 -0.53 -29.56 -6.80
CA PHE A 64 -1.44 -29.36 -7.89
C PHE A 64 -2.29 -28.14 -7.61
N GLU A 65 -2.75 -27.49 -8.67
CA GLU A 65 -3.64 -26.35 -8.54
C GLU A 65 -4.93 -26.81 -7.86
N GLY A 66 -5.55 -25.95 -7.09
CA GLY A 66 -6.70 -26.35 -6.35
C GLY A 66 -7.09 -25.25 -5.39
N PRO A 67 -7.53 -25.58 -4.16
CA PRO A 67 -7.94 -24.58 -3.18
C PRO A 67 -6.75 -23.84 -2.52
N LYS A 68 -5.78 -24.61 -2.01
CA LYS A 68 -4.65 -24.02 -1.28
C LYS A 68 -3.62 -23.28 -2.19
N TYR A 69 -3.50 -23.72 -3.44
CA TYR A 69 -2.56 -23.11 -4.39
C TYR A 69 -3.26 -23.01 -5.70
N LYS A 70 -3.51 -21.81 -6.17
CA LYS A 70 -4.25 -21.65 -7.39
C LYS A 70 -3.33 -21.17 -8.50
N MET A 71 -3.38 -21.86 -9.60
CA MET A 71 -2.51 -21.56 -10.74
C MET A 71 -3.29 -21.20 -11.96
N HIS A 72 -2.71 -20.36 -12.79
CA HIS A 72 -3.33 -20.01 -14.04
C HIS A 72 -2.26 -19.76 -15.09
N ILE A 73 -2.16 -20.65 -16.05
CA ILE A 73 -1.21 -20.49 -17.13
C ILE A 73 -2.03 -20.17 -18.32
N ASP A 74 -1.78 -19.07 -18.97
CA ASP A 74 -2.72 -18.57 -19.97
C ASP A 74 -2.12 -18.76 -21.33
N ARG A 75 -1.47 -19.92 -21.44
CA ARG A 75 -0.61 -20.42 -22.56
C ARG A 75 -0.27 -19.43 -23.75
N ASN A 76 -0.33 -18.11 -23.56
CA ASN A 76 0.22 -17.20 -24.53
C ASN A 76 1.67 -17.18 -24.31
N THR A 77 2.27 -18.11 -24.96
CA THR A 77 3.69 -18.42 -24.96
C THR A 77 3.96 -19.35 -23.83
N GLY A 78 3.11 -19.24 -22.84
CA GLY A 78 3.18 -20.08 -21.70
C GLY A 78 3.53 -19.33 -20.47
N ILE A 79 2.92 -18.18 -20.31
CA ILE A 79 3.10 -17.40 -19.12
C ILE A 79 2.45 -18.07 -17.94
N ILE A 80 3.23 -18.26 -16.90
CA ILE A 80 2.78 -18.92 -15.70
C ILE A 80 2.42 -17.94 -14.63
N GLU A 81 1.14 -17.82 -14.38
CA GLU A 81 0.64 -17.04 -13.29
C GLU A 81 0.19 -17.97 -12.19
N MET A 82 0.50 -17.63 -10.98
CA MET A 82 0.15 -18.44 -9.88
C MET A 82 0.08 -17.58 -8.63
N PHE A 83 -0.89 -17.87 -7.82
CA PHE A 83 -1.18 -17.03 -6.69
C PHE A 83 -1.32 -17.82 -5.42
N MET A 84 -1.12 -17.12 -4.32
CA MET A 84 -1.35 -17.64 -3.01
C MET A 84 -1.87 -16.46 -2.22
N GLU A 85 -2.83 -16.68 -1.44
CA GLU A 85 -3.56 -15.61 -0.79
C GLU A 85 -3.16 -15.42 0.64
N LYS A 86 -2.26 -16.25 1.12
CA LYS A 86 -1.91 -16.24 2.52
C LYS A 86 -0.84 -17.29 2.78
N LEU A 87 -0.81 -17.78 3.99
CA LEU A 87 0.08 -18.85 4.34
C LEU A 87 -0.76 -20.06 4.68
N GLN A 88 -1.48 -19.95 5.80
CA GLN A 88 -2.39 -20.98 6.38
C GLN A 88 -2.06 -22.45 6.01
N ASP A 89 -0.80 -22.74 5.77
CA ASP A 89 -0.38 -24.10 5.47
C ASP A 89 -0.19 -24.81 6.81
N GLU A 90 0.75 -25.72 6.89
CA GLU A 90 1.08 -26.35 8.13
C GLU A 90 2.27 -25.62 8.73
N ASP A 91 2.34 -24.30 8.47
CA ASP A 91 3.43 -23.39 8.92
C ASP A 91 4.67 -23.42 7.99
N GLU A 92 4.77 -24.44 7.13
CA GLU A 92 5.90 -24.55 6.21
C GLU A 92 5.66 -23.69 4.96
N GLY A 93 6.71 -23.42 4.18
CA GLY A 93 6.53 -22.60 2.99
C GLY A 93 7.73 -22.55 2.02
N THR A 94 7.73 -23.37 0.97
CA THR A 94 8.84 -23.38 -0.01
C THR A 94 8.37 -23.98 -1.34
N TYR A 95 8.45 -23.21 -2.45
CA TYR A 95 7.96 -23.75 -3.73
C TYR A 95 9.03 -23.72 -4.80
N THR A 96 9.27 -24.86 -5.45
CA THR A 96 10.27 -24.96 -6.50
C THR A 96 9.60 -25.18 -7.86
N PHE A 97 9.70 -24.22 -8.78
CA PHE A 97 9.21 -24.47 -10.12
C PHE A 97 10.30 -24.97 -11.00
N GLN A 98 10.13 -26.15 -11.47
CA GLN A 98 11.03 -26.70 -12.45
C GLN A 98 10.27 -26.80 -13.79
N ILE A 99 10.71 -26.06 -14.83
CA ILE A 99 10.02 -26.07 -16.11
C ILE A 99 10.95 -26.56 -17.16
N GLN A 100 10.43 -27.24 -18.13
CA GLN A 100 11.20 -27.64 -19.23
C GLN A 100 10.35 -27.74 -20.45
N ASP A 101 10.88 -27.29 -21.55
CA ASP A 101 10.19 -27.36 -22.80
C ASP A 101 11.11 -27.99 -23.82
N GLY A 102 10.59 -28.98 -24.52
CA GLY A 102 11.39 -29.69 -25.50
C GLY A 102 12.47 -30.53 -24.82
N LYS A 103 13.72 -30.08 -24.92
CA LYS A 103 14.84 -30.79 -24.32
C LYS A 103 15.61 -29.90 -23.30
N ALA A 104 15.06 -28.76 -22.95
CA ALA A 104 15.72 -27.85 -22.00
C ALA A 104 15.07 -27.98 -20.66
N THR A 105 15.75 -27.58 -19.58
CA THR A 105 15.17 -27.71 -18.23
C THR A 105 15.65 -26.56 -17.32
N GLY A 106 14.79 -26.07 -16.44
CA GLY A 106 15.14 -24.95 -15.57
C GLY A 106 14.55 -25.11 -14.19
N HIS A 107 15.28 -24.67 -13.16
CA HIS A 107 14.83 -24.79 -11.78
C HIS A 107 14.77 -23.42 -11.10
N SER A 108 13.88 -23.29 -10.18
CA SER A 108 13.65 -22.05 -9.48
C SER A 108 12.96 -22.37 -8.20
N THR A 109 13.08 -21.54 -7.18
CA THR A 109 12.44 -21.85 -5.93
C THR A 109 12.19 -20.59 -5.12
N LEU A 110 11.11 -20.63 -4.37
CA LEU A 110 10.70 -19.53 -3.54
C LEU A 110 10.53 -20.04 -2.17
N VAL A 111 10.78 -19.21 -1.21
CA VAL A 111 10.63 -19.65 0.15
C VAL A 111 9.89 -18.61 0.98
N LEU A 112 8.83 -19.06 1.60
CA LEU A 112 8.05 -18.26 2.48
C LEU A 112 7.46 -19.09 3.53
N ILE A 113 8.27 -19.31 4.48
CA ILE A 113 7.89 -20.00 5.62
C ILE A 113 7.60 -18.98 6.64
N GLY A 114 6.75 -19.31 7.58
CA GLY A 114 6.31 -18.35 8.61
C GLY A 114 7.29 -17.25 8.93
N ASP A 115 8.32 -17.55 9.69
CA ASP A 115 9.32 -16.55 10.09
C ASP A 115 9.87 -15.77 8.90
N VAL A 116 10.06 -16.45 7.77
CA VAL A 116 10.61 -15.83 6.58
C VAL A 116 9.62 -14.87 5.94
N TYR A 117 8.40 -15.31 5.70
CA TYR A 117 7.36 -14.50 5.10
C TYR A 117 7.22 -13.16 5.78
N LYS A 118 7.45 -13.14 7.08
CA LYS A 118 7.35 -11.92 7.83
C LYS A 118 8.32 -10.89 7.28
N LYS A 119 9.40 -11.40 6.73
CA LYS A 119 10.40 -10.61 6.14
C LYS A 119 9.88 -10.00 4.85
N LEU A 120 9.31 -10.84 3.97
CA LEU A 120 8.73 -10.34 2.73
C LEU A 120 7.52 -9.45 2.99
N GLN A 121 6.78 -9.73 4.08
CA GLN A 121 5.58 -8.97 4.40
C GLN A 121 5.87 -7.48 4.66
N LYS A 122 6.84 -7.18 5.54
CA LYS A 122 7.25 -5.76 5.74
C LYS A 122 7.49 -5.06 4.40
N GLU A 123 8.23 -5.72 3.54
CA GLU A 123 8.47 -5.17 2.22
C GLU A 123 7.15 -5.10 1.41
N ALA A 124 6.28 -6.10 1.60
CA ALA A 124 4.93 -6.09 1.02
C ALA A 124 4.16 -4.85 1.45
N GLU A 125 4.20 -4.51 2.76
CA GLU A 125 3.65 -3.26 3.27
C GLU A 125 3.84 -2.13 2.24
N PHE A 126 5.08 -1.91 1.83
CA PHE A 126 5.41 -0.96 0.72
C PHE A 126 4.43 -1.11 -0.43
N GLN A 127 4.33 -2.34 -0.90
CA GLN A 127 3.49 -2.69 -2.04
C GLN A 127 2.06 -2.22 -1.87
N ARG A 128 1.51 -2.45 -0.70
CA ARG A 128 0.14 -2.10 -0.42
C ARG A 128 -0.03 -0.62 -0.06
N GLN A 129 0.69 -0.19 0.95
CA GLN A 129 0.54 1.14 1.48
C GLN A 129 1.16 2.26 0.66
N GLU A 130 1.70 1.95 -0.50
CA GLU A 130 2.30 2.98 -1.33
C GLU A 130 1.24 3.94 -1.87
N TRP A 131 0.02 3.46 -2.00
CA TRP A 131 -1.05 4.24 -2.62
C TRP A 131 -2.04 4.83 -1.60
N ILE A 132 -2.98 3.98 -1.21
CA ILE A 132 -4.09 4.29 -0.28
C ILE A 132 -3.66 5.19 0.89
N ARG A 133 -3.06 4.51 1.90
CA ARG A 133 -2.46 5.08 3.11
C ARG A 133 -2.46 6.56 3.08
N LYS A 134 -1.67 7.12 2.18
CA LYS A 134 -1.62 8.55 2.05
C LYS A 134 -1.83 8.96 0.58
N GLN A 135 -3.06 8.67 0.07
CA GLN A 135 -3.66 9.14 -1.25
C GLN A 135 -3.27 10.52 -1.72
N GLY A 136 -2.06 10.84 -1.61
CA GLY A 136 -1.59 12.05 -2.07
C GLY A 136 -0.08 12.14 -1.95
N PRO A 137 0.46 13.29 -1.53
CA PRO A 137 1.89 13.46 -1.34
C PRO A 137 2.32 12.91 0.02
N HIS A 138 1.85 13.53 1.09
CA HIS A 138 2.10 13.08 2.45
C HIS A 138 0.88 13.36 3.33
N PHE A 139 0.21 14.49 3.07
CA PHE A 139 -0.98 14.87 3.83
C PHE A 139 -2.09 15.27 2.86
N ALA A 140 -3.27 15.64 3.38
CA ALA A 140 -4.43 15.96 2.53
C ALA A 140 -5.09 17.32 2.88
N GLU A 141 -5.54 17.47 4.11
CA GLU A 141 -6.16 18.73 4.56
C GLU A 141 -5.21 19.47 5.48
N TYR A 142 -5.20 20.77 5.42
CA TYR A 142 -4.30 21.52 6.30
C TYR A 142 -5.01 22.71 6.85
N LEU A 143 -4.83 23.01 8.13
CA LEU A 143 -5.40 24.23 8.69
C LEU A 143 -4.51 25.37 8.32
N SER A 144 -4.75 26.53 8.91
CA SER A 144 -3.97 27.74 8.70
C SER A 144 -4.79 28.90 9.21
N TRP A 145 -4.35 29.54 10.26
CA TRP A 145 -5.10 30.72 10.72
C TRP A 145 -4.43 32.04 10.45
N GLU A 146 -5.28 33.02 10.30
CA GLU A 146 -4.86 34.35 9.90
C GLU A 146 -5.59 35.40 10.67
N VAL A 147 -4.85 36.20 11.37
CA VAL A 147 -5.42 37.29 12.10
C VAL A 147 -5.70 38.45 11.15
N THR A 148 -6.96 38.68 10.93
CA THR A 148 -7.45 39.67 10.02
C THR A 148 -7.39 41.07 10.65
N GLY A 149 -7.81 42.08 9.89
CA GLY A 149 -7.74 43.47 10.34
C GLY A 149 -8.46 43.73 11.66
N GLU A 150 -9.55 43.02 11.89
CA GLU A 150 -10.32 43.21 13.12
C GLU A 150 -9.71 42.45 14.30
N SER A 151 -8.57 41.84 14.02
CA SER A 151 -7.78 41.07 14.99
C SER A 151 -8.40 39.71 15.24
N ASN A 152 -9.19 39.28 14.31
CA ASN A 152 -9.86 38.00 14.39
C ASN A 152 -9.09 36.93 13.62
N VAL A 153 -9.16 35.75 14.12
CA VAL A 153 -8.53 34.65 13.43
C VAL A 153 -9.42 33.99 12.42
N LEU A 154 -9.01 34.15 11.19
CA LEU A 154 -9.73 33.67 10.05
C LEU A 154 -9.31 32.24 9.75
N LEU A 155 -9.92 31.36 10.49
CA LEU A 155 -9.68 29.95 10.35
C LEU A 155 -10.05 29.45 9.00
N LYS A 156 -9.12 28.77 8.39
CA LYS A 156 -9.32 28.25 7.09
C LYS A 156 -8.39 27.07 6.91
N CYS A 157 -8.93 25.95 6.53
CA CYS A 157 -8.10 24.83 6.17
C CYS A 157 -8.13 24.64 4.67
N LYS A 158 -7.62 23.52 4.16
CA LYS A 158 -7.61 23.31 2.75
C LYS A 158 -7.77 21.84 2.45
N VAL A 159 -8.62 21.56 1.51
CA VAL A 159 -8.99 20.19 1.21
C VAL A 159 -8.15 19.61 0.09
N ALA A 160 -7.98 18.31 0.11
CA ALA A 160 -7.36 17.62 -0.97
C ALA A 160 -8.32 16.65 -1.65
N ASN A 161 -7.83 16.10 -2.73
CA ASN A 161 -8.49 15.07 -3.56
C ASN A 161 -9.31 14.08 -2.74
N ILE A 162 -10.58 14.41 -2.56
CA ILE A 162 -11.49 13.56 -1.84
C ILE A 162 -12.81 13.41 -2.62
N LYS A 163 -13.27 12.17 -2.77
CA LYS A 163 -14.43 11.86 -3.64
C LYS A 163 -15.55 11.15 -2.89
N LYS A 164 -15.85 11.57 -1.66
CA LYS A 164 -16.93 10.90 -0.91
C LYS A 164 -18.11 11.84 -0.62
N GLU A 165 -18.04 12.55 0.49
CA GLU A 165 -19.12 13.44 0.86
C GLU A 165 -18.69 14.89 0.82
N THR A 166 -18.37 15.44 1.96
CA THR A 166 -17.92 16.78 2.03
C THR A 166 -16.51 16.79 2.60
N HIS A 167 -15.93 17.96 2.69
CA HIS A 167 -14.60 18.13 3.29
C HIS A 167 -14.61 17.90 4.81
N ILE A 168 -13.95 18.81 5.51
CA ILE A 168 -13.75 18.72 6.93
C ILE A 168 -14.91 19.34 7.70
N VAL A 169 -14.67 19.52 8.99
CA VAL A 169 -15.59 20.12 9.91
C VAL A 169 -14.79 20.59 11.12
N TRP A 170 -14.93 21.86 11.43
CA TRP A 170 -14.22 22.48 12.54
C TRP A 170 -14.80 22.02 13.86
N TYR A 171 -13.94 21.84 14.84
CA TYR A 171 -14.35 21.41 16.12
C TYR A 171 -13.55 22.18 17.17
N LYS A 172 -13.59 21.68 18.37
CA LYS A 172 -12.89 22.32 19.47
C LYS A 172 -12.97 21.47 20.70
N ASP A 173 -12.26 20.34 20.67
CA ASP A 173 -12.24 19.41 21.79
C ASP A 173 -13.65 19.00 22.16
N GLU A 174 -14.27 18.20 21.28
CA GLU A 174 -15.63 17.72 21.46
C GLU A 174 -16.71 18.78 21.17
N ARG A 175 -16.31 20.03 20.91
CA ARG A 175 -17.29 21.06 20.60
C ARG A 175 -17.48 21.19 19.13
N GLU A 176 -18.68 20.92 18.70
CA GLU A 176 -19.04 21.01 17.33
C GLU A 176 -19.42 22.43 17.00
N ILE A 177 -18.52 23.10 16.32
CA ILE A 177 -18.72 24.49 15.96
C ILE A 177 -19.86 24.62 14.93
N SER A 178 -20.97 25.20 15.38
CA SER A 178 -22.20 25.27 14.60
C SER A 178 -22.15 26.32 13.47
N VAL A 179 -21.85 25.85 12.27
CA VAL A 179 -21.88 26.67 11.07
C VAL A 179 -22.67 25.89 10.01
N ASP A 180 -23.25 26.57 9.03
CA ASP A 180 -24.01 25.91 7.96
C ASP A 180 -23.15 24.86 7.25
N GLU A 181 -23.73 23.70 7.01
CA GLU A 181 -23.00 22.59 6.40
C GLU A 181 -23.17 22.55 4.87
N LYS A 182 -24.13 21.78 4.40
CA LYS A 182 -24.29 21.58 2.97
C LYS A 182 -25.41 22.42 2.35
N HIS A 183 -25.76 23.51 3.02
CA HIS A 183 -26.73 24.43 2.46
C HIS A 183 -25.99 25.53 1.73
N ASP A 184 -25.01 26.11 2.41
CA ASP A 184 -24.11 27.09 1.81
C ASP A 184 -22.91 26.38 1.23
N PHE A 185 -22.87 25.06 1.44
CA PHE A 185 -21.85 24.16 0.90
C PHE A 185 -20.49 24.27 1.60
N LYS A 186 -19.85 25.44 1.51
CA LYS A 186 -18.49 25.62 2.09
C LYS A 186 -17.51 24.66 1.41
N ASP A 187 -17.87 24.23 0.21
CA ASP A 187 -17.10 23.27 -0.57
C ASP A 187 -15.68 23.75 -0.82
N GLY A 188 -14.74 22.83 -0.75
CA GLY A 188 -13.35 23.16 -0.96
C GLY A 188 -12.67 23.62 0.30
N ILE A 189 -12.20 24.84 0.29
CA ILE A 189 -11.57 25.43 1.44
C ILE A 189 -12.63 26.15 2.26
N CYS A 190 -12.52 26.10 3.58
CA CYS A 190 -13.53 26.71 4.41
C CYS A 190 -12.93 27.69 5.39
N THR A 191 -13.50 28.88 5.41
CA THR A 191 -13.05 29.94 6.26
C THR A 191 -14.08 30.29 7.33
N LEU A 192 -13.61 30.59 8.53
CA LEU A 192 -14.47 31.00 9.62
C LEU A 192 -13.87 32.20 10.33
N LEU A 193 -14.61 32.78 11.25
CA LEU A 193 -14.10 33.94 11.93
C LEU A 193 -14.12 33.88 13.45
N ILE A 194 -12.96 33.53 13.94
CA ILE A 194 -12.65 33.62 15.36
C ILE A 194 -12.62 35.10 15.71
N THR A 195 -13.79 35.63 15.97
CA THR A 195 -13.91 37.02 16.28
C THR A 195 -13.56 37.26 17.71
N GLU A 196 -12.26 37.32 17.90
CA GLU A 196 -11.63 37.45 19.19
C GLU A 196 -11.61 36.06 19.81
N PHE A 197 -10.54 35.72 20.44
CA PHE A 197 -10.40 34.39 21.01
C PHE A 197 -9.97 34.59 22.46
N SER A 198 -9.92 33.56 23.27
CA SER A 198 -9.59 33.75 24.67
C SER A 198 -8.69 32.64 25.18
N LYS A 199 -7.71 32.99 26.01
CA LYS A 199 -6.79 32.01 26.65
C LYS A 199 -7.54 30.87 27.40
N LYS A 200 -8.85 31.00 27.53
CA LYS A 200 -9.67 29.98 28.17
C LYS A 200 -10.57 29.29 27.16
N ASP A 201 -10.45 29.71 25.90
CA ASP A 201 -11.23 29.15 24.82
C ASP A 201 -10.30 28.61 23.74
N ALA A 202 -9.04 28.96 23.87
CA ALA A 202 -8.02 28.59 22.94
C ALA A 202 -7.65 27.11 23.03
N GLY A 203 -6.86 26.67 22.10
CA GLY A 203 -6.48 25.29 22.06
C GLY A 203 -6.43 24.80 20.65
N PHE A 204 -6.51 23.50 20.47
CA PHE A 204 -6.42 22.95 19.14
C PHE A 204 -7.72 23.00 18.39
N TYR A 205 -7.68 23.68 17.27
CA TYR A 205 -8.78 23.73 16.36
C TYR A 205 -8.79 22.40 15.63
N GLU A 206 -9.79 21.57 15.93
CA GLU A 206 -9.87 20.23 15.40
C GLU A 206 -10.45 20.19 13.99
N VAL A 207 -9.67 19.67 13.05
CA VAL A 207 -10.16 19.39 11.72
C VAL A 207 -10.44 17.91 11.60
N ILE A 208 -11.59 17.52 11.04
CA ILE A 208 -12.02 16.12 11.04
C ILE A 208 -12.34 15.68 9.62
N LEU A 209 -12.07 14.42 9.30
CA LEU A 209 -12.36 13.87 7.96
C LEU A 209 -13.09 12.56 8.07
N LYS A 210 -14.25 12.48 7.49
CA LYS A 210 -14.98 11.24 7.40
C LYS A 210 -15.30 11.01 5.96
N ASP A 211 -14.94 9.87 5.42
CA ASP A 211 -15.13 9.66 4.00
C ASP A 211 -15.61 8.22 3.66
N ASP A 212 -14.72 7.41 3.07
CA ASP A 212 -15.04 6.04 2.67
C ASP A 212 -14.27 5.08 3.56
N ARG A 213 -13.59 5.67 4.50
CA ARG A 213 -12.77 4.99 5.47
C ARG A 213 -13.41 5.21 6.81
N GLY A 214 -12.63 5.48 7.82
CA GLY A 214 -13.19 5.86 9.08
C GLY A 214 -13.12 7.35 9.24
N LYS A 215 -12.21 7.79 10.05
CA LYS A 215 -11.98 9.21 10.22
C LYS A 215 -10.55 9.55 9.88
N ASP A 216 -10.18 10.77 10.21
CA ASP A 216 -8.86 11.30 9.98
C ASP A 216 -8.87 12.74 10.40
N LYS A 217 -8.38 13.01 11.55
CA LYS A 217 -8.40 14.36 12.07
C LYS A 217 -7.07 14.67 12.62
N SER A 218 -6.59 15.89 12.50
CA SER A 218 -5.33 16.26 13.05
C SER A 218 -5.38 17.78 13.23
N ARG A 219 -4.86 18.23 14.32
CA ARG A 219 -4.90 19.66 14.64
C ARG A 219 -3.71 20.16 15.38
N LEU A 220 -3.55 21.48 15.41
CA LEU A 220 -2.49 22.11 16.19
C LEU A 220 -3.13 22.96 17.26
N LYS A 221 -2.35 23.53 18.15
CA LYS A 221 -2.92 24.30 19.23
C LYS A 221 -2.85 25.79 18.90
N LEU A 222 -4.00 26.40 18.76
CA LEU A 222 -4.09 27.76 18.35
C LEU A 222 -4.19 28.73 19.50
N VAL A 223 -3.40 29.79 19.38
CA VAL A 223 -3.37 30.89 20.31
C VAL A 223 -3.26 32.16 19.53
N ASP A 224 -4.15 33.06 19.79
CA ASP A 224 -4.19 34.32 19.11
C ASP A 224 -4.51 35.42 20.09
N GLU A 225 -5.28 35.05 21.10
CA GLU A 225 -5.72 35.96 22.16
C GLU A 225 -4.58 36.49 22.95
N ALA A 226 -3.50 35.85 22.83
CA ALA A 226 -2.33 36.23 23.53
C ALA A 226 -1.64 37.31 22.79
N PHE A 227 -2.05 37.47 21.58
CA PHE A 227 -1.46 38.44 20.70
C PHE A 227 -2.38 39.62 20.54
N GLN A 228 -3.65 39.30 20.46
CA GLN A 228 -4.72 40.24 20.40
C GLN A 228 -4.65 41.19 21.53
N ASP A 229 -4.27 40.65 22.63
CA ASP A 229 -4.18 41.38 23.87
C ASP A 229 -3.15 42.47 23.75
N LEU A 230 -2.20 42.22 22.90
CA LEU A 230 -1.07 43.12 22.68
C LEU A 230 -1.48 44.25 21.75
N MET A 231 -2.57 44.05 21.08
CA MET A 231 -3.10 45.02 20.12
C MET A 231 -3.73 46.21 20.86
N GLY A 1 40.18 -14.03 -14.82
CA GLY A 1 40.49 -12.59 -14.79
C GLY A 1 39.26 -11.74 -14.62
N SER A 2 39.23 -10.91 -13.61
CA SER A 2 38.10 -10.06 -13.36
C SER A 2 38.40 -8.64 -13.82
N HIS A 3 37.76 -8.22 -14.89
CA HIS A 3 37.97 -6.89 -15.44
C HIS A 3 36.64 -6.32 -15.94
N MET A 4 36.35 -5.05 -15.58
CA MET A 4 35.09 -4.33 -15.95
C MET A 4 33.85 -5.17 -15.65
N GLU A 5 34.00 -6.12 -14.75
CA GLU A 5 32.99 -7.06 -14.40
C GLU A 5 31.87 -6.40 -13.59
N GLU A 6 32.26 -5.65 -12.59
CA GLU A 6 31.32 -5.02 -11.72
C GLU A 6 30.46 -3.97 -12.42
N GLU A 7 31.10 -3.01 -13.05
CA GLU A 7 30.40 -2.02 -13.80
C GLU A 7 29.48 -2.62 -14.85
N MET A 8 29.87 -3.74 -15.46
CA MET A 8 29.03 -4.35 -16.50
C MET A 8 27.86 -5.01 -15.87
N LYS A 9 28.11 -5.50 -14.67
CA LYS A 9 27.08 -6.09 -13.87
C LYS A 9 25.89 -5.11 -13.72
N ARG A 10 26.21 -3.80 -13.74
CA ARG A 10 25.21 -2.76 -13.71
C ARG A 10 24.59 -2.56 -15.09
N LEU A 11 25.42 -2.50 -16.11
CA LEU A 11 24.98 -2.34 -17.49
C LEU A 11 23.97 -3.43 -17.90
N LEU A 12 24.24 -4.68 -17.51
CA LEU A 12 23.31 -5.78 -17.80
C LEU A 12 22.01 -5.58 -17.06
N ALA A 13 22.14 -5.06 -15.84
CA ALA A 13 20.99 -4.75 -15.02
C ALA A 13 20.15 -3.66 -15.70
N LEU A 14 20.83 -2.82 -16.48
CA LEU A 14 20.23 -1.72 -17.18
C LEU A 14 19.62 -2.17 -18.49
N SER A 15 20.21 -3.20 -19.06
CA SER A 15 19.75 -3.74 -20.32
C SER A 15 18.36 -4.33 -20.17
N GLN A 16 18.09 -4.83 -18.96
CA GLN A 16 16.78 -5.37 -18.59
C GLN A 16 16.44 -6.61 -19.39
N GLU A 17 17.49 -7.32 -19.82
CA GLU A 17 17.34 -8.56 -20.56
C GLU A 17 17.26 -9.73 -19.59
N HIS A 18 17.26 -10.95 -20.12
CA HIS A 18 17.14 -12.14 -19.29
C HIS A 18 18.22 -12.18 -18.21
N LYS A 19 17.80 -12.45 -17.00
CA LYS A 19 18.67 -12.45 -15.85
C LYS A 19 19.44 -13.79 -15.74
N PHE A 20 20.32 -13.86 -14.75
CA PHE A 20 21.13 -15.01 -14.48
C PHE A 20 20.30 -16.27 -14.04
N PRO A 21 19.33 -16.11 -13.07
CA PRO A 21 18.39 -17.21 -12.58
C PRO A 21 17.67 -18.06 -13.61
N THR A 22 18.35 -18.50 -14.56
CA THR A 22 17.80 -19.35 -15.56
C THR A 22 18.11 -20.83 -15.23
N VAL A 23 17.88 -21.67 -16.20
CA VAL A 23 17.96 -23.12 -16.10
C VAL A 23 18.01 -23.64 -17.55
N PRO A 24 18.07 -24.98 -17.81
CA PRO A 24 18.02 -25.50 -19.20
C PRO A 24 16.84 -24.90 -19.98
N THR A 25 15.76 -24.59 -19.27
CA THR A 25 14.62 -23.92 -19.87
C THR A 25 14.97 -22.43 -20.08
N LYS A 26 14.13 -21.56 -19.54
CA LYS A 26 14.33 -20.15 -19.67
C LYS A 26 13.69 -19.44 -18.47
N SER A 27 14.05 -19.84 -17.27
CA SER A 27 13.45 -19.28 -16.10
C SER A 27 13.92 -17.85 -15.84
N GLU A 28 12.96 -17.00 -15.63
CA GLU A 28 13.17 -15.63 -15.22
C GLU A 28 12.36 -15.46 -13.95
N LEU A 29 11.97 -16.64 -13.44
CA LEU A 29 11.06 -16.80 -12.31
C LEU A 29 11.58 -16.21 -11.07
N ALA A 30 11.13 -15.04 -10.75
CA ALA A 30 11.52 -14.47 -9.52
C ALA A 30 10.30 -13.78 -8.87
N VAL A 31 10.58 -13.00 -7.83
CA VAL A 31 9.52 -12.32 -7.03
C VAL A 31 9.51 -10.84 -7.31
N GLU A 32 8.45 -10.41 -7.94
CA GLU A 32 8.28 -9.03 -8.30
C GLU A 32 6.96 -8.56 -7.74
N ILE A 33 6.99 -7.66 -6.80
CA ILE A 33 5.76 -7.15 -6.29
C ILE A 33 5.32 -5.95 -7.09
N LEU A 34 4.24 -6.14 -7.79
CA LEU A 34 3.68 -5.18 -8.75
C LEU A 34 3.42 -3.80 -8.16
N GLU A 35 3.11 -2.88 -9.07
CA GLU A 35 2.73 -1.53 -8.76
C GLU A 35 1.56 -1.52 -7.77
N LYS A 36 0.74 -2.52 -7.89
CA LYS A 36 -0.44 -2.66 -7.07
C LYS A 36 -0.07 -3.32 -5.75
N GLY A 37 1.18 -3.76 -5.68
CA GLY A 37 1.72 -4.38 -4.48
C GLY A 37 1.17 -5.77 -4.23
N GLN A 38 1.24 -6.61 -5.27
CA GLN A 38 0.77 -7.99 -5.21
C GLN A 38 1.93 -8.94 -5.48
N VAL A 39 1.67 -10.23 -5.49
CA VAL A 39 2.70 -11.22 -5.71
C VAL A 39 2.76 -11.61 -7.22
N ARG A 40 3.98 -11.71 -7.80
CA ARG A 40 4.11 -12.08 -9.24
C ARG A 40 5.14 -13.21 -9.46
N PHE A 41 4.71 -14.34 -10.05
CA PHE A 41 5.65 -15.40 -10.47
C PHE A 41 5.79 -15.32 -11.98
N TRP A 42 6.99 -15.25 -12.47
CA TRP A 42 7.17 -15.17 -13.93
C TRP A 42 8.46 -15.80 -14.38
N MET A 43 8.34 -16.94 -15.08
CA MET A 43 9.47 -17.65 -15.71
C MET A 43 9.16 -17.57 -17.20
N GLN A 44 9.97 -18.14 -18.09
CA GLN A 44 9.62 -17.96 -19.45
C GLN A 44 8.98 -19.23 -19.97
N ALA A 45 9.82 -20.15 -20.39
CA ALA A 45 9.47 -21.49 -20.87
C ALA A 45 9.23 -21.43 -22.33
N GLU A 46 10.27 -21.77 -23.03
CA GLU A 46 10.35 -21.67 -24.48
C GLU A 46 9.85 -22.89 -25.18
N LYS A 47 9.24 -23.76 -24.48
CA LYS A 47 8.80 -24.99 -25.10
C LYS A 47 7.70 -25.70 -24.35
N LEU A 48 6.58 -25.76 -25.00
CA LEU A 48 5.44 -26.45 -24.59
C LEU A 48 4.97 -27.38 -25.70
N SER A 49 5.45 -28.59 -25.65
CA SER A 49 5.13 -29.58 -26.68
C SER A 49 4.14 -30.65 -26.19
N SER A 50 4.66 -31.76 -25.70
CA SER A 50 3.82 -32.85 -25.20
C SER A 50 3.95 -32.97 -23.69
N ASN A 51 5.02 -33.64 -23.23
CA ASN A 51 5.33 -33.73 -21.80
C ASN A 51 5.27 -32.35 -21.17
N ALA A 52 6.18 -31.46 -21.68
CA ALA A 52 6.27 -30.02 -21.28
C ALA A 52 5.36 -29.65 -20.13
N LYS A 53 5.96 -29.71 -18.98
CA LYS A 53 5.25 -29.52 -17.74
C LYS A 53 5.91 -28.47 -16.87
N VAL A 54 5.07 -27.78 -16.14
CA VAL A 54 5.48 -26.83 -15.16
C VAL A 54 4.80 -27.20 -13.86
N SER A 55 5.57 -27.60 -12.94
CA SER A 55 5.03 -28.03 -11.68
C SER A 55 5.10 -26.92 -10.66
N TYR A 56 3.93 -26.46 -10.26
CA TYR A 56 3.80 -25.42 -9.26
C TYR A 56 3.89 -26.07 -7.90
N ILE A 57 4.85 -25.66 -7.12
CA ILE A 57 5.08 -26.26 -5.82
C ILE A 57 5.04 -25.19 -4.76
N PHE A 58 4.40 -25.46 -3.62
CA PHE A 58 4.31 -24.51 -2.56
C PHE A 58 4.55 -25.23 -1.26
N ASN A 59 5.46 -24.72 -0.46
CA ASN A 59 5.81 -25.31 0.84
C ASN A 59 6.27 -26.79 0.74
N GLU A 60 6.83 -27.19 -0.42
CA GLU A 60 7.47 -28.53 -0.60
C GLU A 60 6.42 -29.53 -1.10
N LYS A 61 5.33 -29.00 -1.62
CA LYS A 61 4.26 -29.77 -2.12
C LYS A 61 3.81 -29.17 -3.46
N GLU A 62 3.15 -29.96 -4.30
CA GLU A 62 2.66 -29.48 -5.58
C GLU A 62 1.26 -28.90 -5.45
N ILE A 63 1.04 -27.73 -5.99
CA ILE A 63 -0.28 -27.12 -5.94
C ILE A 63 -0.90 -27.11 -7.33
N PHE A 64 -2.03 -26.44 -7.47
CA PHE A 64 -2.69 -26.33 -8.74
C PHE A 64 -3.33 -24.97 -8.89
N GLU A 65 -3.55 -24.56 -10.12
CA GLU A 65 -4.20 -23.30 -10.41
C GLU A 65 -5.65 -23.36 -9.92
N GLY A 66 -6.17 -22.24 -9.47
CA GLY A 66 -7.49 -22.23 -8.92
C GLY A 66 -7.77 -20.89 -8.29
N PRO A 67 -8.22 -20.84 -7.03
CA PRO A 67 -8.51 -19.59 -6.35
C PRO A 67 -7.29 -18.95 -5.65
N LYS A 68 -6.58 -19.74 -4.84
CA LYS A 68 -5.47 -19.21 -4.03
C LYS A 68 -4.19 -18.90 -4.85
N TYR A 69 -4.05 -19.59 -5.97
CA TYR A 69 -2.92 -19.38 -6.89
C TYR A 69 -3.45 -19.40 -8.28
N LYS A 70 -3.38 -18.30 -8.96
CA LYS A 70 -3.96 -18.23 -10.28
C LYS A 70 -2.87 -18.21 -11.33
N MET A 71 -2.99 -19.09 -12.28
CA MET A 71 -1.99 -19.22 -13.32
C MET A 71 -2.58 -19.01 -14.69
N HIS A 72 -1.82 -18.41 -15.57
CA HIS A 72 -2.24 -18.22 -16.93
C HIS A 72 -1.05 -18.35 -17.86
N ILE A 73 -1.09 -19.35 -18.70
CA ILE A 73 -0.03 -19.59 -19.65
C ILE A 73 -0.65 -19.47 -21.01
N ASP A 74 -0.08 -18.70 -21.88
CA ASP A 74 -0.72 -18.41 -23.18
C ASP A 74 0.05 -19.10 -24.25
N ARG A 75 0.56 -20.25 -23.88
CA ARG A 75 1.56 -21.06 -24.60
C ARG A 75 2.25 -20.42 -25.85
N ASN A 76 2.48 -19.07 -25.86
CA ASN A 76 3.37 -18.47 -26.83
C ASN A 76 4.73 -18.79 -26.40
N THR A 77 5.09 -19.97 -26.77
CA THR A 77 6.35 -20.62 -26.47
C THR A 77 6.23 -21.25 -25.11
N GLY A 78 5.31 -20.71 -24.33
CA GLY A 78 5.03 -21.18 -23.03
C GLY A 78 5.35 -20.21 -21.96
N ILE A 79 5.00 -18.96 -22.18
CA ILE A 79 5.19 -17.96 -21.17
C ILE A 79 4.26 -18.22 -19.98
N ILE A 80 4.86 -18.28 -18.81
CA ILE A 80 4.13 -18.58 -17.59
C ILE A 80 3.86 -17.34 -16.78
N GLU A 81 2.61 -16.91 -16.81
CA GLU A 81 2.17 -15.84 -15.99
C GLU A 81 1.43 -16.43 -14.82
N MET A 82 1.72 -15.96 -13.64
CA MET A 82 1.11 -16.47 -12.48
C MET A 82 1.07 -15.41 -11.42
N PHE A 83 -0.02 -15.38 -10.71
CA PHE A 83 -0.23 -14.33 -9.75
C PHE A 83 -0.67 -14.86 -8.42
N MET A 84 -0.43 -14.06 -7.42
CA MET A 84 -0.91 -14.29 -6.12
C MET A 84 -1.23 -12.92 -5.61
N GLU A 85 -2.31 -12.81 -4.99
CA GLU A 85 -2.85 -11.52 -4.66
C GLU A 85 -2.25 -10.96 -3.39
N LYS A 86 -1.87 -11.82 -2.47
CA LYS A 86 -1.26 -11.37 -1.25
C LYS A 86 -0.61 -12.58 -0.55
N LEU A 87 -0.66 -12.60 0.75
CA LEU A 87 -0.10 -13.71 1.52
C LEU A 87 -1.21 -14.63 1.96
N GLN A 88 -1.97 -14.15 2.93
CA GLN A 88 -3.12 -14.81 3.60
C GLN A 88 -3.31 -16.34 3.38
N ASP A 89 -2.21 -17.09 3.35
CA ASP A 89 -2.32 -18.55 3.34
C ASP A 89 -2.44 -18.97 4.80
N GLU A 90 -1.57 -19.84 5.26
CA GLU A 90 -1.45 -20.14 6.65
C GLU A 90 -0.20 -19.45 7.17
N ASP A 91 0.12 -18.30 6.57
CA ASP A 91 1.33 -17.49 6.86
C ASP A 91 2.60 -18.04 6.19
N GLU A 92 2.59 -19.33 5.80
CA GLU A 92 3.75 -19.95 5.13
C GLU A 92 3.87 -19.44 3.68
N GLY A 93 5.10 -19.38 3.15
CA GLY A 93 5.25 -18.89 1.79
C GLY A 93 6.55 -19.31 1.07
N THR A 94 6.47 -20.33 0.21
CA THR A 94 7.65 -20.80 -0.53
C THR A 94 7.23 -21.58 -1.78
N TYR A 95 7.61 -21.10 -2.97
CA TYR A 95 7.18 -21.77 -4.19
C TYR A 95 8.35 -22.19 -5.06
N THR A 96 8.37 -23.45 -5.50
CA THR A 96 9.42 -23.93 -6.39
C THR A 96 8.81 -24.37 -7.71
N PHE A 97 9.13 -23.70 -8.80
CA PHE A 97 8.67 -24.17 -10.08
C PHE A 97 9.71 -25.01 -10.70
N GLN A 98 9.36 -26.21 -10.91
CA GLN A 98 10.21 -27.11 -11.63
C GLN A 98 9.56 -27.34 -13.01
N ILE A 99 10.22 -26.90 -14.08
CA ILE A 99 9.63 -26.99 -15.40
C ILE A 99 10.51 -27.82 -16.26
N GLN A 100 9.93 -28.52 -17.17
CA GLN A 100 10.68 -29.27 -18.09
C GLN A 100 9.94 -29.39 -19.39
N ASP A 101 10.65 -29.24 -20.45
CA ASP A 101 10.08 -29.35 -21.75
C ASP A 101 10.78 -30.49 -22.45
N GLY A 102 10.03 -31.46 -22.95
CA GLY A 102 10.62 -32.57 -23.62
C GLY A 102 11.46 -33.41 -22.68
N LYS A 103 12.77 -33.22 -22.74
CA LYS A 103 13.70 -34.02 -21.95
C LYS A 103 14.56 -33.15 -21.00
N ALA A 104 14.41 -31.83 -21.08
CA ALA A 104 15.22 -30.91 -20.26
C ALA A 104 14.44 -30.57 -19.03
N THR A 105 15.10 -30.10 -17.96
CA THR A 105 14.41 -29.79 -16.70
C THR A 105 15.09 -28.60 -15.99
N GLY A 106 14.30 -27.77 -15.32
CA GLY A 106 14.84 -26.62 -14.63
C GLY A 106 14.08 -26.35 -13.34
N HIS A 107 14.79 -25.90 -12.32
CA HIS A 107 14.17 -25.62 -11.02
C HIS A 107 14.35 -24.14 -10.68
N SER A 108 13.41 -23.63 -9.90
CA SER A 108 13.39 -22.21 -9.53
C SER A 108 12.50 -21.98 -8.33
N THR A 109 13.06 -21.44 -7.25
CA THR A 109 12.28 -21.28 -6.04
C THR A 109 12.19 -19.82 -5.58
N LEU A 110 11.04 -19.49 -5.01
CA LEU A 110 10.76 -18.19 -4.47
C LEU A 110 10.32 -18.36 -3.06
N VAL A 111 10.62 -17.41 -2.24
CA VAL A 111 10.23 -17.50 -0.85
C VAL A 111 9.67 -16.18 -0.32
N LEU A 112 8.48 -16.27 0.23
CA LEU A 112 7.83 -15.16 0.85
C LEU A 112 6.93 -15.59 1.94
N ILE A 113 7.53 -15.73 3.03
CA ILE A 113 6.88 -16.05 4.21
C ILE A 113 6.79 -14.80 5.01
N GLY A 114 5.89 -14.77 5.96
CA GLY A 114 5.68 -13.57 6.79
C GLY A 114 6.88 -12.69 7.02
N ASP A 115 7.87 -13.19 7.75
CA ASP A 115 9.06 -12.40 8.05
C ASP A 115 9.80 -11.97 6.79
N VAL A 116 9.74 -12.80 5.77
CA VAL A 116 10.44 -12.55 4.53
C VAL A 116 9.73 -11.51 3.66
N TYR A 117 8.44 -11.74 3.33
CA TYR A 117 7.68 -10.83 2.48
C TYR A 117 7.80 -9.39 2.89
N LYS A 118 7.85 -9.15 4.18
CA LYS A 118 7.96 -7.79 4.66
C LYS A 118 9.21 -7.13 4.11
N LYS A 119 10.18 -7.95 3.83
CA LYS A 119 11.43 -7.55 3.27
C LYS A 119 11.22 -7.12 1.82
N LEU A 120 10.65 -7.99 0.98
CA LEU A 120 10.38 -7.65 -0.40
C LEU A 120 9.40 -6.48 -0.49
N GLN A 121 8.56 -6.33 0.54
CA GLN A 121 7.57 -5.26 0.54
C GLN A 121 8.25 -3.88 0.50
N LYS A 122 9.33 -3.67 1.27
CA LYS A 122 10.15 -2.45 1.15
C LYS A 122 10.41 -2.12 -0.32
N GLU A 123 11.06 -3.03 -1.00
CA GLU A 123 11.30 -2.84 -2.43
C GLU A 123 9.97 -2.64 -3.19
N ALA A 124 8.96 -3.40 -2.79
CA ALA A 124 7.64 -3.26 -3.34
C ALA A 124 7.18 -1.82 -3.24
N GLU A 125 7.26 -1.20 -2.02
CA GLU A 125 7.01 0.26 -1.81
C GLU A 125 7.16 1.07 -3.09
N PHE A 126 8.38 1.08 -3.66
CA PHE A 126 8.62 1.75 -4.99
C PHE A 126 7.47 1.51 -5.99
N GLN A 127 6.99 0.31 -5.98
CA GLN A 127 5.91 -0.09 -6.88
C GLN A 127 4.55 0.16 -6.21
N ARG A 128 4.47 -0.32 -4.99
CA ARG A 128 3.29 -0.29 -4.11
C ARG A 128 2.65 1.09 -3.94
N GLN A 129 3.35 2.13 -4.32
CA GLN A 129 2.92 3.48 -4.14
C GLN A 129 1.47 3.72 -4.65
N GLU A 130 1.07 2.99 -5.69
CA GLU A 130 -0.28 3.09 -6.24
C GLU A 130 -1.36 2.72 -5.19
N TRP A 131 -0.96 2.02 -4.16
CA TRP A 131 -1.87 1.62 -3.10
C TRP A 131 -2.12 2.76 -2.11
N ILE A 132 -1.04 3.27 -1.54
CA ILE A 132 -1.11 4.31 -0.54
C ILE A 132 -1.76 5.56 -1.08
N ARG A 133 -0.98 6.42 -1.75
CA ARG A 133 -1.51 7.66 -2.29
C ARG A 133 -2.17 8.45 -1.18
N LYS A 134 -1.52 8.42 0.01
CA LYS A 134 -2.07 9.03 1.23
C LYS A 134 -3.33 8.33 1.72
N GLN A 135 -3.38 7.00 1.64
CA GLN A 135 -4.51 6.29 2.13
C GLN A 135 -4.47 6.22 3.67
N GLY A 136 -3.27 6.31 4.24
CA GLY A 136 -3.14 6.31 5.69
C GLY A 136 -1.73 6.06 6.16
N PRO A 137 -0.87 7.08 6.20
CA PRO A 137 0.50 6.94 6.71
C PRO A 137 0.53 7.01 8.24
N HIS A 138 -0.51 7.63 8.79
CA HIS A 138 -0.70 7.80 10.22
C HIS A 138 -2.18 8.11 10.46
N PHE A 139 -2.62 9.24 9.91
CA PHE A 139 -4.02 9.63 9.92
C PHE A 139 -4.40 10.15 8.53
N ALA A 140 -5.65 10.52 8.35
CA ALA A 140 -6.12 11.03 7.06
C ALA A 140 -6.85 12.35 7.26
N GLU A 141 -6.88 12.80 8.50
CA GLU A 141 -7.54 14.04 8.89
C GLU A 141 -6.69 14.78 9.92
N TYR A 142 -6.34 16.02 9.67
CA TYR A 142 -5.51 16.75 10.64
C TYR A 142 -5.99 18.15 10.75
N LEU A 143 -5.84 18.76 11.91
CA LEU A 143 -6.21 20.15 12.07
C LEU A 143 -5.06 20.99 11.60
N SER A 144 -5.11 22.30 11.89
CA SER A 144 -4.07 23.26 11.55
C SER A 144 -4.66 24.64 11.65
N TRP A 145 -4.19 25.43 12.57
CA TRP A 145 -4.65 26.82 12.58
C TRP A 145 -3.64 27.82 12.03
N GLU A 146 -4.19 28.85 11.46
CA GLU A 146 -3.43 29.90 10.80
C GLU A 146 -3.84 31.26 11.30
N VAL A 147 -2.91 32.00 11.87
CA VAL A 147 -3.21 33.33 12.35
C VAL A 147 -3.19 34.32 11.20
N THR A 148 -4.36 34.80 10.88
CA THR A 148 -4.57 35.70 9.78
C THR A 148 -4.28 37.16 10.20
N GLY A 149 -4.30 38.07 9.22
CA GLY A 149 -3.96 39.47 9.44
C GLY A 149 -4.79 40.18 10.51
N GLU A 150 -5.97 39.64 10.80
CA GLU A 150 -6.83 40.24 11.82
C GLU A 150 -6.49 39.67 13.21
N SER A 151 -5.49 38.81 13.25
CA SER A 151 -4.97 38.16 14.46
C SER A 151 -5.88 37.03 14.89
N ASN A 152 -6.65 36.55 13.95
CA ASN A 152 -7.58 35.48 14.19
C ASN A 152 -6.97 34.15 13.76
N VAL A 153 -7.42 33.12 14.40
CA VAL A 153 -6.95 31.80 14.01
C VAL A 153 -7.90 31.04 13.11
N LEU A 154 -7.39 30.77 11.93
CA LEU A 154 -8.13 30.16 10.85
C LEU A 154 -8.05 28.64 10.95
N LEU A 155 -8.96 28.10 11.69
CA LEU A 155 -9.08 26.66 11.90
C LEU A 155 -9.46 25.96 10.65
N LYS A 156 -8.61 25.09 10.23
CA LYS A 156 -8.83 24.32 9.08
C LYS A 156 -8.24 22.96 9.28
N CYS A 157 -9.00 21.94 9.06
CA CYS A 157 -8.43 20.62 9.09
C CYS A 157 -8.20 20.17 7.67
N LYS A 158 -7.81 18.90 7.48
CA LYS A 158 -7.57 18.40 6.18
C LYS A 158 -7.91 16.94 6.17
N VAL A 159 -8.65 16.56 5.18
CA VAL A 159 -9.15 15.21 5.11
C VAL A 159 -8.82 14.58 3.79
N ALA A 160 -9.11 13.31 3.68
CA ALA A 160 -8.88 12.60 2.48
C ALA A 160 -9.95 11.51 2.27
N ASN A 161 -9.47 10.44 1.69
CA ASN A 161 -10.23 9.22 1.34
C ASN A 161 -11.33 8.87 2.37
N ILE A 162 -12.55 9.31 2.09
CA ILE A 162 -13.70 9.02 2.95
C ILE A 162 -15.00 9.20 2.14
N LYS A 163 -15.96 8.25 2.29
CA LYS A 163 -17.18 8.27 1.45
C LYS A 163 -18.49 8.04 2.25
N LYS A 164 -18.84 8.96 3.14
CA LYS A 164 -20.11 8.83 3.88
C LYS A 164 -21.03 10.04 3.62
N GLU A 165 -20.85 11.06 4.43
CA GLU A 165 -21.62 12.30 4.33
C GLU A 165 -20.68 13.47 4.16
N THR A 166 -20.30 14.09 5.25
CA THR A 166 -19.29 15.10 5.24
C THR A 166 -18.05 14.46 5.86
N HIS A 167 -17.03 15.23 6.14
CA HIS A 167 -15.84 14.71 6.77
C HIS A 167 -15.87 14.96 8.27
N ILE A 168 -15.33 16.09 8.67
CA ILE A 168 -15.21 16.45 10.06
C ILE A 168 -16.30 17.41 10.50
N VAL A 169 -16.11 17.90 11.72
CA VAL A 169 -16.94 18.88 12.33
C VAL A 169 -16.17 19.48 13.49
N TRP A 170 -16.08 20.80 13.51
CA TRP A 170 -15.33 21.53 14.52
C TRP A 170 -16.03 21.46 15.86
N TYR A 171 -15.31 21.31 16.94
CA TYR A 171 -15.90 21.21 18.24
C TYR A 171 -15.02 21.96 19.26
N LYS A 172 -15.27 21.66 20.52
CA LYS A 172 -14.54 22.27 21.63
C LYS A 172 -15.03 21.67 22.93
N ASP A 173 -14.69 20.40 23.16
CA ASP A 173 -15.13 19.68 24.34
C ASP A 173 -16.66 19.75 24.45
N GLU A 174 -17.34 19.00 23.60
CA GLU A 174 -18.82 18.94 23.56
C GLU A 174 -19.47 20.23 22.98
N ARG A 175 -18.71 21.31 22.83
CA ARG A 175 -19.26 22.54 22.26
C ARG A 175 -19.20 22.49 20.76
N GLU A 176 -20.34 22.43 20.17
CA GLU A 176 -20.44 22.34 18.74
C GLU A 176 -20.48 23.72 18.13
N ILE A 177 -19.40 24.10 17.47
CA ILE A 177 -19.38 25.35 16.76
C ILE A 177 -20.42 25.27 15.62
N SER A 178 -21.54 25.93 15.80
CA SER A 178 -22.67 25.83 14.89
C SER A 178 -22.49 26.68 13.62
N VAL A 179 -22.11 26.03 12.54
CA VAL A 179 -21.97 26.66 11.23
C VAL A 179 -22.74 25.81 10.23
N ASP A 180 -22.99 26.34 9.03
CA ASP A 180 -23.66 25.57 7.98
C ASP A 180 -22.88 24.30 7.68
N GLU A 181 -23.58 23.18 7.64
CA GLU A 181 -22.94 21.91 7.42
C GLU A 181 -22.82 21.56 5.92
N LYS A 182 -23.86 20.93 5.40
CA LYS A 182 -23.81 20.45 4.01
C LYS A 182 -24.74 21.22 3.06
N HIS A 183 -25.13 22.41 3.46
CA HIS A 183 -25.95 23.24 2.58
C HIS A 183 -25.04 24.09 1.70
N ASP A 184 -23.90 24.45 2.25
CA ASP A 184 -22.88 25.18 1.51
C ASP A 184 -21.69 24.26 1.21
N PHE A 185 -21.95 22.95 1.34
CA PHE A 185 -20.97 21.88 1.05
C PHE A 185 -19.90 21.72 2.14
N LYS A 186 -18.90 22.63 2.15
CA LYS A 186 -17.76 22.55 3.08
C LYS A 186 -16.97 21.25 2.87
N ASP A 187 -17.10 20.67 1.68
CA ASP A 187 -16.47 19.39 1.35
C ASP A 187 -14.95 19.52 1.15
N GLY A 188 -14.23 18.46 1.50
CA GLY A 188 -12.78 18.46 1.41
C GLY A 188 -12.14 19.02 2.66
N ILE A 189 -11.48 20.15 2.51
CA ILE A 189 -10.88 20.83 3.64
C ILE A 189 -11.82 21.96 4.07
N CYS A 190 -11.91 22.21 5.36
CA CYS A 190 -12.83 23.24 5.83
C CYS A 190 -12.14 24.23 6.75
N THR A 191 -12.35 25.50 6.48
CA THR A 191 -11.77 26.57 7.26
C THR A 191 -12.82 27.38 8.00
N LEU A 192 -12.48 27.82 9.20
CA LEU A 192 -13.34 28.69 9.98
C LEU A 192 -12.52 29.82 10.58
N LEU A 193 -13.20 30.74 11.26
CA LEU A 193 -12.48 31.87 11.80
C LEU A 193 -12.67 32.17 13.29
N ILE A 194 -11.65 31.81 14.00
CA ILE A 194 -11.48 32.17 15.39
C ILE A 194 -11.13 33.64 15.45
N THR A 195 -12.15 34.46 15.45
CA THR A 195 -11.95 35.88 15.49
C THR A 195 -11.77 36.32 16.91
N GLU A 196 -10.55 36.11 17.35
CA GLU A 196 -10.13 36.32 18.71
C GLU A 196 -10.59 35.10 19.51
N PHE A 197 -9.72 34.61 20.33
CA PHE A 197 -9.97 33.39 21.09
C PHE A 197 -9.48 33.69 22.48
N SER A 198 -10.36 33.70 23.47
CA SER A 198 -9.95 34.06 24.81
C SER A 198 -9.47 32.88 25.63
N LYS A 199 -8.56 33.18 26.57
CA LYS A 199 -8.05 32.19 27.55
C LYS A 199 -9.19 31.43 28.28
N LYS A 200 -10.43 31.90 28.14
CA LYS A 200 -11.57 31.26 28.79
C LYS A 200 -12.42 30.53 27.76
N ASP A 201 -12.07 30.68 26.50
CA ASP A 201 -12.78 30.01 25.41
C ASP A 201 -11.85 29.00 24.77
N ALA A 202 -10.57 29.15 25.11
CA ALA A 202 -9.53 28.33 24.58
C ALA A 202 -9.49 26.97 25.22
N GLY A 203 -8.62 26.11 24.71
CA GLY A 203 -8.54 24.77 25.21
C GLY A 203 -8.12 23.84 24.14
N PHE A 204 -9.05 23.11 23.58
CA PHE A 204 -8.76 22.23 22.48
C PHE A 204 -9.88 22.22 21.47
N TYR A 205 -9.52 22.37 20.22
CA TYR A 205 -10.45 22.37 19.11
C TYR A 205 -10.50 20.95 18.57
N GLU A 206 -11.68 20.30 18.64
CA GLU A 206 -11.77 18.91 18.25
C GLU A 206 -12.27 18.69 16.82
N VAL A 207 -11.59 17.81 16.11
CA VAL A 207 -12.05 17.31 14.85
C VAL A 207 -12.76 15.98 15.08
N ILE A 208 -13.90 15.78 14.43
CA ILE A 208 -14.72 14.58 14.68
C ILE A 208 -15.05 13.90 13.36
N LEU A 209 -15.07 12.57 13.35
CA LEU A 209 -15.37 11.82 12.14
C LEU A 209 -16.44 10.79 12.42
N LYS A 210 -17.52 10.85 11.69
CA LYS A 210 -18.51 9.79 11.72
C LYS A 210 -18.76 9.35 10.33
N ASP A 211 -18.49 8.10 10.03
CA ASP A 211 -18.56 7.65 8.66
C ASP A 211 -19.27 6.29 8.51
N ASP A 212 -18.53 5.25 8.12
CA ASP A 212 -19.10 3.92 7.90
C ASP A 212 -18.81 3.05 9.11
N ARG A 213 -18.29 3.70 10.12
CA ARG A 213 -17.91 3.05 11.35
C ARG A 213 -18.67 3.73 12.49
N GLY A 214 -17.98 4.01 13.56
CA GLY A 214 -18.58 4.76 14.62
C GLY A 214 -18.17 6.20 14.51
N LYS A 215 -17.27 6.60 15.36
CA LYS A 215 -16.73 7.94 15.31
C LYS A 215 -15.23 7.88 15.30
N ASP A 216 -14.63 9.03 15.52
CA ASP A 216 -13.19 9.19 15.53
C ASP A 216 -12.86 10.65 15.68
N LYS A 217 -12.30 11.03 16.79
CA LYS A 217 -11.90 12.41 16.97
C LYS A 217 -10.50 12.46 17.43
N SER A 218 -9.69 13.37 16.91
CA SER A 218 -8.34 13.49 17.30
C SER A 218 -8.02 14.98 17.16
N ARG A 219 -7.49 15.56 18.20
CA ARG A 219 -7.29 17.00 18.21
C ARG A 219 -6.24 17.45 19.17
N LEU A 220 -5.81 18.70 19.02
CA LEU A 220 -4.80 19.28 19.89
C LEU A 220 -5.39 20.39 20.71
N LYS A 221 -4.57 21.03 21.51
CA LYS A 221 -5.00 22.12 22.38
C LYS A 221 -4.60 23.45 21.76
N LEU A 222 -5.55 24.31 21.49
CA LEU A 222 -5.25 25.57 20.87
C LEU A 222 -5.25 26.72 21.86
N VAL A 223 -4.17 27.50 21.77
CA VAL A 223 -3.97 28.70 22.57
C VAL A 223 -3.38 29.76 21.65
N ASP A 224 -3.99 30.90 21.62
CA ASP A 224 -3.58 31.99 20.78
C ASP A 224 -3.63 33.30 21.52
N GLU A 225 -4.57 33.36 22.44
CA GLU A 225 -4.85 34.53 23.25
C GLU A 225 -3.70 34.94 24.10
N ALA A 226 -2.84 34.03 24.29
CA ALA A 226 -1.71 34.22 25.09
C ALA A 226 -0.61 34.81 24.28
N PHE A 227 -0.80 34.75 23.01
CA PHE A 227 0.21 35.20 22.08
C PHE A 227 -0.20 36.49 21.45
N GLN A 228 -1.48 36.63 21.26
CA GLN A 228 -2.10 37.82 20.81
C GLN A 228 -1.66 38.99 21.60
N ASP A 229 -1.41 38.74 22.83
CA ASP A 229 -1.00 39.77 23.72
C ASP A 229 0.42 40.23 23.37
N LEU A 230 1.12 39.36 22.69
CA LEU A 230 2.51 39.59 22.31
C LEU A 230 2.60 40.02 20.86
N MET A 231 2.23 39.08 19.99
CA MET A 231 2.25 39.24 18.53
C MET A 231 3.61 39.69 18.02
N GLY A 1 32.79 -23.47 -41.37
CA GLY A 1 32.39 -23.29 -39.97
C GLY A 1 30.89 -23.14 -39.82
N SER A 2 30.47 -22.34 -38.83
CA SER A 2 29.05 -22.09 -38.54
C SER A 2 28.26 -23.40 -38.41
N HIS A 3 28.42 -24.07 -37.28
CA HIS A 3 27.70 -25.32 -37.03
C HIS A 3 26.69 -25.12 -35.91
N MET A 4 25.39 -25.26 -36.26
CA MET A 4 24.23 -25.08 -35.32
C MET A 4 24.32 -23.79 -34.49
N GLU A 5 25.15 -22.87 -34.95
CA GLU A 5 25.42 -21.63 -34.27
C GLU A 5 24.16 -20.79 -34.07
N GLU A 6 23.38 -20.64 -35.10
CA GLU A 6 22.20 -19.82 -35.06
C GLU A 6 21.09 -20.44 -34.22
N GLU A 7 20.76 -21.68 -34.51
CA GLU A 7 19.81 -22.43 -33.77
C GLU A 7 20.07 -22.32 -32.26
N MET A 8 21.34 -22.25 -31.88
CA MET A 8 21.69 -22.19 -30.47
C MET A 8 21.77 -20.77 -30.02
N LYS A 9 22.10 -19.92 -30.97
CA LYS A 9 22.15 -18.50 -30.75
C LYS A 9 20.81 -18.04 -30.15
N ARG A 10 19.71 -18.67 -30.57
CA ARG A 10 18.40 -18.38 -30.03
C ARG A 10 18.35 -18.79 -28.56
N LEU A 11 18.73 -20.03 -28.32
CA LEU A 11 18.79 -20.58 -26.97
C LEU A 11 19.61 -19.68 -26.04
N LEU A 12 20.73 -19.17 -26.53
CA LEU A 12 21.58 -18.26 -25.76
C LEU A 12 20.88 -16.93 -25.56
N ALA A 13 20.29 -16.42 -26.63
CA ALA A 13 19.55 -15.18 -26.59
C ALA A 13 18.37 -15.28 -25.64
N LEU A 14 17.86 -16.50 -25.48
CA LEU A 14 16.74 -16.77 -24.63
C LEU A 14 17.18 -16.83 -23.19
N SER A 15 18.38 -17.31 -22.98
CA SER A 15 18.95 -17.44 -21.65
C SER A 15 19.29 -16.06 -21.11
N GLN A 16 19.63 -15.16 -22.03
CA GLN A 16 19.91 -13.75 -21.71
C GLN A 16 21.16 -13.61 -20.85
N GLU A 17 21.50 -12.37 -20.54
CA GLU A 17 22.67 -12.09 -19.71
C GLU A 17 22.31 -11.13 -18.60
N HIS A 18 21.02 -10.89 -18.44
CA HIS A 18 20.53 -9.99 -17.42
C HIS A 18 19.52 -10.68 -16.54
N LYS A 19 19.62 -10.40 -15.25
CA LYS A 19 18.71 -10.90 -14.24
C LYS A 19 18.92 -12.35 -13.99
N PHE A 20 19.55 -12.59 -12.90
CA PHE A 20 19.90 -13.88 -12.48
C PHE A 20 18.66 -14.73 -12.10
N PRO A 21 17.72 -14.18 -11.25
CA PRO A 21 16.47 -14.89 -10.81
C PRO A 21 15.52 -15.36 -11.86
N THR A 22 15.93 -15.39 -13.05
CA THR A 22 15.07 -15.80 -14.11
C THR A 22 15.23 -17.29 -14.36
N VAL A 23 14.68 -17.72 -15.45
CA VAL A 23 14.61 -19.11 -15.86
C VAL A 23 14.40 -19.08 -17.37
N PRO A 24 14.35 -20.26 -18.09
CA PRO A 24 13.98 -20.31 -19.51
C PRO A 24 12.85 -19.32 -19.89
N THR A 25 11.94 -19.08 -18.95
CA THR A 25 10.88 -18.10 -19.14
C THR A 25 11.42 -16.67 -18.91
N LYS A 26 10.82 -15.96 -17.99
CA LYS A 26 11.17 -14.59 -17.71
C LYS A 26 10.80 -14.26 -16.25
N SER A 27 11.21 -15.08 -15.33
CA SER A 27 10.82 -14.93 -13.95
C SER A 27 11.58 -13.83 -13.24
N GLU A 28 10.88 -12.78 -12.92
CA GLU A 28 11.38 -11.73 -12.08
C GLU A 28 10.83 -12.00 -10.68
N LEU A 29 10.42 -13.28 -10.51
CA LEU A 29 9.75 -13.79 -9.32
C LEU A 29 10.59 -13.65 -8.12
N ALA A 30 10.38 -12.60 -7.40
CA ALA A 30 11.07 -12.40 -6.19
C ALA A 30 10.02 -12.14 -5.09
N VAL A 31 10.43 -11.50 -3.99
CA VAL A 31 9.57 -11.33 -2.81
C VAL A 31 9.50 -9.87 -2.49
N GLU A 32 8.39 -9.26 -2.81
CA GLU A 32 8.23 -7.84 -2.58
C GLU A 32 7.23 -7.62 -1.52
N ILE A 33 7.66 -7.25 -0.34
CA ILE A 33 6.74 -6.85 0.62
C ILE A 33 6.33 -5.43 0.30
N LEU A 34 5.14 -5.33 -0.25
CA LEU A 34 4.57 -4.10 -0.78
C LEU A 34 4.70 -2.89 0.11
N GLU A 35 4.44 -1.73 -0.48
CA GLU A 35 4.39 -0.47 0.20
C GLU A 35 3.46 -0.53 1.40
N LYS A 36 2.46 -1.37 1.29
CA LYS A 36 1.48 -1.53 2.34
C LYS A 36 2.01 -2.49 3.39
N GLY A 37 3.02 -3.24 2.99
CA GLY A 37 3.67 -4.18 3.86
C GLY A 37 3.03 -5.56 3.81
N GLN A 38 2.71 -5.98 2.59
CA GLN A 38 2.11 -7.29 2.33
C GLN A 38 3.04 -8.09 1.43
N VAL A 39 2.72 -9.34 1.21
CA VAL A 39 3.57 -10.22 0.41
C VAL A 39 3.24 -10.09 -1.11
N ARG A 40 4.26 -10.29 -1.99
CA ARG A 40 4.02 -10.25 -3.46
C ARG A 40 4.91 -11.26 -4.22
N PHE A 41 4.27 -12.18 -4.95
CA PHE A 41 4.99 -13.11 -5.86
C PHE A 41 4.79 -12.59 -7.26
N TRP A 42 5.87 -12.32 -7.97
CA TRP A 42 5.71 -11.80 -9.34
C TRP A 42 6.83 -12.22 -10.24
N MET A 43 6.49 -13.06 -11.21
CA MET A 43 7.37 -13.54 -12.27
C MET A 43 6.81 -12.94 -13.54
N GLN A 44 7.38 -13.15 -14.73
CA GLN A 44 6.79 -12.48 -15.81
C GLN A 44 5.87 -13.42 -16.53
N ALA A 45 6.46 -14.16 -17.44
CA ALA A 45 5.80 -15.20 -18.24
C ALA A 45 5.22 -14.55 -19.44
N GLU A 46 6.01 -14.53 -20.45
CA GLU A 46 5.70 -13.84 -21.68
C GLU A 46 4.99 -14.71 -22.67
N LYS A 47 4.56 -15.82 -22.22
CA LYS A 47 3.90 -16.74 -23.10
C LYS A 47 2.96 -17.65 -22.39
N LEU A 48 1.72 -17.46 -22.74
CA LEU A 48 0.63 -18.24 -22.33
C LEU A 48 -0.18 -18.64 -23.56
N SER A 49 0.09 -19.81 -24.06
CA SER A 49 -0.60 -20.31 -25.25
C SER A 49 -1.67 -21.39 -24.92
N SER A 50 -1.29 -22.66 -25.03
CA SER A 50 -2.22 -23.74 -24.73
C SER A 50 -1.84 -24.38 -23.41
N ASN A 51 -0.79 -25.20 -23.41
CA ASN A 51 -0.28 -25.82 -22.19
C ASN A 51 -0.10 -24.76 -21.12
N ALA A 52 0.76 -23.76 -21.45
CA ALA A 52 1.07 -22.59 -20.58
C ALA A 52 0.50 -22.72 -19.17
N LYS A 53 1.29 -23.42 -18.42
CA LYS A 53 0.98 -23.76 -17.07
C LYS A 53 1.95 -23.15 -16.08
N VAL A 54 1.38 -22.70 -14.99
CA VAL A 54 2.11 -22.17 -13.88
C VAL A 54 1.68 -23.01 -12.71
N SER A 55 2.57 -23.27 -11.83
CA SER A 55 2.25 -24.12 -10.72
C SER A 55 2.69 -23.51 -9.42
N TYR A 56 1.71 -23.20 -8.60
CA TYR A 56 1.94 -22.64 -7.29
C TYR A 56 2.24 -23.75 -6.33
N ILE A 57 3.40 -23.73 -5.76
CA ILE A 57 3.81 -24.80 -4.88
C ILE A 57 4.18 -24.21 -3.55
N PHE A 58 3.77 -24.84 -2.48
CA PHE A 58 4.09 -24.36 -1.16
C PHE A 58 4.52 -25.54 -0.35
N ASN A 59 5.63 -25.41 0.34
CA ASN A 59 6.17 -26.47 1.22
C ASN A 59 6.25 -27.87 0.56
N GLU A 60 6.38 -27.93 -0.79
CA GLU A 60 6.68 -29.19 -1.52
C GLU A 60 5.41 -29.86 -2.05
N LYS A 61 4.39 -29.05 -2.30
CA LYS A 61 3.17 -29.54 -2.90
C LYS A 61 2.52 -28.40 -3.66
N GLU A 62 1.61 -28.72 -4.54
CA GLU A 62 0.94 -27.74 -5.36
C GLU A 62 -0.29 -27.20 -4.63
N ILE A 63 -0.43 -25.90 -4.60
CA ILE A 63 -1.53 -25.25 -3.92
C ILE A 63 -2.35 -24.43 -4.87
N PHE A 64 -3.52 -24.02 -4.45
CA PHE A 64 -4.40 -23.23 -5.27
C PHE A 64 -4.77 -21.91 -4.62
N GLU A 65 -5.03 -20.94 -5.46
CA GLU A 65 -5.56 -19.65 -5.01
C GLU A 65 -6.84 -19.86 -4.22
N GLY A 66 -7.12 -18.98 -3.28
CA GLY A 66 -8.27 -19.12 -2.46
C GLY A 66 -8.19 -18.14 -1.30
N PRO A 67 -8.35 -18.61 -0.07
CA PRO A 67 -8.25 -17.74 1.10
C PRO A 67 -6.79 -17.47 1.55
N LYS A 68 -6.00 -18.54 1.69
CA LYS A 68 -4.63 -18.41 2.20
C LYS A 68 -3.61 -17.84 1.18
N TYR A 69 -3.84 -18.08 -0.11
CA TYR A 69 -2.95 -17.57 -1.17
C TYR A 69 -3.81 -17.11 -2.30
N LYS A 70 -3.72 -15.87 -2.66
CA LYS A 70 -4.55 -15.34 -3.71
C LYS A 70 -3.71 -15.00 -4.94
N MET A 71 -4.15 -15.47 -6.08
CA MET A 71 -3.41 -15.29 -7.33
C MET A 71 -4.25 -14.60 -8.38
N HIS A 72 -3.61 -13.80 -9.22
CA HIS A 72 -4.30 -13.16 -10.30
C HIS A 72 -3.38 -12.97 -11.50
N ILE A 73 -3.74 -13.60 -12.61
CA ILE A 73 -2.97 -13.54 -13.83
C ILE A 73 -3.87 -12.96 -14.90
N ASP A 74 -3.41 -11.98 -15.64
CA ASP A 74 -4.29 -11.26 -16.59
C ASP A 74 -3.83 -11.52 -17.96
N ARG A 75 -3.35 -12.73 -18.15
CA ARG A 75 -2.62 -13.24 -19.33
C ARG A 75 -2.17 -12.20 -20.41
N ASN A 76 -1.89 -10.94 -20.02
CA ASN A 76 -1.20 -10.03 -20.89
C ASN A 76 0.21 -10.44 -20.93
N THR A 77 0.40 -11.39 -21.77
CA THR A 77 1.65 -12.10 -22.04
C THR A 77 1.77 -13.20 -21.04
N GLY A 78 1.11 -12.99 -19.92
CA GLY A 78 1.08 -13.93 -18.86
C GLY A 78 1.75 -13.43 -17.64
N ILE A 79 1.50 -12.19 -17.31
CA ILE A 79 2.03 -11.62 -16.10
C ILE A 79 1.35 -12.25 -14.90
N ILE A 80 2.17 -12.78 -14.02
CA ILE A 80 1.70 -13.47 -12.85
C ILE A 80 1.77 -12.60 -11.62
N GLU A 81 0.62 -12.16 -11.17
CA GLU A 81 0.53 -11.45 -9.93
C GLU A 81 -0.06 -12.35 -8.89
N MET A 82 0.50 -12.32 -7.72
CA MET A 82 0.07 -13.14 -6.66
C MET A 82 0.42 -12.47 -5.35
N PHE A 83 -0.47 -12.56 -4.42
CA PHE A 83 -0.31 -11.85 -3.17
C PHE A 83 -0.49 -12.75 -1.98
N MET A 84 0.07 -12.34 -0.86
CA MET A 84 -0.14 -12.97 0.40
C MET A 84 -0.20 -11.84 1.39
N GLU A 85 -1.11 -11.89 2.25
CA GLU A 85 -1.40 -10.75 3.10
C GLU A 85 -0.73 -10.81 4.46
N LYS A 86 0.05 -11.86 4.71
CA LYS A 86 0.65 -12.05 6.02
C LYS A 86 1.44 -13.35 6.03
N LEU A 87 1.46 -13.99 7.17
CA LEU A 87 2.08 -15.28 7.31
C LEU A 87 1.02 -16.29 7.65
N GLN A 88 0.54 -16.21 8.90
CA GLN A 88 -0.51 -17.05 9.50
C GLN A 88 -0.77 -18.44 8.86
N ASP A 89 0.26 -19.08 8.32
CA ASP A 89 0.13 -20.43 7.78
C ASP A 89 0.22 -21.41 8.94
N GLU A 90 0.93 -22.52 8.80
CA GLU A 90 1.14 -23.42 9.91
C GLU A 90 2.57 -23.17 10.40
N ASP A 91 2.93 -21.88 10.32
CA ASP A 91 4.26 -21.34 10.67
C ASP A 91 5.28 -21.52 9.54
N GLU A 92 5.04 -22.50 8.66
CA GLU A 92 5.94 -22.75 7.52
C GLU A 92 5.71 -21.72 6.42
N GLY A 93 6.62 -21.66 5.44
CA GLY A 93 6.46 -20.70 4.37
C GLY A 93 7.49 -20.83 3.24
N THR A 94 7.18 -21.60 2.23
CA THR A 94 8.11 -21.78 1.11
C THR A 94 7.34 -21.99 -0.18
N TYR A 95 7.49 -21.08 -1.15
CA TYR A 95 6.70 -21.21 -2.36
C TYR A 95 7.56 -21.29 -3.59
N THR A 96 7.29 -22.28 -4.45
CA THR A 96 8.03 -22.45 -5.67
C THR A 96 7.11 -22.30 -6.88
N PHE A 97 7.34 -21.32 -7.73
CA PHE A 97 6.62 -21.26 -8.97
C PHE A 97 7.40 -21.93 -10.04
N GLN A 98 6.87 -23.00 -10.51
CA GLN A 98 7.43 -23.67 -11.63
C GLN A 98 6.52 -23.38 -12.84
N ILE A 99 7.02 -22.70 -13.88
CA ILE A 99 6.19 -22.32 -15.01
C ILE A 99 6.72 -22.95 -16.23
N GLN A 100 5.86 -23.34 -17.09
CA GLN A 100 6.25 -23.85 -18.33
C GLN A 100 5.24 -23.52 -19.36
N ASP A 101 5.69 -23.08 -20.50
CA ASP A 101 4.81 -22.71 -21.54
C ASP A 101 5.20 -23.49 -22.78
N GLY A 102 4.23 -24.17 -23.34
CA GLY A 102 4.46 -24.98 -24.51
C GLY A 102 5.42 -26.14 -24.25
N LYS A 103 6.72 -25.92 -24.48
CA LYS A 103 7.72 -26.96 -24.36
C LYS A 103 8.84 -26.63 -23.31
N ALA A 104 8.83 -25.41 -22.78
CA ALA A 104 9.90 -25.00 -21.84
C ALA A 104 9.42 -25.10 -20.42
N THR A 105 10.35 -25.08 -19.45
CA THR A 105 9.98 -25.18 -18.01
C THR A 105 10.99 -24.41 -17.14
N GLY A 106 10.54 -23.85 -16.01
CA GLY A 106 11.43 -23.10 -15.14
C GLY A 106 11.01 -23.18 -13.69
N HIS A 107 11.97 -23.10 -12.78
CA HIS A 107 11.71 -23.15 -11.34
C HIS A 107 12.09 -21.86 -10.64
N SER A 108 11.41 -21.56 -9.56
CA SER A 108 11.62 -20.34 -8.82
C SER A 108 11.05 -20.47 -7.42
N THR A 109 11.89 -20.37 -6.43
CA THR A 109 11.41 -20.56 -5.08
C THR A 109 11.64 -19.34 -4.18
N LEU A 110 10.68 -19.13 -3.29
CA LEU A 110 10.69 -18.07 -2.33
C LEU A 110 10.42 -18.66 -1.00
N VAL A 111 10.93 -18.07 0.04
CA VAL A 111 10.71 -18.58 1.37
C VAL A 111 10.28 -17.49 2.33
N LEU A 112 9.11 -17.65 2.90
CA LEU A 112 8.55 -16.70 3.82
C LEU A 112 8.17 -17.40 5.09
N ILE A 113 9.15 -17.88 5.77
CA ILE A 113 8.90 -18.56 6.99
C ILE A 113 9.24 -17.66 8.11
N GLY A 114 8.58 -17.87 9.24
CA GLY A 114 8.77 -17.03 10.43
C GLY A 114 10.14 -16.40 10.57
N ASP A 115 11.14 -17.18 10.92
CA ASP A 115 12.50 -16.66 11.13
C ASP A 115 13.02 -15.91 9.91
N VAL A 116 12.65 -16.38 8.73
CA VAL A 116 13.11 -15.78 7.49
C VAL A 116 12.40 -14.46 7.20
N TYR A 117 11.08 -14.48 7.18
CA TYR A 117 10.28 -13.31 6.92
C TYR A 117 10.71 -12.10 7.70
N LYS A 118 11.09 -12.30 8.94
CA LYS A 118 11.53 -11.18 9.77
C LYS A 118 12.70 -10.48 9.12
N LYS A 119 13.43 -11.25 8.35
CA LYS A 119 14.54 -10.77 7.63
C LYS A 119 14.08 -9.82 6.53
N LEU A 120 13.21 -10.30 5.63
CA LEU A 120 12.68 -9.45 4.57
C LEU A 120 11.83 -8.33 5.15
N GLN A 121 11.33 -8.51 6.38
CA GLN A 121 10.50 -7.50 6.98
C GLN A 121 11.29 -6.20 7.21
N LYS A 122 12.54 -6.29 7.69
CA LYS A 122 13.42 -5.12 7.72
C LYS A 122 13.32 -4.32 6.43
N GLU A 123 13.60 -5.00 5.33
CA GLU A 123 13.47 -4.33 4.02
C GLU A 123 12.02 -3.83 3.82
N ALA A 124 11.06 -4.61 4.28
CA ALA A 124 9.67 -4.24 4.22
C ALA A 124 9.42 -2.92 4.95
N GLU A 125 9.95 -2.76 6.21
CA GLU A 125 9.93 -1.47 6.92
C GLU A 125 9.96 -0.28 5.97
N PHE A 126 11.06 -0.18 5.20
CA PHE A 126 11.17 0.86 4.13
C PHE A 126 9.85 1.06 3.37
N GLN A 127 9.23 -0.03 3.10
CA GLN A 127 7.97 -0.06 2.35
C GLN A 127 6.78 0.23 3.26
N ARG A 128 6.70 -0.50 4.34
CA ARG A 128 5.55 -0.51 5.26
C ARG A 128 5.54 0.65 6.27
N GLN A 129 6.59 0.75 7.08
CA GLN A 129 6.65 1.65 8.17
C GLN A 129 6.91 3.12 7.74
N GLU A 130 6.96 3.33 6.47
CA GLU A 130 7.19 4.66 5.95
C GLU A 130 5.96 5.55 6.16
N TRP A 131 4.80 5.00 5.87
CA TRP A 131 3.56 5.81 5.85
C TRP A 131 2.67 5.64 7.06
N ILE A 132 2.95 4.61 7.82
CA ILE A 132 2.21 4.30 9.09
C ILE A 132 1.93 5.54 9.94
N ARG A 133 2.74 6.58 9.72
CA ARG A 133 2.52 7.91 10.31
C ARG A 133 1.04 8.28 10.19
N LYS A 134 0.38 7.64 9.18
CA LYS A 134 -1.08 7.62 8.92
C LYS A 134 -1.44 8.02 7.48
N GLN A 135 -0.96 7.23 6.50
CA GLN A 135 -1.35 7.42 5.11
C GLN A 135 -2.62 6.62 4.78
N GLY A 136 -2.62 5.34 5.11
CA GLY A 136 -3.80 4.54 4.84
C GLY A 136 -3.67 3.72 3.57
N PRO A 137 -4.58 2.79 3.35
CA PRO A 137 -4.54 1.92 2.19
C PRO A 137 -5.31 2.46 0.98
N HIS A 138 -5.31 3.78 0.81
CA HIS A 138 -5.99 4.39 -0.32
C HIS A 138 -5.42 5.77 -0.64
N PHE A 139 -5.45 6.12 -1.91
CA PHE A 139 -4.97 7.41 -2.37
C PHE A 139 -6.16 8.24 -2.85
N ALA A 140 -6.70 9.11 -1.98
CA ALA A 140 -7.89 9.88 -2.35
C ALA A 140 -7.92 11.30 -1.73
N GLU A 141 -7.79 11.37 -0.40
CA GLU A 141 -7.84 12.66 0.31
C GLU A 141 -6.51 12.98 0.95
N TYR A 142 -6.04 14.17 0.82
CA TYR A 142 -4.76 14.52 1.45
C TYR A 142 -4.93 15.80 2.19
N LEU A 143 -4.42 15.88 3.41
CA LEU A 143 -4.65 17.04 4.23
C LEU A 143 -3.50 18.03 4.19
N SER A 144 -3.78 19.15 4.79
CA SER A 144 -2.85 20.23 4.97
C SER A 144 -3.48 21.48 5.54
N TRP A 145 -2.95 21.90 6.66
CA TRP A 145 -3.32 23.22 7.16
C TRP A 145 -2.38 24.27 6.60
N GLU A 146 -2.52 25.50 7.00
CA GLU A 146 -1.77 26.58 6.44
C GLU A 146 -1.80 27.75 7.41
N VAL A 147 -0.75 27.93 8.19
CA VAL A 147 -0.75 28.99 9.19
C VAL A 147 -0.70 30.37 8.54
N THR A 148 -1.50 31.25 9.06
CA THR A 148 -1.61 32.60 8.58
C THR A 148 -1.12 33.57 9.65
N GLY A 149 -0.80 34.79 9.25
CA GLY A 149 -0.27 35.80 10.17
C GLY A 149 -1.21 36.14 11.32
N GLU A 150 -2.47 35.71 11.20
CA GLU A 150 -3.46 35.97 12.25
C GLU A 150 -3.35 34.92 13.38
N SER A 151 -2.39 34.02 13.21
CA SER A 151 -2.06 32.96 14.16
C SER A 151 -3.09 31.83 14.10
N ASN A 152 -3.70 31.69 12.97
CA ASN A 152 -4.63 30.64 12.73
C ASN A 152 -4.01 29.69 11.72
N VAL A 153 -4.72 28.62 11.37
CA VAL A 153 -4.24 27.72 10.34
C VAL A 153 -5.39 27.35 9.43
N LEU A 154 -5.15 27.43 8.13
CA LEU A 154 -6.19 27.22 7.14
C LEU A 154 -6.18 25.77 6.67
N LEU A 155 -7.08 25.00 7.25
CA LEU A 155 -7.28 23.61 6.89
C LEU A 155 -7.80 23.49 5.48
N LYS A 156 -7.13 22.69 4.69
CA LYS A 156 -7.49 22.46 3.33
C LYS A 156 -7.01 21.07 2.91
N CYS A 157 -7.91 20.16 2.69
CA CYS A 157 -7.52 18.87 2.15
C CYS A 157 -7.96 18.77 0.71
N LYS A 158 -7.80 17.60 0.09
CA LYS A 158 -8.13 17.46 -1.30
C LYS A 158 -8.78 16.12 -1.49
N VAL A 159 -9.94 16.12 -2.06
CA VAL A 159 -10.76 14.93 -2.10
C VAL A 159 -10.76 14.22 -3.45
N ALA A 160 -11.05 12.95 -3.39
CA ALA A 160 -11.31 12.14 -4.54
C ALA A 160 -12.39 11.14 -4.14
N ASN A 161 -12.57 10.11 -4.95
CA ASN A 161 -13.53 8.99 -4.73
C ASN A 161 -14.74 9.37 -3.86
N ILE A 162 -15.69 10.11 -4.42
CA ILE A 162 -16.82 10.52 -3.61
C ILE A 162 -18.02 10.99 -4.46
N LYS A 163 -19.06 10.14 -4.52
CA LYS A 163 -20.29 10.44 -5.28
C LYS A 163 -21.54 10.09 -4.47
N LYS A 164 -21.61 10.52 -3.22
CA LYS A 164 -22.76 10.24 -2.37
C LYS A 164 -23.48 11.54 -1.97
N GLU A 165 -22.91 12.25 -1.02
CA GLU A 165 -23.46 13.52 -0.54
C GLU A 165 -22.37 14.58 -0.50
N THR A 166 -21.79 14.80 0.66
CA THR A 166 -20.66 15.66 0.78
C THR A 166 -19.44 14.78 0.80
N HIS A 167 -18.28 15.31 1.08
CA HIS A 167 -17.09 14.50 1.16
C HIS A 167 -16.73 14.20 2.61
N ILE A 168 -15.86 15.02 3.17
CA ILE A 168 -15.36 14.85 4.50
C ILE A 168 -16.10 15.72 5.51
N VAL A 169 -15.53 15.78 6.69
CA VAL A 169 -16.02 16.55 7.80
C VAL A 169 -14.84 16.78 8.75
N TRP A 170 -14.78 17.96 9.37
CA TRP A 170 -13.64 18.38 10.20
C TRP A 170 -13.77 17.88 11.63
N TYR A 171 -13.10 16.82 11.90
CA TYR A 171 -13.06 16.28 13.23
C TYR A 171 -11.83 16.67 14.04
N LYS A 172 -11.79 16.11 15.22
CA LYS A 172 -10.77 16.38 16.21
C LYS A 172 -10.97 15.57 17.45
N ASP A 173 -10.49 14.34 17.39
CA ASP A 173 -10.58 13.41 18.51
C ASP A 173 -12.03 13.35 19.04
N GLU A 174 -12.93 12.85 18.19
CA GLU A 174 -14.36 12.70 18.52
C GLU A 174 -15.13 14.05 18.59
N ARG A 175 -14.44 15.17 18.39
CA ARG A 175 -15.11 16.46 18.39
C ARG A 175 -15.37 16.91 16.99
N GLU A 176 -16.62 17.12 16.70
CA GLU A 176 -17.04 17.49 15.38
C GLU A 176 -17.16 18.99 15.25
N ILE A 177 -16.29 19.56 14.44
CA ILE A 177 -16.40 20.95 14.09
C ILE A 177 -17.65 21.11 13.19
N SER A 178 -18.72 21.61 13.75
CA SER A 178 -19.97 21.71 13.02
C SER A 178 -20.08 22.97 12.19
N VAL A 179 -19.74 22.86 10.92
CA VAL A 179 -19.88 23.94 9.96
C VAL A 179 -21.07 23.62 9.06
N ASP A 180 -21.56 24.60 8.31
CA ASP A 180 -22.62 24.38 7.35
C ASP A 180 -22.23 23.22 6.43
N GLU A 181 -23.03 22.17 6.43
CA GLU A 181 -22.71 20.97 5.68
C GLU A 181 -22.92 21.14 4.17
N LYS A 182 -24.10 20.78 3.70
CA LYS A 182 -24.36 20.79 2.28
C LYS A 182 -25.34 21.90 1.86
N HIS A 183 -25.44 22.93 2.67
CA HIS A 183 -26.27 24.08 2.31
C HIS A 183 -25.44 25.05 1.50
N ASP A 184 -24.21 25.29 1.96
CA ASP A 184 -23.25 26.09 1.22
C ASP A 184 -22.30 25.14 0.47
N PHE A 185 -22.64 23.86 0.54
CA PHE A 185 -21.93 22.78 -0.16
C PHE A 185 -20.56 22.45 0.41
N LYS A 186 -19.60 23.38 0.24
CA LYS A 186 -18.20 23.13 0.65
C LYS A 186 -17.64 21.89 -0.07
N ASP A 187 -18.27 21.56 -1.21
CA ASP A 187 -17.94 20.37 -1.99
C ASP A 187 -16.52 20.42 -2.55
N GLY A 188 -15.97 19.24 -2.87
CA GLY A 188 -14.62 19.16 -3.38
C GLY A 188 -13.59 19.41 -2.31
N ILE A 189 -12.69 20.32 -2.58
CA ILE A 189 -11.69 20.69 -1.62
C ILE A 189 -12.31 21.63 -0.60
N CYS A 190 -11.98 21.45 0.67
CA CYS A 190 -12.58 22.28 1.70
C CYS A 190 -11.53 23.02 2.48
N THR A 191 -11.86 24.23 2.83
CA THR A 191 -10.99 25.10 3.57
C THR A 191 -11.70 25.65 4.82
N LEU A 192 -10.94 25.85 5.89
CA LEU A 192 -11.46 26.41 7.13
C LEU A 192 -10.39 27.19 7.86
N LEU A 193 -10.73 27.74 9.02
CA LEU A 193 -9.76 28.52 9.75
C LEU A 193 -9.71 28.22 11.25
N ILE A 194 -8.66 27.51 11.59
CA ILE A 194 -8.30 27.26 12.98
C ILE A 194 -7.86 28.56 13.58
N THR A 195 -8.80 29.29 14.08
CA THR A 195 -8.52 30.59 14.62
C THR A 195 -8.02 30.49 16.02
N GLU A 196 -6.74 30.23 16.09
CA GLU A 196 -6.01 29.98 17.30
C GLU A 196 -6.25 28.55 17.69
N PHE A 197 -5.23 27.92 18.14
CA PHE A 197 -5.27 26.54 18.51
C PHE A 197 -4.54 26.49 19.83
N SER A 198 -4.84 25.54 20.68
CA SER A 198 -4.26 25.54 22.01
C SER A 198 -3.73 24.18 22.34
N LYS A 199 -2.63 24.13 23.09
CA LYS A 199 -2.04 22.84 23.53
C LYS A 199 -3.03 21.93 24.28
N LYS A 200 -4.25 22.40 24.52
CA LYS A 200 -5.26 21.60 25.20
C LYS A 200 -6.43 21.37 24.26
N ASP A 201 -6.27 21.87 23.05
CA ASP A 201 -7.27 21.77 22.00
C ASP A 201 -6.65 21.10 20.77
N ALA A 202 -5.33 21.02 20.79
CA ALA A 202 -4.57 20.47 19.71
C ALA A 202 -4.57 18.97 19.75
N GLY A 203 -3.82 18.36 18.86
CA GLY A 203 -3.77 16.95 18.83
C GLY A 203 -3.78 16.49 17.43
N PHE A 204 -4.94 16.14 16.93
CA PHE A 204 -5.05 15.74 15.56
C PHE A 204 -6.40 16.15 14.95
N TYR A 205 -6.36 16.62 13.73
CA TYR A 205 -7.55 17.04 13.00
C TYR A 205 -7.93 15.87 12.10
N GLU A 206 -9.13 15.28 12.33
CA GLU A 206 -9.53 14.09 11.59
C GLU A 206 -10.38 14.42 10.37
N VAL A 207 -9.97 13.87 9.24
CA VAL A 207 -10.79 13.90 8.05
C VAL A 207 -11.58 12.60 7.98
N ILE A 208 -12.85 12.69 7.58
CA ILE A 208 -13.71 11.51 7.61
C ILE A 208 -14.38 11.31 6.24
N LEU A 209 -14.46 10.07 5.78
CA LEU A 209 -15.07 9.77 4.48
C LEU A 209 -16.16 8.75 4.63
N LYS A 210 -17.37 9.08 4.19
CA LYS A 210 -18.44 8.11 4.18
C LYS A 210 -19.32 8.29 2.96
N ASP A 211 -19.62 7.19 2.31
CA ASP A 211 -20.48 7.22 1.13
C ASP A 211 -21.70 6.33 1.35
N ASP A 212 -21.96 5.37 0.49
CA ASP A 212 -23.08 4.45 0.66
C ASP A 212 -22.51 3.13 1.20
N ARG A 213 -21.45 3.28 1.94
CA ARG A 213 -20.66 2.17 2.43
C ARG A 213 -20.26 2.43 3.88
N GLY A 214 -19.07 1.99 4.21
CA GLY A 214 -18.52 2.24 5.51
C GLY A 214 -17.97 3.64 5.61
N LYS A 215 -16.84 3.77 6.26
CA LYS A 215 -16.23 5.06 6.43
C LYS A 215 -14.76 4.96 6.10
N ASP A 216 -14.02 5.93 6.59
CA ASP A 216 -12.58 6.01 6.40
C ASP A 216 -12.07 7.31 6.96
N LYS A 217 -11.37 7.25 8.04
CA LYS A 217 -10.79 8.45 8.59
C LYS A 217 -9.33 8.27 8.73
N SER A 218 -8.56 9.23 8.26
CA SER A 218 -7.14 9.18 8.32
C SER A 218 -6.69 10.61 8.49
N ARG A 219 -5.80 10.83 9.40
CA ARG A 219 -5.40 12.18 9.72
C ARG A 219 -4.07 12.26 10.40
N LEU A 220 -3.55 13.47 10.49
CA LEU A 220 -2.30 13.71 11.16
C LEU A 220 -2.51 14.44 12.46
N LYS A 221 -1.45 14.67 13.18
CA LYS A 221 -1.52 15.37 14.44
C LYS A 221 -1.08 16.80 14.25
N LEU A 222 -1.96 17.76 14.55
CA LEU A 222 -1.67 19.13 14.33
C LEU A 222 -1.40 19.89 15.59
N VAL A 223 -0.32 20.64 15.53
CA VAL A 223 0.12 21.51 16.59
C VAL A 223 0.49 22.85 15.99
N ASP A 224 -0.14 23.89 16.47
CA ASP A 224 0.12 25.23 15.99
C ASP A 224 0.47 26.15 17.13
N GLU A 225 -0.14 25.87 18.25
CA GLU A 225 0.02 26.63 19.47
C GLU A 225 1.43 26.66 19.95
N ALA A 226 2.18 25.77 19.45
CA ALA A 226 3.53 25.62 19.82
C ALA A 226 4.39 26.49 18.95
N PHE A 227 3.80 26.92 17.89
CA PHE A 227 4.51 27.72 16.91
C PHE A 227 4.15 29.16 17.06
N GLN A 228 2.92 29.37 17.39
CA GLN A 228 2.37 30.64 17.69
C GLN A 228 3.21 31.39 18.66
N ASP A 229 3.80 30.64 19.52
CA ASP A 229 4.59 31.20 20.56
C ASP A 229 5.82 31.91 19.98
N LEU A 230 6.23 31.43 18.84
CA LEU A 230 7.41 31.95 18.20
C LEU A 230 7.07 32.76 16.94
N MET A 231 6.38 32.10 16.01
CA MET A 231 5.98 32.69 14.71
C MET A 231 7.20 33.24 13.96
N GLY A 1 18.33 15.37 -9.37
CA GLY A 1 18.80 15.09 -7.99
C GLY A 1 18.61 16.29 -7.07
N SER A 2 19.64 16.56 -6.25
CA SER A 2 19.66 17.69 -5.28
C SER A 2 18.52 17.61 -4.24
N HIS A 3 17.35 18.08 -4.61
CA HIS A 3 16.20 18.09 -3.71
C HIS A 3 15.74 16.67 -3.43
N MET A 4 15.68 16.33 -2.12
CA MET A 4 15.22 15.00 -1.64
C MET A 4 15.98 13.85 -2.32
N GLU A 5 17.17 14.16 -2.86
CA GLU A 5 17.97 13.23 -3.61
C GLU A 5 18.19 11.91 -2.84
N GLU A 6 18.40 12.02 -1.55
CA GLU A 6 18.68 10.89 -0.72
C GLU A 6 17.44 10.04 -0.47
N GLU A 7 16.39 10.67 0.00
CA GLU A 7 15.12 10.04 0.23
C GLU A 7 14.72 9.17 -0.95
N MET A 8 14.97 9.64 -2.14
CA MET A 8 14.54 8.95 -3.33
C MET A 8 15.57 7.94 -3.75
N LYS A 9 16.82 8.30 -3.48
CA LYS A 9 17.93 7.43 -3.76
C LYS A 9 17.70 6.05 -3.11
N ARG A 10 16.98 6.04 -1.99
CA ARG A 10 16.63 4.83 -1.32
C ARG A 10 15.59 4.04 -2.10
N LEU A 11 14.52 4.71 -2.51
CA LEU A 11 13.47 4.09 -3.30
C LEU A 11 14.03 3.54 -4.62
N LEU A 12 14.94 4.28 -5.23
CA LEU A 12 15.56 3.85 -6.49
C LEU A 12 16.36 2.58 -6.27
N ALA A 13 17.12 2.56 -5.19
CA ALA A 13 17.94 1.42 -4.82
C ALA A 13 17.07 0.20 -4.50
N LEU A 14 15.82 0.47 -4.11
CA LEU A 14 14.88 -0.55 -3.72
C LEU A 14 14.26 -1.24 -4.94
N SER A 15 14.37 -0.60 -6.08
CA SER A 15 13.74 -1.11 -7.28
C SER A 15 14.49 -2.34 -7.82
N GLN A 16 15.70 -2.57 -7.29
CA GLN A 16 16.52 -3.74 -7.61
C GLN A 16 16.86 -3.81 -9.10
N GLU A 17 17.69 -2.89 -9.55
CA GLU A 17 18.13 -2.88 -10.93
C GLU A 17 19.07 -4.06 -11.17
N HIS A 18 18.95 -4.66 -12.35
CA HIS A 18 19.81 -5.79 -12.76
C HIS A 18 19.44 -7.10 -12.01
N LYS A 19 18.40 -7.05 -11.19
CA LYS A 19 17.98 -8.23 -10.44
C LYS A 19 16.81 -8.94 -11.13
N PHE A 20 17.08 -10.08 -11.75
CA PHE A 20 16.08 -10.84 -12.37
C PHE A 20 16.28 -12.32 -12.15
N PRO A 21 15.21 -13.02 -11.92
CA PRO A 21 15.18 -14.41 -11.51
C PRO A 21 14.88 -15.38 -12.58
N THR A 22 15.69 -15.45 -13.55
CA THR A 22 15.47 -16.33 -14.63
C THR A 22 16.27 -17.61 -14.44
N VAL A 23 16.34 -18.38 -15.49
CA VAL A 23 16.92 -19.70 -15.56
C VAL A 23 17.16 -20.00 -17.05
N PRO A 24 17.66 -21.21 -17.45
CA PRO A 24 17.77 -21.57 -18.88
C PRO A 24 16.49 -21.23 -19.66
N THR A 25 15.34 -21.33 -18.98
CA THR A 25 14.07 -20.93 -19.56
C THR A 25 13.99 -19.39 -19.55
N LYS A 26 12.93 -18.88 -18.96
CA LYS A 26 12.69 -17.47 -18.88
C LYS A 26 11.85 -17.15 -17.65
N SER A 27 12.27 -17.58 -16.49
CA SER A 27 11.49 -17.38 -15.31
C SER A 27 11.58 -15.94 -14.81
N GLU A 28 10.42 -15.42 -14.49
CA GLU A 28 10.29 -14.14 -13.83
C GLU A 28 9.68 -14.43 -12.45
N LEU A 29 9.64 -15.76 -12.17
CA LEU A 29 9.00 -16.36 -10.98
C LEU A 29 9.43 -15.72 -9.72
N ALA A 30 8.63 -14.87 -9.18
CA ALA A 30 8.92 -14.31 -7.92
C ALA A 30 7.66 -14.25 -7.05
N VAL A 31 7.81 -13.61 -5.90
CA VAL A 31 6.73 -13.45 -4.91
C VAL A 31 6.26 -12.04 -4.89
N GLU A 32 5.10 -11.84 -5.44
CA GLU A 32 4.51 -10.54 -5.51
C GLU A 32 3.16 -10.60 -4.86
N ILE A 33 3.04 -10.04 -3.68
CA ILE A 33 1.77 -10.00 -3.11
C ILE A 33 1.01 -8.81 -3.66
N LEU A 34 -0.02 -9.14 -4.43
CA LEU A 34 -0.86 -8.21 -5.18
C LEU A 34 -1.29 -6.97 -4.39
N GLU A 35 -1.84 -5.99 -5.11
CA GLU A 35 -2.37 -4.80 -4.53
C GLU A 35 -3.34 -5.12 -3.40
N LYS A 36 -4.17 -6.10 -3.68
CA LYS A 36 -5.20 -6.57 -2.76
C LYS A 36 -4.56 -7.30 -1.59
N GLY A 37 -3.28 -7.57 -1.75
CA GLY A 37 -2.51 -8.25 -0.73
C GLY A 37 -2.68 -9.78 -0.78
N GLN A 38 -2.61 -10.38 -2.00
CA GLN A 38 -2.74 -11.85 -2.19
C GLN A 38 -1.44 -12.42 -2.81
N VAL A 39 -1.21 -13.72 -2.65
CA VAL A 39 0.04 -14.36 -3.12
C VAL A 39 0.03 -14.54 -4.67
N ARG A 40 1.20 -14.36 -5.33
CA ARG A 40 1.30 -14.50 -6.81
C ARG A 40 2.60 -15.25 -7.24
N PHE A 41 2.48 -16.38 -7.98
CA PHE A 41 3.64 -17.05 -8.63
C PHE A 41 3.59 -16.70 -10.11
N TRP A 42 4.68 -16.22 -10.66
CA TRP A 42 4.68 -15.88 -12.09
C TRP A 42 6.05 -15.94 -12.71
N MET A 43 6.26 -16.93 -13.61
CA MET A 43 7.48 -17.09 -14.38
C MET A 43 7.08 -16.90 -15.85
N GLN A 44 7.97 -17.02 -16.84
CA GLN A 44 7.49 -16.75 -18.15
C GLN A 44 7.23 -18.06 -18.85
N ALA A 45 8.28 -18.61 -19.40
CA ALA A 45 8.32 -19.90 -20.06
C ALA A 45 7.98 -19.71 -21.49
N GLU A 46 9.01 -19.62 -22.26
CA GLU A 46 8.94 -19.32 -23.67
C GLU A 46 8.73 -20.52 -24.55
N LYS A 47 8.55 -21.67 -23.96
CA LYS A 47 8.43 -22.84 -24.78
C LYS A 47 7.67 -23.98 -24.14
N LEU A 48 6.55 -24.24 -24.75
CA LEU A 48 5.71 -25.33 -24.47
C LEU A 48 5.41 -26.08 -25.76
N SER A 49 6.22 -27.07 -26.06
CA SER A 49 6.08 -27.83 -27.28
C SER A 49 5.59 -29.26 -27.05
N SER A 50 6.53 -30.20 -26.96
CA SER A 50 6.19 -31.60 -26.76
C SER A 50 6.35 -31.97 -25.28
N ASN A 51 7.58 -32.29 -24.86
CA ASN A 51 7.88 -32.56 -23.46
C ASN A 51 7.42 -31.39 -22.60
N ALA A 52 8.06 -30.21 -22.85
CA ALA A 52 7.78 -28.92 -22.14
C ALA A 52 6.88 -29.09 -20.92
N LYS A 53 7.59 -29.41 -19.88
CA LYS A 53 7.01 -29.71 -18.59
C LYS A 53 7.36 -28.70 -17.52
N VAL A 54 6.40 -28.43 -16.68
CA VAL A 54 6.54 -27.56 -15.55
C VAL A 54 6.12 -28.36 -14.35
N SER A 55 6.88 -28.29 -13.32
CA SER A 55 6.61 -29.08 -12.16
C SER A 55 6.49 -28.23 -10.93
N TYR A 56 5.28 -28.19 -10.40
CA TYR A 56 4.97 -27.45 -9.21
C TYR A 56 5.43 -28.28 -8.04
N ILE A 57 6.32 -27.74 -7.26
CA ILE A 57 6.87 -28.46 -6.14
C ILE A 57 6.67 -27.64 -4.91
N PHE A 58 6.30 -28.28 -3.82
CA PHE A 58 6.08 -27.59 -2.60
C PHE A 58 6.71 -28.41 -1.50
N ASN A 59 7.53 -27.78 -0.69
CA ASN A 59 8.21 -28.44 0.44
C ASN A 59 8.93 -29.77 0.08
N GLU A 60 9.39 -29.92 -1.19
CA GLU A 60 10.23 -31.09 -1.62
C GLU A 60 9.34 -32.17 -2.21
N LYS A 61 8.09 -31.84 -2.42
CA LYS A 61 7.14 -32.73 -2.96
C LYS A 61 6.53 -32.07 -4.20
N GLU A 62 6.15 -32.86 -5.18
CA GLU A 62 5.49 -32.34 -6.37
C GLU A 62 4.00 -32.22 -6.11
N ILE A 63 3.45 -31.06 -6.37
CA ILE A 63 2.03 -30.84 -6.19
C ILE A 63 1.36 -30.76 -7.55
N PHE A 64 0.12 -30.31 -7.59
CA PHE A 64 -0.58 -30.18 -8.84
C PHE A 64 -1.68 -29.16 -8.68
N GLU A 65 -2.02 -28.49 -9.77
CA GLU A 65 -3.11 -27.53 -9.78
C GLU A 65 -4.37 -28.17 -9.20
N GLY A 66 -5.10 -27.42 -8.38
CA GLY A 66 -6.21 -28.01 -7.69
C GLY A 66 -6.83 -27.02 -6.73
N PRO A 67 -7.17 -27.44 -5.51
CA PRO A 67 -7.79 -26.57 -4.51
C PRO A 67 -6.79 -25.66 -3.76
N LYS A 68 -5.79 -26.27 -3.13
CA LYS A 68 -4.84 -25.52 -2.27
C LYS A 68 -3.96 -24.54 -3.06
N TYR A 69 -3.59 -24.87 -4.29
CA TYR A 69 -2.77 -24.01 -5.14
C TYR A 69 -3.39 -24.02 -6.49
N LYS A 70 -3.75 -22.87 -6.98
CA LYS A 70 -4.45 -22.79 -8.23
C LYS A 70 -3.57 -22.23 -9.32
N MET A 71 -3.56 -22.88 -10.44
CA MET A 71 -2.69 -22.51 -11.55
C MET A 71 -3.45 -22.34 -12.83
N HIS A 72 -3.01 -21.38 -13.63
CA HIS A 72 -3.55 -21.19 -14.94
C HIS A 72 -2.44 -20.84 -15.91
N ILE A 73 -2.25 -21.69 -16.89
CA ILE A 73 -1.22 -21.50 -17.90
C ILE A 73 -1.93 -21.46 -19.23
N ASP A 74 -1.65 -20.46 -20.05
CA ASP A 74 -2.43 -20.28 -21.28
C ASP A 74 -1.61 -20.66 -22.46
N ARG A 75 -0.81 -21.69 -22.28
CA ARG A 75 0.31 -22.13 -23.17
C ARG A 75 0.73 -21.17 -24.36
N ASN A 76 0.44 -19.85 -24.28
CA ASN A 76 1.02 -18.88 -25.19
C ASN A 76 2.41 -18.68 -24.78
N THR A 77 3.19 -19.54 -25.30
CA THR A 77 4.62 -19.67 -25.07
C THR A 77 4.81 -20.44 -23.80
N GLY A 78 3.82 -20.31 -22.94
CA GLY A 78 3.79 -21.00 -21.70
C GLY A 78 3.88 -20.11 -20.53
N ILE A 79 3.10 -19.04 -20.55
CA ILE A 79 3.05 -18.15 -19.44
C ILE A 79 2.37 -18.81 -18.25
N ILE A 80 3.06 -18.81 -17.13
CA ILE A 80 2.59 -19.45 -15.93
C ILE A 80 2.02 -18.46 -14.94
N GLU A 81 0.71 -18.45 -14.88
CA GLU A 81 0.01 -17.70 -13.88
C GLU A 81 -0.44 -18.66 -12.80
N MET A 82 -0.19 -18.34 -11.58
CA MET A 82 -0.50 -19.21 -10.49
C MET A 82 -0.53 -18.42 -9.21
N PHE A 83 -1.56 -18.60 -8.43
CA PHE A 83 -1.72 -17.81 -7.24
C PHE A 83 -1.84 -18.66 -6.00
N MET A 84 -1.82 -17.99 -4.87
CA MET A 84 -2.09 -18.57 -3.60
C MET A 84 -2.85 -17.51 -2.86
N GLU A 85 -3.86 -17.89 -2.19
CA GLU A 85 -4.75 -16.93 -1.61
C GLU A 85 -4.58 -16.78 -0.12
N LYS A 86 -3.65 -17.53 0.47
CA LYS A 86 -3.52 -17.55 1.91
C LYS A 86 -2.36 -18.50 2.28
N LEU A 87 -2.53 -19.21 3.36
CA LEU A 87 -1.54 -20.16 3.83
C LEU A 87 -2.17 -21.54 4.04
N GLN A 88 -2.99 -21.62 5.07
CA GLN A 88 -3.76 -22.83 5.50
C GLN A 88 -3.10 -24.22 5.20
N ASP A 89 -1.78 -24.30 5.05
CA ASP A 89 -1.12 -25.61 4.88
C ASP A 89 -0.91 -26.21 6.27
N GLU A 90 0.22 -26.85 6.54
CA GLU A 90 0.52 -27.34 7.88
C GLU A 90 1.58 -26.39 8.42
N ASP A 91 1.36 -25.13 8.06
CA ASP A 91 2.26 -23.97 8.35
C ASP A 91 3.44 -23.88 7.34
N GLU A 92 3.81 -25.01 6.71
CA GLU A 92 4.93 -25.04 5.75
C GLU A 92 4.69 -24.13 4.55
N GLY A 93 5.77 -23.74 3.86
CA GLY A 93 5.62 -22.88 2.71
C GLY A 93 6.86 -22.73 1.81
N THR A 94 7.03 -23.61 0.85
CA THR A 94 8.19 -23.51 -0.05
C THR A 94 7.86 -24.10 -1.42
N TYR A 95 7.88 -23.28 -2.48
CA TYR A 95 7.52 -23.81 -3.79
C TYR A 95 8.64 -23.66 -4.79
N THR A 96 9.01 -24.75 -5.45
CA THR A 96 10.05 -24.72 -6.45
C THR A 96 9.46 -25.07 -7.81
N PHE A 97 9.46 -24.13 -8.74
CA PHE A 97 9.04 -24.45 -10.08
C PHE A 97 10.21 -24.84 -10.90
N GLN A 98 10.26 -26.07 -11.27
CA GLN A 98 11.26 -26.53 -12.16
C GLN A 98 10.61 -26.69 -13.53
N ILE A 99 11.07 -25.94 -14.54
CA ILE A 99 10.47 -26.03 -15.85
C ILE A 99 11.51 -26.42 -16.82
N GLN A 100 11.12 -27.15 -17.80
CA GLN A 100 12.00 -27.50 -18.84
C GLN A 100 11.27 -27.58 -20.12
N ASP A 101 11.83 -27.00 -21.14
CA ASP A 101 11.21 -26.99 -22.41
C ASP A 101 12.14 -27.69 -23.38
N GLY A 102 11.64 -28.74 -23.99
CA GLY A 102 12.45 -29.50 -24.90
C GLY A 102 13.58 -30.22 -24.19
N LYS A 103 14.78 -29.61 -24.22
CA LYS A 103 15.96 -30.21 -23.62
C LYS A 103 16.60 -29.29 -22.54
N ALA A 104 16.00 -28.13 -22.29
CA ALA A 104 16.54 -27.19 -21.31
C ALA A 104 15.79 -27.36 -20.02
N THR A 105 16.38 -26.97 -18.88
CA THR A 105 15.73 -27.16 -17.57
C THR A 105 16.12 -26.02 -16.62
N GLY A 106 15.20 -25.57 -15.76
CA GLY A 106 15.48 -24.48 -14.87
C GLY A 106 14.75 -24.61 -13.55
N HIS A 107 15.38 -24.14 -12.47
CA HIS A 107 14.79 -24.21 -11.13
C HIS A 107 14.50 -22.80 -10.58
N SER A 108 13.48 -22.71 -9.76
CA SER A 108 13.04 -21.43 -9.24
C SER A 108 12.20 -21.66 -8.00
N THR A 109 12.68 -21.21 -6.86
CA THR A 109 11.99 -21.48 -5.61
C THR A 109 11.54 -20.22 -4.88
N LEU A 110 10.41 -20.37 -4.22
CA LEU A 110 9.83 -19.33 -3.41
C LEU A 110 9.58 -19.89 -2.05
N VAL A 111 9.66 -19.09 -1.05
CA VAL A 111 9.43 -19.56 0.31
C VAL A 111 8.41 -18.68 1.04
N LEU A 112 7.29 -19.29 1.40
CA LEU A 112 6.19 -18.62 2.04
C LEU A 112 5.77 -19.40 3.26
N ILE A 113 6.66 -19.54 4.18
CA ILE A 113 6.35 -20.26 5.37
C ILE A 113 5.95 -19.29 6.41
N GLY A 114 5.14 -19.74 7.34
CA GLY A 114 4.61 -18.86 8.40
C GLY A 114 5.53 -17.76 8.89
N ASP A 115 6.62 -18.11 9.55
CA ASP A 115 7.56 -17.10 10.08
C ASP A 115 8.08 -16.19 8.98
N VAL A 116 8.18 -16.74 7.80
CA VAL A 116 8.70 -16.03 6.65
C VAL A 116 7.63 -15.12 6.01
N TYR A 117 6.47 -15.67 5.69
CA TYR A 117 5.38 -14.94 5.08
C TYR A 117 5.06 -13.64 5.77
N LYS A 118 5.19 -13.62 7.08
CA LYS A 118 4.93 -12.41 7.82
C LYS A 118 5.82 -11.29 7.29
N LYS A 119 6.96 -11.71 6.79
CA LYS A 119 7.90 -10.84 6.23
C LYS A 119 7.38 -10.30 4.90
N LEU A 120 7.01 -11.18 3.96
CA LEU A 120 6.49 -10.74 2.68
C LEU A 120 5.16 -10.02 2.84
N GLN A 121 4.43 -10.27 3.92
CA GLN A 121 3.16 -9.61 4.09
C GLN A 121 3.36 -8.12 4.27
N LYS A 122 4.39 -7.70 5.03
CA LYS A 122 4.79 -6.30 5.05
C LYS A 122 4.82 -5.74 3.64
N GLU A 123 5.42 -6.51 2.74
CA GLU A 123 5.48 -6.14 1.30
C GLU A 123 4.04 -6.10 0.66
N ALA A 124 3.18 -6.94 1.16
CA ALA A 124 1.78 -6.87 0.76
C ALA A 124 1.20 -5.48 1.15
N GLU A 125 1.35 -5.14 2.42
CA GLU A 125 0.98 -3.82 2.88
C GLU A 125 1.84 -2.75 2.25
N PHE A 126 2.86 -3.17 1.51
CA PHE A 126 3.72 -2.22 0.84
C PHE A 126 2.88 -1.48 -0.13
N GLN A 127 2.04 -2.24 -0.89
CA GLN A 127 1.06 -1.62 -1.78
C GLN A 127 0.48 -0.36 -1.18
N ARG A 128 -0.03 -0.46 0.02
CA ARG A 128 -0.61 0.77 0.64
C ARG A 128 0.42 1.63 1.42
N GLN A 129 1.34 1.00 2.11
CA GLN A 129 2.27 1.66 2.94
C GLN A 129 3.60 1.95 2.22
N GLU A 130 3.53 2.15 0.91
CA GLU A 130 4.71 2.27 0.03
C GLU A 130 5.94 2.95 0.70
N TRP A 131 5.92 4.26 0.86
CA TRP A 131 7.09 4.96 1.38
C TRP A 131 6.98 5.45 2.83
N ILE A 132 5.76 5.74 3.30
CA ILE A 132 5.61 6.40 4.62
C ILE A 132 4.66 5.68 5.63
N ARG A 133 3.47 6.25 5.79
CA ARG A 133 2.43 5.81 6.70
C ARG A 133 1.10 5.98 6.01
N LYS A 134 1.12 5.74 4.70
CA LYS A 134 -0.01 5.92 3.80
C LYS A 134 -0.24 7.42 3.49
N GLN A 135 -0.73 7.67 2.25
CA GLN A 135 -1.11 9.03 1.72
C GLN A 135 -2.18 9.72 2.52
N GLY A 136 -2.11 9.55 3.79
CA GLY A 136 -3.01 10.18 4.67
C GLY A 136 -2.39 11.38 5.34
N PRO A 137 -2.33 11.41 6.68
CA PRO A 137 -1.73 12.52 7.41
C PRO A 137 -0.20 12.50 7.30
N HIS A 138 0.35 13.56 6.71
CA HIS A 138 1.80 13.68 6.53
C HIS A 138 2.14 14.97 5.80
N PHE A 139 1.29 15.31 4.83
CA PHE A 139 1.46 16.51 4.03
C PHE A 139 0.21 16.69 3.17
N ALA A 140 -0.95 16.70 3.81
CA ALA A 140 -2.20 16.84 3.09
C ALA A 140 -3.25 17.58 3.91
N GLU A 141 -2.89 18.02 5.09
CA GLU A 141 -3.84 18.66 5.99
C GLU A 141 -3.16 19.66 6.92
N TYR A 142 -3.31 20.94 6.69
CA TYR A 142 -2.63 21.91 7.55
C TYR A 142 -3.45 23.13 7.77
N LEU A 143 -3.53 23.58 9.01
CA LEU A 143 -4.26 24.79 9.34
C LEU A 143 -3.40 25.99 9.06
N SER A 144 -3.87 27.15 9.52
CA SER A 144 -3.21 28.43 9.37
C SER A 144 -4.22 29.52 9.63
N TRP A 145 -4.02 30.30 10.66
CA TRP A 145 -4.93 31.44 10.87
C TRP A 145 -4.33 32.79 10.51
N GLU A 146 -5.21 33.75 10.36
CA GLU A 146 -4.85 35.10 9.96
C GLU A 146 -5.66 36.12 10.75
N VAL A 147 -5.02 36.88 11.61
CA VAL A 147 -5.72 37.89 12.37
C VAL A 147 -6.14 39.05 11.47
N THR A 148 -7.39 39.43 11.58
CA THR A 148 -7.94 40.47 10.74
C THR A 148 -8.23 41.74 11.56
N GLY A 149 -8.60 42.82 10.87
CA GLY A 149 -8.79 44.13 11.50
C GLY A 149 -10.06 44.23 12.35
N GLU A 150 -10.53 43.12 12.87
CA GLU A 150 -11.68 43.13 13.76
C GLU A 150 -11.34 42.38 15.05
N SER A 151 -10.08 41.96 15.12
CA SER A 151 -9.50 41.23 16.25
C SER A 151 -9.93 39.78 16.24
N ASN A 152 -10.22 39.30 15.07
CA ASN A 152 -10.60 37.95 14.86
C ASN A 152 -9.44 37.23 14.18
N VAL A 153 -9.61 35.96 13.87
CA VAL A 153 -8.58 35.23 13.13
C VAL A 153 -9.24 34.32 12.09
N LEU A 154 -8.70 34.31 10.90
CA LEU A 154 -9.29 33.58 9.79
C LEU A 154 -8.68 32.17 9.69
N LEU A 155 -9.39 31.22 10.26
CA LEU A 155 -8.99 29.82 10.23
C LEU A 155 -9.18 29.20 8.89
N LYS A 156 -8.11 28.74 8.32
CA LYS A 156 -8.15 28.10 7.06
C LYS A 156 -7.15 26.95 7.07
N CYS A 157 -7.60 25.77 6.78
CA CYS A 157 -6.68 24.67 6.61
C CYS A 157 -6.58 24.32 5.14
N LYS A 158 -5.84 23.26 4.80
CA LYS A 158 -5.64 22.92 3.43
C LYS A 158 -5.52 21.43 3.31
N VAL A 159 -6.16 20.89 2.32
CA VAL A 159 -6.26 19.46 2.17
C VAL A 159 -5.77 18.98 0.80
N ALA A 160 -5.74 17.67 0.67
CA ALA A 160 -5.42 17.01 -0.56
C ALA A 160 -6.38 15.84 -0.72
N ASN A 161 -6.05 14.89 -1.58
CA ASN A 161 -6.82 13.66 -1.86
C ASN A 161 -7.77 13.22 -0.77
N ILE A 162 -9.04 13.45 -1.03
CA ILE A 162 -10.10 13.06 -0.16
C ILE A 162 -11.41 12.93 -0.98
N LYS A 163 -11.88 11.70 -1.15
CA LYS A 163 -13.03 11.44 -2.03
C LYS A 163 -14.22 10.80 -1.30
N LYS A 164 -14.71 11.42 -0.25
CA LYS A 164 -15.88 10.90 0.43
C LYS A 164 -17.06 11.87 0.34
N GLU A 165 -17.08 12.83 1.24
CA GLU A 165 -18.13 13.84 1.29
C GLU A 165 -17.50 15.23 1.30
N THR A 166 -17.32 15.77 2.48
CA THR A 166 -16.60 17.01 2.64
C THR A 166 -15.19 16.64 3.07
N HIS A 167 -14.38 17.59 3.45
CA HIS A 167 -13.05 17.30 3.91
C HIS A 167 -12.99 17.30 5.43
N ILE A 168 -12.73 18.46 5.99
CA ILE A 168 -12.60 18.59 7.40
C ILE A 168 -13.87 19.09 8.06
N VAL A 169 -13.73 19.47 9.31
CA VAL A 169 -14.75 20.02 10.13
C VAL A 169 -14.04 20.67 11.31
N TRP A 170 -14.51 21.85 11.72
CA TRP A 170 -13.84 22.67 12.74
C TRP A 170 -14.18 22.22 14.15
N TYR A 171 -13.30 21.46 14.73
CA TYR A 171 -13.47 21.04 16.10
C TYR A 171 -12.69 21.90 17.11
N LYS A 172 -12.75 21.43 18.33
CA LYS A 172 -12.14 22.10 19.47
C LYS A 172 -12.36 21.30 20.73
N ASP A 173 -11.49 20.30 20.94
CA ASP A 173 -11.60 19.40 22.09
C ASP A 173 -13.00 18.82 22.19
N GLU A 174 -13.34 17.96 21.25
CA GLU A 174 -14.65 17.28 21.20
C GLU A 174 -15.84 18.24 20.89
N ARG A 175 -15.59 19.56 20.79
CA ARG A 175 -16.66 20.49 20.50
C ARG A 175 -16.75 20.75 19.05
N GLU A 176 -17.89 20.45 18.50
CA GLU A 176 -18.11 20.60 17.11
C GLU A 176 -18.64 21.97 16.78
N ILE A 177 -17.83 22.73 16.10
CA ILE A 177 -18.26 23.99 15.58
C ILE A 177 -19.18 23.71 14.39
N SER A 178 -20.48 23.73 14.64
CA SER A 178 -21.46 23.37 13.63
C SER A 178 -21.71 24.48 12.62
N VAL A 179 -21.21 24.26 11.42
CA VAL A 179 -21.46 25.14 10.30
C VAL A 179 -22.06 24.27 9.18
N ASP A 180 -22.64 24.89 8.16
CA ASP A 180 -23.18 24.14 7.04
C ASP A 180 -22.11 23.23 6.47
N GLU A 181 -22.41 21.95 6.35
CA GLU A 181 -21.42 20.97 5.93
C GLU A 181 -21.42 20.71 4.42
N LYS A 182 -22.48 20.10 3.90
CA LYS A 182 -22.50 19.74 2.48
C LYS A 182 -23.66 20.35 1.71
N HIS A 183 -24.33 21.32 2.29
CA HIS A 183 -25.39 22.02 1.56
C HIS A 183 -24.77 23.19 0.81
N ASP A 184 -23.87 23.90 1.47
CA ASP A 184 -23.10 24.96 0.83
C ASP A 184 -21.75 24.40 0.38
N PHE A 185 -21.54 23.12 0.72
CA PHE A 185 -20.35 22.34 0.31
C PHE A 185 -19.06 22.73 1.05
N LYS A 186 -18.53 23.93 0.77
CA LYS A 186 -17.25 24.38 1.37
C LYS A 186 -16.12 23.42 0.98
N ASP A 187 -16.30 22.70 -0.13
CA ASP A 187 -15.34 21.69 -0.59
C ASP A 187 -13.96 22.30 -0.90
N GLY A 188 -12.93 21.45 -0.88
CA GLY A 188 -11.58 21.92 -1.09
C GLY A 188 -10.96 22.41 0.19
N ILE A 189 -10.73 23.71 0.27
CA ILE A 189 -10.17 24.33 1.45
C ILE A 189 -11.26 25.13 2.16
N CYS A 190 -11.13 25.34 3.46
CA CYS A 190 -12.18 26.07 4.18
C CYS A 190 -11.59 27.18 5.02
N THR A 191 -12.36 28.23 5.16
CA THR A 191 -11.99 29.41 5.89
C THR A 191 -13.12 29.86 6.81
N LEU A 192 -12.81 30.14 8.06
CA LEU A 192 -13.79 30.64 9.02
C LEU A 192 -13.28 31.86 9.75
N LEU A 193 -14.10 32.41 10.62
CA LEU A 193 -13.70 33.60 11.34
C LEU A 193 -13.90 33.50 12.85
N ILE A 194 -12.80 33.33 13.52
CA ILE A 194 -12.73 33.40 14.97
C ILE A 194 -12.99 34.82 15.37
N THR A 195 -14.22 35.16 15.52
CA THR A 195 -14.59 36.50 15.83
C THR A 195 -14.51 36.76 17.30
N GLU A 196 -13.29 37.00 17.73
CA GLU A 196 -12.92 37.18 19.12
C GLU A 196 -12.73 35.80 19.72
N PHE A 197 -11.68 35.63 20.45
CA PHE A 197 -11.33 34.34 21.00
C PHE A 197 -10.94 34.62 22.44
N SER A 198 -10.95 33.65 23.31
CA SER A 198 -10.71 33.96 24.71
C SER A 198 -9.72 33.00 25.31
N LYS A 199 -8.88 33.51 26.22
CA LYS A 199 -7.91 32.69 26.97
C LYS A 199 -8.58 31.51 27.74
N LYS A 200 -9.92 31.44 27.68
CA LYS A 200 -10.65 30.36 28.35
C LYS A 200 -11.45 29.55 27.31
N ASP A 201 -11.26 29.89 26.05
CA ASP A 201 -11.95 29.23 24.95
C ASP A 201 -10.94 28.75 23.91
N ALA A 202 -9.73 29.20 24.06
CA ALA A 202 -8.66 28.92 23.11
C ALA A 202 -8.14 27.51 23.23
N GLY A 203 -7.19 27.17 22.37
CA GLY A 203 -6.66 25.85 22.35
C GLY A 203 -6.50 25.37 20.94
N PHE A 204 -6.46 24.09 20.75
CA PHE A 204 -6.24 23.54 19.45
C PHE A 204 -7.51 23.43 18.63
N TYR A 205 -7.49 24.12 17.52
CA TYR A 205 -8.55 24.04 16.54
C TYR A 205 -8.35 22.72 15.82
N GLU A 206 -9.29 21.78 15.99
CA GLU A 206 -9.08 20.46 15.46
C GLU A 206 -9.63 20.29 14.06
N VAL A 207 -8.75 19.96 13.14
CA VAL A 207 -9.15 19.59 11.81
C VAL A 207 -9.43 18.10 11.79
N ILE A 208 -10.49 17.67 11.10
CA ILE A 208 -10.89 16.27 11.14
C ILE A 208 -11.02 15.72 9.72
N LEU A 209 -10.55 14.50 9.50
CA LEU A 209 -10.61 13.86 8.19
C LEU A 209 -11.35 12.56 8.29
N LYS A 210 -12.50 12.49 7.66
CA LYS A 210 -13.28 11.28 7.65
C LYS A 210 -13.66 10.89 6.24
N ASP A 211 -13.34 9.67 5.86
CA ASP A 211 -13.73 9.18 4.52
C ASP A 211 -14.55 7.89 4.65
N ASP A 212 -14.18 6.82 3.96
CA ASP A 212 -14.91 5.55 4.06
C ASP A 212 -14.14 4.64 4.99
N ARG A 213 -13.52 5.26 5.94
CA ARG A 213 -12.62 4.60 6.85
C ARG A 213 -12.87 5.09 8.26
N GLY A 214 -11.81 5.14 9.01
CA GLY A 214 -11.85 5.71 10.30
C GLY A 214 -11.78 7.21 10.19
N LYS A 215 -10.91 7.79 10.97
CA LYS A 215 -10.74 9.20 10.95
C LYS A 215 -9.28 9.54 10.88
N ASP A 216 -9.00 10.79 11.13
CA ASP A 216 -7.67 11.38 11.01
C ASP A 216 -7.75 12.84 11.33
N LYS A 217 -7.31 13.21 12.49
CA LYS A 217 -7.35 14.60 12.88
C LYS A 217 -6.01 15.03 13.39
N SER A 218 -5.56 16.22 12.99
CA SER A 218 -4.29 16.74 13.42
C SER A 218 -4.45 18.26 13.52
N ARG A 219 -3.97 18.84 14.59
CA ARG A 219 -4.18 20.26 14.82
C ARG A 219 -3.10 20.92 15.63
N LEU A 220 -3.08 22.26 15.61
CA LEU A 220 -2.17 23.02 16.47
C LEU A 220 -2.96 23.73 17.53
N LYS A 221 -2.28 24.33 18.48
CA LYS A 221 -2.93 25.02 19.57
C LYS A 221 -2.91 26.50 19.28
N LEU A 222 -4.07 27.08 19.15
CA LEU A 222 -4.19 28.45 18.74
C LEU A 222 -4.46 29.40 19.88
N VAL A 223 -3.63 30.44 19.92
CA VAL A 223 -3.74 31.51 20.91
C VAL A 223 -3.68 32.84 20.18
N ASP A 224 -4.71 33.63 20.32
CA ASP A 224 -4.75 34.96 19.72
C ASP A 224 -5.23 35.95 20.75
N GLU A 225 -5.99 35.41 21.66
CA GLU A 225 -6.59 36.13 22.75
C GLU A 225 -5.59 36.68 23.70
N ALA A 226 -4.41 36.23 23.53
CA ALA A 226 -3.32 36.65 24.35
C ALA A 226 -2.70 37.85 23.75
N PHE A 227 -3.03 38.06 22.52
CA PHE A 227 -2.49 39.15 21.77
C PHE A 227 -3.49 40.27 21.71
N GLN A 228 -4.73 39.86 21.62
CA GLN A 228 -5.88 40.70 21.69
C GLN A 228 -5.86 41.44 22.97
N ASP A 229 -5.38 40.76 23.95
CA ASP A 229 -5.28 41.27 25.28
C ASP A 229 -4.39 42.50 25.31
N LEU A 230 -3.50 42.55 24.35
CA LEU A 230 -2.49 43.59 24.24
C LEU A 230 -3.03 44.80 23.52
N MET A 231 -4.11 44.62 22.83
CA MET A 231 -4.72 45.70 22.06
C MET A 231 -5.96 46.25 22.77
N GLY A 1 -4.43 -12.70 -17.42
CA GLY A 1 -4.75 -11.45 -16.70
C GLY A 1 -5.62 -10.49 -17.51
N SER A 2 -6.76 -10.13 -16.95
CA SER A 2 -7.67 -9.22 -17.61
C SER A 2 -7.40 -7.78 -17.17
N HIS A 3 -7.20 -6.89 -18.15
CA HIS A 3 -6.86 -5.47 -17.89
C HIS A 3 -5.60 -5.37 -17.01
N MET A 4 -5.80 -5.05 -15.72
CA MET A 4 -4.73 -4.90 -14.71
C MET A 4 -3.50 -4.12 -15.21
N GLU A 5 -3.65 -3.29 -16.26
CA GLU A 5 -2.53 -2.55 -16.83
C GLU A 5 -1.86 -1.60 -15.81
N GLU A 6 -2.55 -1.26 -14.75
CA GLU A 6 -2.02 -0.40 -13.77
C GLU A 6 -1.32 -1.18 -12.67
N GLU A 7 -2.01 -2.17 -12.13
CA GLU A 7 -1.48 -3.05 -11.13
C GLU A 7 -0.24 -3.75 -11.65
N MET A 8 -0.18 -3.86 -12.95
CA MET A 8 0.85 -4.60 -13.64
C MET A 8 1.99 -3.71 -13.92
N LYS A 9 1.83 -2.43 -13.68
CA LYS A 9 2.85 -1.52 -14.05
C LYS A 9 3.79 -1.48 -12.86
N ARG A 10 3.21 -1.77 -11.69
CA ARG A 10 3.92 -1.78 -10.47
C ARG A 10 4.91 -2.91 -10.46
N LEU A 11 4.46 -4.10 -10.81
CA LEU A 11 5.32 -5.25 -10.97
C LEU A 11 6.57 -4.91 -11.78
N LEU A 12 6.38 -4.26 -12.93
CA LEU A 12 7.50 -3.86 -13.78
C LEU A 12 8.39 -2.86 -13.05
N ALA A 13 7.74 -1.88 -12.44
CA ALA A 13 8.41 -0.86 -11.67
C ALA A 13 9.19 -1.47 -10.50
N LEU A 14 8.64 -2.54 -9.93
CA LEU A 14 9.19 -3.19 -8.80
C LEU A 14 10.36 -4.04 -9.17
N SER A 15 10.24 -4.72 -10.28
CA SER A 15 11.26 -5.62 -10.75
C SER A 15 12.54 -4.88 -11.08
N GLN A 16 12.37 -3.69 -11.66
CA GLN A 16 13.49 -2.82 -12.04
C GLN A 16 14.28 -3.45 -13.22
N GLU A 17 14.67 -2.60 -14.17
CA GLU A 17 15.36 -3.07 -15.40
C GLU A 17 16.74 -3.67 -15.14
N HIS A 18 16.75 -4.92 -14.65
CA HIS A 18 17.96 -5.71 -14.40
C HIS A 18 17.59 -6.97 -13.62
N LYS A 19 17.09 -7.98 -14.31
CA LYS A 19 16.65 -9.19 -13.65
C LYS A 19 17.65 -10.32 -13.81
N PHE A 20 17.85 -11.04 -12.72
CA PHE A 20 18.81 -12.11 -12.67
C PHE A 20 18.16 -13.49 -12.47
N PRO A 21 17.20 -13.63 -11.48
CA PRO A 21 16.46 -14.92 -11.17
C PRO A 21 15.76 -15.62 -12.32
N THR A 22 16.38 -15.70 -13.40
CA THR A 22 15.84 -16.36 -14.52
C THR A 22 16.42 -17.78 -14.61
N VAL A 23 16.19 -18.41 -15.73
CA VAL A 23 16.51 -19.79 -16.02
C VAL A 23 16.44 -19.91 -17.55
N PRO A 24 16.60 -21.11 -18.17
CA PRO A 24 16.36 -21.25 -19.61
C PRO A 24 15.03 -20.59 -20.05
N THR A 25 14.04 -20.54 -19.14
CA THR A 25 12.78 -19.83 -19.40
C THR A 25 12.89 -18.41 -18.88
N LYS A 26 11.96 -17.63 -19.26
CA LYS A 26 11.82 -16.28 -18.84
C LYS A 26 11.20 -16.21 -17.42
N SER A 27 11.81 -16.84 -16.45
CA SER A 27 11.26 -16.84 -15.13
C SER A 27 11.48 -15.51 -14.40
N GLU A 28 10.40 -14.77 -14.26
CA GLU A 28 10.39 -13.58 -13.42
C GLU A 28 9.85 -13.99 -12.05
N LEU A 29 9.81 -15.32 -11.84
CA LEU A 29 9.22 -15.96 -10.66
C LEU A 29 9.85 -15.53 -9.40
N ALA A 30 9.20 -14.67 -8.69
CA ALA A 30 9.68 -14.33 -7.40
C ALA A 30 8.51 -14.18 -6.40
N VAL A 31 8.85 -13.66 -5.23
CA VAL A 31 7.90 -13.49 -4.12
C VAL A 31 7.51 -12.04 -3.98
N GLU A 32 6.26 -11.77 -4.28
CA GLU A 32 5.74 -10.46 -4.12
C GLU A 32 4.56 -10.52 -3.22
N ILE A 33 4.66 -10.00 -2.04
CA ILE A 33 3.49 -9.88 -1.29
C ILE A 33 2.80 -8.65 -1.78
N LEU A 34 1.82 -8.89 -2.57
CA LEU A 34 1.09 -7.88 -3.29
C LEU A 34 0.57 -6.78 -2.36
N GLU A 35 0.27 -5.60 -2.92
CA GLU A 35 -0.25 -4.46 -2.22
C GLU A 35 -1.40 -4.84 -1.29
N LYS A 36 -2.14 -5.82 -1.72
CA LYS A 36 -3.31 -6.30 -0.99
C LYS A 36 -2.87 -7.15 0.22
N GLY A 37 -1.55 -7.30 0.39
CA GLY A 37 -0.96 -8.02 1.50
C GLY A 37 -0.96 -9.55 1.40
N GLN A 38 -1.44 -10.12 0.27
CA GLN A 38 -1.39 -11.58 0.11
C GLN A 38 -0.24 -12.00 -0.82
N VAL A 39 0.13 -13.28 -0.76
CA VAL A 39 1.26 -13.86 -1.50
C VAL A 39 1.04 -13.84 -3.05
N ARG A 40 2.14 -13.85 -3.84
CA ARG A 40 2.04 -13.91 -5.32
C ARG A 40 3.22 -14.67 -5.96
N PHE A 41 2.93 -15.72 -6.77
CA PHE A 41 3.96 -16.39 -7.58
C PHE A 41 3.78 -15.94 -9.02
N TRP A 42 4.84 -15.49 -9.65
CA TRP A 42 4.73 -15.04 -11.04
C TRP A 42 6.02 -15.20 -11.79
N MET A 43 6.01 -16.13 -12.75
CA MET A 43 7.12 -16.38 -13.66
C MET A 43 6.57 -16.05 -15.04
N GLN A 44 7.34 -16.16 -16.13
CA GLN A 44 6.72 -15.76 -17.35
C GLN A 44 6.23 -16.98 -18.09
N ALA A 45 7.14 -17.59 -18.82
CA ALA A 45 6.91 -18.83 -19.58
C ALA A 45 6.34 -18.48 -20.90
N GLU A 46 7.23 -18.29 -21.81
CA GLU A 46 6.93 -17.81 -23.15
C GLU A 46 6.65 -18.91 -24.10
N LYS A 47 6.41 -20.05 -23.58
CA LYS A 47 6.19 -21.17 -24.44
C LYS A 47 5.40 -22.27 -23.78
N LEU A 48 4.23 -22.44 -24.30
CA LEU A 48 3.33 -23.47 -23.97
C LEU A 48 2.84 -24.13 -25.25
N SER A 49 3.52 -25.17 -25.63
CA SER A 49 3.18 -25.90 -26.85
C SER A 49 2.62 -27.31 -26.59
N SER A 50 3.49 -28.32 -26.60
CA SER A 50 3.06 -29.70 -26.39
C SER A 50 3.36 -30.13 -24.95
N ASN A 51 4.59 -30.57 -24.70
CA ASN A 51 5.02 -30.95 -23.35
C ASN A 51 4.74 -29.81 -22.38
N ALA A 52 5.37 -28.64 -22.69
CA ALA A 52 5.23 -27.37 -21.91
C ALA A 52 4.50 -27.54 -20.59
N LYS A 53 5.31 -27.90 -19.66
CA LYS A 53 4.90 -28.20 -18.32
C LYS A 53 5.50 -27.28 -17.28
N VAL A 54 4.69 -26.95 -16.30
CA VAL A 54 5.08 -26.16 -15.16
C VAL A 54 4.78 -26.97 -13.93
N SER A 55 5.79 -27.34 -13.26
CA SER A 55 5.65 -28.20 -12.12
C SER A 55 5.60 -27.40 -10.83
N TYR A 56 4.44 -27.40 -10.19
CA TYR A 56 4.27 -26.73 -8.93
C TYR A 56 4.73 -27.66 -7.84
N ILE A 57 5.75 -27.26 -7.11
CA ILE A 57 6.31 -28.09 -6.09
C ILE A 57 6.29 -27.36 -4.78
N PHE A 58 5.90 -28.02 -3.72
CA PHE A 58 5.87 -27.41 -2.42
C PHE A 58 6.43 -28.40 -1.45
N ASN A 59 7.29 -27.95 -0.57
CA ASN A 59 7.90 -28.79 0.47
C ASN A 59 8.55 -30.07 -0.07
N GLU A 60 8.97 -30.07 -1.36
CA GLU A 60 9.81 -31.16 -1.97
C GLU A 60 8.94 -32.13 -2.79
N LYS A 61 7.66 -31.85 -2.88
CA LYS A 61 6.77 -32.68 -3.64
C LYS A 61 5.96 -31.82 -4.57
N GLU A 62 5.36 -32.43 -5.55
CA GLU A 62 4.58 -31.73 -6.54
C GLU A 62 3.16 -31.57 -6.03
N ILE A 63 2.63 -30.39 -6.11
CA ILE A 63 1.25 -30.16 -5.66
C ILE A 63 0.36 -29.94 -6.86
N PHE A 64 -0.82 -29.39 -6.66
CA PHE A 64 -1.74 -29.18 -7.74
C PHE A 64 -2.66 -28.03 -7.38
N GLU A 65 -3.06 -27.26 -8.38
CA GLU A 65 -4.01 -26.16 -8.18
C GLU A 65 -5.21 -26.67 -7.41
N GLY A 66 -5.72 -25.90 -6.47
CA GLY A 66 -6.80 -26.36 -5.64
C GLY A 66 -7.17 -25.27 -4.65
N PRO A 67 -7.53 -25.62 -3.41
CA PRO A 67 -7.91 -24.62 -2.40
C PRO A 67 -6.71 -23.88 -1.77
N LYS A 68 -5.65 -24.62 -1.45
CA LYS A 68 -4.49 -24.01 -0.77
C LYS A 68 -3.53 -23.26 -1.72
N TYR A 69 -3.48 -23.69 -2.98
CA TYR A 69 -2.65 -23.02 -4.00
C TYR A 69 -3.45 -22.88 -5.23
N LYS A 70 -3.78 -21.69 -5.59
CA LYS A 70 -4.61 -21.45 -6.75
C LYS A 70 -3.80 -20.88 -7.87
N MET A 71 -3.96 -21.47 -9.03
CA MET A 71 -3.17 -21.07 -10.19
C MET A 71 -4.06 -20.64 -11.34
N HIS A 72 -3.54 -19.70 -12.12
CA HIS A 72 -4.19 -19.24 -13.30
C HIS A 72 -3.16 -19.00 -14.39
N ILE A 73 -3.18 -19.79 -15.42
CA ILE A 73 -2.27 -19.61 -16.52
C ILE A 73 -3.13 -19.29 -17.69
N ASP A 74 -2.91 -18.18 -18.32
CA ASP A 74 -3.86 -17.67 -19.32
C ASP A 74 -3.29 -17.91 -20.68
N ARG A 75 -2.63 -19.06 -20.80
CA ARG A 75 -1.75 -19.53 -21.90
C ARG A 75 -1.39 -18.53 -23.06
N ASN A 76 -1.50 -17.21 -22.82
CA ASN A 76 -0.94 -16.23 -23.72
C ASN A 76 0.52 -16.22 -23.50
N THR A 77 1.11 -17.14 -24.17
CA THR A 77 2.53 -17.44 -24.19
C THR A 77 2.84 -18.35 -23.05
N GLY A 78 2.01 -18.25 -22.03
CA GLY A 78 2.13 -19.08 -20.88
C GLY A 78 2.48 -18.33 -19.65
N ILE A 79 1.86 -17.20 -19.48
CA ILE A 79 2.04 -16.44 -18.28
C ILE A 79 1.43 -17.16 -17.09
N ILE A 80 2.23 -17.34 -16.08
CA ILE A 80 1.82 -18.05 -14.88
C ILE A 80 1.45 -17.12 -13.75
N GLU A 81 0.15 -17.00 -13.55
CA GLU A 81 -0.39 -16.26 -12.44
C GLU A 81 -0.73 -17.26 -11.36
N MET A 82 -0.28 -17.03 -10.15
CA MET A 82 -0.55 -17.92 -9.08
C MET A 82 -0.53 -17.17 -7.77
N PHE A 83 -1.43 -17.53 -6.92
CA PHE A 83 -1.61 -16.81 -5.68
C PHE A 83 -1.61 -17.72 -4.49
N MET A 84 -1.28 -17.15 -3.34
CA MET A 84 -1.40 -17.80 -2.09
C MET A 84 -1.96 -16.74 -1.19
N GLU A 85 -2.98 -17.07 -0.50
CA GLU A 85 -3.76 -16.08 0.22
C GLU A 85 -3.28 -15.86 1.62
N LYS A 86 -2.28 -16.63 2.05
CA LYS A 86 -1.81 -16.56 3.41
C LYS A 86 -0.69 -17.59 3.60
N LEU A 87 -0.66 -18.18 4.77
CA LEU A 87 0.30 -19.22 5.06
C LEU A 87 -0.44 -20.52 5.32
N GLN A 88 -1.10 -20.55 6.46
CA GLN A 88 -1.91 -21.65 7.02
C GLN A 88 -1.82 -23.04 6.32
N ASP A 89 -0.64 -23.47 5.90
CA ASP A 89 -0.47 -24.84 5.39
C ASP A 89 -0.29 -25.74 6.60
N GLU A 90 0.82 -26.46 6.70
CA GLU A 90 1.17 -27.12 7.93
C GLU A 90 2.29 -26.28 8.56
N ASP A 91 2.06 -24.98 8.48
CA ASP A 91 3.02 -23.92 8.89
C ASP A 91 4.32 -23.90 8.01
N GLU A 92 4.57 -24.98 7.24
CA GLU A 92 5.76 -25.04 6.34
C GLU A 92 5.58 -24.11 5.15
N GLY A 93 6.68 -23.78 4.44
CA GLY A 93 6.55 -22.88 3.31
C GLY A 93 7.74 -22.87 2.31
N THR A 94 7.71 -23.74 1.33
CA THR A 94 8.79 -23.78 0.33
C THR A 94 8.24 -24.24 -1.02
N TYR A 95 8.27 -23.37 -2.02
CA TYR A 95 7.72 -23.76 -3.32
C TYR A 95 8.74 -23.67 -4.42
N THR A 96 8.92 -24.74 -5.18
CA THR A 96 9.88 -24.76 -6.27
C THR A 96 9.14 -24.91 -7.61
N PHE A 97 9.17 -23.91 -8.45
CA PHE A 97 8.63 -24.06 -9.77
C PHE A 97 9.68 -24.46 -10.71
N GLN A 98 9.54 -25.62 -11.23
CA GLN A 98 10.40 -26.07 -12.26
C GLN A 98 9.59 -26.14 -13.55
N ILE A 99 9.93 -25.32 -14.55
CA ILE A 99 9.15 -25.25 -15.75
C ILE A 99 9.98 -25.68 -16.89
N GLN A 100 9.38 -26.27 -17.85
CA GLN A 100 10.05 -26.62 -19.01
C GLN A 100 9.13 -26.54 -20.18
N ASP A 101 9.59 -25.94 -21.22
CA ASP A 101 8.80 -25.77 -22.38
C ASP A 101 9.49 -26.47 -23.52
N GLY A 102 8.81 -27.42 -24.10
CA GLY A 102 9.40 -28.19 -25.16
C GLY A 102 10.57 -29.03 -24.67
N LYS A 103 11.78 -28.49 -24.79
CA LYS A 103 13.00 -29.22 -24.43
C LYS A 103 13.83 -28.49 -23.34
N ALA A 104 13.45 -27.27 -22.99
CA ALA A 104 14.24 -26.49 -22.02
C ALA A 104 13.68 -26.72 -20.66
N THR A 105 14.48 -26.51 -19.59
CA THR A 105 14.01 -26.75 -18.23
C THR A 105 14.65 -25.73 -17.25
N GLY A 106 13.89 -25.26 -16.26
CA GLY A 106 14.41 -24.27 -15.34
C GLY A 106 13.85 -24.44 -13.94
N HIS A 107 14.64 -24.11 -12.93
CA HIS A 107 14.21 -24.22 -11.53
C HIS A 107 14.09 -22.86 -10.87
N SER A 108 13.20 -22.78 -9.90
CA SER A 108 12.94 -21.54 -9.19
C SER A 108 12.26 -21.83 -7.88
N THR A 109 12.92 -21.52 -6.78
CA THR A 109 12.34 -21.84 -5.50
C THR A 109 12.13 -20.60 -4.64
N LEU A 110 11.05 -20.65 -3.89
CA LEU A 110 10.65 -19.59 -2.99
C LEU A 110 10.44 -20.17 -1.64
N VAL A 111 10.71 -19.42 -0.62
CA VAL A 111 10.54 -19.92 0.71
C VAL A 111 9.73 -18.94 1.56
N LEU A 112 8.58 -19.39 1.99
CA LEU A 112 7.66 -18.60 2.78
C LEU A 112 7.31 -19.33 4.03
N ILE A 113 8.28 -19.54 4.87
CA ILE A 113 8.03 -20.22 6.09
C ILE A 113 7.98 -19.24 7.20
N GLY A 114 7.29 -19.61 8.26
CA GLY A 114 7.07 -18.77 9.45
C GLY A 114 8.04 -17.62 9.62
N ASP A 115 9.16 -17.86 10.26
CA ASP A 115 10.14 -16.81 10.53
C ASP A 115 10.53 -16.03 9.29
N VAL A 116 10.63 -16.74 8.18
CA VAL A 116 11.02 -16.11 6.94
C VAL A 116 9.95 -15.17 6.43
N TYR A 117 8.72 -15.63 6.26
CA TYR A 117 7.64 -14.78 5.81
C TYR A 117 7.51 -13.53 6.61
N LYS A 118 7.73 -13.63 7.90
CA LYS A 118 7.63 -12.46 8.74
C LYS A 118 8.63 -11.42 8.31
N LYS A 119 9.69 -11.91 7.70
CA LYS A 119 10.70 -11.08 7.18
C LYS A 119 10.15 -10.31 5.98
N LEU A 120 9.63 -11.03 4.97
CA LEU A 120 9.08 -10.36 3.80
C LEU A 120 7.82 -9.60 4.17
N GLN A 121 7.17 -9.95 5.29
CA GLN A 121 5.94 -9.29 5.67
C GLN A 121 6.21 -7.82 6.01
N LYS A 122 7.28 -7.52 6.79
CA LYS A 122 7.70 -6.13 6.97
C LYS A 122 7.67 -5.40 5.66
N GLU A 123 8.41 -5.93 4.71
CA GLU A 123 8.44 -5.34 3.38
C GLU A 123 7.04 -5.35 2.71
N ALA A 124 6.24 -6.35 3.05
CA ALA A 124 4.85 -6.43 2.61
C ALA A 124 4.03 -5.25 3.16
N GLU A 125 4.17 -4.95 4.47
CA GLU A 125 3.59 -3.72 5.04
C GLU A 125 3.69 -2.55 4.07
N PHE A 126 4.89 -2.26 3.61
CA PHE A 126 5.12 -1.29 2.52
C PHE A 126 4.12 -1.49 1.38
N GLN A 127 4.11 -2.72 0.90
CA GLN A 127 3.27 -3.12 -0.23
C GLN A 127 1.84 -2.76 0.02
N ARG A 128 1.39 -3.01 1.21
CA ARG A 128 0.04 -2.74 1.58
C ARG A 128 -0.18 -1.27 1.91
N GLN A 129 0.42 -0.82 3.00
CA GLN A 129 0.19 0.46 3.50
C GLN A 129 1.25 1.52 3.13
N GLU A 130 2.48 1.34 3.62
CA GLU A 130 3.55 2.36 3.47
C GLU A 130 3.80 2.84 2.04
N TRP A 131 3.39 2.09 1.03
CA TRP A 131 3.59 2.53 -0.34
C TRP A 131 2.62 3.62 -0.75
N ILE A 132 1.33 3.29 -0.84
CA ILE A 132 0.35 4.21 -1.38
C ILE A 132 0.31 5.55 -0.63
N ARG A 133 -0.10 5.51 0.63
CA ARG A 133 -0.25 6.71 1.50
C ARG A 133 -1.02 7.87 0.80
N LYS A 134 -1.60 7.61 -0.38
CA LYS A 134 -2.27 8.67 -1.14
C LYS A 134 -3.17 8.12 -2.26
N GLN A 135 -2.63 7.23 -3.11
CA GLN A 135 -3.42 6.65 -4.23
C GLN A 135 -4.61 5.94 -3.69
N GLY A 136 -4.33 5.08 -2.73
CA GLY A 136 -5.36 4.35 -2.05
C GLY A 136 -6.27 5.28 -1.26
N PRO A 137 -6.07 5.40 0.06
CA PRO A 137 -6.80 6.37 0.86
C PRO A 137 -6.21 7.76 0.66
N HIS A 138 -7.05 8.75 0.46
CA HIS A 138 -6.59 10.10 0.19
C HIS A 138 -6.02 10.74 1.46
N PHE A 139 -4.80 11.26 1.34
CA PHE A 139 -4.15 11.96 2.42
C PHE A 139 -3.43 13.19 1.87
N ALA A 140 -4.21 14.19 1.53
CA ALA A 140 -3.69 15.44 0.99
C ALA A 140 -4.56 16.60 1.42
N GLU A 141 -4.86 16.62 2.71
CA GLU A 141 -5.68 17.65 3.32
C GLU A 141 -4.89 18.34 4.42
N TYR A 142 -4.69 19.62 4.35
CA TYR A 142 -3.85 20.28 5.36
C TYR A 142 -4.43 21.59 5.76
N LEU A 143 -4.26 21.97 7.02
CA LEU A 143 -4.77 23.24 7.50
C LEU A 143 -3.83 24.34 7.13
N SER A 144 -4.10 25.51 7.71
CA SER A 144 -3.32 26.73 7.57
C SER A 144 -4.17 27.89 8.01
N TRP A 145 -3.77 28.56 9.05
CA TRP A 145 -4.54 29.74 9.46
C TRP A 145 -3.91 31.04 9.02
N GLU A 146 -4.75 32.05 8.94
CA GLU A 146 -4.36 33.36 8.48
C GLU A 146 -4.87 34.43 9.44
N VAL A 147 -3.98 34.99 10.23
CA VAL A 147 -4.39 36.03 11.16
C VAL A 147 -4.79 37.30 10.41
N THR A 148 -5.92 37.85 10.80
CA THR A 148 -6.47 39.01 10.14
C THR A 148 -6.46 40.23 11.07
N GLY A 149 -6.71 41.41 10.52
CA GLY A 149 -6.66 42.66 11.27
C GLY A 149 -7.80 42.85 12.27
N GLU A 150 -8.18 41.78 12.95
CA GLU A 150 -9.21 41.84 13.97
C GLU A 150 -8.85 40.93 15.15
N SER A 151 -7.66 40.36 15.08
CA SER A 151 -7.10 39.45 16.08
C SER A 151 -7.74 38.10 15.99
N ASN A 152 -8.19 37.77 14.81
CA ASN A 152 -8.76 36.53 14.53
C ASN A 152 -7.80 35.74 13.67
N VAL A 153 -8.15 34.51 13.31
CA VAL A 153 -7.33 33.74 12.39
C VAL A 153 -8.24 32.97 11.43
N LEU A 154 -7.87 32.99 10.17
CA LEU A 154 -8.70 32.42 9.12
C LEU A 154 -8.29 30.99 8.83
N LEU A 155 -8.98 30.07 9.45
CA LEU A 155 -8.74 28.64 9.28
C LEU A 155 -9.19 28.17 7.95
N LYS A 156 -8.26 27.65 7.19
CA LYS A 156 -8.54 27.14 5.91
C LYS A 156 -7.66 25.92 5.67
N CYS A 157 -8.26 24.80 5.35
CA CYS A 157 -7.50 23.64 4.96
C CYS A 157 -7.49 23.51 3.46
N LYS A 158 -6.86 22.45 2.94
CA LYS A 158 -6.75 22.26 1.51
C LYS A 158 -6.90 20.80 1.23
N VAL A 159 -7.79 20.47 0.34
CA VAL A 159 -8.15 19.07 0.11
C VAL A 159 -7.64 18.55 -1.22
N ALA A 160 -7.66 17.24 -1.34
CA ALA A 160 -7.46 16.58 -2.60
C ALA A 160 -8.62 15.63 -2.83
N ASN A 161 -8.54 14.83 -3.90
CA ASN A 161 -9.54 13.81 -4.29
C ASN A 161 -10.39 13.27 -3.17
N ILE A 162 -11.61 13.74 -3.14
CA ILE A 162 -12.61 13.31 -2.20
C ILE A 162 -13.99 13.45 -2.87
N LYS A 163 -14.66 12.30 -3.07
CA LYS A 163 -15.91 12.28 -3.84
C LYS A 163 -17.09 11.69 -3.05
N LYS A 164 -16.99 11.63 -1.72
CA LYS A 164 -18.08 11.07 -0.94
C LYS A 164 -19.14 12.14 -0.63
N GLU A 165 -18.87 12.98 0.35
CA GLU A 165 -19.78 14.05 0.72
C GLU A 165 -19.01 15.36 0.82
N THR A 166 -18.68 15.76 2.03
CA THR A 166 -17.83 16.91 2.23
C THR A 166 -16.42 16.37 2.47
N HIS A 167 -15.50 17.21 2.85
CA HIS A 167 -14.15 16.77 3.12
C HIS A 167 -13.90 16.71 4.61
N ILE A 168 -13.51 17.84 5.17
CA ILE A 168 -13.19 17.93 6.55
C ILE A 168 -14.34 18.50 7.36
N VAL A 169 -14.04 18.76 8.60
CA VAL A 169 -14.93 19.35 9.55
C VAL A 169 -14.07 20.01 10.63
N TRP A 170 -14.45 21.22 11.04
CA TRP A 170 -13.65 22.02 11.99
C TRP A 170 -13.77 21.51 13.41
N TYR A 171 -12.83 20.72 13.80
CA TYR A 171 -12.79 20.25 15.16
C TYR A 171 -11.82 21.03 16.07
N LYS A 172 -11.76 20.52 17.27
CA LYS A 172 -10.96 21.08 18.35
C LYS A 172 -11.10 20.28 19.61
N ASP A 173 -10.24 19.29 19.76
CA ASP A 173 -10.22 18.44 20.96
C ASP A 173 -11.63 17.88 21.23
N GLU A 174 -12.16 17.12 20.26
CA GLU A 174 -13.51 16.53 20.33
C GLU A 174 -14.65 17.56 20.31
N ARG A 175 -14.34 18.83 20.09
CA ARG A 175 -15.38 19.84 19.97
C ARG A 175 -15.64 20.16 18.52
N GLU A 176 -16.85 19.92 18.10
CA GLU A 176 -17.24 20.19 16.75
C GLU A 176 -17.76 21.60 16.63
N ILE A 177 -17.01 22.45 15.96
CA ILE A 177 -17.50 23.76 15.65
C ILE A 177 -18.69 23.60 14.67
N SER A 178 -19.90 23.73 15.18
CA SER A 178 -21.09 23.50 14.38
C SER A 178 -21.45 24.71 13.49
N VAL A 179 -21.10 24.62 12.23
CA VAL A 179 -21.44 25.63 11.23
C VAL A 179 -22.24 24.96 10.12
N ASP A 180 -22.73 25.73 9.17
CA ASP A 180 -23.43 25.17 8.01
C ASP A 180 -22.55 24.12 7.33
N GLU A 181 -23.11 22.96 7.06
CA GLU A 181 -22.35 21.87 6.49
C GLU A 181 -22.34 21.91 4.95
N LYS A 182 -23.33 21.27 4.33
CA LYS A 182 -23.34 21.15 2.88
C LYS A 182 -24.40 22.05 2.21
N HIS A 183 -24.91 23.03 2.93
CA HIS A 183 -25.86 23.95 2.33
C HIS A 183 -25.12 25.06 1.61
N ASP A 184 -24.07 25.56 2.24
CA ASP A 184 -23.17 26.50 1.59
C ASP A 184 -22.06 25.71 0.90
N PHE A 185 -22.14 24.38 1.05
CA PHE A 185 -21.26 23.42 0.39
C PHE A 185 -19.88 23.33 1.02
N LYS A 186 -19.14 24.45 1.03
CA LYS A 186 -17.76 24.49 1.55
C LYS A 186 -16.87 23.52 0.75
N ASP A 187 -17.31 23.22 -0.47
CA ASP A 187 -16.64 22.26 -1.34
C ASP A 187 -15.23 22.70 -1.68
N GLY A 188 -14.33 21.73 -1.81
CA GLY A 188 -12.95 22.03 -2.08
C GLY A 188 -12.21 22.44 -0.83
N ILE A 189 -11.87 23.70 -0.76
CA ILE A 189 -11.20 24.25 0.40
C ILE A 189 -12.24 24.98 1.26
N CYS A 190 -12.01 25.02 2.57
CA CYS A 190 -12.98 25.67 3.45
C CYS A 190 -12.30 26.61 4.41
N THR A 191 -12.96 27.72 4.67
CA THR A 191 -12.43 28.74 5.53
C THR A 191 -13.37 29.07 6.69
N LEU A 192 -12.80 29.55 7.80
CA LEU A 192 -13.56 29.99 8.96
C LEU A 192 -12.81 31.10 9.69
N LEU A 193 -13.43 31.65 10.71
CA LEU A 193 -12.80 32.74 11.42
C LEU A 193 -12.78 32.59 12.95
N ILE A 194 -11.59 32.32 13.43
CA ILE A 194 -11.29 32.31 14.86
C ILE A 194 -11.33 33.74 15.34
N THR A 195 -12.49 34.18 15.69
CA THR A 195 -12.65 35.55 16.12
C THR A 195 -12.34 35.69 17.57
N GLU A 196 -11.05 35.81 17.81
CA GLU A 196 -10.47 35.84 19.12
C GLU A 196 -10.32 34.41 19.57
N PHE A 197 -9.22 34.11 20.16
CA PHE A 197 -8.92 32.78 20.59
C PHE A 197 -8.39 32.94 22.00
N SER A 198 -8.46 31.93 22.83
CA SER A 198 -8.04 32.10 24.22
C SER A 198 -7.19 30.95 24.66
N LYS A 199 -6.17 31.23 25.50
CA LYS A 199 -5.28 30.19 26.07
C LYS A 199 -6.04 29.03 26.76
N LYS A 200 -7.37 29.07 26.80
CA LYS A 200 -8.15 28.00 27.40
C LYS A 200 -9.07 27.40 26.37
N ASP A 201 -9.05 27.96 25.17
CA ASP A 201 -9.87 27.48 24.07
C ASP A 201 -8.97 27.05 22.93
N ALA A 202 -7.74 27.48 23.01
CA ALA A 202 -6.74 27.20 22.02
C ALA A 202 -6.30 25.75 22.07
N GLY A 203 -5.37 25.42 21.22
CA GLY A 203 -4.93 24.08 21.16
C GLY A 203 -4.96 23.60 19.76
N PHE A 204 -5.11 22.33 19.58
CA PHE A 204 -5.08 21.79 18.26
C PHE A 204 -6.43 21.78 17.57
N TYR A 205 -6.50 22.57 16.50
CA TYR A 205 -7.67 22.61 15.65
C TYR A 205 -7.59 21.35 14.79
N GLU A 206 -8.55 20.45 14.94
CA GLU A 206 -8.48 19.16 14.26
C GLU A 206 -9.23 19.13 12.94
N VAL A 207 -8.54 18.70 11.91
CA VAL A 207 -9.18 18.40 10.66
C VAL A 207 -9.59 16.93 10.69
N ILE A 208 -10.77 16.62 10.18
CA ILE A 208 -11.28 15.25 10.25
C ILE A 208 -11.69 14.79 8.86
N LEU A 209 -11.43 13.54 8.54
CA LEU A 209 -11.80 12.99 7.25
C LEU A 209 -12.69 11.80 7.45
N LYS A 210 -13.90 11.88 6.95
CA LYS A 210 -14.81 10.76 6.97
C LYS A 210 -15.45 10.56 5.61
N ASP A 211 -15.31 9.37 5.09
CA ASP A 211 -15.93 9.05 3.80
C ASP A 211 -16.92 7.87 3.98
N ASP A 212 -16.81 6.83 3.17
CA ASP A 212 -17.69 5.67 3.27
C ASP A 212 -16.89 4.55 3.92
N ARG A 213 -16.02 4.98 4.80
CA ARG A 213 -15.05 4.13 5.46
C ARG A 213 -14.80 4.64 6.87
N GLY A 214 -13.55 4.54 7.32
CA GLY A 214 -13.19 5.02 8.61
C GLY A 214 -13.01 6.52 8.63
N LYS A 215 -12.04 6.98 9.39
CA LYS A 215 -11.79 8.40 9.51
C LYS A 215 -10.32 8.67 9.46
N ASP A 216 -9.97 9.85 9.94
CA ASP A 216 -8.59 10.30 9.98
C ASP A 216 -8.55 11.74 10.41
N LYS A 217 -7.85 12.02 11.47
CA LYS A 217 -7.66 13.39 11.88
C LYS A 217 -6.20 13.66 12.12
N SER A 218 -5.69 14.76 11.61
CA SER A 218 -4.31 15.11 11.77
C SER A 218 -4.30 16.64 11.88
N ARG A 219 -3.65 17.14 12.89
CA ARG A 219 -3.71 18.58 13.16
C ARG A 219 -2.56 19.09 13.97
N LEU A 220 -2.44 20.42 14.02
CA LEU A 220 -1.42 21.08 14.82
C LEU A 220 -2.05 21.82 15.98
N LYS A 221 -1.24 22.38 16.84
CA LYS A 221 -1.74 23.13 17.98
C LYS A 221 -1.60 24.60 17.69
N LEU A 222 -2.72 25.29 17.65
CA LEU A 222 -2.77 26.65 17.26
C LEU A 222 -2.90 27.59 18.42
N VAL A 223 -2.05 28.62 18.41
CA VAL A 223 -2.03 29.63 19.42
C VAL A 223 -1.92 30.99 18.75
N ASP A 224 -2.86 31.85 19.04
CA ASP A 224 -2.86 33.20 18.51
C ASP A 224 -2.98 34.19 19.64
N GLU A 225 -3.69 33.78 20.66
CA GLU A 225 -3.97 34.57 21.85
C GLU A 225 -2.75 34.93 22.60
N ALA A 226 -1.73 34.25 22.28
CA ALA A 226 -0.48 34.45 22.91
C ALA A 226 0.26 35.55 22.24
N PHE A 227 -0.16 35.83 21.05
CA PHE A 227 0.50 36.82 20.25
C PHE A 227 -0.23 38.11 20.33
N GLN A 228 -1.53 37.99 20.37
CA GLN A 228 -2.45 39.08 20.52
C GLN A 228 -2.09 39.93 21.68
N ASP A 229 -1.54 39.30 22.65
CA ASP A 229 -1.19 39.97 23.86
C ASP A 229 -0.10 40.97 23.63
N LEU A 230 0.69 40.72 22.63
CA LEU A 230 1.82 41.57 22.29
C LEU A 230 1.60 42.37 21.01
N MET A 231 1.24 41.65 19.95
CA MET A 231 1.00 42.23 18.62
C MET A 231 2.09 43.22 18.21
N GLY A 1 27.03 13.97 -17.60
CA GLY A 1 27.50 14.98 -16.65
C GLY A 1 28.96 14.81 -16.31
N SER A 2 29.59 15.86 -15.83
CA SER A 2 30.99 15.80 -15.46
C SER A 2 31.16 15.25 -14.05
N HIS A 3 32.03 14.24 -13.92
CA HIS A 3 32.28 13.56 -12.64
C HIS A 3 31.06 12.70 -12.27
N MET A 4 30.95 12.30 -10.99
CA MET A 4 29.82 11.48 -10.48
C MET A 4 29.61 10.17 -11.28
N GLU A 5 30.65 9.77 -12.04
CA GLU A 5 30.61 8.59 -12.87
C GLU A 5 30.22 7.33 -12.08
N GLU A 6 30.51 7.32 -10.81
CA GLU A 6 30.22 6.18 -9.99
C GLU A 6 28.76 6.15 -9.60
N GLU A 7 28.24 7.28 -9.20
CA GLU A 7 26.85 7.44 -8.90
C GLU A 7 25.98 6.92 -10.04
N MET A 8 26.46 7.06 -11.26
CA MET A 8 25.69 6.63 -12.42
C MET A 8 25.97 5.18 -12.68
N LYS A 9 27.22 4.81 -12.40
CA LYS A 9 27.62 3.44 -12.50
C LYS A 9 26.68 2.55 -11.66
N ARG A 10 26.18 3.11 -10.55
CA ARG A 10 25.23 2.45 -9.70
C ARG A 10 23.90 2.25 -10.44
N LEU A 11 23.41 3.32 -11.05
CA LEU A 11 22.17 3.28 -11.83
C LEU A 11 22.27 2.22 -12.94
N LEU A 12 23.44 2.15 -13.57
CA LEU A 12 23.68 1.16 -14.62
C LEU A 12 23.65 -0.25 -14.04
N ALA A 13 24.27 -0.39 -12.89
CA ALA A 13 24.30 -1.66 -12.18
C ALA A 13 22.88 -2.04 -11.75
N LEU A 14 22.08 -1.03 -11.45
CA LEU A 14 20.74 -1.20 -10.99
C LEU A 14 19.79 -1.57 -12.12
N SER A 15 20.21 -1.32 -13.34
CA SER A 15 19.37 -1.57 -14.50
C SER A 15 19.14 -3.08 -14.71
N GLN A 16 20.02 -3.89 -14.10
CA GLN A 16 19.90 -5.36 -14.15
C GLN A 16 19.94 -5.89 -15.59
N GLU A 17 20.88 -5.37 -16.37
CA GLU A 17 21.04 -5.78 -17.77
C GLU A 17 21.79 -7.12 -17.86
N HIS A 18 21.40 -8.07 -17.01
CA HIS A 18 22.05 -9.37 -16.97
C HIS A 18 21.13 -10.38 -16.32
N LYS A 19 21.47 -11.65 -16.42
CA LYS A 19 20.68 -12.68 -15.78
C LYS A 19 21.56 -13.83 -15.32
N PHE A 20 21.01 -14.63 -14.42
CA PHE A 20 21.70 -15.73 -13.81
C PHE A 20 20.67 -16.81 -13.35
N PRO A 21 19.63 -16.41 -12.53
CA PRO A 21 18.58 -17.35 -12.01
C PRO A 21 17.65 -17.92 -13.05
N THR A 22 18.15 -18.42 -14.08
CA THR A 22 17.34 -19.00 -15.08
C THR A 22 17.24 -20.51 -14.85
N VAL A 23 16.71 -21.20 -15.83
CA VAL A 23 16.43 -22.61 -15.80
C VAL A 23 16.28 -23.04 -17.28
N PRO A 24 16.01 -24.34 -17.61
CA PRO A 24 15.78 -24.75 -19.01
C PRO A 24 14.77 -23.86 -19.76
N THR A 25 13.85 -23.23 -19.00
CA THR A 25 12.89 -22.30 -19.57
C THR A 25 13.59 -20.95 -19.86
N LYS A 26 13.09 -19.89 -19.25
CA LYS A 26 13.61 -18.57 -19.45
C LYS A 26 13.34 -17.71 -18.21
N SER A 27 13.26 -18.36 -17.05
CA SER A 27 12.91 -17.73 -15.80
C SER A 27 13.67 -16.44 -15.50
N GLU A 28 12.89 -15.44 -15.19
CA GLU A 28 13.35 -14.16 -14.73
C GLU A 28 12.79 -14.03 -13.31
N LEU A 29 12.32 -15.19 -12.82
CA LEU A 29 11.54 -15.32 -11.59
C LEU A 29 12.30 -15.02 -10.36
N ALA A 30 12.13 -13.84 -9.87
CA ALA A 30 12.67 -13.47 -8.60
C ALA A 30 11.67 -12.52 -7.97
N VAL A 31 11.60 -12.40 -6.61
CA VAL A 31 10.76 -11.40 -5.94
C VAL A 31 11.18 -9.97 -6.19
N GLU A 32 10.22 -9.20 -6.68
CA GLU A 32 10.41 -7.78 -6.91
C GLU A 32 9.38 -7.02 -6.12
N ILE A 33 9.77 -6.35 -5.07
CA ILE A 33 8.82 -5.54 -4.40
C ILE A 33 8.70 -4.24 -5.16
N LEU A 34 7.58 -4.11 -5.80
CA LEU A 34 7.28 -2.99 -6.66
C LEU A 34 7.47 -1.65 -6.00
N GLU A 35 7.49 -0.63 -6.83
CA GLU A 35 7.54 0.72 -6.43
C GLU A 35 6.38 1.02 -5.48
N LYS A 36 5.29 0.33 -5.69
CA LYS A 36 4.09 0.50 -4.88
C LYS A 36 4.23 -0.32 -3.60
N GLY A 37 5.36 -1.00 -3.50
CA GLY A 37 5.69 -1.80 -2.33
C GLY A 37 4.82 -3.03 -2.17
N GLN A 38 4.63 -3.76 -3.27
CA GLN A 38 3.87 -5.02 -3.25
C GLN A 38 4.78 -6.17 -3.68
N VAL A 39 4.30 -7.37 -3.55
CA VAL A 39 5.08 -8.57 -3.87
C VAL A 39 4.90 -8.93 -5.37
N ARG A 40 5.98 -9.34 -6.07
CA ARG A 40 5.87 -9.71 -7.51
C ARG A 40 6.64 -11.00 -7.87
N PHE A 41 5.93 -11.98 -8.44
CA PHE A 41 6.57 -13.20 -9.02
C PHE A 41 6.58 -13.05 -10.53
N TRP A 42 7.73 -13.11 -11.15
CA TRP A 42 7.77 -12.97 -12.61
C TRP A 42 8.86 -13.80 -13.25
N MET A 43 8.44 -14.82 -14.00
CA MET A 43 9.32 -15.68 -14.78
C MET A 43 8.97 -15.43 -16.23
N GLN A 44 9.58 -16.07 -17.21
CA GLN A 44 9.24 -15.72 -18.53
C GLN A 44 8.25 -16.72 -19.07
N ALA A 45 8.78 -17.78 -19.64
CA ALA A 45 8.03 -18.92 -20.17
C ALA A 45 7.64 -18.60 -21.57
N GLU A 46 8.46 -19.08 -22.45
CA GLU A 46 8.35 -18.81 -23.86
C GLU A 46 7.53 -19.84 -24.58
N LYS A 47 6.94 -20.72 -23.86
CA LYS A 47 6.18 -21.74 -24.51
C LYS A 47 5.06 -22.28 -23.66
N LEU A 48 3.89 -21.99 -24.15
CA LEU A 48 2.65 -22.47 -23.66
C LEU A 48 1.84 -23.05 -24.80
N SER A 49 1.96 -24.33 -25.00
CA SER A 49 1.25 -25.01 -26.08
C SER A 49 0.22 -26.03 -25.56
N SER A 50 0.67 -27.22 -25.23
CA SER A 50 -0.23 -28.25 -24.75
C SER A 50 0.02 -28.54 -23.27
N ASN A 51 1.00 -29.41 -22.98
CA ASN A 51 1.41 -29.69 -21.60
C ASN A 51 1.71 -28.40 -20.87
N ALA A 52 2.75 -27.69 -21.38
CA ALA A 52 3.21 -26.37 -20.87
C ALA A 52 2.52 -25.96 -19.58
N LYS A 53 3.15 -26.43 -18.54
CA LYS A 53 2.66 -26.28 -17.19
C LYS A 53 3.62 -25.53 -16.29
N VAL A 54 3.04 -24.73 -15.42
CA VAL A 54 3.74 -23.99 -14.41
C VAL A 54 3.01 -24.28 -13.13
N SER A 55 3.71 -24.69 -12.16
CA SER A 55 3.09 -25.05 -10.93
C SER A 55 3.41 -24.06 -9.84
N TYR A 56 2.38 -23.35 -9.40
CA TYR A 56 2.51 -22.42 -8.30
C TYR A 56 2.54 -23.21 -7.03
N ILE A 57 3.63 -23.15 -6.34
CA ILE A 57 3.82 -23.91 -5.14
C ILE A 57 4.13 -22.98 -4.01
N PHE A 58 3.56 -23.21 -2.85
CA PHE A 58 3.81 -22.39 -1.70
C PHE A 58 4.00 -23.30 -0.52
N ASN A 59 5.07 -23.10 0.22
CA ASN A 59 5.39 -23.87 1.44
C ASN A 59 5.34 -25.40 1.27
N GLU A 60 5.58 -25.91 0.03
CA GLU A 60 5.74 -27.38 -0.27
C GLU A 60 4.45 -27.95 -0.88
N LYS A 61 3.52 -27.09 -1.20
CA LYS A 61 2.28 -27.52 -1.75
C LYS A 61 1.92 -26.64 -2.94
N GLU A 62 1.04 -27.10 -3.79
CA GLU A 62 0.62 -26.36 -4.96
C GLU A 62 -0.56 -25.46 -4.59
N ILE A 63 -0.51 -24.19 -4.99
CA ILE A 63 -1.62 -23.29 -4.69
C ILE A 63 -2.37 -22.93 -5.96
N PHE A 64 -3.19 -21.89 -5.89
CA PHE A 64 -3.97 -21.48 -7.03
C PHE A 64 -4.28 -20.00 -6.93
N GLU A 65 -4.43 -19.37 -8.08
CA GLU A 65 -4.81 -17.96 -8.13
C GLU A 65 -6.14 -17.75 -7.41
N GLY A 66 -6.32 -16.61 -6.79
CA GLY A 66 -7.53 -16.35 -6.05
C GLY A 66 -7.44 -15.01 -5.37
N PRO A 67 -7.72 -14.94 -4.06
CA PRO A 67 -7.60 -13.70 -3.30
C PRO A 67 -6.19 -13.45 -2.76
N LYS A 68 -5.56 -14.49 -2.19
CA LYS A 68 -4.25 -14.36 -1.55
C LYS A 68 -3.07 -14.35 -2.54
N TYR A 69 -3.28 -14.97 -3.70
CA TYR A 69 -2.25 -15.03 -4.75
C TYR A 69 -2.93 -14.81 -6.05
N LYS A 70 -2.68 -13.72 -6.69
CA LYS A 70 -3.33 -13.42 -7.94
C LYS A 70 -2.36 -13.58 -9.09
N MET A 71 -2.76 -14.33 -10.07
CA MET A 71 -1.91 -14.60 -11.21
C MET A 71 -2.56 -14.14 -12.49
N HIS A 72 -1.71 -13.78 -13.44
CA HIS A 72 -2.16 -13.43 -14.75
C HIS A 72 -1.12 -13.86 -15.77
N ILE A 73 -1.50 -14.80 -16.61
CA ILE A 73 -0.63 -15.27 -17.67
C ILE A 73 -1.36 -14.96 -18.93
N ASP A 74 -0.74 -14.30 -19.84
CA ASP A 74 -1.46 -13.79 -21.01
C ASP A 74 -0.96 -14.48 -22.24
N ARG A 75 -0.81 -15.81 -22.07
CA ARG A 75 -0.18 -16.81 -22.98
C ARG A 75 0.56 -16.29 -24.27
N ASN A 76 1.02 -15.05 -24.31
CA ASN A 76 1.90 -14.61 -25.35
C ASN A 76 3.24 -15.06 -24.96
N THR A 77 3.48 -16.26 -25.35
CA THR A 77 4.67 -17.04 -25.11
C THR A 77 4.51 -17.70 -23.79
N GLY A 78 3.80 -17.00 -22.92
CA GLY A 78 3.53 -17.50 -21.62
C GLY A 78 4.19 -16.72 -20.55
N ILE A 79 4.10 -15.42 -20.65
CA ILE A 79 4.61 -14.56 -19.61
C ILE A 79 3.75 -14.70 -18.34
N ILE A 80 4.42 -14.98 -17.26
CA ILE A 80 3.76 -15.20 -15.99
C ILE A 80 3.86 -14.01 -15.09
N GLU A 81 2.76 -13.28 -14.99
CA GLU A 81 2.67 -12.21 -14.04
C GLU A 81 1.90 -12.70 -12.84
N MET A 82 2.38 -12.40 -11.68
CA MET A 82 1.76 -12.83 -10.48
C MET A 82 2.11 -11.88 -9.37
N PHE A 83 1.13 -11.60 -8.55
CA PHE A 83 1.29 -10.60 -7.52
C PHE A 83 0.83 -11.08 -6.17
N MET A 84 1.31 -10.39 -5.16
CA MET A 84 0.90 -10.58 -3.80
C MET A 84 0.94 -9.19 -3.21
N GLU A 85 -0.05 -8.87 -2.48
CA GLU A 85 -0.24 -7.48 -2.07
C GLU A 85 0.18 -7.24 -0.63
N LYS A 86 0.69 -8.26 0.02
CA LYS A 86 1.10 -8.15 1.40
C LYS A 86 1.62 -9.51 1.88
N LEU A 87 1.50 -9.75 3.15
CA LEU A 87 1.89 -11.03 3.71
C LEU A 87 0.66 -11.78 4.17
N GLN A 88 0.07 -11.29 5.25
CA GLN A 88 -1.14 -11.81 5.90
C GLN A 88 -1.43 -13.34 5.75
N ASP A 89 -0.38 -14.15 5.55
CA ASP A 89 -0.54 -15.60 5.51
C ASP A 89 -0.51 -16.09 6.96
N GLU A 90 0.08 -17.24 7.23
CA GLU A 90 0.22 -17.70 8.58
C GLU A 90 1.68 -17.47 8.98
N ASP A 91 2.24 -16.38 8.41
CA ASP A 91 3.64 -15.95 8.63
C ASP A 91 4.64 -16.72 7.75
N GLU A 92 4.21 -17.81 7.11
CA GLU A 92 5.08 -18.58 6.22
C GLU A 92 5.27 -17.85 4.89
N GLY A 93 6.29 -18.22 4.13
CA GLY A 93 6.50 -17.55 2.87
C GLY A 93 7.54 -18.19 1.96
N THR A 94 7.10 -19.07 1.07
CA THR A 94 8.02 -19.74 0.14
C THR A 94 7.28 -20.23 -1.08
N TYR A 95 7.63 -19.73 -2.26
CA TYR A 95 6.92 -20.13 -3.46
C TYR A 95 7.85 -20.72 -4.48
N THR A 96 7.59 -21.95 -4.88
CA THR A 96 8.44 -22.64 -5.83
C THR A 96 7.75 -22.76 -7.18
N PHE A 97 8.21 -22.04 -8.19
CA PHE A 97 7.67 -22.23 -9.50
C PHE A 97 8.48 -23.22 -10.26
N GLN A 98 7.91 -24.33 -10.46
CA GLN A 98 8.50 -25.34 -11.31
C GLN A 98 7.76 -25.28 -12.64
N ILE A 99 8.45 -25.01 -13.76
CA ILE A 99 7.76 -24.87 -15.03
C ILE A 99 8.38 -25.80 -16.01
N GLN A 100 7.57 -26.25 -16.91
CA GLN A 100 8.02 -27.03 -17.98
C GLN A 100 7.21 -26.76 -19.18
N ASP A 101 7.85 -26.60 -20.29
CA ASP A 101 7.18 -26.30 -21.50
C ASP A 101 7.55 -27.37 -22.52
N GLY A 102 6.54 -28.04 -22.99
CA GLY A 102 6.78 -29.15 -23.87
C GLY A 102 7.37 -30.33 -23.12
N LYS A 103 8.69 -30.52 -23.24
CA LYS A 103 9.37 -31.64 -22.58
C LYS A 103 10.49 -31.17 -21.63
N ALA A 104 10.72 -29.86 -21.55
CA ALA A 104 11.79 -29.34 -20.71
C ALA A 104 11.23 -29.02 -19.35
N THR A 105 12.07 -28.94 -18.31
CA THR A 105 11.56 -28.67 -16.95
C THR A 105 12.56 -27.84 -16.14
N GLY A 106 12.08 -26.90 -15.33
CA GLY A 106 12.97 -26.04 -14.59
C GLY A 106 12.42 -25.70 -13.21
N HIS A 107 13.31 -25.54 -12.25
CA HIS A 107 12.93 -25.22 -10.88
C HIS A 107 13.32 -23.79 -10.52
N SER A 108 12.48 -23.16 -9.76
CA SER A 108 12.64 -21.80 -9.33
C SER A 108 11.90 -21.64 -8.04
N THR A 109 12.38 -20.81 -7.13
CA THR A 109 11.71 -20.67 -5.87
C THR A 109 12.01 -19.32 -5.25
N LEU A 110 11.04 -18.81 -4.53
CA LEU A 110 11.14 -17.54 -3.88
C LEU A 110 10.82 -17.72 -2.45
N VAL A 111 11.43 -16.96 -1.60
CA VAL A 111 11.17 -17.11 -0.20
C VAL A 111 11.04 -15.76 0.51
N LEU A 112 9.94 -15.62 1.24
CA LEU A 112 9.69 -14.46 2.04
C LEU A 112 8.88 -14.81 3.23
N ILE A 113 9.58 -15.29 4.16
CA ILE A 113 9.05 -15.63 5.41
C ILE A 113 9.45 -14.55 6.35
N GLY A 114 8.73 -14.45 7.46
CA GLY A 114 8.97 -13.40 8.49
C GLY A 114 10.32 -12.71 8.40
N ASP A 115 11.37 -13.34 8.90
CA ASP A 115 12.71 -12.74 8.88
C ASP A 115 13.13 -12.33 7.47
N VAL A 116 12.88 -13.20 6.52
CA VAL A 116 13.32 -12.98 5.16
C VAL A 116 12.66 -11.76 4.51
N TYR A 117 11.33 -11.68 4.45
CA TYR A 117 10.66 -10.54 3.84
C TYR A 117 11.12 -9.22 4.37
N LYS A 118 11.38 -9.16 5.67
CA LYS A 118 11.83 -7.92 6.26
C LYS A 118 13.14 -7.50 5.63
N LYS A 119 13.87 -8.48 5.17
CA LYS A 119 15.12 -8.28 4.51
C LYS A 119 14.86 -7.64 3.14
N LEU A 120 13.99 -8.25 2.33
CA LEU A 120 13.67 -7.68 1.03
C LEU A 120 12.97 -6.33 1.18
N GLN A 121 12.28 -6.12 2.29
CA GLN A 121 11.50 -4.89 2.47
C GLN A 121 12.40 -3.63 2.56
N LYS A 122 13.49 -3.66 3.36
CA LYS A 122 14.43 -2.53 3.34
C LYS A 122 14.88 -2.20 1.90
N GLU A 123 15.26 -3.21 1.14
CA GLU A 123 15.65 -2.95 -0.24
C GLU A 123 14.41 -2.45 -1.03
N ALA A 124 13.25 -2.99 -0.66
CA ALA A 124 12.01 -2.53 -1.18
C ALA A 124 11.80 -1.06 -0.92
N GLU A 125 12.08 -0.56 0.34
CA GLU A 125 12.00 0.92 0.63
C GLU A 125 12.40 1.79 -0.55
N PHE A 126 13.57 1.52 -1.15
CA PHE A 126 13.95 2.21 -2.43
C PHE A 126 12.76 2.29 -3.40
N GLN A 127 12.06 1.20 -3.48
CA GLN A 127 10.90 1.08 -4.38
C GLN A 127 9.63 1.57 -3.69
N ARG A 128 9.38 1.02 -2.50
CA ARG A 128 8.18 1.20 -1.66
C ARG A 128 7.79 2.66 -1.41
N GLN A 129 8.70 3.59 -1.67
CA GLN A 129 8.50 4.97 -1.39
C GLN A 129 7.08 5.48 -1.76
N GLU A 130 6.48 4.90 -2.82
CA GLU A 130 5.12 5.23 -3.27
C GLU A 130 4.09 5.11 -2.10
N TRP A 131 4.48 4.37 -1.06
CA TRP A 131 3.70 4.12 0.17
C TRP A 131 2.99 5.39 0.72
N ILE A 132 3.68 6.48 0.58
CA ILE A 132 3.23 7.83 0.97
C ILE A 132 1.84 8.15 0.42
N ARG A 133 1.48 7.46 -0.67
CA ARG A 133 0.13 7.48 -1.26
C ARG A 133 -0.84 6.85 -0.28
N LYS A 134 -0.67 7.26 0.99
CA LYS A 134 -1.24 6.68 2.21
C LYS A 134 -2.24 5.56 1.98
N GLN A 135 -1.78 4.52 1.35
CA GLN A 135 -2.64 3.33 1.17
C GLN A 135 -2.63 2.44 2.41
N GLY A 136 -2.20 3.01 3.53
CA GLY A 136 -2.10 2.29 4.78
C GLY A 136 -3.45 1.93 5.39
N PRO A 137 -3.44 1.47 6.64
CA PRO A 137 -4.65 1.02 7.35
C PRO A 137 -5.58 2.18 7.73
N HIS A 138 -6.90 1.97 7.52
CA HIS A 138 -7.93 2.96 7.86
C HIS A 138 -7.80 4.23 6.97
N PHE A 139 -7.29 4.05 5.76
CA PHE A 139 -7.10 5.16 4.85
C PHE A 139 -8.45 5.67 4.31
N ALA A 140 -8.96 6.74 4.90
CA ALA A 140 -10.21 7.32 4.44
C ALA A 140 -10.22 8.86 4.60
N GLU A 141 -10.43 9.33 5.82
CA GLU A 141 -10.47 10.76 6.10
C GLU A 141 -9.39 11.13 7.11
N TYR A 142 -8.70 12.22 6.91
CA TYR A 142 -7.64 12.59 7.85
C TYR A 142 -7.60 14.08 8.01
N LEU A 143 -7.37 14.55 9.25
CA LEU A 143 -7.25 15.98 9.50
C LEU A 143 -5.92 16.47 9.02
N SER A 144 -5.60 17.70 9.38
CA SER A 144 -4.36 18.38 9.05
C SER A 144 -4.56 19.86 9.24
N TRP A 145 -3.84 20.46 10.16
CA TRP A 145 -3.96 21.94 10.28
C TRP A 145 -2.75 22.71 9.78
N GLU A 146 -2.99 23.98 9.57
CA GLU A 146 -2.01 24.89 9.02
C GLU A 146 -2.24 26.31 9.54
N VAL A 147 -1.23 26.87 10.17
CA VAL A 147 -1.36 28.22 10.68
C VAL A 147 -1.27 29.25 9.57
N THR A 148 -2.22 30.15 9.56
CA THR A 148 -2.32 31.18 8.56
C THR A 148 -1.83 32.52 9.13
N GLY A 149 -1.65 33.51 8.25
CA GLY A 149 -1.15 34.82 8.65
C GLY A 149 -2.18 35.65 9.44
N GLU A 150 -2.80 35.03 10.42
CA GLU A 150 -3.74 35.72 11.28
C GLU A 150 -3.76 35.07 12.67
N SER A 151 -2.79 34.20 12.89
CA SER A 151 -2.59 33.48 14.14
C SER A 151 -3.65 32.40 14.34
N ASN A 152 -4.25 31.99 13.26
CA ASN A 152 -5.25 30.98 13.28
C ASN A 152 -4.66 29.69 12.70
N VAL A 153 -5.47 28.62 12.63
CA VAL A 153 -5.04 27.39 11.97
C VAL A 153 -6.18 26.85 11.13
N LEU A 154 -5.87 26.46 9.92
CA LEU A 154 -6.86 26.04 8.94
C LEU A 154 -7.06 24.52 8.99
N LEU A 155 -8.04 24.13 9.77
CA LEU A 155 -8.44 22.73 9.86
C LEU A 155 -9.05 22.24 8.59
N LYS A 156 -8.57 21.12 8.14
CA LYS A 156 -9.03 20.53 6.93
C LYS A 156 -8.78 19.04 6.98
N CYS A 157 -9.82 18.26 6.76
CA CYS A 157 -9.63 16.83 6.59
C CYS A 157 -9.56 16.48 5.12
N LYS A 158 -9.36 15.20 4.81
CA LYS A 158 -9.23 14.74 3.44
C LYS A 158 -10.09 13.53 3.30
N VAL A 159 -11.00 13.55 2.37
CA VAL A 159 -11.98 12.49 2.27
C VAL A 159 -11.55 11.38 1.35
N ALA A 160 -12.14 10.22 1.55
CA ALA A 160 -12.00 9.14 0.66
C ALA A 160 -13.37 8.54 0.33
N ASN A 161 -13.30 7.50 -0.45
CA ASN A 161 -14.46 6.68 -0.87
C ASN A 161 -15.56 6.57 0.22
N ILE A 162 -16.67 7.32 0.03
CA ILE A 162 -17.81 7.32 0.98
C ILE A 162 -19.01 8.11 0.39
N LYS A 163 -20.22 7.50 0.43
CA LYS A 163 -21.43 8.14 -0.18
C LYS A 163 -22.71 8.04 0.70
N LYS A 164 -22.86 8.91 1.70
CA LYS A 164 -24.11 8.95 2.50
C LYS A 164 -24.78 10.33 2.42
N GLU A 165 -24.28 11.25 3.24
CA GLU A 165 -24.76 12.63 3.28
C GLU A 165 -23.59 13.59 3.11
N THR A 166 -23.01 14.01 4.21
CA THR A 166 -21.77 14.73 4.17
C THR A 166 -20.68 13.72 4.48
N HIS A 167 -19.45 14.16 4.62
CA HIS A 167 -18.39 13.25 4.99
C HIS A 167 -18.15 13.30 6.48
N ILE A 168 -17.29 14.21 6.90
CA ILE A 168 -16.96 14.37 8.29
C ILE A 168 -17.79 15.48 8.92
N VAL A 169 -17.43 15.77 10.14
CA VAL A 169 -18.01 16.81 10.91
C VAL A 169 -17.05 17.13 12.04
N TRP A 170 -16.68 18.40 12.15
CA TRP A 170 -15.73 18.86 13.15
C TRP A 170 -16.36 18.82 14.51
N TYR A 171 -15.63 18.37 15.50
CA TYR A 171 -16.13 18.31 16.83
C TYR A 171 -15.04 18.77 17.80
N LYS A 172 -15.27 18.49 19.06
CA LYS A 172 -14.34 18.86 20.10
C LYS A 172 -14.83 18.37 21.43
N ASP A 173 -14.72 17.07 21.63
CA ASP A 173 -15.17 16.42 22.85
C ASP A 173 -16.62 16.78 23.14
N GLU A 174 -17.53 16.21 22.36
CA GLU A 174 -18.98 16.41 22.51
C GLU A 174 -19.45 17.78 22.00
N ARG A 175 -18.54 18.65 21.60
CA ARG A 175 -18.91 19.95 21.08
C ARG A 175 -18.95 19.96 19.57
N GLU A 176 -20.11 20.25 19.05
CA GLU A 176 -20.31 20.30 17.64
C GLU A 176 -20.10 21.71 17.14
N ILE A 177 -18.98 21.91 16.45
CA ILE A 177 -18.68 23.20 15.88
C ILE A 177 -19.80 23.64 14.91
N SER A 178 -20.37 24.82 15.15
CA SER A 178 -21.50 25.32 14.38
C SER A 178 -21.08 25.95 13.04
N VAL A 179 -21.23 25.19 11.96
CA VAL A 179 -20.99 25.69 10.60
C VAL A 179 -22.12 25.22 9.70
N ASP A 180 -22.38 25.95 8.60
CA ASP A 180 -23.37 25.53 7.61
C ASP A 180 -23.09 24.10 7.18
N GLU A 181 -24.09 23.25 7.31
CA GLU A 181 -23.93 21.85 7.01
C GLU A 181 -23.91 21.57 5.50
N LYS A 182 -25.06 21.23 4.95
CA LYS A 182 -25.15 20.84 3.57
C LYS A 182 -25.83 21.89 2.70
N HIS A 183 -25.81 23.15 3.13
CA HIS A 183 -26.36 24.21 2.32
C HIS A 183 -25.26 24.76 1.43
N ASP A 184 -24.08 24.96 2.00
CA ASP A 184 -22.89 25.36 1.25
C ASP A 184 -22.15 24.10 0.80
N PHE A 185 -22.77 22.95 1.06
CA PHE A 185 -22.27 21.63 0.66
C PHE A 185 -21.08 21.15 1.50
N LYS A 186 -19.94 21.82 1.35
CA LYS A 186 -18.69 21.40 2.02
C LYS A 186 -18.28 20.00 1.56
N ASP A 187 -18.78 19.59 0.39
CA ASP A 187 -18.56 18.26 -0.14
C ASP A 187 -17.11 18.06 -0.56
N GLY A 188 -16.65 16.83 -0.39
CA GLY A 188 -15.27 16.49 -0.67
C GLY A 188 -14.40 16.71 0.55
N ILE A 189 -13.59 17.73 0.51
CA ILE A 189 -12.75 18.09 1.62
C ILE A 189 -13.35 19.33 2.30
N CYS A 190 -13.10 19.49 3.59
CA CYS A 190 -13.68 20.64 4.29
C CYS A 190 -12.65 21.35 5.13
N THR A 191 -12.70 22.66 5.11
CA THR A 191 -11.80 23.49 5.83
C THR A 191 -12.53 24.42 6.80
N LEU A 192 -11.84 24.83 7.85
CA LEU A 192 -12.36 25.76 8.82
C LEU A 192 -11.25 26.64 9.35
N LEU A 193 -11.60 27.60 10.18
CA LEU A 193 -10.58 28.49 10.69
C LEU A 193 -10.57 28.67 12.22
N ILE A 194 -9.64 27.98 12.80
CA ILE A 194 -9.32 28.13 14.23
C ILE A 194 -8.74 29.51 14.41
N THR A 195 -9.59 30.48 14.61
CA THR A 195 -9.16 31.83 14.75
C THR A 195 -8.74 32.12 16.16
N GLU A 196 -7.52 31.68 16.43
CA GLU A 196 -6.92 31.74 17.75
C GLU A 196 -7.48 30.56 18.54
N PHE A 197 -6.65 29.90 19.25
CA PHE A 197 -7.04 28.72 19.98
C PHE A 197 -6.54 28.89 21.40
N SER A 198 -6.99 28.11 22.34
CA SER A 198 -6.64 28.34 23.72
C SER A 198 -6.25 27.06 24.40
N LYS A 199 -5.22 27.10 25.25
CA LYS A 199 -4.80 25.91 26.03
C LYS A 199 -5.95 25.32 26.88
N LYS A 200 -7.08 26.01 26.93
CA LYS A 200 -8.23 25.55 27.70
C LYS A 200 -9.37 25.21 26.77
N ASP A 201 -9.15 25.45 25.48
CA ASP A 201 -10.15 25.15 24.45
C ASP A 201 -9.58 24.09 23.52
N ALA A 202 -8.28 23.92 23.60
CA ALA A 202 -7.54 23.00 22.77
C ALA A 202 -7.79 21.58 23.17
N GLY A 203 -7.20 20.68 22.42
CA GLY A 203 -7.41 19.29 22.65
C GLY A 203 -7.60 18.58 21.36
N PHE A 204 -8.37 17.53 21.35
CA PHE A 204 -8.55 16.78 20.16
C PHE A 204 -9.73 17.26 19.33
N TYR A 205 -9.42 17.82 18.18
CA TYR A 205 -10.41 18.22 17.21
C TYR A 205 -10.87 16.93 16.56
N GLU A 206 -12.15 16.57 16.79
CA GLU A 206 -12.62 15.27 16.35
C GLU A 206 -13.23 15.28 14.97
N VAL A 207 -12.78 14.35 14.15
CA VAL A 207 -13.39 14.10 12.86
C VAL A 207 -14.32 12.91 13.03
N ILE A 208 -15.52 12.99 12.46
CA ILE A 208 -16.53 11.94 12.68
C ILE A 208 -17.04 11.42 11.34
N LEU A 209 -17.26 10.12 11.25
CA LEU A 209 -17.75 9.52 10.02
C LEU A 209 -18.98 8.71 10.31
N LYS A 210 -20.08 9.07 9.71
CA LYS A 210 -21.29 8.31 9.84
C LYS A 210 -21.94 8.14 8.49
N ASP A 211 -22.32 6.92 8.18
CA ASP A 211 -23.02 6.65 6.93
C ASP A 211 -24.40 6.11 7.27
N ASP A 212 -24.85 5.00 6.70
CA ASP A 212 -26.14 4.43 7.05
C ASP A 212 -25.87 3.28 8.03
N ARG A 213 -24.84 3.46 8.79
CA ARG A 213 -24.31 2.44 9.66
C ARG A 213 -23.86 3.05 10.96
N GLY A 214 -22.80 2.50 11.50
CA GLY A 214 -22.21 3.01 12.70
C GLY A 214 -21.46 4.30 12.48
N LYS A 215 -20.38 4.46 13.21
CA LYS A 215 -19.60 5.66 13.12
C LYS A 215 -18.16 5.32 12.91
N ASP A 216 -17.32 6.29 13.13
CA ASP A 216 -15.89 6.18 12.96
C ASP A 216 -15.29 7.54 13.21
N LYS A 217 -14.70 7.74 14.34
CA LYS A 217 -14.09 9.02 14.62
C LYS A 217 -12.71 8.82 15.11
N SER A 218 -11.77 9.57 14.59
CA SER A 218 -10.41 9.43 14.97
C SER A 218 -9.81 10.82 14.84
N ARG A 219 -9.09 11.22 15.83
CA ARG A 219 -8.56 12.58 15.87
C ARG A 219 -7.33 12.71 16.69
N LEU A 220 -6.64 13.83 16.52
CA LEU A 220 -5.43 14.09 17.28
C LEU A 220 -5.65 15.21 18.25
N LYS A 221 -4.63 15.50 19.02
CA LYS A 221 -4.71 16.56 20.01
C LYS A 221 -4.00 17.78 19.44
N LEU A 222 -4.73 18.84 19.24
CA LEU A 222 -4.22 20.01 18.60
C LEU A 222 -3.89 21.12 19.56
N VAL A 223 -2.68 21.63 19.41
CA VAL A 223 -2.16 22.71 20.21
C VAL A 223 -1.52 23.72 19.29
N ASP A 224 -1.98 24.94 19.37
CA ASP A 224 -1.43 26.01 18.58
C ASP A 224 -1.20 27.22 19.44
N GLU A 225 -2.03 27.32 20.43
CA GLU A 225 -2.06 28.39 21.38
C GLU A 225 -0.80 28.49 22.17
N ALA A 226 -0.07 27.46 22.13
CA ALA A 226 1.16 27.37 22.84
C ALA A 226 2.25 27.89 21.99
N PHE A 227 1.96 27.98 20.73
CA PHE A 227 2.91 28.41 19.77
C PHE A 227 2.70 29.82 19.45
N GLN A 228 1.45 30.19 19.42
CA GLN A 228 0.99 31.52 19.21
C GLN A 228 1.67 32.48 20.09
N ASP A 229 2.01 32.02 21.23
CA ASP A 229 2.66 32.81 22.21
C ASP A 229 4.01 33.31 21.70
N LEU A 230 4.61 32.49 20.87
CA LEU A 230 5.93 32.74 20.34
C LEU A 230 5.90 33.05 18.84
N MET A 231 5.30 32.15 18.07
CA MET A 231 5.20 32.24 16.63
C MET A 231 6.58 32.47 15.99
N GLY A 1 -4.06 -4.29 -34.00
CA GLY A 1 -3.41 -5.31 -34.85
C GLY A 1 -2.09 -5.77 -34.26
N SER A 2 -1.05 -5.82 -35.08
CA SER A 2 0.26 -6.23 -34.63
C SER A 2 0.94 -5.13 -33.85
N HIS A 3 0.78 -3.90 -34.34
CA HIS A 3 1.38 -2.72 -33.72
C HIS A 3 2.92 -2.85 -33.68
N MET A 4 3.45 -3.73 -34.53
CA MET A 4 4.90 -3.94 -34.63
C MET A 4 5.46 -4.56 -33.32
N GLU A 5 4.59 -5.20 -32.54
CA GLU A 5 4.97 -5.77 -31.26
C GLU A 5 6.04 -6.87 -31.43
N GLU A 6 5.79 -7.77 -32.34
CA GLU A 6 6.70 -8.84 -32.60
C GLU A 6 8.02 -8.36 -33.21
N GLU A 7 7.93 -7.61 -34.29
CA GLU A 7 9.08 -7.01 -34.92
C GLU A 7 9.88 -6.14 -33.95
N MET A 8 9.24 -5.69 -32.89
CA MET A 8 9.92 -4.82 -31.97
C MET A 8 10.76 -5.61 -31.07
N LYS A 9 10.27 -6.78 -30.68
CA LYS A 9 11.04 -7.68 -29.92
C LYS A 9 12.30 -8.09 -30.63
N ARG A 10 12.33 -7.97 -31.96
CA ARG A 10 13.52 -8.27 -32.70
C ARG A 10 14.65 -7.41 -32.17
N LEU A 11 14.52 -6.11 -32.29
CA LEU A 11 15.47 -5.17 -31.70
C LEU A 11 15.82 -5.49 -30.22
N LEU A 12 14.81 -5.84 -29.42
CA LEU A 12 15.05 -6.16 -28.02
C LEU A 12 15.84 -7.46 -27.88
N ALA A 13 15.54 -8.41 -28.75
CA ALA A 13 16.19 -9.69 -28.75
C ALA A 13 17.67 -9.53 -29.06
N LEU A 14 17.99 -8.47 -29.80
CA LEU A 14 19.34 -8.17 -30.16
C LEU A 14 20.10 -7.66 -28.98
N SER A 15 19.44 -6.82 -28.23
CA SER A 15 20.04 -6.15 -27.10
C SER A 15 20.17 -7.13 -25.92
N GLN A 16 19.12 -7.95 -25.74
CA GLN A 16 19.09 -9.01 -24.71
C GLN A 16 19.07 -8.45 -23.28
N GLU A 17 18.84 -9.33 -22.34
CA GLU A 17 18.87 -9.00 -20.93
C GLU A 17 19.97 -9.82 -20.29
N HIS A 18 20.10 -9.71 -18.97
CA HIS A 18 21.06 -10.53 -18.27
C HIS A 18 20.36 -11.68 -17.54
N LYS A 19 19.33 -11.33 -16.75
CA LYS A 19 18.49 -12.30 -15.99
C LYS A 19 19.28 -13.31 -15.20
N PHE A 20 19.23 -13.15 -13.92
CA PHE A 20 19.93 -14.00 -13.02
C PHE A 20 19.16 -15.31 -12.69
N PRO A 21 17.88 -15.22 -12.25
CA PRO A 21 17.05 -16.41 -11.88
C PRO A 21 16.62 -17.30 -12.99
N THR A 22 17.22 -17.18 -14.09
CA THR A 22 16.82 -17.95 -15.21
C THR A 22 17.62 -19.25 -15.28
N VAL A 23 17.52 -19.90 -16.40
CA VAL A 23 18.11 -21.20 -16.69
C VAL A 23 18.17 -21.28 -18.23
N PRO A 24 18.65 -22.40 -18.85
CA PRO A 24 18.62 -22.55 -20.33
C PRO A 24 17.26 -22.14 -20.94
N THR A 25 16.18 -22.32 -20.17
CA THR A 25 14.86 -21.88 -20.57
C THR A 25 14.75 -20.35 -20.36
N LYS A 26 13.73 -19.95 -19.62
CA LYS A 26 13.50 -18.58 -19.32
C LYS A 26 12.74 -18.49 -18.00
N SER A 27 13.25 -19.10 -16.97
CA SER A 27 12.58 -19.12 -15.71
C SER A 27 12.56 -17.74 -15.05
N GLU A 28 11.44 -17.06 -15.23
CA GLU A 28 11.19 -15.81 -14.53
C GLU A 28 10.58 -16.18 -13.16
N LEU A 29 10.70 -17.48 -12.85
CA LEU A 29 10.11 -18.15 -11.68
C LEU A 29 10.61 -17.59 -10.41
N ALA A 30 9.83 -16.76 -9.81
CA ALA A 30 10.13 -16.25 -8.51
C ALA A 30 8.79 -16.06 -7.80
N VAL A 31 8.72 -16.23 -6.46
CA VAL A 31 7.48 -15.97 -5.70
C VAL A 31 7.11 -14.49 -5.70
N GLU A 32 5.89 -14.20 -6.12
CA GLU A 32 5.34 -12.86 -6.11
C GLU A 32 4.11 -12.86 -5.25
N ILE A 33 4.17 -12.30 -4.06
CA ILE A 33 2.99 -12.20 -3.30
C ILE A 33 2.19 -11.00 -3.78
N LEU A 34 1.08 -11.33 -4.41
CA LEU A 34 0.18 -10.37 -5.01
C LEU A 34 -0.21 -9.25 -4.05
N GLU A 35 -0.79 -8.21 -4.61
CA GLU A 35 -1.24 -7.08 -3.85
C GLU A 35 -2.20 -7.51 -2.76
N LYS A 36 -2.92 -8.57 -3.04
CA LYS A 36 -3.90 -9.13 -2.12
C LYS A 36 -3.18 -9.94 -1.03
N GLY A 37 -1.87 -9.99 -1.15
CA GLY A 37 -1.03 -10.69 -0.20
C GLY A 37 -1.17 -12.24 -0.33
N GLN A 38 -1.16 -12.76 -1.58
CA GLN A 38 -1.32 -14.22 -1.86
C GLN A 38 -0.07 -14.78 -2.59
N VAL A 39 0.07 -16.11 -2.59
CA VAL A 39 1.26 -16.77 -3.19
C VAL A 39 1.15 -16.87 -4.76
N ARG A 40 2.27 -16.57 -5.50
CA ARG A 40 2.26 -16.71 -6.99
C ARG A 40 3.57 -17.34 -7.54
N PHE A 41 3.48 -18.47 -8.28
CA PHE A 41 4.64 -19.07 -8.99
C PHE A 41 4.54 -18.69 -10.46
N TRP A 42 5.59 -18.15 -11.04
CA TRP A 42 5.57 -17.86 -12.47
C TRP A 42 6.95 -17.90 -13.08
N MET A 43 7.15 -18.91 -13.93
CA MET A 43 8.36 -19.08 -14.72
C MET A 43 7.91 -18.84 -16.14
N GLN A 44 8.76 -18.86 -17.15
CA GLN A 44 8.22 -18.53 -18.41
C GLN A 44 7.95 -19.81 -19.17
N ALA A 45 8.94 -20.25 -19.89
CA ALA A 45 8.95 -21.49 -20.66
C ALA A 45 8.40 -21.21 -22.01
N GLU A 46 9.30 -20.93 -22.88
CA GLU A 46 9.02 -20.47 -24.23
C GLU A 46 8.86 -21.61 -25.18
N LYS A 47 8.76 -22.77 -24.65
CA LYS A 47 8.67 -23.92 -25.49
C LYS A 47 7.98 -25.08 -24.83
N LEU A 48 6.85 -25.38 -25.38
CA LEU A 48 6.04 -26.48 -25.05
C LEU A 48 5.65 -27.22 -26.32
N SER A 49 6.49 -28.14 -26.73
CA SER A 49 6.24 -28.87 -27.96
C SER A 49 5.79 -30.34 -27.70
N SER A 50 6.73 -31.28 -27.69
CA SER A 50 6.40 -32.70 -27.49
C SER A 50 6.76 -33.16 -26.07
N ASN A 51 8.04 -33.49 -25.86
CA ASN A 51 8.52 -33.87 -24.51
C ASN A 51 8.16 -32.78 -23.52
N ALA A 52 8.60 -31.54 -23.85
CA ALA A 52 8.30 -30.30 -23.07
C ALA A 52 7.62 -30.57 -21.74
N LYS A 53 8.48 -30.75 -20.80
CA LYS A 53 8.10 -31.13 -19.47
C LYS A 53 8.55 -30.14 -18.42
N VAL A 54 7.67 -29.92 -17.49
CA VAL A 54 7.90 -29.06 -16.37
C VAL A 54 7.57 -29.89 -15.17
N SER A 55 8.38 -29.83 -14.19
CA SER A 55 8.18 -30.67 -13.05
C SER A 55 7.97 -29.85 -11.80
N TYR A 56 6.78 -29.95 -11.25
CA TYR A 56 6.46 -29.29 -10.01
C TYR A 56 6.97 -30.16 -8.90
N ILE A 57 7.90 -29.66 -8.16
CA ILE A 57 8.53 -30.42 -7.12
C ILE A 57 8.33 -29.72 -5.82
N PHE A 58 8.02 -30.44 -4.77
CA PHE A 58 7.85 -29.86 -3.50
C PHE A 58 8.56 -30.74 -2.52
N ASN A 59 9.40 -30.17 -1.71
CA ASN A 59 10.15 -30.92 -0.69
C ASN A 59 10.95 -32.13 -1.23
N GLU A 60 11.35 -32.10 -2.53
CA GLU A 60 12.30 -33.09 -3.14
C GLU A 60 11.56 -34.15 -3.95
N LYS A 61 10.27 -33.99 -4.09
CA LYS A 61 9.49 -34.94 -4.85
C LYS A 61 8.61 -34.19 -5.83
N GLU A 62 8.10 -34.89 -6.81
CA GLU A 62 7.28 -34.29 -7.84
C GLU A 62 5.83 -34.34 -7.41
N ILE A 63 5.19 -33.20 -7.36
CA ILE A 63 3.79 -33.13 -6.98
C ILE A 63 2.93 -32.97 -8.22
N PHE A 64 1.66 -32.67 -8.03
CA PHE A 64 0.78 -32.52 -9.15
C PHE A 64 -0.31 -31.52 -8.78
N GLU A 65 -0.78 -30.76 -9.76
CA GLU A 65 -1.86 -29.82 -9.55
C GLU A 65 -3.07 -30.52 -8.95
N GLY A 66 -3.85 -29.81 -8.16
CA GLY A 66 -4.98 -30.40 -7.52
C GLY A 66 -5.61 -29.40 -6.58
N PRO A 67 -5.82 -29.77 -5.32
CA PRO A 67 -6.37 -28.87 -4.33
C PRO A 67 -5.31 -28.05 -3.56
N LYS A 68 -4.22 -28.71 -3.14
CA LYS A 68 -3.18 -28.05 -2.34
C LYS A 68 -2.21 -27.18 -3.19
N TYR A 69 -2.09 -27.51 -4.47
CA TYR A 69 -1.23 -26.75 -5.41
C TYR A 69 -1.95 -26.64 -6.69
N LYS A 70 -2.31 -25.47 -7.10
CA LYS A 70 -3.07 -25.31 -8.32
C LYS A 70 -2.22 -24.64 -9.40
N MET A 71 -2.23 -25.22 -10.55
CA MET A 71 -1.45 -24.73 -11.68
C MET A 71 -2.31 -24.45 -12.89
N HIS A 72 -1.96 -23.43 -13.65
CA HIS A 72 -2.68 -23.14 -14.86
C HIS A 72 -1.71 -22.67 -15.92
N ILE A 73 -1.55 -23.46 -16.96
CA ILE A 73 -0.63 -23.17 -18.04
C ILE A 73 -1.46 -23.08 -19.29
N ASP A 74 -1.26 -22.06 -20.08
CA ASP A 74 -2.14 -21.86 -21.25
C ASP A 74 -1.31 -22.02 -22.47
N ARG A 75 -0.38 -22.95 -22.36
CA ARG A 75 0.75 -23.16 -23.28
C ARG A 75 0.98 -22.08 -24.39
N ASN A 76 0.71 -20.77 -24.09
CA ASN A 76 1.15 -19.69 -24.94
C ASN A 76 2.60 -19.58 -24.79
N THR A 77 3.23 -20.46 -25.48
CA THR A 77 4.66 -20.67 -25.52
C THR A 77 5.01 -21.53 -24.34
N GLY A 78 4.11 -21.51 -23.37
CA GLY A 78 4.24 -22.29 -22.20
C GLY A 78 4.42 -21.50 -20.97
N ILE A 79 3.66 -20.44 -20.86
CA ILE A 79 3.67 -19.64 -19.68
C ILE A 79 3.04 -20.40 -18.53
N ILE A 80 3.81 -20.55 -17.48
CA ILE A 80 3.39 -21.29 -16.31
C ILE A 80 2.90 -20.38 -15.21
N GLU A 81 1.60 -20.35 -15.02
CA GLU A 81 1.04 -19.67 -13.91
C GLU A 81 0.62 -20.69 -12.89
N MET A 82 0.89 -20.42 -11.66
CA MET A 82 0.62 -21.33 -10.62
C MET A 82 0.43 -20.58 -9.33
N PHE A 83 -0.47 -21.06 -8.53
CA PHE A 83 -0.86 -20.35 -7.32
C PHE A 83 -0.84 -21.23 -6.11
N MET A 84 -0.68 -20.60 -4.96
CA MET A 84 -0.82 -21.23 -3.70
C MET A 84 -1.55 -20.22 -2.87
N GLU A 85 -2.49 -20.64 -2.16
CA GLU A 85 -3.37 -19.73 -1.49
C GLU A 85 -3.08 -19.63 -0.01
N LYS A 86 -2.05 -20.33 0.45
CA LYS A 86 -1.76 -20.38 1.87
C LYS A 86 -0.51 -21.23 2.09
N LEU A 87 -0.46 -21.90 3.22
CA LEU A 87 0.63 -22.80 3.55
C LEU A 87 0.07 -24.19 3.82
N GLN A 88 -0.67 -24.31 4.93
CA GLN A 88 -1.37 -25.54 5.38
C GLN A 88 -0.71 -26.90 5.03
N ASP A 89 0.61 -26.92 4.87
CA ASP A 89 1.29 -28.19 4.62
C ASP A 89 1.57 -28.89 5.97
N GLU A 90 2.69 -29.59 6.10
CA GLU A 90 3.07 -30.19 7.35
C GLU A 90 4.18 -29.33 7.93
N ASP A 91 4.03 -28.01 7.67
CA ASP A 91 4.98 -26.94 8.03
C ASP A 91 6.03 -26.69 6.93
N GLU A 92 6.34 -27.72 6.14
CA GLU A 92 7.35 -27.60 5.09
C GLU A 92 6.85 -26.75 3.93
N GLY A 93 7.80 -26.24 3.14
CA GLY A 93 7.43 -25.42 2.02
C GLY A 93 8.59 -25.13 1.07
N THR A 94 8.86 -26.02 0.15
CA THR A 94 9.98 -25.82 -0.78
C THR A 94 9.61 -26.36 -2.15
N TYR A 95 9.56 -25.48 -3.16
CA TYR A 95 9.15 -25.94 -4.48
C TYR A 95 10.20 -25.72 -5.53
N THR A 96 10.57 -26.76 -6.27
CA THR A 96 11.56 -26.65 -7.31
C THR A 96 10.95 -26.95 -8.67
N PHE A 97 10.94 -25.99 -9.56
CA PHE A 97 10.53 -26.25 -10.92
C PHE A 97 11.72 -26.57 -11.76
N GLN A 98 11.77 -27.77 -12.20
CA GLN A 98 12.79 -28.16 -13.12
C GLN A 98 12.12 -28.40 -14.47
N ILE A 99 12.42 -27.57 -15.47
CA ILE A 99 11.73 -27.63 -16.73
C ILE A 99 12.69 -27.98 -17.80
N GLN A 100 12.22 -28.68 -18.76
CA GLN A 100 12.99 -28.94 -19.90
C GLN A 100 12.13 -29.03 -21.10
N ASP A 101 12.48 -28.34 -22.13
CA ASP A 101 11.71 -28.28 -23.30
C ASP A 101 12.53 -28.86 -24.43
N GLY A 102 12.06 -29.94 -24.98
CA GLY A 102 12.81 -30.61 -25.99
C GLY A 102 14.08 -31.22 -25.45
N LYS A 103 15.19 -30.50 -25.58
CA LYS A 103 16.50 -31.01 -25.17
C LYS A 103 17.21 -30.12 -24.11
N ALA A 104 16.57 -29.02 -23.72
CA ALA A 104 17.18 -28.09 -22.74
C ALA A 104 16.62 -28.40 -21.39
N THR A 105 17.31 -28.02 -20.30
CA THR A 105 16.82 -28.32 -18.93
C THR A 105 17.22 -27.20 -17.97
N GLY A 106 16.40 -26.93 -16.94
CA GLY A 106 16.73 -25.88 -15.99
C GLY A 106 16.11 -26.15 -14.61
N HIS A 107 16.77 -25.64 -13.58
CA HIS A 107 16.29 -25.79 -12.19
C HIS A 107 15.94 -24.44 -11.58
N SER A 108 14.95 -24.43 -10.72
CA SER A 108 14.47 -23.22 -10.11
C SER A 108 13.71 -23.55 -8.84
N THR A 109 14.20 -23.07 -7.74
CA THR A 109 13.58 -23.40 -6.47
C THR A 109 13.09 -22.18 -5.70
N LEU A 110 11.98 -22.39 -5.02
CA LEU A 110 11.33 -21.40 -4.20
C LEU A 110 11.08 -22.00 -2.86
N VAL A 111 11.10 -21.21 -1.84
CA VAL A 111 10.87 -21.75 -0.52
C VAL A 111 9.87 -20.91 0.28
N LEU A 112 8.80 -21.55 0.71
CA LEU A 112 7.76 -20.93 1.49
C LEU A 112 7.49 -21.75 2.72
N ILE A 113 8.46 -21.80 3.59
CA ILE A 113 8.29 -22.53 4.79
C ILE A 113 7.96 -21.55 5.88
N GLY A 114 7.25 -22.02 6.88
CA GLY A 114 6.80 -21.15 8.00
C GLY A 114 7.75 -20.00 8.35
N ASP A 115 8.93 -20.31 8.87
CA ASP A 115 9.89 -19.26 9.26
C ASP A 115 10.28 -18.38 8.07
N VAL A 116 10.23 -18.96 6.88
CA VAL A 116 10.59 -18.25 5.67
C VAL A 116 9.46 -17.35 5.18
N TYR A 117 8.28 -17.91 4.98
CA TYR A 117 7.11 -17.16 4.52
C TYR A 117 6.93 -15.87 5.23
N LYS A 118 7.16 -15.86 6.52
CA LYS A 118 7.00 -14.65 7.31
C LYS A 118 7.89 -13.56 6.77
N LYS A 119 8.95 -13.98 6.14
CA LYS A 119 9.88 -13.12 5.53
C LYS A 119 9.28 -12.49 4.27
N LEU A 120 8.87 -13.32 3.29
CA LEU A 120 8.27 -12.79 2.07
C LEU A 120 6.96 -12.10 2.38
N GLN A 121 6.33 -12.49 3.49
CA GLN A 121 5.06 -11.91 3.85
C GLN A 121 5.22 -10.43 4.17
N LYS A 122 6.32 -10.04 4.87
CA LYS A 122 6.65 -8.63 5.01
C LYS A 122 6.48 -7.91 3.69
N GLU A 123 7.06 -8.48 2.66
CA GLU A 123 6.92 -7.92 1.30
C GLU A 123 5.46 -8.03 0.78
N ALA A 124 4.75 -9.05 1.20
CA ALA A 124 3.33 -9.12 0.91
C ALA A 124 2.67 -7.87 1.51
N GLU A 125 2.93 -7.63 2.81
CA GLU A 125 2.51 -6.43 3.49
C GLU A 125 3.15 -5.18 2.93
N PHE A 126 4.05 -5.35 1.98
CA PHE A 126 4.69 -4.20 1.36
C PHE A 126 3.60 -3.44 0.68
N GLN A 127 2.73 -4.17 -0.01
CA GLN A 127 1.56 -3.53 -0.56
C GLN A 127 0.52 -3.20 0.52
N ARG A 128 0.40 -4.07 1.55
CA ARG A 128 -0.51 -3.77 2.68
C ARG A 128 -0.21 -2.43 3.37
N GLN A 129 1.01 -1.89 3.21
CA GLN A 129 1.38 -0.63 3.90
C GLN A 129 0.66 0.62 3.31
N GLU A 130 -0.48 0.34 2.68
CA GLU A 130 -1.41 1.33 2.11
C GLU A 130 -1.52 2.60 2.99
N TRP A 131 -1.33 2.40 4.29
CA TRP A 131 -1.34 3.44 5.31
C TRP A 131 -0.78 4.80 4.83
N ILE A 132 0.35 4.75 4.19
CA ILE A 132 1.08 5.95 3.82
C ILE A 132 0.43 6.73 2.71
N ARG A 133 -0.55 6.13 2.07
CA ARG A 133 -1.32 6.83 1.04
C ARG A 133 -2.04 8.05 1.64
N LYS A 134 -1.71 8.33 2.89
CA LYS A 134 -2.24 9.44 3.61
C LYS A 134 -1.11 10.46 3.87
N GLN A 135 0.14 10.08 3.53
CA GLN A 135 1.31 10.95 3.77
C GLN A 135 1.47 11.99 2.72
N GLY A 136 0.36 12.53 2.33
CA GLY A 136 0.33 13.60 1.43
C GLY A 136 1.22 14.74 1.90
N PRO A 137 1.91 15.39 0.98
CA PRO A 137 2.82 16.47 1.29
C PRO A 137 2.10 17.63 1.97
N HIS A 138 2.83 18.37 2.81
CA HIS A 138 2.28 19.50 3.59
C HIS A 138 0.96 19.11 4.31
N PHE A 139 0.11 20.07 4.60
CA PHE A 139 -1.16 19.78 5.23
C PHE A 139 -2.31 20.25 4.34
N ALA A 140 -3.40 19.50 4.34
CA ALA A 140 -4.52 19.79 3.44
C ALA A 140 -5.32 21.04 3.84
N GLU A 141 -5.54 21.22 5.14
CA GLU A 141 -6.30 22.37 5.64
C GLU A 141 -5.43 23.22 6.55
N TYR A 142 -5.54 24.51 6.48
CA TYR A 142 -4.74 25.36 7.35
C TYR A 142 -5.57 26.46 7.90
N LEU A 143 -5.57 26.66 9.21
CA LEU A 143 -6.32 27.76 9.77
C LEU A 143 -5.53 29.01 9.56
N SER A 144 -5.99 30.09 10.18
CA SER A 144 -5.36 31.39 10.11
C SER A 144 -6.37 32.42 10.55
N TRP A 145 -6.12 33.05 11.65
CA TRP A 145 -7.01 34.15 12.04
C TRP A 145 -6.39 35.48 11.71
N GLU A 146 -7.10 36.55 12.02
CA GLU A 146 -6.65 37.88 11.65
C GLU A 146 -7.44 38.90 12.46
N VAL A 147 -6.79 39.57 13.39
CA VAL A 147 -7.48 40.55 14.22
C VAL A 147 -7.87 41.79 13.43
N THR A 148 -9.13 42.14 13.54
CA THR A 148 -9.69 43.27 12.85
C THR A 148 -9.94 44.42 13.83
N GLY A 149 -10.17 45.62 13.30
CA GLY A 149 -10.37 46.82 14.13
C GLY A 149 -11.57 46.75 15.06
N GLU A 150 -12.43 45.74 14.87
CA GLU A 150 -13.60 45.57 15.73
C GLU A 150 -13.24 44.71 16.95
N SER A 151 -11.97 44.36 17.03
CA SER A 151 -11.40 43.57 18.13
C SER A 151 -11.78 42.11 18.02
N ASN A 152 -12.07 41.70 16.82
CA ASN A 152 -12.42 40.36 16.53
C ASN A 152 -11.25 39.73 15.79
N VAL A 153 -11.36 38.45 15.44
CA VAL A 153 -10.35 37.82 14.62
C VAL A 153 -11.04 36.97 13.57
N LEU A 154 -10.64 37.15 12.34
CA LEU A 154 -11.30 36.47 11.24
C LEU A 154 -10.68 35.11 11.03
N LEU A 155 -11.35 34.10 11.55
CA LEU A 155 -10.96 32.72 11.32
C LEU A 155 -11.28 32.27 9.93
N LYS A 156 -10.32 31.67 9.33
CA LYS A 156 -10.45 31.15 8.01
C LYS A 156 -9.40 30.08 7.82
N CYS A 157 -9.82 28.90 7.43
CA CYS A 157 -8.86 27.89 7.04
C CYS A 157 -8.90 27.71 5.54
N LYS A 158 -8.18 26.71 5.02
CA LYS A 158 -8.12 26.50 3.60
C LYS A 158 -8.04 25.02 3.35
N VAL A 159 -8.89 24.55 2.48
CA VAL A 159 -9.09 23.12 2.31
C VAL A 159 -8.55 22.60 0.98
N ALA A 160 -8.25 21.32 0.96
CA ALA A 160 -7.87 20.61 -0.24
C ALA A 160 -8.80 19.41 -0.40
N ASN A 161 -8.45 18.49 -1.32
CA ASN A 161 -9.15 17.20 -1.56
C ASN A 161 -9.96 16.67 -0.39
N ILE A 162 -11.26 16.74 -0.55
CA ILE A 162 -12.18 16.22 0.42
C ILE A 162 -13.58 16.10 -0.24
N LYS A 163 -13.90 14.88 -0.69
CA LYS A 163 -15.12 14.67 -1.50
C LYS A 163 -16.16 13.79 -0.80
N LYS A 164 -16.67 14.24 0.33
CA LYS A 164 -17.75 13.50 1.01
C LYS A 164 -19.01 14.37 1.08
N GLU A 165 -18.96 15.38 1.94
CA GLU A 165 -20.05 16.32 2.11
C GLU A 165 -19.52 17.74 2.16
N THR A 166 -19.21 18.20 3.35
CA THR A 166 -18.56 19.47 3.54
C THR A 166 -17.10 19.18 3.82
N HIS A 167 -16.33 20.17 4.22
CA HIS A 167 -14.95 19.95 4.56
C HIS A 167 -14.78 19.83 6.07
N ILE A 168 -14.47 20.95 6.70
CA ILE A 168 -14.21 21.00 8.12
C ILE A 168 -15.47 21.36 8.91
N VAL A 169 -15.23 21.72 10.15
CA VAL A 169 -16.21 22.19 11.08
C VAL A 169 -15.47 22.84 12.24
N TRP A 170 -15.81 24.08 12.53
CA TRP A 170 -15.14 24.83 13.59
C TRP A 170 -15.57 24.31 14.94
N TYR A 171 -14.65 24.26 15.88
CA TYR A 171 -14.96 23.80 17.20
C TYR A 171 -14.11 24.59 18.17
N LYS A 172 -14.45 24.48 19.41
CA LYS A 172 -13.71 25.12 20.45
C LYS A 172 -13.73 24.27 21.69
N ASP A 173 -12.86 23.27 21.71
CA ASP A 173 -12.78 22.29 22.78
C ASP A 173 -14.15 21.72 23.07
N GLU A 174 -14.63 20.90 22.12
CA GLU A 174 -15.93 20.24 22.20
C GLU A 174 -17.12 21.20 21.98
N ARG A 175 -16.85 22.50 21.84
CA ARG A 175 -17.92 23.47 21.56
C ARG A 175 -18.09 23.64 20.08
N GLU A 176 -19.29 23.45 19.62
CA GLU A 176 -19.61 23.52 18.23
C GLU A 176 -20.08 24.92 17.87
N ILE A 177 -19.23 25.66 17.17
CA ILE A 177 -19.61 26.96 16.67
C ILE A 177 -20.77 26.77 15.66
N SER A 178 -21.97 27.21 16.06
CA SER A 178 -23.17 27.00 15.26
C SER A 178 -23.28 28.00 14.10
N VAL A 179 -23.03 27.49 12.89
CA VAL A 179 -23.17 28.27 11.65
C VAL A 179 -23.91 27.44 10.62
N ASP A 180 -24.55 28.10 9.64
CA ASP A 180 -25.20 27.41 8.52
C ASP A 180 -24.27 26.35 7.94
N GLU A 181 -24.79 25.15 7.74
CA GLU A 181 -23.99 24.04 7.28
C GLU A 181 -23.89 23.96 5.74
N LYS A 182 -24.65 23.05 5.15
CA LYS A 182 -24.58 22.83 3.70
C LYS A 182 -25.71 23.51 2.96
N HIS A 183 -26.34 24.49 3.59
CA HIS A 183 -27.40 25.25 2.95
C HIS A 183 -26.79 26.33 2.10
N ASP A 184 -25.90 27.11 2.71
CA ASP A 184 -25.13 28.10 1.98
C ASP A 184 -23.87 27.45 1.44
N PHE A 185 -23.78 26.14 1.69
CA PHE A 185 -22.70 25.26 1.21
C PHE A 185 -21.39 25.45 1.96
N LYS A 186 -20.91 26.69 2.03
CA LYS A 186 -19.60 27.00 2.64
C LYS A 186 -18.49 26.29 1.85
N ASP A 187 -18.81 25.99 0.60
CA ASP A 187 -17.94 25.28 -0.33
C ASP A 187 -16.59 25.98 -0.47
N GLY A 188 -15.53 25.18 -0.39
CA GLY A 188 -14.19 25.71 -0.50
C GLY A 188 -13.65 26.15 0.84
N ILE A 189 -13.18 27.38 0.90
CA ILE A 189 -12.61 27.91 2.11
C ILE A 189 -13.73 28.54 2.98
N CYS A 190 -13.55 28.52 4.28
CA CYS A 190 -14.58 29.05 5.18
C CYS A 190 -14.02 30.08 6.12
N THR A 191 -14.74 31.18 6.23
CA THR A 191 -14.39 32.29 7.05
C THR A 191 -15.45 32.55 8.13
N LEU A 192 -14.99 32.92 9.32
CA LEU A 192 -15.87 33.25 10.44
C LEU A 192 -15.33 34.46 11.21
N LEU A 193 -16.06 34.87 12.23
CA LEU A 193 -15.64 36.03 12.99
C LEU A 193 -15.72 35.86 14.51
N ILE A 194 -14.54 35.69 15.06
CA ILE A 194 -14.35 35.70 16.51
C ILE A 194 -14.60 37.10 16.98
N THR A 195 -15.84 37.42 17.24
CA THR A 195 -16.18 38.75 17.65
C THR A 195 -15.94 38.92 19.10
N GLU A 196 -14.69 39.21 19.40
CA GLU A 196 -14.17 39.35 20.73
C GLU A 196 -13.95 37.97 21.29
N PHE A 197 -12.90 37.81 22.02
CA PHE A 197 -12.54 36.54 22.56
C PHE A 197 -12.14 36.79 24.02
N SER A 198 -12.16 35.78 24.86
CA SER A 198 -11.92 36.02 26.28
C SER A 198 -10.89 35.05 26.81
N LYS A 199 -9.97 35.55 27.66
CA LYS A 199 -8.95 34.69 28.33
C LYS A 199 -9.57 33.49 29.08
N LYS A 200 -10.90 33.44 29.17
CA LYS A 200 -11.60 32.36 29.83
C LYS A 200 -12.52 31.66 28.83
N ASP A 201 -12.34 32.00 27.57
CA ASP A 201 -13.13 31.39 26.48
C ASP A 201 -12.22 31.00 25.32
N ALA A 202 -10.96 31.39 25.42
CA ALA A 202 -9.96 31.12 24.42
C ALA A 202 -9.39 29.73 24.57
N GLY A 203 -8.26 29.49 23.94
CA GLY A 203 -7.64 28.20 24.03
C GLY A 203 -7.16 27.77 22.70
N PHE A 204 -7.95 26.94 22.05
CA PHE A 204 -7.62 26.48 20.71
C PHE A 204 -8.88 26.32 19.87
N TYR A 205 -8.78 26.75 18.63
CA TYR A 205 -9.87 26.65 17.68
C TYR A 205 -9.65 25.37 16.90
N GLU A 206 -10.55 24.37 17.09
CA GLU A 206 -10.37 23.07 16.46
C GLU A 206 -11.02 22.94 15.10
N VAL A 207 -10.22 22.53 14.14
CA VAL A 207 -10.72 22.16 12.84
C VAL A 207 -10.86 20.66 12.81
N ILE A 208 -11.96 20.17 12.23
CA ILE A 208 -12.26 18.74 12.26
C ILE A 208 -12.50 18.26 10.83
N LEU A 209 -11.94 17.11 10.48
CA LEU A 209 -12.07 16.56 9.14
C LEU A 209 -12.64 15.19 9.21
N LYS A 210 -13.76 14.98 8.55
CA LYS A 210 -14.28 13.65 8.46
C LYS A 210 -14.78 13.37 7.08
N ASP A 211 -14.39 12.24 6.54
CA ASP A 211 -14.79 11.84 5.18
C ASP A 211 -15.52 10.51 5.27
N ASP A 212 -15.19 9.51 4.46
CA ASP A 212 -15.86 8.21 4.51
C ASP A 212 -15.03 7.30 5.42
N ARG A 213 -14.43 7.88 6.40
CA ARG A 213 -13.54 7.19 7.30
C ARG A 213 -13.98 7.55 8.70
N GLY A 214 -13.09 8.06 9.52
CA GLY A 214 -13.50 8.53 10.81
C GLY A 214 -13.42 10.03 10.83
N LYS A 215 -12.53 10.54 11.65
CA LYS A 215 -12.38 11.97 11.79
C LYS A 215 -10.92 12.35 11.74
N ASP A 216 -10.65 13.55 12.24
CA ASP A 216 -9.31 14.13 12.27
C ASP A 216 -9.40 15.56 12.71
N LYS A 217 -8.81 15.88 13.80
CA LYS A 217 -8.79 17.26 14.25
C LYS A 217 -7.40 17.69 14.58
N SER A 218 -7.01 18.87 14.12
CA SER A 218 -5.70 19.40 14.35
C SER A 218 -5.86 20.91 14.40
N ARG A 219 -5.24 21.52 15.38
CA ARG A 219 -5.42 22.95 15.60
C ARG A 219 -4.36 23.56 16.43
N LEU A 220 -4.35 24.90 16.44
CA LEU A 220 -3.38 25.65 17.25
C LEU A 220 -4.09 26.28 18.40
N LYS A 221 -3.36 26.95 19.25
CA LYS A 221 -3.96 27.58 20.40
C LYS A 221 -4.08 29.07 20.14
N LEU A 222 -5.28 29.57 20.13
CA LEU A 222 -5.53 30.93 19.80
C LEU A 222 -5.82 31.79 21.00
N VAL A 223 -5.11 32.91 21.02
CA VAL A 223 -5.23 33.90 22.05
C VAL A 223 -5.23 35.26 21.37
N ASP A 224 -6.23 36.04 21.65
CA ASP A 224 -6.37 37.36 21.08
C ASP A 224 -6.74 38.33 22.15
N GLU A 225 -7.47 37.84 23.12
CA GLU A 225 -7.96 38.62 24.25
C GLU A 225 -6.86 39.20 25.05
N ALA A 226 -5.73 38.68 24.84
CA ALA A 226 -4.55 39.09 25.54
C ALA A 226 -3.91 40.22 24.82
N PHE A 227 -4.35 40.41 23.62
CA PHE A 227 -3.82 41.43 22.78
C PHE A 227 -4.82 42.53 22.60
N GLN A 228 -6.06 42.13 22.64
CA GLN A 228 -7.17 43.00 22.63
C GLN A 228 -7.08 43.98 23.73
N ASP A 229 -6.48 43.52 24.78
CA ASP A 229 -6.30 44.32 25.94
C ASP A 229 -5.40 45.49 25.64
N LEU A 230 -4.61 45.31 24.60
CA LEU A 230 -3.64 46.31 24.17
C LEU A 230 -4.29 47.26 23.17
N MET A 231 -5.43 46.83 22.68
CA MET A 231 -6.20 47.59 21.70
C MET A 231 -7.09 48.61 22.37
N GLY A 1 40.45 -4.85 -7.89
CA GLY A 1 40.55 -4.67 -9.35
C GLY A 1 39.50 -3.73 -9.88
N SER A 2 39.87 -2.89 -10.83
CA SER A 2 38.95 -1.96 -11.43
C SER A 2 38.02 -2.69 -12.41
N HIS A 3 36.72 -2.52 -12.22
CA HIS A 3 35.75 -3.20 -13.08
C HIS A 3 34.45 -2.41 -13.26
N MET A 4 34.23 -1.37 -12.41
CA MET A 4 33.02 -0.50 -12.45
C MET A 4 31.71 -1.32 -12.45
N GLU A 5 31.81 -2.55 -11.99
CA GLU A 5 30.72 -3.48 -12.03
C GLU A 5 29.61 -3.07 -11.07
N GLU A 6 29.99 -2.77 -9.86
CA GLU A 6 29.07 -2.38 -8.81
C GLU A 6 28.31 -1.10 -9.12
N GLU A 7 29.02 -0.05 -9.46
CA GLU A 7 28.45 1.20 -9.87
C GLU A 7 27.30 1.01 -10.86
N MET A 8 27.51 0.14 -11.83
CA MET A 8 26.52 -0.06 -12.90
C MET A 8 25.48 -1.02 -12.44
N LYS A 9 25.91 -1.89 -11.56
CA LYS A 9 25.04 -2.82 -10.92
C LYS A 9 23.84 -2.07 -10.28
N ARG A 10 24.04 -0.77 -9.96
CA ARG A 10 22.99 0.08 -9.45
C ARG A 10 22.09 0.56 -10.59
N LEU A 11 22.72 1.04 -11.64
CA LEU A 11 22.01 1.56 -12.81
C LEU A 11 21.13 0.48 -13.44
N LEU A 12 21.67 -0.73 -13.58
CA LEU A 12 20.94 -1.84 -14.16
C LEU A 12 19.81 -2.27 -13.23
N ALA A 13 20.06 -2.17 -11.93
CA ALA A 13 19.08 -2.48 -10.94
C ALA A 13 17.91 -1.50 -11.05
N LEU A 14 18.23 -0.29 -11.50
CA LEU A 14 17.29 0.79 -11.61
C LEU A 14 16.46 0.67 -12.87
N SER A 15 17.00 -0.03 -13.85
CA SER A 15 16.33 -0.18 -15.15
C SER A 15 15.05 -1.02 -15.00
N GLN A 16 15.07 -1.97 -14.06
CA GLN A 16 13.91 -2.80 -13.74
C GLN A 16 13.39 -3.58 -14.96
N GLU A 17 14.29 -3.94 -15.88
CA GLU A 17 13.92 -4.70 -17.07
C GLU A 17 13.83 -6.19 -16.73
N HIS A 18 14.98 -6.83 -16.57
CA HIS A 18 15.05 -8.24 -16.21
C HIS A 18 16.36 -8.51 -15.49
N LYS A 19 16.26 -9.16 -14.35
CA LYS A 19 17.42 -9.48 -13.56
C LYS A 19 17.99 -10.85 -13.88
N PHE A 20 18.81 -11.33 -12.98
CA PHE A 20 19.52 -12.57 -13.13
C PHE A 20 18.65 -13.86 -12.93
N PRO A 21 17.77 -13.93 -11.86
CA PRO A 21 16.91 -15.13 -11.51
C PRO A 21 16.07 -15.79 -12.59
N THR A 22 16.63 -16.07 -13.67
CA THR A 22 15.97 -16.76 -14.71
C THR A 22 16.32 -18.25 -14.67
N VAL A 23 15.99 -18.93 -15.73
CA VAL A 23 16.13 -20.36 -15.90
C VAL A 23 16.13 -20.59 -17.42
N PRO A 24 16.21 -21.85 -17.94
CA PRO A 24 16.12 -22.11 -19.39
C PRO A 24 14.96 -21.33 -20.05
N THR A 25 13.92 -21.05 -19.27
CA THR A 25 12.80 -20.23 -19.72
C THR A 25 13.19 -18.73 -19.65
N LYS A 26 12.39 -17.93 -18.96
CA LYS A 26 12.60 -16.52 -18.84
C LYS A 26 12.02 -16.02 -17.52
N SER A 27 12.35 -16.69 -16.45
CA SER A 27 11.77 -16.36 -15.19
C SER A 27 12.40 -15.12 -14.56
N GLU A 28 11.53 -14.35 -13.96
CA GLU A 28 11.90 -13.25 -13.09
C GLU A 28 11.17 -13.52 -11.79
N LEU A 29 10.83 -14.80 -11.62
CA LEU A 29 10.02 -15.29 -10.54
C LEU A 29 10.65 -15.09 -9.23
N ALA A 30 10.25 -14.06 -8.59
CA ALA A 30 10.69 -13.77 -7.28
C ALA A 30 9.48 -13.18 -6.57
N VAL A 31 9.42 -13.28 -5.22
CA VAL A 31 8.37 -12.63 -4.46
C VAL A 31 8.48 -11.13 -4.53
N GLU A 32 7.45 -10.53 -5.04
CA GLU A 32 7.36 -9.10 -5.07
C GLU A 32 6.15 -8.70 -4.28
N ILE A 33 6.35 -8.17 -3.10
CA ILE A 33 5.24 -7.69 -2.42
C ILE A 33 4.84 -6.37 -3.02
N LEU A 34 3.75 -6.44 -3.74
CA LEU A 34 3.23 -5.33 -4.51
C LEU A 34 3.14 -4.03 -3.72
N GLU A 35 2.88 -2.97 -4.46
CA GLU A 35 2.67 -1.67 -3.92
C GLU A 35 1.51 -1.68 -2.92
N LYS A 36 0.74 -2.71 -3.00
CA LYS A 36 -0.41 -2.91 -2.14
C LYS A 36 -0.01 -3.68 -0.88
N GLY A 37 1.23 -4.12 -0.85
CA GLY A 37 1.75 -4.87 0.28
C GLY A 37 1.25 -6.33 0.40
N GLN A 38 0.90 -6.96 -0.73
CA GLN A 38 0.55 -8.40 -0.71
C GLN A 38 1.50 -9.22 -1.62
N VAL A 39 1.46 -10.54 -1.44
CA VAL A 39 2.39 -11.48 -2.12
C VAL A 39 2.20 -11.54 -3.68
N ARG A 40 3.32 -11.67 -4.46
CA ARG A 40 3.25 -11.84 -5.95
C ARG A 40 4.30 -12.83 -6.48
N PHE A 41 3.86 -13.89 -7.19
CA PHE A 41 4.78 -14.82 -7.91
C PHE A 41 4.72 -14.49 -9.39
N TRP A 42 5.86 -14.23 -10.02
CA TRP A 42 5.85 -13.90 -11.45
C TRP A 42 7.11 -14.31 -12.18
N MET A 43 6.96 -15.26 -13.10
CA MET A 43 8.01 -15.71 -14.03
C MET A 43 7.50 -15.32 -15.41
N GLN A 44 8.18 -15.60 -16.50
CA GLN A 44 7.63 -15.15 -17.72
C GLN A 44 6.94 -16.30 -18.41
N ALA A 45 7.73 -17.05 -19.13
CA ALA A 45 7.33 -18.26 -19.84
C ALA A 45 6.84 -17.89 -21.19
N GLU A 46 7.74 -18.00 -22.12
CA GLU A 46 7.54 -17.58 -23.49
C GLU A 46 7.07 -18.71 -24.34
N LYS A 47 6.67 -19.75 -23.72
CA LYS A 47 6.27 -20.90 -24.45
C LYS A 47 5.31 -21.78 -23.68
N LEU A 48 4.14 -21.83 -24.20
CA LEU A 48 3.10 -22.67 -23.76
C LEU A 48 2.56 -23.48 -24.94
N SER A 49 3.19 -24.61 -25.17
CA SER A 49 2.82 -25.52 -26.24
C SER A 49 1.98 -26.68 -25.69
N SER A 50 2.02 -27.84 -26.35
CA SER A 50 1.25 -29.01 -25.90
C SER A 50 1.67 -29.40 -24.46
N ASN A 51 2.84 -30.04 -24.33
CA ASN A 51 3.40 -30.40 -23.01
C ASN A 51 3.37 -29.19 -22.08
N ALA A 52 4.21 -28.20 -22.41
CA ALA A 52 4.36 -26.91 -21.66
C ALA A 52 3.59 -26.87 -20.37
N LYS A 53 4.33 -27.16 -19.36
CA LYS A 53 3.81 -27.30 -18.03
C LYS A 53 4.54 -26.45 -17.00
N VAL A 54 3.78 -25.95 -16.06
CA VAL A 54 4.28 -25.19 -14.95
C VAL A 54 3.68 -25.81 -13.71
N SER A 55 4.49 -26.10 -12.78
CA SER A 55 4.02 -26.79 -11.62
C SER A 55 4.19 -25.95 -10.38
N TYR A 56 3.08 -25.67 -9.73
CA TYR A 56 3.08 -24.91 -8.50
C TYR A 56 3.38 -25.85 -7.37
N ILE A 57 4.45 -25.59 -6.71
CA ILE A 57 4.89 -26.44 -5.63
C ILE A 57 5.03 -25.61 -4.40
N PHE A 58 4.62 -26.15 -3.26
CA PHE A 58 4.73 -25.45 -2.02
C PHE A 58 5.17 -26.44 -0.99
N ASN A 59 6.18 -26.10 -0.25
CA ASN A 59 6.75 -26.96 0.81
C ASN A 59 7.09 -28.39 0.33
N GLU A 60 7.42 -28.56 -0.97
CA GLU A 60 7.99 -29.83 -1.53
C GLU A 60 6.91 -30.72 -2.15
N LYS A 61 5.75 -30.15 -2.40
CA LYS A 61 4.68 -30.89 -3.03
C LYS A 61 3.99 -30.01 -4.06
N GLU A 62 3.27 -30.64 -4.97
CA GLU A 62 2.58 -29.95 -6.04
C GLU A 62 1.21 -29.51 -5.54
N ILE A 63 0.94 -28.23 -5.63
CA ILE A 63 -0.32 -27.69 -5.20
C ILE A 63 -1.13 -27.29 -6.41
N PHE A 64 -2.24 -26.63 -6.20
CA PHE A 64 -3.06 -26.21 -7.30
C PHE A 64 -3.74 -24.91 -6.94
N GLU A 65 -4.06 -24.13 -7.96
CA GLU A 65 -4.80 -22.88 -7.76
C GLU A 65 -6.05 -23.16 -6.94
N GLY A 66 -6.43 -22.25 -6.08
CA GLY A 66 -7.53 -22.48 -5.22
C GLY A 66 -7.73 -21.27 -4.34
N PRO A 67 -8.26 -21.44 -3.13
CA PRO A 67 -8.48 -20.33 -2.20
C PRO A 67 -7.18 -19.79 -1.56
N LYS A 68 -6.31 -20.70 -1.13
CA LYS A 68 -5.08 -20.30 -0.44
C LYS A 68 -4.02 -19.68 -1.37
N TYR A 69 -3.93 -20.17 -2.61
CA TYR A 69 -2.97 -19.64 -3.59
C TYR A 69 -3.70 -19.47 -4.89
N LYS A 70 -3.81 -18.26 -5.35
CA LYS A 70 -4.57 -17.99 -6.55
C LYS A 70 -3.64 -17.69 -7.71
N MET A 71 -3.87 -18.35 -8.80
CA MET A 71 -3.02 -18.21 -9.97
C MET A 71 -3.80 -17.77 -11.17
N HIS A 72 -3.17 -16.98 -12.03
CA HIS A 72 -3.76 -16.58 -13.26
C HIS A 72 -2.73 -16.55 -14.36
N ILE A 73 -2.88 -17.43 -15.32
CA ILE A 73 -1.97 -17.49 -16.44
C ILE A 73 -2.80 -17.16 -17.63
N ASP A 74 -2.42 -16.20 -18.39
CA ASP A 74 -3.28 -15.70 -19.44
C ASP A 74 -2.66 -16.01 -20.76
N ARG A 75 -2.09 -17.20 -20.78
CA ARG A 75 -1.24 -17.79 -21.83
C ARG A 75 -0.77 -16.87 -23.02
N ASN A 76 -0.64 -15.54 -22.81
CA ASN A 76 0.02 -14.69 -23.77
C ASN A 76 1.47 -14.90 -23.59
N THR A 77 1.90 -15.91 -24.26
CA THR A 77 3.27 -16.45 -24.28
C THR A 77 3.37 -17.40 -23.15
N GLY A 78 2.57 -17.12 -22.15
CA GLY A 78 2.54 -17.91 -20.98
C GLY A 78 3.00 -17.18 -19.78
N ILE A 79 2.57 -15.94 -19.67
CA ILE A 79 2.87 -15.15 -18.51
C ILE A 79 2.18 -15.71 -17.29
N ILE A 80 2.94 -15.94 -16.26
CA ILE A 80 2.42 -16.51 -15.05
C ILE A 80 2.27 -15.48 -13.96
N GLU A 81 1.04 -15.10 -13.70
CA GLU A 81 0.74 -14.25 -12.58
C GLU A 81 0.11 -15.09 -11.49
N MET A 82 0.49 -14.83 -10.29
CA MET A 82 0.02 -15.57 -9.18
C MET A 82 0.08 -14.73 -7.93
N PHE A 83 -0.94 -14.84 -7.13
CA PHE A 83 -1.09 -13.99 -5.97
C PHE A 83 -1.28 -14.78 -4.70
N MET A 84 -0.92 -14.15 -3.61
CA MET A 84 -1.14 -14.66 -2.29
C MET A 84 -1.40 -13.43 -1.45
N GLU A 85 -2.34 -13.52 -0.61
CA GLU A 85 -2.86 -12.35 0.08
C GLU A 85 -2.38 -12.23 1.49
N LYS A 86 -1.61 -13.19 1.97
CA LYS A 86 -1.22 -13.20 3.37
C LYS A 86 -0.33 -14.39 3.63
N LEU A 87 -0.41 -14.93 4.83
CA LEU A 87 0.32 -16.12 5.19
C LEU A 87 -0.66 -17.20 5.56
N GLN A 88 -1.28 -17.03 6.73
CA GLN A 88 -2.29 -17.92 7.32
C GLN A 88 -2.16 -19.42 6.96
N ASP A 89 -0.94 -19.87 6.68
CA ASP A 89 -0.68 -21.29 6.41
C ASP A 89 -0.53 -21.97 7.77
N GLU A 90 0.26 -23.02 7.86
CA GLU A 90 0.50 -23.66 9.11
C GLU A 90 1.89 -23.24 9.58
N ASP A 91 2.18 -21.96 9.32
CA ASP A 91 3.44 -21.29 9.67
C ASP A 91 4.53 -21.51 8.60
N GLU A 92 4.34 -22.50 7.72
CA GLU A 92 5.32 -22.78 6.66
C GLU A 92 5.15 -21.79 5.51
N GLY A 93 6.12 -21.77 4.58
CA GLY A 93 6.00 -20.86 3.47
C GLY A 93 7.14 -20.93 2.44
N THR A 94 7.15 -21.93 1.58
CA THR A 94 8.22 -22.07 0.59
C THR A 94 7.64 -22.50 -0.76
N TYR A 95 7.84 -21.70 -1.83
CA TYR A 95 7.26 -22.06 -3.10
C TYR A 95 8.27 -22.41 -4.18
N THR A 96 7.93 -23.41 -4.94
CA THR A 96 8.80 -23.92 -5.99
C THR A 96 8.10 -24.03 -7.34
N PHE A 97 8.36 -23.09 -8.24
CA PHE A 97 7.86 -23.22 -9.59
C PHE A 97 8.85 -23.90 -10.46
N GLN A 98 8.47 -25.00 -10.98
CA GLN A 98 9.26 -25.67 -11.95
C GLN A 98 8.51 -25.61 -13.28
N ILE A 99 9.06 -24.98 -14.31
CA ILE A 99 8.36 -24.86 -15.56
C ILE A 99 9.17 -25.50 -16.62
N GLN A 100 8.50 -26.11 -17.52
CA GLN A 100 9.14 -26.66 -18.64
C GLN A 100 8.26 -26.51 -19.82
N ASP A 101 8.80 -25.98 -20.86
CA ASP A 101 8.06 -25.68 -22.01
C ASP A 101 8.69 -26.36 -23.19
N GLY A 102 7.91 -27.18 -23.85
CA GLY A 102 8.43 -27.96 -24.94
C GLY A 102 9.37 -29.04 -24.45
N LYS A 103 10.68 -28.78 -24.55
CA LYS A 103 11.70 -29.73 -24.14
C LYS A 103 12.66 -29.15 -23.06
N ALA A 104 12.39 -27.94 -22.60
CA ALA A 104 13.28 -27.30 -21.63
C ALA A 104 12.68 -27.41 -20.27
N THR A 105 13.48 -27.23 -19.21
CA THR A 105 12.96 -27.32 -17.83
C THR A 105 13.71 -26.34 -16.91
N GLY A 106 13.01 -25.69 -15.99
CA GLY A 106 13.62 -24.70 -15.14
C GLY A 106 13.03 -24.75 -13.73
N HIS A 107 13.87 -24.47 -12.76
CA HIS A 107 13.45 -24.48 -11.36
C HIS A 107 13.56 -23.09 -10.75
N SER A 108 12.69 -22.81 -9.81
CA SER A 108 12.61 -21.50 -9.20
C SER A 108 11.93 -21.59 -7.86
N THR A 109 12.62 -21.21 -6.82
CA THR A 109 12.03 -21.32 -5.51
C THR A 109 12.04 -19.99 -4.75
N LEU A 110 10.97 -19.80 -4.00
CA LEU A 110 10.72 -18.61 -3.22
C LEU A 110 10.42 -19.03 -1.82
N VAL A 111 10.69 -18.19 -0.87
CA VAL A 111 10.40 -18.54 0.50
C VAL A 111 9.87 -17.34 1.30
N LEU A 112 8.75 -17.59 1.95
CA LEU A 112 8.13 -16.66 2.85
C LEU A 112 7.46 -17.39 3.96
N ILE A 113 8.28 -17.79 4.83
CA ILE A 113 7.86 -18.45 5.99
C ILE A 113 7.86 -17.45 7.08
N GLY A 114 7.15 -17.72 8.15
CA GLY A 114 7.05 -16.78 9.29
C GLY A 114 8.25 -15.88 9.49
N ASP A 115 9.40 -16.44 9.81
CA ASP A 115 10.60 -15.63 10.03
C ASP A 115 10.99 -14.86 8.77
N VAL A 116 10.86 -15.50 7.64
CA VAL A 116 11.27 -14.93 6.38
C VAL A 116 10.35 -13.82 5.88
N TYR A 117 9.05 -14.09 5.72
CA TYR A 117 8.11 -13.09 5.24
C TYR A 117 8.19 -11.81 6.01
N LYS A 118 8.39 -11.91 7.31
CA LYS A 118 8.49 -10.72 8.14
C LYS A 118 9.61 -9.85 7.65
N LYS A 119 10.63 -10.51 7.17
CA LYS A 119 11.75 -9.87 6.60
C LYS A 119 11.31 -9.11 5.33
N LEU A 120 10.70 -9.83 4.38
CA LEU A 120 10.19 -9.25 3.14
C LEU A 120 9.15 -8.19 3.39
N GLN A 121 8.38 -8.36 4.44
CA GLN A 121 7.31 -7.42 4.74
C GLN A 121 7.88 -6.01 4.99
N LYS A 122 9.01 -5.90 5.73
CA LYS A 122 9.70 -4.62 5.84
C LYS A 122 9.89 -4.02 4.46
N GLU A 123 10.44 -4.83 3.59
CA GLU A 123 10.61 -4.45 2.18
C GLU A 123 9.26 -4.06 1.56
N ALA A 124 8.23 -4.84 1.86
CA ALA A 124 6.86 -4.56 1.44
C ALA A 124 6.42 -3.15 1.83
N GLU A 125 6.58 -2.80 3.12
CA GLU A 125 6.31 -1.43 3.60
C GLU A 125 6.75 -0.40 2.55
N PHE A 126 8.02 -0.46 2.18
CA PHE A 126 8.59 0.35 1.10
C PHE A 126 7.69 0.30 -0.13
N GLN A 127 7.49 -0.92 -0.60
CA GLN A 127 6.69 -1.18 -1.79
C GLN A 127 5.33 -0.59 -1.69
N ARG A 128 4.76 -0.73 -0.54
CA ARG A 128 3.44 -0.26 -0.28
C ARG A 128 3.39 1.24 -0.25
N GLN A 129 4.16 1.84 0.63
CA GLN A 129 4.14 3.22 0.89
C GLN A 129 4.69 4.07 -0.30
N GLU A 130 4.97 3.45 -1.42
CA GLU A 130 5.59 4.14 -2.55
C GLU A 130 4.51 4.85 -3.39
N TRP A 131 3.25 4.64 -3.05
CA TRP A 131 2.17 5.25 -3.77
C TRP A 131 2.03 6.74 -3.42
N ILE A 132 2.03 7.07 -2.13
CA ILE A 132 1.89 8.48 -1.71
C ILE A 132 3.02 8.93 -0.78
N ARG A 133 3.72 7.96 -0.17
CA ARG A 133 4.79 8.27 0.78
C ARG A 133 4.25 8.99 2.03
N LYS A 134 3.09 8.44 2.55
CA LYS A 134 2.28 9.06 3.69
C LYS A 134 0.83 8.55 3.77
N GLN A 135 0.64 7.39 4.40
CA GLN A 135 -0.72 6.84 4.65
C GLN A 135 -0.84 6.45 6.11
N GLY A 136 0.25 6.67 6.84
CA GLY A 136 0.33 6.25 8.22
C GLY A 136 -0.14 7.34 9.20
N PRO A 137 0.75 8.30 9.54
CA PRO A 137 0.41 9.39 10.49
C PRO A 137 -0.74 10.24 9.97
N HIS A 138 -0.75 10.44 8.67
CA HIS A 138 -1.79 11.22 8.02
C HIS A 138 -2.21 10.52 6.74
N PHE A 139 -3.30 10.97 6.16
CA PHE A 139 -3.87 10.38 4.95
C PHE A 139 -4.12 11.46 3.89
N ALA A 140 -4.66 11.06 2.74
CA ALA A 140 -4.92 11.97 1.57
C ALA A 140 -5.86 13.15 1.90
N GLU A 141 -6.17 13.33 3.16
CA GLU A 141 -6.96 14.42 3.65
C GLU A 141 -6.13 15.12 4.73
N TYR A 142 -5.67 16.32 4.52
CA TYR A 142 -4.69 16.89 5.46
C TYR A 142 -5.18 18.21 5.98
N LEU A 143 -4.95 18.49 7.26
CA LEU A 143 -5.31 19.80 7.82
C LEU A 143 -4.24 20.78 7.43
N SER A 144 -4.28 21.96 8.05
CA SER A 144 -3.30 23.03 7.85
C SER A 144 -3.92 24.31 8.35
N TRP A 145 -3.36 24.90 9.38
CA TRP A 145 -3.88 26.21 9.78
C TRP A 145 -3.03 27.37 9.31
N GLU A 146 -3.71 28.46 9.09
CA GLU A 146 -3.10 29.66 8.55
C GLU A 146 -3.40 30.86 9.42
N VAL A 147 -2.37 31.40 10.04
CA VAL A 147 -2.54 32.60 10.84
C VAL A 147 -2.66 33.82 9.95
N THR A 148 -3.83 34.41 10.00
CA THR A 148 -4.17 35.56 9.19
C THR A 148 -3.82 36.87 9.91
N GLY A 149 -3.98 38.00 9.21
CA GLY A 149 -3.60 39.30 9.75
C GLY A 149 -4.34 39.68 11.03
N GLU A 150 -5.49 39.08 11.26
CA GLU A 150 -6.27 39.38 12.47
C GLU A 150 -5.76 38.53 13.65
N SER A 151 -4.73 37.77 13.38
CA SER A 151 -4.07 36.88 14.35
C SER A 151 -4.89 35.65 14.59
N ASN A 152 -5.71 35.33 13.63
CA ASN A 152 -6.58 34.18 13.70
C ASN A 152 -6.00 33.00 12.90
N VAL A 153 -6.38 31.84 13.31
CA VAL A 153 -5.98 30.66 12.55
C VAL A 153 -7.06 30.07 11.65
N LEU A 154 -6.75 30.08 10.37
CA LEU A 154 -7.65 29.66 9.32
C LEU A 154 -7.48 28.18 9.02
N LEU A 155 -8.28 27.42 9.71
CA LEU A 155 -8.32 25.97 9.56
C LEU A 155 -8.83 25.57 8.22
N LYS A 156 -8.03 24.81 7.54
CA LYS A 156 -8.36 24.33 6.24
C LYS A 156 -7.70 22.99 6.03
N CYS A 157 -8.46 21.99 5.71
CA CYS A 157 -7.87 20.72 5.33
C CYS A 157 -7.99 20.53 3.84
N LYS A 158 -7.70 19.33 3.34
CA LYS A 158 -7.78 19.10 1.93
C LYS A 158 -8.15 17.66 1.70
N VAL A 159 -9.02 17.45 0.77
CA VAL A 159 -9.54 16.11 0.57
C VAL A 159 -9.14 15.47 -0.73
N ALA A 160 -9.13 14.17 -0.72
CA ALA A 160 -8.99 13.38 -1.87
C ALA A 160 -9.86 12.13 -1.68
N ASN A 161 -9.38 11.04 -2.24
CA ASN A 161 -9.99 9.65 -2.28
C ASN A 161 -11.57 9.57 -2.33
N ILE A 162 -12.20 10.25 -1.40
CA ILE A 162 -13.66 10.28 -1.15
C ILE A 162 -14.57 10.36 -2.42
N LYS A 163 -15.53 9.42 -2.50
CA LYS A 163 -16.54 9.38 -3.57
C LYS A 163 -17.94 9.06 -2.98
N LYS A 164 -18.23 9.56 -1.79
CA LYS A 164 -19.50 9.21 -1.12
C LYS A 164 -20.42 10.42 -0.91
N GLU A 165 -20.16 11.18 0.15
CA GLU A 165 -21.01 12.31 0.53
C GLU A 165 -20.20 13.60 0.54
N THR A 166 -19.89 14.10 1.71
CA THR A 166 -19.03 15.23 1.84
C THR A 166 -17.68 14.67 2.19
N HIS A 167 -16.72 15.50 2.53
CA HIS A 167 -15.43 15.00 2.93
C HIS A 167 -15.31 14.92 4.45
N ILE A 168 -14.68 15.92 5.04
CA ILE A 168 -14.42 15.95 6.46
C ILE A 168 -15.46 16.73 7.24
N VAL A 169 -15.13 16.92 8.49
CA VAL A 169 -15.91 17.68 9.43
C VAL A 169 -14.98 18.07 10.58
N TRP A 170 -14.88 19.36 10.83
CA TRP A 170 -14.02 19.89 11.86
C TRP A 170 -14.59 19.62 13.24
N TYR A 171 -13.73 19.33 14.19
CA TYR A 171 -14.17 19.02 15.51
C TYR A 171 -13.23 19.67 16.54
N LYS A 172 -13.36 19.20 17.75
CA LYS A 172 -12.58 19.70 18.87
C LYS A 172 -12.85 18.93 20.10
N ASP A 173 -12.40 17.68 20.10
CA ASP A 173 -12.60 16.78 21.23
C ASP A 173 -14.08 16.67 21.55
N GLU A 174 -14.83 16.00 20.65
CA GLU A 174 -16.27 15.78 20.81
C GLU A 174 -17.12 17.04 20.52
N ARG A 175 -16.47 18.17 20.31
CA ARG A 175 -17.18 19.40 19.99
C ARG A 175 -17.20 19.63 18.52
N GLU A 176 -18.36 19.63 17.96
CA GLU A 176 -18.54 19.84 16.55
C GLU A 176 -18.73 21.31 16.28
N ILE A 177 -17.71 21.91 15.68
CA ILE A 177 -17.80 23.31 15.29
C ILE A 177 -18.99 23.50 14.33
N SER A 178 -20.03 24.18 14.79
CA SER A 178 -21.25 24.33 14.02
C SER A 178 -21.12 25.31 12.85
N VAL A 179 -21.05 24.74 11.65
CA VAL A 179 -21.02 25.49 10.41
C VAL A 179 -21.90 24.76 9.40
N ASP A 180 -22.39 25.46 8.38
CA ASP A 180 -23.22 24.85 7.34
C ASP A 180 -22.51 23.63 6.75
N GLU A 181 -23.24 22.53 6.64
CA GLU A 181 -22.66 21.28 6.19
C GLU A 181 -22.81 21.07 4.67
N LYS A 182 -23.91 20.46 4.27
CA LYS A 182 -24.10 20.09 2.87
C LYS A 182 -25.06 21.03 2.13
N HIS A 183 -25.34 22.17 2.70
CA HIS A 183 -26.22 23.12 2.04
C HIS A 183 -25.39 24.07 1.19
N ASP A 184 -24.37 24.63 1.80
CA ASP A 184 -23.43 25.50 1.09
C ASP A 184 -22.27 24.66 0.55
N PHE A 185 -22.39 23.35 0.77
CA PHE A 185 -21.46 22.35 0.26
C PHE A 185 -20.13 22.32 1.01
N LYS A 186 -19.31 23.37 0.85
CA LYS A 186 -17.95 23.40 1.43
C LYS A 186 -17.13 22.23 0.88
N ASP A 187 -17.55 21.74 -0.28
CA ASP A 187 -16.94 20.57 -0.93
C ASP A 187 -15.49 20.82 -1.33
N GLY A 188 -14.72 19.76 -1.38
CA GLY A 188 -13.33 19.86 -1.74
C GLY A 188 -12.48 20.21 -0.54
N ILE A 189 -12.10 21.46 -0.46
CA ILE A 189 -11.32 21.93 0.65
C ILE A 189 -12.17 22.88 1.48
N CYS A 190 -12.02 22.82 2.80
CA CYS A 190 -12.84 23.65 3.66
C CYS A 190 -11.99 24.53 4.54
N THR A 191 -12.33 25.80 4.56
CA THR A 191 -11.63 26.81 5.30
C THR A 191 -12.53 27.46 6.36
N LEU A 192 -12.05 27.51 7.59
CA LEU A 192 -12.77 28.14 8.69
C LEU A 192 -11.90 29.16 9.41
N LEU A 193 -12.45 29.84 10.41
CA LEU A 193 -11.67 30.84 11.10
C LEU A 193 -11.69 30.82 12.64
N ILE A 194 -10.58 30.37 13.14
CA ILE A 194 -10.26 30.45 14.56
C ILE A 194 -9.98 31.91 14.87
N THR A 195 -11.03 32.63 15.17
CA THR A 195 -10.90 34.04 15.45
C THR A 195 -10.55 34.25 16.89
N GLU A 196 -9.25 34.13 17.10
CA GLU A 196 -8.64 34.17 18.41
C GLU A 196 -8.90 32.82 19.05
N PHE A 197 -7.93 32.32 19.74
CA PHE A 197 -8.03 31.00 20.32
C PHE A 197 -7.58 31.15 21.77
N SER A 198 -7.80 30.16 22.61
CA SER A 198 -7.47 30.33 24.01
C SER A 198 -6.81 29.09 24.55
N LYS A 199 -5.82 29.27 25.42
CA LYS A 199 -5.12 28.13 26.08
C LYS A 199 -6.09 27.17 26.80
N LYS A 200 -7.36 27.55 26.90
CA LYS A 200 -8.36 26.70 27.55
C LYS A 200 -9.38 26.21 26.52
N ASP A 201 -9.12 26.55 25.27
CA ASP A 201 -9.99 26.16 24.17
C ASP A 201 -9.17 25.49 23.07
N ALA A 202 -7.86 25.57 23.23
CA ALA A 202 -6.93 25.05 22.27
C ALA A 202 -6.79 23.55 22.36
N GLY A 203 -5.91 23.00 21.55
CA GLY A 203 -5.75 21.58 21.52
C GLY A 203 -5.84 21.07 20.11
N PHE A 204 -6.23 19.84 19.97
CA PHE A 204 -6.29 19.26 18.65
C PHE A 204 -7.59 19.55 17.95
N TYR A 205 -7.47 20.04 16.74
CA TYR A 205 -8.60 20.27 15.87
C TYR A 205 -8.75 18.97 15.08
N GLU A 206 -9.87 18.25 15.30
CA GLU A 206 -10.04 16.94 14.69
C GLU A 206 -10.70 17.00 13.32
N VAL A 207 -10.10 16.29 12.37
CA VAL A 207 -10.69 16.07 11.07
C VAL A 207 -11.23 14.65 11.01
N ILE A 208 -12.45 14.47 10.47
CA ILE A 208 -13.13 13.17 10.50
C ILE A 208 -13.54 12.77 9.09
N LEU A 209 -13.44 11.48 8.76
CA LEU A 209 -13.81 10.98 7.44
C LEU A 209 -14.72 9.79 7.59
N LYS A 210 -15.93 9.91 7.11
CA LYS A 210 -16.85 8.80 7.12
C LYS A 210 -17.53 8.73 5.78
N ASP A 211 -17.58 7.54 5.19
CA ASP A 211 -18.12 7.41 3.84
C ASP A 211 -18.91 6.11 3.61
N ASP A 212 -18.27 5.12 3.00
CA ASP A 212 -18.90 3.84 2.69
C ASP A 212 -18.26 2.77 3.53
N ARG A 213 -17.48 3.23 4.47
CA ARG A 213 -16.75 2.41 5.39
C ARG A 213 -17.20 2.83 6.77
N GLY A 214 -16.28 2.97 7.70
CA GLY A 214 -16.63 3.49 8.99
C GLY A 214 -16.23 4.94 9.09
N LYS A 215 -15.21 5.18 9.86
CA LYS A 215 -14.69 6.52 10.03
C LYS A 215 -13.20 6.54 9.80
N ASP A 216 -12.59 7.66 10.13
CA ASP A 216 -11.17 7.92 9.95
C ASP A 216 -10.87 9.34 10.32
N LYS A 217 -10.25 9.53 11.43
CA LYS A 217 -9.92 10.87 11.89
C LYS A 217 -8.51 10.92 12.34
N SER A 218 -7.81 12.02 12.09
CA SER A 218 -6.46 12.17 12.51
C SER A 218 -6.23 13.69 12.61
N ARG A 219 -5.58 14.10 13.65
CA ARG A 219 -5.38 15.52 13.90
C ARG A 219 -4.12 15.83 14.64
N LEU A 220 -3.76 17.10 14.67
CA LEU A 220 -2.61 17.55 15.44
C LEU A 220 -3.08 18.46 16.54
N LYS A 221 -2.16 18.92 17.37
CA LYS A 221 -2.52 19.78 18.49
C LYS A 221 -2.20 21.22 18.14
N LEU A 222 -3.20 22.05 18.12
CA LEU A 222 -3.06 23.41 17.71
C LEU A 222 -3.01 24.38 18.88
N VAL A 223 -2.03 25.27 18.82
CA VAL A 223 -1.81 26.31 19.79
C VAL A 223 -1.48 27.59 19.06
N ASP A 224 -2.19 28.63 19.35
CA ASP A 224 -1.99 29.92 18.70
C ASP A 224 -2.06 31.03 19.72
N GLU A 225 -2.90 30.79 20.68
CA GLU A 225 -3.19 31.67 21.77
C GLU A 225 -2.00 31.95 22.61
N ALA A 226 -1.06 31.12 22.47
CA ALA A 226 0.14 31.22 23.22
C ALA A 226 1.09 32.11 22.53
N PHE A 227 0.79 32.37 21.29
CA PHE A 227 1.63 33.18 20.47
C PHE A 227 1.11 34.57 20.42
N GLN A 228 -0.19 34.67 20.32
CA GLN A 228 -0.93 35.88 20.38
C GLN A 228 -0.54 36.66 21.59
N ASP A 229 -0.20 35.92 22.59
CA ASP A 229 0.17 36.48 23.85
C ASP A 229 1.38 37.37 23.68
N LEU A 230 2.21 37.01 22.75
CA LEU A 230 3.45 37.71 22.48
C LEU A 230 3.40 38.47 21.15
N MET A 231 3.02 37.79 20.09
CA MET A 231 2.93 38.33 18.73
C MET A 231 4.28 38.80 18.23
#